data_9B6O
#
_entry.id   9B6O
#
_cell.length_a   1.00
_cell.length_b   1.00
_cell.length_c   1.00
_cell.angle_alpha   90.00
_cell.angle_beta   90.00
_cell.angle_gamma   90.00
#
_symmetry.space_group_name_H-M   'P 1'
#
loop_
_entity.id
_entity.type
_entity.pdbx_description
1 polymer 'Capsid protein VP1'
2 polymer 'Fab1-2 heavy chain'
3 polymer 'Fab1-2 light chain'
#
loop_
_entity_poly.entity_id
_entity_poly.type
_entity_poly.pdbx_seq_one_letter_code
_entity_poly.pdbx_strand_id
1 'polypeptide(L)'
;MASGGGAPVADNNEGADGVGSSSGNWHCDSQWLGDRVITTSTRTWALPTYNNHLYKQISNSTSGGSSNDNAYFGYSTPWG
YFDFNRFHCHFSPRDWQRLINNNWGFRPKRLNFKLFNIQVKEVTDNNGVKTIANNLTSTVQVFTDSDYQLPYVLGSAHEG
CLPPFPADVFMIPQYGYLTLNDGSQAVGRSSFYCLEYFPSQMLRTGNNFQFSYEFENVPFHSSYAHSQSLDRLMNPLIDQ
YLYYLSKTINGSGQNQQTLKFSVAGPSNMAVQGRNYIPGPSYRQQRVSTTVTQNNNSEFAWPGASSWALNGRNSLMNPGP
AMASHKEGEDRFFPLSGSLIFGKQGTGRDNVDADKVMITNEEEIKTTNPVATESYGQVATNHQSAQAQAQTGWVQNQGIL
PGMVWQDRDVYLQGPIWAKIPHTDGNFHPSPLMGGFGMKHPPPQILIKNTPVPADPPTAFNKDKLNSFITQYSTGQVSVE
IEWELQKENSKRWNPEIQYTSNYYKSNNVEFAVNTEGVYSEPRPIGTRYLTRNL
;
A,B,C,D,E,F
2 'polypeptide(L)'
;EVQLVESGGGLVQPGGSLRLSCAASGFIFSNYWMSWVRQAPGKGPEWVANIKQDGSANHYVDSVKGRFTISRDNAKNSLY
LQMNSLRAEDTAVYYCAREAYQDWNYDYWGQGTLVTVSSA
;
H
3 'polypeptide(L)'
;DIQMTQSPSSLSASVGDRVTVTCRASEFISRYLNWYQQKPGKAPKVLIYAASSLQSGVPSRFSGSGSGTDFTLTISSLQP
EDFATYYCQQSYSTPYTFGQGTKLEIK
;
L
#
# COMPACT_ATOMS: atom_id res chain seq x y z
N ASP A 17 -10.34 -17.96 -39.19
CA ASP A 17 -10.75 -19.22 -39.78
C ASP A 17 -9.68 -19.78 -40.71
N GLY A 18 -9.48 -19.16 -41.86
CA GLY A 18 -8.60 -19.72 -42.86
C GLY A 18 -7.88 -18.65 -43.67
N VAL A 19 -6.85 -19.09 -44.37
CA VAL A 19 -6.05 -18.18 -45.18
C VAL A 19 -6.85 -17.68 -46.38
N GLY A 20 -7.61 -18.56 -47.01
CA GLY A 20 -8.28 -18.22 -48.24
C GLY A 20 -9.71 -17.78 -48.10
N SER A 21 -10.17 -17.51 -46.90
CA SER A 21 -11.53 -17.05 -46.67
C SER A 21 -11.49 -15.64 -46.10
N SER A 22 -12.48 -14.85 -46.43
CA SER A 22 -12.56 -13.48 -45.96
C SER A 22 -13.27 -13.43 -44.62
N SER A 23 -12.74 -12.63 -43.71
CA SER A 23 -13.28 -12.56 -42.35
C SER A 23 -14.23 -11.39 -42.14
N GLY A 24 -14.52 -10.62 -43.16
CA GLY A 24 -15.51 -9.57 -43.02
C GLY A 24 -15.81 -8.96 -44.36
N ASN A 25 -16.83 -8.12 -44.39
CA ASN A 25 -17.29 -7.46 -45.60
C ASN A 25 -17.18 -5.96 -45.44
N TRP A 26 -17.47 -5.24 -46.52
CA TRP A 26 -17.34 -3.80 -46.53
C TRP A 26 -18.70 -3.19 -46.26
N HIS A 27 -18.83 -2.47 -45.15
CA HIS A 27 -20.08 -1.80 -44.82
C HIS A 27 -19.83 -0.31 -44.72
N CYS A 28 -20.36 0.46 -45.68
CA CYS A 28 -20.44 1.90 -45.58
C CYS A 28 -21.81 2.32 -46.06
N ASP A 29 -22.57 2.96 -45.18
CA ASP A 29 -23.78 3.71 -45.56
C ASP A 29 -24.42 4.29 -44.32
N SER A 30 -25.48 5.05 -44.53
CA SER A 30 -26.30 5.56 -43.45
C SER A 30 -27.72 5.03 -43.61
N GLN A 31 -28.35 4.72 -42.49
CA GLN A 31 -29.73 4.29 -42.47
C GLN A 31 -30.53 5.27 -41.63
N TRP A 32 -31.44 5.98 -42.25
CA TRP A 32 -32.29 6.94 -41.56
C TRP A 32 -33.61 6.26 -41.25
N LEU A 33 -33.85 5.99 -39.96
CA LEU A 33 -35.05 5.31 -39.53
C LEU A 33 -35.69 6.10 -38.40
N GLY A 34 -36.81 6.75 -38.68
CA GLY A 34 -37.51 7.49 -37.65
C GLY A 34 -36.62 8.51 -36.98
N ASP A 35 -36.48 8.37 -35.67
CA ASP A 35 -35.66 9.24 -34.84
C ASP A 35 -34.23 8.75 -34.69
N ARG A 36 -33.86 7.74 -35.45
CA ARG A 36 -32.51 7.19 -35.37
C ARG A 36 -31.85 7.22 -36.72
N VAL A 37 -30.55 7.45 -36.71
CA VAL A 37 -29.76 7.40 -37.93
C VAL A 37 -28.60 6.49 -37.58
N ILE A 38 -28.29 5.53 -38.44
CA ILE A 38 -27.17 4.64 -38.18
C ILE A 38 -26.14 4.81 -39.27
N THR A 39 -24.93 5.20 -38.87
CA THR A 39 -23.85 5.38 -39.82
C THR A 39 -22.89 4.22 -39.70
N THR A 40 -22.31 3.82 -40.82
CA THR A 40 -21.31 2.76 -40.83
C THR A 40 -20.21 3.18 -41.78
N SER A 41 -18.96 3.08 -41.33
CA SER A 41 -17.81 3.46 -42.12
C SER A 41 -16.87 2.27 -42.18
N THR A 42 -16.30 2.00 -43.34
CA THR A 42 -15.24 1.01 -43.46
C THR A 42 -14.05 1.69 -44.12
N ARG A 43 -12.85 1.41 -43.62
CA ARG A 43 -11.63 1.97 -44.17
C ARG A 43 -10.59 0.87 -44.24
N THR A 44 -9.55 1.13 -45.03
CA THR A 44 -8.38 0.26 -45.09
C THR A 44 -7.23 0.95 -44.39
N TRP A 45 -6.54 0.22 -43.52
CA TRP A 45 -5.46 0.76 -42.71
C TRP A 45 -4.16 0.02 -42.98
N ALA A 46 -3.07 0.68 -42.60
CA ALA A 46 -1.74 0.11 -42.62
C ALA A 46 -1.07 0.41 -41.30
N LEU A 47 -0.49 -0.61 -40.69
CA LEU A 47 0.16 -0.48 -39.40
C LEU A 47 1.63 -0.82 -39.51
N PRO A 48 2.54 0.11 -39.24
CA PRO A 48 3.96 -0.21 -39.23
C PRO A 48 4.40 -0.74 -37.87
N THR A 49 5.67 -1.06 -37.78
CA THR A 49 6.33 -1.26 -36.50
C THR A 49 6.84 0.08 -36.00
N TYR A 50 6.48 0.43 -34.77
CA TYR A 50 6.94 1.66 -34.17
C TYR A 50 8.03 1.40 -33.14
N ASN A 51 9.04 2.26 -33.16
CA ASN A 51 10.13 2.27 -32.18
C ASN A 51 10.94 0.99 -32.15
N ASN A 52 10.92 0.22 -33.23
CA ASN A 52 11.60 -1.07 -33.26
C ASN A 52 11.19 -1.94 -32.07
N HIS A 53 9.88 -1.99 -31.82
CA HIS A 53 9.27 -2.81 -30.78
C HIS A 53 9.66 -2.35 -29.39
N LEU A 54 10.07 -1.10 -29.21
CA LEU A 54 10.58 -0.63 -27.93
C LEU A 54 9.67 0.42 -27.32
N TYR A 55 9.61 0.40 -26.00
CA TYR A 55 9.15 1.56 -25.24
C TYR A 55 10.32 2.51 -25.06
N LYS A 56 10.08 3.80 -25.21
CA LYS A 56 11.14 4.77 -25.06
C LYS A 56 10.72 6.00 -24.28
N GLN A 57 11.56 6.41 -23.35
CA GLN A 57 11.29 7.60 -22.57
C GLN A 57 11.53 8.83 -23.43
N ILE A 58 10.62 9.79 -23.37
CA ILE A 58 10.73 11.01 -24.14
C ILE A 58 10.49 12.25 -23.29
N SER A 59 11.15 13.35 -23.64
CA SER A 59 11.00 14.61 -22.92
C SER A 59 11.36 15.74 -23.85
N ASN A 60 10.96 16.97 -23.52
CA ASN A 60 11.26 18.10 -24.37
C ASN A 60 12.78 18.28 -24.47
N SER A 61 13.25 18.56 -25.67
CA SER A 61 14.67 18.73 -25.91
C SER A 61 15.17 20.16 -25.77
N THR A 62 14.24 21.10 -25.63
CA THR A 62 14.57 22.52 -25.52
C THR A 62 15.04 22.99 -24.14
N SER A 63 15.69 24.15 -24.12
CA SER A 63 16.19 24.77 -22.91
C SER A 63 15.85 26.25 -22.92
N GLY A 64 15.90 26.88 -21.75
CA GLY A 64 15.59 28.29 -21.63
C GLY A 64 14.20 28.56 -21.13
N GLY A 65 13.86 29.84 -21.01
CA GLY A 65 12.58 30.28 -20.51
C GLY A 65 11.41 29.83 -21.36
N SER A 66 11.62 29.82 -22.67
CA SER A 66 10.61 29.39 -23.62
C SER A 66 10.20 27.93 -23.42
N SER A 67 11.15 27.09 -23.06
CA SER A 67 10.89 25.68 -22.82
C SER A 67 9.90 25.44 -21.68
N ASN A 68 9.98 26.26 -20.64
CA ASN A 68 9.12 26.16 -19.45
C ASN A 68 7.66 25.77 -19.68
N ASP A 69 6.95 26.53 -20.49
CA ASP A 69 5.57 26.21 -20.82
C ASP A 69 5.46 24.95 -21.66
N ASN A 70 6.49 24.61 -22.41
CA ASN A 70 6.48 23.49 -23.33
C ASN A 70 7.10 22.23 -22.76
N ALA A 71 7.52 22.24 -21.51
CA ALA A 71 8.20 21.09 -20.92
C ALA A 71 7.29 19.88 -20.80
N TYR A 72 7.85 18.69 -21.02
CA TYR A 72 7.08 17.48 -20.84
C TYR A 72 8.00 16.30 -20.58
N PHE A 73 7.39 15.24 -20.06
CA PHE A 73 8.04 13.95 -19.81
C PHE A 73 7.03 12.85 -20.10
N GLY A 74 7.45 11.81 -20.78
CA GLY A 74 6.53 10.73 -21.08
C GLY A 74 7.22 9.58 -21.79
N TYR A 75 6.40 8.77 -22.46
CA TYR A 75 6.86 7.56 -23.11
C TYR A 75 6.16 7.39 -24.44
N SER A 76 6.90 6.93 -25.44
CA SER A 76 6.32 6.44 -26.68
C SER A 76 6.35 4.93 -26.67
N THR A 77 5.33 4.32 -27.25
CA THR A 77 5.12 2.89 -27.19
C THR A 77 5.22 2.30 -28.59
N PRO A 78 5.49 1.00 -28.70
CA PRO A 78 5.40 0.35 -30.01
C PRO A 78 4.00 0.24 -30.57
N TRP A 79 2.97 0.50 -29.76
CA TRP A 79 1.58 0.29 -30.16
C TRP A 79 1.03 1.43 -31.00
N GLY A 80 0.06 1.09 -31.84
CA GLY A 80 -0.78 2.06 -32.50
C GLY A 80 -2.19 2.04 -31.91
N TYR A 81 -3.01 2.96 -32.40
CA TYR A 81 -4.39 3.05 -31.90
C TYR A 81 -5.31 3.54 -33.01
N PHE A 82 -6.59 3.19 -32.87
CA PHE A 82 -7.63 3.60 -33.81
C PHE A 82 -8.41 4.78 -33.26
N ASP A 83 -8.62 5.79 -34.10
CA ASP A 83 -9.30 7.01 -33.71
C ASP A 83 -10.39 7.31 -34.74
N PHE A 84 -11.66 7.17 -34.36
CA PHE A 84 -12.79 7.58 -35.18
C PHE A 84 -13.49 8.85 -34.66
N ASN A 85 -12.82 9.64 -33.83
CA ASN A 85 -13.44 10.69 -33.03
C ASN A 85 -13.72 12.00 -33.80
N ARG A 86 -13.64 12.04 -35.12
CA ARG A 86 -14.13 13.18 -35.87
C ARG A 86 -15.45 12.84 -36.56
N PHE A 87 -16.30 13.85 -36.75
CA PHE A 87 -17.60 13.58 -37.36
C PHE A 87 -17.50 13.15 -38.82
N HIS A 88 -16.58 13.72 -39.60
CA HIS A 88 -16.52 13.29 -40.98
C HIS A 88 -16.05 11.84 -41.11
N CYS A 89 -15.63 11.21 -40.02
CA CYS A 89 -15.43 9.77 -40.07
C CYS A 89 -16.75 9.05 -40.32
N HIS A 90 -17.81 9.51 -39.69
CA HIS A 90 -19.08 8.81 -39.69
C HIS A 90 -20.14 9.37 -40.63
N PHE A 91 -19.98 10.58 -41.12
CA PHE A 91 -21.01 11.23 -41.91
C PHE A 91 -20.44 11.68 -43.24
N SER A 92 -21.19 11.46 -44.31
CA SER A 92 -20.87 12.11 -45.56
C SER A 92 -21.38 13.54 -45.51
N PRO A 93 -20.89 14.40 -46.39
CA PRO A 93 -21.43 15.77 -46.43
C PRO A 93 -22.93 15.83 -46.67
N ARG A 94 -23.47 14.91 -47.47
CA ARG A 94 -24.92 14.90 -47.68
C ARG A 94 -25.65 14.43 -46.44
N ASP A 95 -25.09 13.47 -45.72
CA ASP A 95 -25.70 13.01 -44.48
C ASP A 95 -25.64 14.10 -43.41
N TRP A 96 -24.55 14.84 -43.37
CA TRP A 96 -24.44 15.92 -42.41
C TRP A 96 -25.45 17.02 -42.71
N GLN A 97 -25.66 17.32 -43.99
CA GLN A 97 -26.72 18.24 -44.38
C GLN A 97 -28.07 17.72 -43.98
N ARG A 98 -28.35 16.46 -44.32
CA ARG A 98 -29.61 15.83 -43.97
C ARG A 98 -29.85 15.89 -42.46
N LEU A 99 -28.78 15.87 -41.68
CA LEU A 99 -28.90 15.97 -40.22
C LEU A 99 -29.23 17.39 -39.79
N ILE A 100 -28.44 18.37 -40.23
CA ILE A 100 -28.48 19.68 -39.62
C ILE A 100 -29.63 20.52 -40.14
N ASN A 101 -30.19 20.20 -41.30
CA ASN A 101 -31.32 20.96 -41.78
C ASN A 101 -32.62 20.51 -41.13
N ASN A 102 -32.72 19.25 -40.74
CA ASN A 102 -33.99 18.69 -40.30
C ASN A 102 -34.13 18.47 -38.82
N ASN A 103 -33.11 18.70 -38.02
CA ASN A 103 -33.14 18.24 -36.64
C ASN A 103 -32.71 19.33 -35.69
N TRP A 104 -33.34 19.36 -34.52
CA TRP A 104 -32.96 20.27 -33.45
C TRP A 104 -31.84 19.73 -32.57
N GLY A 105 -31.56 18.43 -32.62
CA GLY A 105 -30.52 17.89 -31.77
C GLY A 105 -30.26 16.43 -32.10
N PHE A 106 -29.11 15.96 -31.64
CA PHE A 106 -28.69 14.59 -31.87
C PHE A 106 -27.68 14.20 -30.81
N ARG A 107 -27.38 12.91 -30.74
CA ARG A 107 -26.43 12.39 -29.78
C ARG A 107 -26.17 10.92 -30.04
N PRO A 108 -24.99 10.43 -29.70
CA PRO A 108 -24.67 9.03 -29.96
C PRO A 108 -25.29 8.09 -28.95
N LYS A 109 -25.59 6.89 -29.40
CA LYS A 109 -26.25 5.87 -28.59
C LYS A 109 -25.41 4.60 -28.46
N ARG A 110 -25.16 3.90 -29.56
CA ARG A 110 -24.43 2.65 -29.56
C ARG A 110 -23.24 2.77 -30.49
N LEU A 111 -22.27 1.90 -30.27
CA LEU A 111 -21.05 1.84 -31.03
C LEU A 111 -20.73 0.39 -31.32
N ASN A 112 -20.30 0.11 -32.54
CA ASN A 112 -19.93 -1.25 -32.91
C ASN A 112 -18.68 -1.16 -33.77
N PHE A 113 -17.66 -1.92 -33.40
CA PHE A 113 -16.34 -1.81 -34.01
C PHE A 113 -15.90 -3.19 -34.50
N LYS A 114 -15.34 -3.24 -35.70
CA LYS A 114 -14.83 -4.48 -36.24
C LYS A 114 -13.44 -4.28 -36.83
N LEU A 115 -12.64 -5.33 -36.75
CA LEU A 115 -11.30 -5.36 -37.31
C LEU A 115 -11.11 -6.70 -38.00
N PHE A 116 -10.85 -6.69 -39.29
CA PHE A 116 -10.90 -7.93 -40.06
C PHE A 116 -10.03 -7.84 -41.30
N ASN A 117 -9.97 -8.97 -42.01
CA ASN A 117 -9.15 -9.14 -43.21
C ASN A 117 -7.70 -8.74 -42.97
N ILE A 118 -7.14 -9.26 -41.88
CA ILE A 118 -5.78 -8.93 -41.49
C ILE A 118 -4.72 -9.54 -42.37
N GLN A 119 -3.77 -8.73 -42.81
CA GLN A 119 -2.66 -9.20 -43.61
C GLN A 119 -1.35 -8.75 -43.00
N VAL A 120 -0.42 -9.67 -42.82
CA VAL A 120 0.88 -9.32 -42.30
C VAL A 120 1.86 -9.49 -43.44
N LYS A 121 2.64 -8.45 -43.68
CA LYS A 121 3.61 -8.45 -44.76
C LYS A 121 5.01 -8.37 -44.17
N GLU A 122 5.95 -9.11 -44.75
CA GLU A 122 7.35 -9.01 -44.40
C GLU A 122 8.12 -8.36 -45.53
N VAL A 123 9.10 -7.55 -45.18
CA VAL A 123 9.87 -6.78 -46.15
C VAL A 123 11.32 -7.18 -46.05
N THR A 124 11.85 -7.76 -47.12
CA THR A 124 13.24 -8.14 -47.15
C THR A 124 13.89 -7.20 -48.12
N ASP A 125 14.82 -6.38 -47.63
CA ASP A 125 15.49 -5.44 -48.51
C ASP A 125 16.91 -5.88 -48.75
N ASN A 126 17.24 -6.15 -50.01
CA ASN A 126 18.57 -6.57 -50.38
C ASN A 126 19.10 -5.71 -51.52
N ASN A 127 20.26 -5.11 -51.33
CA ASN A 127 20.93 -4.30 -52.34
C ASN A 127 20.08 -3.15 -52.91
N GLY A 128 19.30 -2.51 -52.05
CA GLY A 128 18.48 -1.38 -52.46
C GLY A 128 17.16 -1.73 -53.12
N VAL A 129 16.87 -3.01 -53.29
CA VAL A 129 15.60 -3.42 -53.88
C VAL A 129 14.86 -4.20 -52.82
N LYS A 130 13.62 -3.79 -52.54
CA LYS A 130 12.85 -4.43 -51.50
C LYS A 130 11.74 -5.34 -51.99
N THR A 131 11.66 -6.51 -51.39
CA THR A 131 10.64 -7.50 -51.70
C THR A 131 9.63 -7.53 -50.57
N ILE A 132 8.36 -7.65 -50.93
CA ILE A 132 7.27 -7.77 -49.97
C ILE A 132 6.60 -9.11 -50.19
N ALA A 133 6.41 -9.87 -49.12
CA ALA A 133 5.76 -11.16 -49.18
C ALA A 133 4.80 -11.29 -48.01
N ASN A 134 3.85 -12.22 -48.15
CA ASN A 134 2.99 -12.54 -47.04
C ASN A 134 3.74 -13.34 -46.00
N ASN A 135 3.49 -13.04 -44.73
CA ASN A 135 3.91 -13.88 -43.64
C ASN A 135 2.63 -14.41 -43.03
N LEU A 136 2.33 -15.68 -43.27
CA LEU A 136 1.00 -16.17 -42.96
C LEU A 136 0.84 -16.55 -41.51
N THR A 137 1.93 -16.77 -40.80
CA THR A 137 1.87 -17.21 -39.42
C THR A 137 2.06 -16.08 -38.42
N SER A 138 2.26 -14.86 -38.87
CA SER A 138 2.44 -13.75 -37.94
C SER A 138 1.11 -13.29 -37.38
N THR A 139 1.18 -12.65 -36.23
CA THR A 139 -0.01 -12.15 -35.56
C THR A 139 0.05 -10.64 -35.39
N VAL A 140 -1.13 -10.08 -35.15
CA VAL A 140 -1.30 -8.70 -34.74
C VAL A 140 -2.08 -8.73 -33.44
N GLN A 141 -1.66 -7.93 -32.48
CA GLN A 141 -2.29 -7.88 -31.16
C GLN A 141 -3.23 -6.69 -31.08
N VAL A 142 -4.37 -6.87 -30.43
CA VAL A 142 -5.35 -5.81 -30.27
C VAL A 142 -6.03 -5.96 -28.92
N PHE A 143 -6.24 -4.84 -28.24
CA PHE A 143 -7.12 -4.84 -27.08
C PHE A 143 -7.75 -3.47 -26.96
N THR A 144 -8.89 -3.42 -26.30
CA THR A 144 -9.52 -2.18 -25.92
C THR A 144 -9.30 -1.96 -24.45
N ASP A 145 -9.13 -0.69 -24.07
CA ASP A 145 -8.93 -0.32 -22.69
C ASP A 145 -10.27 0.01 -22.06
N SER A 146 -11.04 -1.03 -21.80
CA SER A 146 -12.36 -0.93 -21.23
C SER A 146 -12.43 -0.34 -19.83
N ASP A 147 -11.43 -0.65 -19.01
CA ASP A 147 -11.39 -0.14 -17.64
C ASP A 147 -10.77 1.24 -17.49
N TYR A 148 -10.47 1.90 -18.60
CA TYR A 148 -9.91 3.25 -18.61
C TYR A 148 -8.68 3.35 -17.73
N GLN A 149 -7.83 2.34 -17.85
CA GLN A 149 -6.62 2.25 -17.06
C GLN A 149 -5.41 2.89 -17.73
N LEU A 150 -5.46 3.14 -19.01
CA LEU A 150 -4.38 3.83 -19.70
C LEU A 150 -4.65 5.31 -19.76
N PRO A 151 -3.60 6.12 -19.92
CA PRO A 151 -3.81 7.53 -20.23
C PRO A 151 -4.59 7.69 -21.53
N TYR A 152 -5.54 8.59 -21.52
CA TYR A 152 -6.54 8.67 -22.58
C TYR A 152 -6.19 9.83 -23.50
N VAL A 153 -5.75 9.52 -24.71
CA VAL A 153 -5.26 10.53 -25.64
C VAL A 153 -6.28 10.91 -26.70
N LEU A 154 -7.47 10.33 -26.68
CA LEU A 154 -8.40 10.54 -27.78
C LEU A 154 -9.12 11.86 -27.74
N GLY A 155 -9.01 12.63 -26.67
CA GLY A 155 -9.75 13.86 -26.57
C GLY A 155 -8.92 15.10 -26.78
N SER A 156 -7.82 14.95 -27.50
CA SER A 156 -6.93 16.08 -27.74
C SER A 156 -6.85 16.61 -29.17
N ALA A 157 -7.89 16.33 -29.96
CA ALA A 157 -7.98 16.80 -31.35
C ALA A 157 -6.79 16.44 -32.23
N HIS A 158 -6.30 15.21 -32.10
CA HIS A 158 -5.17 14.72 -32.87
C HIS A 158 -5.48 14.21 -34.27
N GLU A 159 -4.44 14.15 -35.09
CA GLU A 159 -4.48 13.59 -36.44
C GLU A 159 -4.43 12.07 -36.35
N GLY A 160 -4.66 11.39 -37.47
CA GLY A 160 -4.62 9.94 -37.43
C GLY A 160 -5.95 9.24 -37.34
N CYS A 161 -7.03 10.00 -37.45
CA CYS A 161 -8.37 9.47 -37.47
C CYS A 161 -8.69 8.87 -38.84
N LEU A 162 -9.76 8.09 -38.94
CA LEU A 162 -10.13 7.52 -40.23
C LEU A 162 -10.42 8.68 -41.17
N PRO A 163 -9.90 8.60 -42.40
CA PRO A 163 -10.09 9.66 -43.39
C PRO A 163 -11.54 9.90 -43.73
N PRO A 164 -11.93 11.15 -43.99
CA PRO A 164 -13.33 11.40 -44.31
C PRO A 164 -13.79 10.71 -45.58
N PHE A 165 -12.91 10.48 -46.51
CA PHE A 165 -13.35 9.92 -47.77
C PHE A 165 -13.08 8.43 -47.79
N PRO A 166 -14.08 7.60 -48.09
CA PRO A 166 -13.95 6.17 -47.83
C PRO A 166 -12.90 5.47 -48.67
N ALA A 167 -12.46 6.06 -49.77
CA ALA A 167 -11.51 5.36 -50.63
C ALA A 167 -10.06 5.57 -50.22
N ASP A 168 -9.80 6.33 -49.18
CA ASP A 168 -8.44 6.61 -48.78
C ASP A 168 -7.93 5.57 -47.78
N VAL A 169 -6.68 5.18 -47.96
CA VAL A 169 -6.00 4.26 -47.07
C VAL A 169 -5.15 5.07 -46.10
N PHE A 170 -5.29 4.80 -44.82
CA PHE A 170 -4.65 5.65 -43.82
C PHE A 170 -3.70 4.84 -42.96
N MET A 171 -2.69 5.53 -42.47
CA MET A 171 -1.70 4.99 -41.56
C MET A 171 -2.19 5.14 -40.13
N ILE A 172 -1.91 4.14 -39.30
CA ILE A 172 -2.39 4.15 -37.92
C ILE A 172 -1.39 4.92 -37.07
N PRO A 173 -1.84 5.85 -36.23
CA PRO A 173 -0.91 6.67 -35.46
C PRO A 173 -0.32 5.93 -34.27
N GLN A 174 0.85 6.38 -33.86
CA GLN A 174 1.57 5.76 -32.75
C GLN A 174 1.01 6.24 -31.42
N TYR A 175 0.91 5.33 -30.47
CA TYR A 175 0.41 5.67 -29.15
C TYR A 175 1.55 6.14 -28.25
N GLY A 176 1.25 7.13 -27.43
CA GLY A 176 2.20 7.66 -26.48
C GLY A 176 1.42 8.45 -25.45
N TYR A 177 2.07 8.69 -24.32
CA TYR A 177 1.40 9.39 -23.24
C TYR A 177 2.42 10.19 -22.47
N LEU A 178 1.91 11.15 -21.69
CA LEU A 178 2.71 11.97 -20.82
C LEU A 178 2.33 11.69 -19.38
N THR A 179 3.32 11.80 -18.51
CA THR A 179 3.07 11.70 -17.08
C THR A 179 3.65 12.95 -16.42
N LEU A 180 3.56 13.01 -15.10
CA LEU A 180 4.04 14.16 -14.35
C LEU A 180 5.48 14.50 -14.63
N ASN A 181 5.78 15.78 -14.78
CA ASN A 181 7.14 16.21 -15.04
C ASN A 181 7.51 17.51 -14.36
N ASP A 182 8.77 17.64 -14.02
CA ASP A 182 9.30 18.88 -13.47
C ASP A 182 10.31 19.24 -14.53
N GLY A 183 10.04 20.29 -15.30
CA GLY A 183 10.92 20.63 -16.40
C GLY A 183 10.88 19.42 -17.31
N SER A 184 12.03 18.90 -17.70
CA SER A 184 12.09 17.68 -18.48
C SER A 184 12.30 16.43 -17.63
N GLN A 185 12.57 16.60 -16.34
CA GLN A 185 12.73 15.47 -15.43
C GLN A 185 11.39 14.95 -14.94
N ALA A 186 11.40 13.71 -14.49
CA ALA A 186 10.24 13.08 -13.87
C ALA A 186 10.29 13.24 -12.35
N VAL A 187 9.25 12.76 -11.70
CA VAL A 187 9.16 12.74 -10.24
C VAL A 187 8.70 11.35 -9.83
N GLY A 188 8.86 11.06 -8.54
CA GLY A 188 8.51 9.75 -8.03
C GLY A 188 7.05 9.42 -8.24
N ARG A 189 6.20 10.42 -8.39
CA ARG A 189 4.78 10.19 -8.61
C ARG A 189 4.47 9.85 -10.06
N SER A 190 5.42 9.99 -10.97
CA SER A 190 5.20 9.71 -12.38
C SER A 190 4.98 8.22 -12.61
N SER A 191 4.07 7.91 -13.54
CA SER A 191 3.69 6.54 -13.84
C SER A 191 4.27 6.08 -15.16
N PHE A 192 4.61 4.80 -15.21
CA PHE A 192 5.01 4.13 -16.44
C PHE A 192 4.02 3.00 -16.71
N TYR A 193 3.68 2.82 -17.98
CA TYR A 193 2.71 1.81 -18.38
C TYR A 193 3.30 0.95 -19.47
N CYS A 194 3.34 -0.35 -19.25
CA CYS A 194 3.61 -1.32 -20.30
C CYS A 194 2.29 -1.79 -20.85
N LEU A 195 2.06 -1.58 -22.13
CA LEU A 195 0.82 -2.03 -22.72
C LEU A 195 0.82 -3.53 -22.97
N GLU A 196 1.98 -4.17 -22.90
CA GLU A 196 2.05 -5.62 -22.96
C GLU A 196 1.46 -6.27 -21.74
N TYR A 197 1.19 -5.50 -20.69
CA TYR A 197 0.76 -6.05 -19.42
C TYR A 197 -0.76 -6.08 -19.30
N PHE A 198 -1.44 -5.76 -20.35
CA PHE A 198 -2.85 -6.01 -20.56
C PHE A 198 -3.06 -7.33 -21.31
N PRO A 199 -4.15 -8.03 -21.07
CA PRO A 199 -4.52 -9.12 -21.98
C PRO A 199 -5.00 -8.58 -23.31
N SER A 200 -4.51 -9.18 -24.39
CA SER A 200 -4.91 -8.76 -25.73
C SER A 200 -5.15 -9.97 -26.59
N GLN A 201 -5.99 -9.80 -27.59
CA GLN A 201 -6.29 -10.85 -28.54
C GLN A 201 -5.27 -10.83 -29.66
N MET A 202 -4.83 -12.02 -30.07
CA MET A 202 -3.83 -12.16 -31.11
C MET A 202 -4.53 -12.68 -32.36
N LEU A 203 -4.18 -12.12 -33.51
CA LEU A 203 -4.89 -12.38 -34.75
C LEU A 203 -3.90 -12.77 -35.84
N ARG A 204 -4.06 -13.96 -36.39
CA ARG A 204 -3.47 -14.25 -37.68
C ARG A 204 -4.42 -13.83 -38.78
N THR A 205 -4.07 -14.15 -40.03
CA THR A 205 -4.76 -13.56 -41.15
C THR A 205 -6.20 -14.03 -41.28
N GLY A 206 -6.55 -15.15 -40.66
CA GLY A 206 -7.92 -15.60 -40.71
C GLY A 206 -8.79 -15.11 -39.58
N ASN A 207 -8.19 -14.56 -38.54
CA ASN A 207 -8.90 -14.10 -37.37
C ASN A 207 -9.48 -12.70 -37.57
N ASN A 208 -10.53 -12.40 -36.82
CA ASN A 208 -11.09 -11.06 -36.80
C ASN A 208 -11.39 -10.66 -35.36
N PHE A 209 -11.69 -9.37 -35.18
CA PHE A 209 -11.89 -8.79 -33.86
C PHE A 209 -13.10 -7.88 -33.90
N GLN A 210 -13.87 -7.87 -32.82
CA GLN A 210 -14.96 -6.90 -32.70
C GLN A 210 -15.28 -6.67 -31.23
N PHE A 211 -15.89 -5.53 -30.96
CA PHE A 211 -16.51 -5.28 -29.68
C PHE A 211 -17.60 -4.24 -29.89
N SER A 212 -18.51 -4.16 -28.94
CA SER A 212 -19.57 -3.16 -28.98
C SER A 212 -19.53 -2.33 -27.72
N TYR A 213 -20.03 -1.11 -27.84
CA TYR A 213 -19.93 -0.12 -26.79
C TYR A 213 -21.24 0.62 -26.67
N GLU A 214 -21.58 1.04 -25.46
CA GLU A 214 -22.82 1.74 -25.17
C GLU A 214 -22.48 3.11 -24.62
N PHE A 215 -22.86 4.15 -25.36
CA PHE A 215 -22.68 5.51 -24.87
C PHE A 215 -23.49 5.74 -23.61
N GLU A 216 -22.88 6.40 -22.64
CA GLU A 216 -23.65 6.81 -21.47
C GLU A 216 -24.50 8.02 -21.83
N ASN A 217 -25.53 8.25 -21.04
CA ASN A 217 -26.51 9.25 -21.39
C ASN A 217 -25.88 10.63 -21.40
N VAL A 218 -26.00 11.33 -22.53
CA VAL A 218 -25.52 12.69 -22.66
C VAL A 218 -26.69 13.53 -23.16
N PRO A 219 -26.64 14.84 -22.94
CA PRO A 219 -27.68 15.69 -23.52
C PRO A 219 -27.53 15.76 -25.03
N PHE A 220 -28.65 16.00 -25.70
CA PHE A 220 -28.60 16.29 -27.12
C PHE A 220 -27.75 17.52 -27.37
N HIS A 221 -26.84 17.42 -28.33
CA HIS A 221 -26.23 18.61 -28.86
C HIS A 221 -27.31 19.51 -29.39
N SER A 222 -27.21 20.80 -29.12
CA SER A 222 -28.23 21.73 -29.57
C SER A 222 -27.93 22.28 -30.95
N SER A 223 -28.34 21.57 -31.99
CA SER A 223 -28.09 22.03 -33.34
C SER A 223 -29.16 22.98 -33.86
N TYR A 224 -29.24 24.15 -33.26
CA TYR A 224 -30.20 25.17 -33.64
C TYR A 224 -29.69 26.50 -33.18
N ALA A 225 -30.24 27.57 -33.72
CA ALA A 225 -29.86 28.91 -33.33
C ALA A 225 -31.09 29.57 -32.71
N HIS A 226 -30.89 30.49 -31.78
CA HIS A 226 -32.04 31.16 -31.17
C HIS A 226 -32.56 32.31 -32.02
N SER A 227 -33.87 32.36 -32.19
CA SER A 227 -34.52 33.44 -32.93
C SER A 227 -34.92 34.58 -32.02
N GLN A 228 -34.56 34.53 -30.76
CA GLN A 228 -34.70 35.63 -29.82
C GLN A 228 -33.38 35.85 -29.10
N SER A 229 -33.20 37.03 -28.55
CA SER A 229 -32.03 37.33 -27.75
C SER A 229 -32.44 37.48 -26.30
N LEU A 230 -31.49 37.20 -25.41
CA LEU A 230 -31.76 37.16 -23.99
C LEU A 230 -32.31 38.48 -23.47
N ASP A 231 -31.95 39.58 -24.10
CA ASP A 231 -32.36 40.90 -23.65
C ASP A 231 -33.67 41.37 -24.28
N ARG A 232 -34.20 40.64 -25.25
CA ARG A 232 -35.42 41.00 -25.94
C ARG A 232 -36.65 40.19 -25.57
N LEU A 233 -36.65 39.48 -24.45
CA LEU A 233 -37.78 38.62 -24.11
C LEU A 233 -39.11 39.25 -23.70
N MET A 234 -39.14 40.57 -23.54
CA MET A 234 -40.36 41.26 -23.13
C MET A 234 -41.41 41.40 -24.22
N ASN A 235 -42.63 41.73 -23.81
CA ASN A 235 -43.70 41.99 -24.74
C ASN A 235 -43.48 43.44 -25.10
N PRO A 236 -43.25 43.72 -26.39
CA PRO A 236 -42.97 45.07 -26.87
C PRO A 236 -44.13 46.05 -26.82
N LEU A 237 -45.30 45.60 -26.40
CA LEU A 237 -46.44 46.51 -26.38
C LEU A 237 -46.80 47.02 -24.99
N ILE A 238 -46.24 46.44 -23.94
CA ILE A 238 -46.74 46.64 -22.59
C ILE A 238 -45.63 47.21 -21.72
N ASP A 239 -46.01 48.01 -20.74
CA ASP A 239 -45.09 48.48 -19.72
C ASP A 239 -44.87 47.42 -18.65
N GLN A 240 -43.73 47.53 -17.98
CA GLN A 240 -43.56 46.83 -16.72
C GLN A 240 -44.20 47.60 -15.57
N TYR A 241 -44.55 46.88 -14.53
CA TYR A 241 -44.97 47.53 -13.29
C TYR A 241 -43.79 47.85 -12.38
N LEU A 242 -42.58 47.55 -12.80
CA LEU A 242 -41.37 47.95 -12.08
C LEU A 242 -40.94 49.36 -12.45
N TYR A 243 -40.23 49.99 -11.53
CA TYR A 243 -39.65 51.32 -11.73
C TYR A 243 -38.14 51.26 -11.67
N TYR A 244 -37.52 52.23 -12.33
CA TYR A 244 -36.08 52.41 -12.30
C TYR A 244 -35.79 53.87 -12.03
N LEU A 245 -34.55 54.16 -11.67
CA LEU A 245 -34.16 55.51 -11.28
C LEU A 245 -33.74 56.27 -12.54
N SER A 246 -34.58 57.22 -12.96
CA SER A 246 -34.34 57.95 -14.20
C SER A 246 -33.45 59.17 -14.03
N LYS A 247 -33.62 59.96 -12.97
CA LYS A 247 -32.86 61.20 -12.80
C LYS A 247 -32.30 61.31 -11.40
N THR A 248 -31.02 61.66 -11.30
CA THR A 248 -30.44 62.02 -10.01
C THR A 248 -30.28 63.52 -9.79
N ILE A 249 -30.56 64.37 -10.77
CA ILE A 249 -30.49 65.81 -10.59
C ILE A 249 -31.60 66.50 -11.37
N ASN A 250 -32.04 67.64 -10.85
CA ASN A 250 -33.06 68.43 -11.53
C ASN A 250 -32.51 69.13 -12.75
N GLY A 251 -31.24 69.49 -12.72
CA GLY A 251 -30.65 70.17 -13.85
C GLY A 251 -29.29 70.71 -13.49
N SER A 252 -28.82 71.68 -14.26
CA SER A 252 -27.55 72.31 -13.99
C SER A 252 -27.67 73.25 -12.81
N GLY A 253 -26.66 73.26 -11.96
CA GLY A 253 -26.62 74.16 -10.84
C GLY A 253 -25.94 73.51 -9.67
N GLN A 254 -26.13 74.11 -8.50
CA GLN A 254 -25.65 73.56 -7.25
C GLN A 254 -26.82 72.97 -6.48
N ASN A 255 -26.57 71.87 -5.78
CA ASN A 255 -27.54 71.29 -4.86
C ASN A 255 -28.81 70.88 -5.59
N GLN A 256 -28.64 70.28 -6.77
CA GLN A 256 -29.76 69.90 -7.61
C GLN A 256 -30.18 68.45 -7.39
N GLN A 257 -29.61 67.77 -6.40
CA GLN A 257 -29.89 66.35 -6.20
C GLN A 257 -31.36 66.08 -6.08
N THR A 258 -31.81 65.00 -6.71
CA THR A 258 -33.18 64.55 -6.63
C THR A 258 -33.21 63.07 -6.94
N LEU A 259 -34.33 62.43 -6.65
CA LEU A 259 -34.60 61.07 -7.06
C LEU A 259 -35.88 61.05 -7.87
N LYS A 260 -35.75 60.72 -9.16
CA LYS A 260 -36.90 60.54 -10.04
C LYS A 260 -36.93 59.11 -10.55
N PHE A 261 -38.13 58.57 -10.70
CA PHE A 261 -38.31 57.19 -11.11
C PHE A 261 -39.28 57.13 -12.26
N SER A 262 -39.02 56.23 -13.20
CA SER A 262 -39.88 56.06 -14.35
C SER A 262 -40.26 54.59 -14.50
N VAL A 263 -41.30 54.35 -15.30
CA VAL A 263 -41.67 53.00 -15.66
C VAL A 263 -40.80 52.52 -16.81
N ALA A 264 -40.35 51.28 -16.71
CA ALA A 264 -39.67 50.64 -17.82
C ALA A 264 -40.69 50.12 -18.82
N GLY A 265 -40.50 50.43 -20.08
CA GLY A 265 -41.49 50.14 -21.08
C GLY A 265 -40.88 49.99 -22.44
N PRO A 266 -41.72 49.92 -23.47
CA PRO A 266 -41.24 49.74 -24.84
C PRO A 266 -40.22 50.77 -25.28
N SER A 267 -40.35 52.01 -24.82
CA SER A 267 -39.43 53.07 -25.21
C SER A 267 -37.99 52.82 -24.75
N ASN A 268 -37.83 52.30 -23.55
CA ASN A 268 -36.51 51.97 -23.06
C ASN A 268 -36.45 50.52 -22.60
N MET A 269 -35.96 49.65 -23.47
CA MET A 269 -35.87 48.24 -23.16
C MET A 269 -34.60 47.84 -22.44
N ALA A 270 -33.65 48.76 -22.36
CA ALA A 270 -32.37 48.46 -21.72
C ALA A 270 -32.44 48.49 -20.20
N VAL A 271 -33.36 49.27 -19.65
CA VAL A 271 -33.46 49.41 -18.21
C VAL A 271 -34.49 48.48 -17.59
N GLN A 272 -35.10 47.60 -18.36
CA GLN A 272 -36.15 46.77 -17.79
C GLN A 272 -35.56 45.69 -16.90
N GLY A 273 -36.34 45.27 -15.91
CA GLY A 273 -35.93 44.15 -15.09
C GLY A 273 -36.01 42.86 -15.87
N ARG A 274 -34.99 42.03 -15.71
CA ARG A 274 -34.92 40.75 -16.43
C ARG A 274 -34.66 39.63 -15.44
N ASN A 275 -35.14 38.46 -15.78
CA ASN A 275 -34.97 37.30 -14.92
C ASN A 275 -33.67 36.55 -15.16
N TYR A 276 -33.05 36.70 -16.33
CA TYR A 276 -31.89 35.90 -16.68
C TYR A 276 -30.86 36.77 -17.37
N ILE A 277 -29.60 36.42 -17.19
CA ILE A 277 -28.48 37.23 -17.67
C ILE A 277 -27.59 36.35 -18.53
N PRO A 278 -26.75 36.93 -19.38
CA PRO A 278 -25.89 36.13 -20.23
C PRO A 278 -24.77 35.45 -19.46
N GLY A 279 -24.21 34.43 -20.10
CA GLY A 279 -23.30 33.52 -19.46
C GLY A 279 -21.91 34.08 -19.26
N PRO A 280 -21.00 33.24 -18.82
CA PRO A 280 -19.69 33.72 -18.37
C PRO A 280 -18.76 34.06 -19.53
N SER A 281 -17.77 34.88 -19.23
CA SER A 281 -16.85 35.39 -20.23
C SER A 281 -15.43 35.38 -19.69
N TYR A 282 -14.48 35.17 -20.61
CA TYR A 282 -13.07 35.36 -20.33
C TYR A 282 -12.50 36.06 -21.56
N ARG A 283 -12.08 37.32 -21.45
CA ARG A 283 -11.96 38.11 -22.68
C ARG A 283 -10.78 37.64 -23.53
N GLN A 284 -11.03 37.61 -24.84
CA GLN A 284 -10.05 37.32 -25.88
C GLN A 284 -9.64 38.62 -26.55
N GLN A 285 -8.41 38.65 -27.05
CA GLN A 285 -7.98 39.76 -27.88
C GLN A 285 -8.56 39.62 -29.28
N ARG A 286 -8.86 40.76 -29.90
CA ARG A 286 -9.58 40.78 -31.17
C ARG A 286 -8.60 40.99 -32.32
N VAL A 287 -8.69 40.14 -33.32
CA VAL A 287 -7.80 40.18 -34.48
C VAL A 287 -8.65 40.37 -35.71
N SER A 288 -8.17 41.16 -36.65
CA SER A 288 -8.88 41.42 -37.90
C SER A 288 -8.23 40.63 -39.04
N THR A 289 -9.07 40.16 -39.96
CA THR A 289 -8.55 39.54 -41.17
C THR A 289 -8.09 40.58 -42.19
N THR A 290 -8.42 41.85 -41.98
CA THR A 290 -7.80 42.94 -42.71
C THR A 290 -6.58 43.36 -41.91
N VAL A 291 -5.39 43.11 -42.46
CA VAL A 291 -4.20 43.18 -41.63
C VAL A 291 -3.80 44.61 -41.35
N THR A 292 -4.17 45.55 -42.21
CA THR A 292 -3.83 46.94 -41.95
C THR A 292 -4.54 47.48 -40.73
N GLN A 293 -5.62 46.83 -40.29
CA GLN A 293 -6.33 47.24 -39.11
C GLN A 293 -5.68 46.73 -37.83
N ASN A 294 -4.81 45.74 -37.94
CA ASN A 294 -4.13 45.19 -36.78
C ASN A 294 -2.91 46.02 -36.41
N ASN A 295 -2.47 45.92 -35.18
CA ASN A 295 -1.31 46.66 -34.71
C ASN A 295 -0.02 46.16 -35.34
N ASN A 296 0.92 47.06 -35.56
CA ASN A 296 2.21 46.70 -36.15
C ASN A 296 3.20 46.21 -35.09
N SER A 297 2.91 45.06 -34.50
CA SER A 297 3.78 44.48 -33.48
C SER A 297 3.46 43.00 -33.36
N GLU A 298 4.33 42.24 -32.72
CA GLU A 298 4.06 40.83 -32.53
C GLU A 298 3.32 40.73 -31.21
N PHE A 299 2.08 40.27 -31.25
CA PHE A 299 1.29 40.19 -30.03
C PHE A 299 0.55 38.89 -29.94
N ALA A 300 0.84 37.99 -30.87
CA ALA A 300 0.17 36.70 -30.91
C ALA A 300 0.30 35.95 -29.59
N TRP A 301 1.50 35.59 -29.21
CA TRP A 301 1.68 35.03 -27.88
C TRP A 301 1.58 36.08 -26.78
N PRO A 302 2.30 37.21 -26.86
CA PRO A 302 2.27 38.15 -25.73
C PRO A 302 0.90 38.69 -25.39
N GLY A 303 0.01 38.84 -26.36
CA GLY A 303 -1.28 39.44 -26.09
C GLY A 303 -2.39 38.43 -25.96
N ALA A 304 -2.04 37.19 -25.66
CA ALA A 304 -2.99 36.10 -25.65
C ALA A 304 -3.53 35.84 -24.26
N SER A 305 -4.79 35.46 -24.18
CA SER A 305 -5.39 35.03 -22.93
C SER A 305 -4.86 33.65 -22.57
N SER A 306 -4.52 33.46 -21.30
CA SER A 306 -3.87 32.23 -20.89
C SER A 306 -4.32 31.87 -19.49
N TRP A 307 -4.03 30.63 -19.12
CA TRP A 307 -4.15 30.18 -17.74
C TRP A 307 -2.87 29.48 -17.34
N ALA A 308 -2.57 29.55 -16.05
CA ALA A 308 -1.34 29.00 -15.50
C ALA A 308 -1.64 27.79 -14.64
N LEU A 309 -0.82 26.76 -14.76
CA LEU A 309 -0.97 25.57 -13.95
C LEU A 309 0.41 25.13 -13.51
N ASN A 310 0.65 25.13 -12.20
CA ASN A 310 1.93 24.70 -11.64
C ASN A 310 3.10 25.44 -12.28
N GLY A 311 2.93 26.73 -12.53
CA GLY A 311 3.98 27.55 -13.06
C GLY A 311 4.00 27.66 -14.57
N ARG A 312 3.37 26.74 -15.27
CA ARG A 312 3.35 26.74 -16.73
C ARG A 312 2.11 27.47 -17.24
N ASN A 313 2.29 28.24 -18.31
CA ASN A 313 1.19 28.99 -18.91
C ASN A 313 0.67 28.24 -20.12
N SER A 314 -0.64 28.01 -20.15
CA SER A 314 -1.30 27.46 -21.32
C SER A 314 -2.19 28.51 -21.93
N LEU A 315 -2.12 28.61 -23.25
CA LEU A 315 -3.04 29.44 -24.00
C LEU A 315 -4.46 29.04 -23.67
N MET A 316 -5.37 30.02 -23.63
CA MET A 316 -6.77 29.67 -23.41
C MET A 316 -7.34 29.40 -24.79
N ASN A 317 -7.49 28.13 -25.11
CA ASN A 317 -7.87 27.74 -26.44
C ASN A 317 -8.74 26.50 -26.40
N PRO A 318 -9.89 26.53 -27.08
CA PRO A 318 -10.58 27.73 -27.55
C PRO A 318 -11.18 28.54 -26.40
N GLY A 319 -11.34 27.91 -25.24
CA GLY A 319 -11.82 28.58 -24.07
C GLY A 319 -13.32 28.49 -23.89
N PRO A 320 -13.88 29.35 -23.05
CA PRO A 320 -15.33 29.36 -22.87
C PRO A 320 -16.04 29.72 -24.18
N ALA A 321 -17.27 29.24 -24.30
CA ALA A 321 -18.01 29.46 -25.53
C ALA A 321 -18.57 30.88 -25.52
N MET A 322 -18.14 31.69 -26.46
CA MET A 322 -18.53 33.08 -26.55
C MET A 322 -18.75 33.42 -28.00
N ALA A 323 -19.62 34.39 -28.25
CA ALA A 323 -19.86 34.82 -29.61
C ALA A 323 -18.57 35.36 -30.21
N SER A 324 -18.29 34.94 -31.44
CA SER A 324 -17.01 35.26 -32.06
C SER A 324 -16.87 36.75 -32.30
N HIS A 325 -17.96 37.44 -32.62
CA HIS A 325 -17.88 38.84 -33.01
C HIS A 325 -19.25 39.47 -32.84
N LYS A 326 -19.26 40.79 -32.79
CA LYS A 326 -20.52 41.53 -32.78
C LYS A 326 -21.19 41.44 -34.14
N GLU A 327 -22.50 41.71 -34.15
CA GLU A 327 -23.25 41.73 -35.39
C GLU A 327 -22.70 42.81 -36.31
N GLY A 328 -22.59 42.47 -37.59
CA GLY A 328 -22.08 43.39 -38.57
C GLY A 328 -20.58 43.39 -38.72
N GLU A 329 -19.84 42.86 -37.76
CA GLU A 329 -18.39 42.77 -37.84
C GLU A 329 -18.02 41.30 -37.92
N ASP A 330 -17.80 40.80 -39.13
CA ASP A 330 -17.33 39.42 -39.26
C ASP A 330 -15.86 39.33 -39.57
N ARG A 331 -15.19 40.46 -39.76
CA ARG A 331 -13.78 40.44 -40.09
C ARG A 331 -12.91 40.22 -38.86
N PHE A 332 -13.50 40.31 -37.68
CA PHE A 332 -12.77 40.10 -36.44
C PHE A 332 -13.01 38.69 -35.92
N PHE A 333 -12.00 38.15 -35.27
CA PHE A 333 -12.10 36.84 -34.64
C PHE A 333 -11.30 36.89 -33.35
N PRO A 334 -11.65 36.04 -32.38
CA PRO A 334 -10.92 35.98 -31.11
C PRO A 334 -9.51 35.49 -31.37
N LEU A 335 -8.52 35.95 -30.63
CA LEU A 335 -7.13 35.59 -30.91
C LEU A 335 -6.90 34.08 -30.85
N SER A 336 -7.48 33.41 -29.87
CA SER A 336 -7.33 31.96 -29.79
C SER A 336 -8.64 31.40 -29.30
N GLY A 337 -9.70 32.13 -29.60
CA GLY A 337 -11.04 31.73 -29.19
C GLY A 337 -11.85 30.92 -30.17
N SER A 338 -11.33 30.62 -31.35
CA SER A 338 -12.07 29.85 -32.34
C SER A 338 -11.29 28.61 -32.75
N LEU A 339 -12.00 27.64 -33.30
CA LEU A 339 -11.36 26.49 -33.92
C LEU A 339 -10.97 26.85 -35.34
N ILE A 340 -9.74 26.53 -35.71
CA ILE A 340 -9.20 26.87 -37.01
C ILE A 340 -8.76 25.59 -37.69
N PHE A 341 -9.36 25.29 -38.83
CA PHE A 341 -9.04 24.11 -39.61
C PHE A 341 -8.22 24.50 -40.82
N GLY A 342 -7.34 23.60 -41.24
CA GLY A 342 -6.59 23.80 -42.46
C GLY A 342 -7.35 23.29 -43.68
N LYS A 343 -7.15 23.97 -44.79
CA LYS A 343 -7.62 23.49 -46.07
C LYS A 343 -6.73 22.35 -46.55
N GLN A 344 -7.25 21.59 -47.51
CA GLN A 344 -6.51 20.45 -48.02
C GLN A 344 -5.18 20.88 -48.62
N GLY A 345 -4.12 20.20 -48.23
CA GLY A 345 -2.80 20.50 -48.71
C GLY A 345 -2.09 21.63 -48.00
N THR A 346 -2.67 22.14 -46.92
CA THR A 346 -2.04 23.24 -46.20
C THR A 346 -0.85 22.75 -45.40
N GLY A 347 0.23 23.51 -45.48
CA GLY A 347 1.44 23.14 -44.79
C GLY A 347 1.28 23.20 -43.29
N ARG A 348 2.35 22.84 -42.60
CA ARG A 348 2.34 22.73 -41.15
C ARG A 348 2.59 24.05 -40.43
N ASP A 349 3.43 24.93 -40.97
CA ASP A 349 3.96 26.06 -40.22
C ASP A 349 3.86 27.37 -40.99
N ASN A 350 3.33 28.40 -40.33
CA ASN A 350 3.32 29.77 -40.83
C ASN A 350 2.63 29.90 -42.18
N VAL A 351 1.46 29.29 -42.29
CA VAL A 351 0.65 29.41 -43.49
C VAL A 351 -0.16 30.69 -43.45
N ASP A 352 -0.54 31.18 -44.62
CA ASP A 352 -1.32 32.41 -44.70
C ASP A 352 -2.77 32.17 -44.29
N ALA A 353 -3.54 33.25 -44.24
CA ALA A 353 -4.89 33.18 -43.73
C ALA A 353 -5.85 32.51 -44.71
N ASP A 354 -5.55 32.56 -46.00
CA ASP A 354 -6.37 31.87 -46.98
C ASP A 354 -6.12 30.38 -47.01
N LYS A 355 -5.11 29.90 -46.29
CA LYS A 355 -4.84 28.48 -46.20
C LYS A 355 -5.61 27.80 -45.09
N VAL A 356 -6.27 28.55 -44.22
CA VAL A 356 -6.97 27.98 -43.08
C VAL A 356 -8.41 28.42 -43.10
N MET A 357 -9.23 27.72 -42.32
CA MET A 357 -10.65 27.99 -42.21
C MET A 357 -10.96 28.31 -40.77
N ILE A 358 -11.34 29.56 -40.50
CA ILE A 358 -11.65 30.01 -39.16
C ILE A 358 -13.14 29.91 -38.95
N THR A 359 -13.57 29.07 -38.00
CA THR A 359 -14.99 28.92 -37.73
C THR A 359 -15.43 30.03 -36.81
N ASN A 360 -16.73 30.26 -36.73
CA ASN A 360 -17.22 31.30 -35.84
C ASN A 360 -18.40 30.81 -35.03
N GLU A 361 -18.61 31.44 -33.89
CA GLU A 361 -19.67 31.10 -32.97
C GLU A 361 -20.69 32.22 -32.96
N GLU A 362 -20.98 32.79 -34.12
CA GLU A 362 -21.92 33.91 -34.21
C GLU A 362 -23.37 33.58 -33.83
N GLU A 363 -23.75 32.31 -33.94
CA GLU A 363 -25.10 31.87 -33.61
C GLU A 363 -25.47 32.06 -32.14
N ILE A 364 -24.49 31.94 -31.27
CA ILE A 364 -24.72 32.01 -29.83
C ILE A 364 -24.71 33.40 -29.23
N LYS A 365 -24.74 34.44 -30.06
CA LYS A 365 -24.78 35.82 -29.58
C LYS A 365 -26.04 36.13 -28.75
N THR A 366 -27.16 35.50 -29.09
CA THR A 366 -28.40 35.62 -28.35
C THR A 366 -28.25 35.39 -26.84
N THR A 367 -27.51 34.36 -26.41
CA THR A 367 -27.29 34.14 -24.99
C THR A 367 -25.86 34.34 -24.51
N ASN A 368 -24.90 34.53 -25.40
CA ASN A 368 -23.56 34.51 -24.84
C ASN A 368 -22.88 35.84 -25.10
N PRO A 369 -22.04 36.30 -24.18
CA PRO A 369 -21.30 37.53 -24.42
C PRO A 369 -20.31 37.37 -25.57
N VAL A 370 -20.00 38.48 -26.23
CA VAL A 370 -19.03 38.46 -27.30
C VAL A 370 -17.65 38.20 -26.73
N ALA A 371 -16.85 37.42 -27.45
CA ALA A 371 -15.57 36.98 -26.93
C ALA A 371 -14.60 38.13 -26.72
N THR A 372 -14.67 39.15 -27.55
CA THR A 372 -13.71 40.25 -27.56
C THR A 372 -14.18 41.46 -26.79
N GLU A 373 -15.30 41.38 -26.09
CA GLU A 373 -15.88 42.50 -25.38
C GLU A 373 -15.82 42.25 -23.88
N SER A 374 -15.92 43.32 -23.10
CA SER A 374 -16.13 43.14 -21.67
C SER A 374 -17.51 42.56 -21.41
N TYR A 375 -17.65 41.90 -20.26
CA TYR A 375 -18.96 41.39 -19.87
C TYR A 375 -19.90 42.54 -19.57
N GLY A 376 -19.41 43.56 -18.87
CA GLY A 376 -20.24 44.67 -18.48
C GLY A 376 -19.47 45.59 -17.55
N GLN A 377 -20.21 46.39 -16.80
CA GLN A 377 -19.64 47.34 -15.86
C GLN A 377 -20.12 47.05 -14.45
N VAL A 378 -19.27 47.33 -13.47
CA VAL A 378 -19.64 47.28 -12.07
C VAL A 378 -19.27 48.60 -11.42
N ALA A 379 -19.90 48.87 -10.29
CA ALA A 379 -19.56 50.03 -9.47
C ALA A 379 -18.28 49.75 -8.70
N THR A 380 -17.33 50.68 -8.75
CA THR A 380 -16.08 50.52 -8.03
C THR A 380 -15.98 51.32 -6.75
N ASN A 381 -16.98 52.12 -6.42
CA ASN A 381 -16.94 52.94 -5.21
C ASN A 381 -18.33 53.31 -4.71
N HIS A 382 -18.39 54.19 -3.71
CA HIS A 382 -19.64 54.71 -3.21
C HIS A 382 -19.67 56.15 -3.63
N GLN A 383 -20.67 56.55 -4.40
CA GLN A 383 -20.78 57.93 -4.81
C GLN A 383 -21.22 58.74 -3.60
N SER A 384 -20.77 59.98 -3.51
CA SER A 384 -21.12 60.84 -2.40
C SER A 384 -21.00 62.29 -2.82
N ALA A 385 -21.49 63.20 -1.98
CA ALA A 385 -21.41 64.62 -2.25
C ALA A 385 -20.01 65.06 -2.65
N GLN A 386 -19.00 64.30 -2.24
CA GLN A 386 -17.62 64.60 -2.59
C GLN A 386 -17.03 63.67 -3.64
N ALA A 387 -17.75 62.65 -4.08
CA ALA A 387 -17.18 61.63 -4.94
C ALA A 387 -18.18 61.25 -6.04
N GLN A 388 -17.73 61.31 -7.29
CA GLN A 388 -18.56 60.88 -8.39
C GLN A 388 -18.61 59.37 -8.50
N ALA A 389 -19.70 58.88 -9.07
CA ALA A 389 -19.83 57.44 -9.30
C ALA A 389 -18.78 56.96 -10.28
N GLN A 390 -18.13 55.86 -9.93
CA GLN A 390 -17.09 55.28 -10.75
C GLN A 390 -17.46 53.86 -11.12
N THR A 391 -17.12 53.48 -12.34
CA THR A 391 -17.38 52.14 -12.84
C THR A 391 -16.08 51.54 -13.33
N GLY A 392 -16.11 50.24 -13.57
CA GLY A 392 -14.97 49.56 -14.13
C GLY A 392 -15.45 48.43 -15.01
N TRP A 393 -14.59 48.02 -15.92
CA TRP A 393 -14.94 47.03 -16.90
C TRP A 393 -14.67 45.64 -16.34
N VAL A 394 -15.62 44.74 -16.57
CA VAL A 394 -15.49 43.36 -16.12
C VAL A 394 -14.88 42.58 -17.27
N GLN A 395 -13.62 42.19 -17.13
CA GLN A 395 -12.91 41.54 -18.22
C GLN A 395 -13.22 40.05 -18.25
N ASN A 396 -13.41 39.46 -17.09
CA ASN A 396 -13.79 38.06 -16.98
C ASN A 396 -14.85 37.94 -15.90
N GLN A 397 -15.82 37.06 -16.13
CA GLN A 397 -16.92 36.87 -15.21
C GLN A 397 -17.21 35.38 -15.11
N GLY A 398 -17.15 34.85 -13.90
CA GLY A 398 -17.55 33.48 -13.67
C GLY A 398 -19.04 33.35 -13.51
N ILE A 399 -19.47 32.10 -13.29
CA ILE A 399 -20.88 31.77 -13.21
C ILE A 399 -21.58 32.58 -12.13
N LEU A 400 -22.75 33.11 -12.49
CA LEU A 400 -23.67 33.76 -11.56
C LEU A 400 -24.99 33.02 -11.60
N PRO A 401 -25.72 33.00 -10.49
CA PRO A 401 -27.08 32.47 -10.53
C PRO A 401 -27.93 33.30 -11.47
N GLY A 402 -28.61 32.63 -12.39
CA GLY A 402 -29.40 33.29 -13.39
C GLY A 402 -28.75 33.41 -14.75
N MET A 403 -27.57 32.84 -14.95
CA MET A 403 -26.95 32.81 -16.26
C MET A 403 -27.48 31.67 -17.09
N VAL A 404 -27.59 31.92 -18.39
CA VAL A 404 -27.88 30.88 -19.37
C VAL A 404 -26.89 31.05 -20.50
N TRP A 405 -26.52 29.94 -21.13
CA TRP A 405 -25.53 30.00 -22.20
C TRP A 405 -25.72 28.82 -23.13
N GLN A 406 -25.10 28.92 -24.30
CA GLN A 406 -24.99 27.86 -25.27
C GLN A 406 -23.57 27.30 -25.26
N ASP A 407 -23.46 26.02 -25.58
CA ASP A 407 -22.15 25.40 -25.75
C ASP A 407 -21.61 25.74 -27.13
N ARG A 408 -20.39 25.31 -27.39
CA ARG A 408 -19.80 25.52 -28.69
C ARG A 408 -20.42 24.55 -29.69
N ASP A 409 -20.46 24.98 -30.94
CA ASP A 409 -21.05 24.17 -31.99
C ASP A 409 -20.11 23.03 -32.35
N VAL A 410 -20.65 22.02 -33.02
CA VAL A 410 -19.84 20.93 -33.53
C VAL A 410 -19.80 21.05 -35.05
N TYR A 411 -18.72 20.54 -35.63
CA TYR A 411 -18.46 20.67 -37.05
C TYR A 411 -18.25 19.30 -37.67
N LEU A 412 -18.39 19.25 -39.00
CA LEU A 412 -18.15 18.01 -39.72
C LEU A 412 -16.71 17.56 -39.54
N GLN A 413 -15.78 18.50 -39.49
CA GLN A 413 -14.37 18.21 -39.28
C GLN A 413 -13.99 18.06 -37.82
N GLY A 414 -14.88 18.42 -36.91
CA GLY A 414 -14.52 18.55 -35.52
C GLY A 414 -14.68 17.28 -34.71
N PRO A 415 -14.27 17.34 -33.45
CA PRO A 415 -14.33 16.17 -32.58
C PRO A 415 -15.75 15.84 -32.13
N ILE A 416 -15.94 14.59 -31.73
CA ILE A 416 -17.25 14.14 -31.27
C ILE A 416 -17.32 14.15 -29.77
N TRP A 417 -16.46 13.38 -29.10
CA TRP A 417 -16.53 13.25 -27.66
C TRP A 417 -15.21 13.62 -27.02
N ALA A 418 -15.25 13.83 -25.71
CA ALA A 418 -14.07 13.94 -24.88
C ALA A 418 -14.29 13.14 -23.61
N LYS A 419 -13.20 12.79 -22.96
CA LYS A 419 -13.26 12.14 -21.66
C LYS A 419 -13.24 13.21 -20.57
N ILE A 420 -14.24 13.17 -19.71
CA ILE A 420 -14.23 14.08 -18.56
C ILE A 420 -13.13 13.66 -17.61
N PRO A 421 -12.24 14.56 -17.21
CA PRO A 421 -11.20 14.17 -16.25
C PRO A 421 -11.80 13.68 -14.96
N HIS A 422 -11.10 12.75 -14.31
CA HIS A 422 -11.63 12.11 -13.12
C HIS A 422 -11.20 12.95 -11.93
N THR A 423 -12.15 13.66 -11.32
CA THR A 423 -11.83 14.68 -10.35
C THR A 423 -12.94 14.78 -9.32
N ASP A 424 -12.62 15.43 -8.21
CA ASP A 424 -13.61 15.67 -7.18
C ASP A 424 -14.79 16.46 -7.72
N GLY A 425 -14.53 17.46 -8.53
CA GLY A 425 -15.59 18.30 -9.03
C GLY A 425 -15.30 18.81 -10.42
N ASN A 426 -16.37 19.17 -11.10
CA ASN A 426 -16.34 19.79 -12.41
C ASN A 426 -17.61 20.60 -12.53
N PHE A 427 -17.64 21.48 -13.51
CA PHE A 427 -18.87 22.21 -13.79
C PHE A 427 -19.13 22.22 -15.28
N HIS A 428 -20.36 21.88 -15.65
CA HIS A 428 -20.84 21.81 -17.01
C HIS A 428 -19.80 21.11 -17.87
N PRO A 429 -19.58 19.84 -17.64
CA PRO A 429 -18.42 19.13 -18.19
C PRO A 429 -18.30 19.09 -19.70
N SER A 430 -19.29 19.63 -20.41
CA SER A 430 -19.24 19.70 -21.86
C SER A 430 -17.87 20.20 -22.33
N PRO A 431 -17.21 19.50 -23.24
CA PRO A 431 -15.83 19.85 -23.58
C PRO A 431 -15.75 21.11 -24.42
N LEU A 432 -14.68 21.86 -24.20
CA LEU A 432 -14.59 23.20 -24.73
C LEU A 432 -14.27 23.26 -26.21
N MET A 433 -13.72 22.20 -26.79
CA MET A 433 -13.57 22.20 -28.23
C MET A 433 -14.82 21.74 -28.95
N GLY A 434 -15.87 21.40 -28.22
CA GLY A 434 -17.12 20.96 -28.78
C GLY A 434 -17.32 19.47 -28.63
N GLY A 435 -18.59 19.07 -28.67
CA GLY A 435 -18.96 17.68 -28.56
C GLY A 435 -19.46 17.27 -27.20
N PHE A 436 -19.43 15.96 -26.96
CA PHE A 436 -20.08 15.33 -25.82
C PHE A 436 -19.04 14.90 -24.82
N GLY A 437 -19.15 15.41 -23.59
CA GLY A 437 -18.27 14.95 -22.53
C GLY A 437 -18.82 13.69 -21.88
N MET A 438 -17.92 12.78 -21.54
CA MET A 438 -18.32 11.47 -21.03
C MET A 438 -17.33 11.02 -19.98
N LYS A 439 -17.82 10.47 -18.88
CA LYS A 439 -16.93 9.87 -17.90
C LYS A 439 -16.39 8.54 -18.40
N HIS A 440 -17.17 7.82 -19.20
CA HIS A 440 -16.73 6.59 -19.84
C HIS A 440 -16.96 6.76 -21.34
N PRO A 441 -16.04 7.42 -22.03
CA PRO A 441 -16.18 7.61 -23.45
C PRO A 441 -15.93 6.30 -24.19
N PRO A 442 -16.04 6.29 -25.51
CA PRO A 442 -15.60 5.13 -26.25
C PRO A 442 -14.17 4.78 -25.91
N PRO A 443 -13.88 3.51 -25.67
CA PRO A 443 -12.55 3.14 -25.19
C PRO A 443 -11.50 3.21 -26.28
N GLN A 444 -10.25 3.29 -25.84
CA GLN A 444 -9.13 3.25 -26.76
C GLN A 444 -8.91 1.85 -27.29
N ILE A 445 -8.52 1.76 -28.54
CA ILE A 445 -8.31 0.50 -29.23
C ILE A 445 -6.85 0.46 -29.65
N LEU A 446 -6.07 -0.41 -29.03
CA LEU A 446 -4.64 -0.44 -29.21
C LEU A 446 -4.27 -1.61 -30.10
N ILE A 447 -3.30 -1.40 -30.98
CA ILE A 447 -2.92 -2.43 -31.94
C ILE A 447 -1.43 -2.34 -32.20
N LYS A 448 -0.78 -3.50 -32.30
CA LYS A 448 0.61 -3.55 -32.71
C LYS A 448 0.87 -4.86 -33.41
N ASN A 449 1.93 -4.87 -34.22
CA ASN A 449 2.42 -6.11 -34.80
C ASN A 449 3.25 -6.84 -33.75
N THR A 450 2.98 -8.13 -33.60
CA THR A 450 3.80 -8.95 -32.73
C THR A 450 5.20 -9.06 -33.31
N PRO A 451 6.24 -8.80 -32.52
CA PRO A 451 7.60 -8.92 -33.06
C PRO A 451 7.94 -10.35 -33.41
N VAL A 452 8.57 -10.52 -34.56
CA VAL A 452 9.08 -11.82 -35.01
C VAL A 452 10.60 -11.72 -35.06
N PRO A 453 11.31 -12.37 -34.16
CA PRO A 453 12.77 -12.24 -34.16
C PRO A 453 13.40 -12.91 -35.36
N ALA A 454 14.54 -12.39 -35.77
CA ALA A 454 15.35 -13.04 -36.79
C ALA A 454 16.09 -14.20 -36.15
N ASP A 455 16.97 -14.86 -36.89
CA ASP A 455 17.60 -16.05 -36.37
C ASP A 455 18.53 -15.72 -35.21
N PRO A 456 18.33 -16.32 -34.05
CA PRO A 456 19.22 -16.06 -32.92
C PRO A 456 20.56 -16.75 -33.12
N PRO A 457 21.56 -16.39 -32.33
CA PRO A 457 22.83 -17.11 -32.39
C PRO A 457 22.65 -18.56 -31.94
N THR A 458 23.63 -19.38 -32.25
CA THR A 458 23.53 -20.79 -31.91
C THR A 458 24.09 -21.11 -30.53
N ALA A 459 24.73 -20.14 -29.87
CA ALA A 459 25.10 -20.26 -28.47
C ALA A 459 24.27 -19.28 -27.67
N PHE A 460 23.90 -19.69 -26.46
CA PHE A 460 22.95 -18.91 -25.67
C PHE A 460 23.53 -17.56 -25.27
N ASN A 461 22.67 -16.55 -25.30
CA ASN A 461 22.99 -15.21 -24.87
C ASN A 461 21.79 -14.67 -24.10
N LYS A 462 22.06 -14.02 -22.98
CA LYS A 462 20.97 -13.57 -22.11
C LYS A 462 20.40 -12.23 -22.50
N ASP A 463 21.06 -11.50 -23.38
CA ASP A 463 20.57 -10.20 -23.78
C ASP A 463 19.26 -10.36 -24.53
N LYS A 464 18.39 -9.35 -24.42
CA LYS A 464 17.16 -9.39 -25.21
C LYS A 464 17.51 -9.27 -26.68
N LEU A 465 16.63 -9.81 -27.52
CA LEU A 465 16.90 -9.90 -28.94
C LEU A 465 16.59 -8.56 -29.59
N ASN A 466 17.59 -7.95 -30.21
CA ASN A 466 17.43 -6.69 -30.92
C ASN A 466 17.28 -6.84 -32.42
N SER A 467 17.24 -8.06 -32.95
CA SER A 467 17.21 -8.29 -34.38
C SER A 467 15.88 -8.92 -34.76
N PHE A 468 15.17 -8.28 -35.66
CA PHE A 468 13.81 -8.69 -36.02
C PHE A 468 13.63 -8.71 -37.52
N ILE A 469 12.54 -9.31 -37.93
CA ILE A 469 12.11 -9.29 -39.33
C ILE A 469 11.29 -8.04 -39.56
N THR A 470 11.67 -7.27 -40.58
CA THR A 470 10.92 -6.05 -40.90
C THR A 470 9.54 -6.43 -41.41
N GLN A 471 8.51 -5.83 -40.82
CA GLN A 471 7.19 -6.37 -40.98
C GLN A 471 6.16 -5.28 -40.77
N TYR A 472 5.04 -5.38 -41.47
CA TYR A 472 3.94 -4.45 -41.28
C TYR A 472 2.64 -5.17 -41.59
N SER A 473 1.54 -4.58 -41.18
CA SER A 473 0.24 -5.20 -41.40
C SER A 473 -0.72 -4.20 -42.01
N THR A 474 -1.78 -4.74 -42.60
CA THR A 474 -2.82 -3.95 -43.22
C THR A 474 -4.12 -4.72 -43.08
N GLY A 475 -5.24 -4.01 -43.21
CA GLY A 475 -6.52 -4.66 -43.02
C GLY A 475 -7.65 -3.66 -43.13
N GLN A 476 -8.81 -4.07 -42.66
CA GLN A 476 -10.03 -3.28 -42.78
C GLN A 476 -10.57 -2.96 -41.39
N VAL A 477 -11.07 -1.74 -41.22
CA VAL A 477 -11.80 -1.35 -40.03
C VAL A 477 -13.18 -0.90 -40.43
N SER A 478 -14.19 -1.37 -39.72
CA SER A 478 -15.52 -0.83 -39.82
C SER A 478 -15.97 -0.37 -38.44
N VAL A 479 -16.62 0.78 -38.40
CA VAL A 479 -17.19 1.31 -37.17
C VAL A 479 -18.61 1.74 -37.46
N GLU A 480 -19.51 1.44 -36.54
CA GLU A 480 -20.93 1.68 -36.69
C GLU A 480 -21.42 2.41 -35.45
N ILE A 481 -22.09 3.54 -35.65
CA ILE A 481 -22.65 4.32 -34.56
C ILE A 481 -24.12 4.53 -34.81
N GLU A 482 -24.93 4.30 -33.79
CA GLU A 482 -26.33 4.67 -33.80
C GLU A 482 -26.51 6.03 -33.15
N TRP A 483 -27.23 6.92 -33.81
CA TRP A 483 -27.42 8.28 -33.36
C TRP A 483 -28.90 8.52 -33.14
N GLU A 484 -29.25 9.14 -32.02
CA GLU A 484 -30.62 9.49 -31.72
C GLU A 484 -30.88 10.93 -32.16
N LEU A 485 -32.05 11.17 -32.72
CA LEU A 485 -32.39 12.47 -33.30
C LEU A 485 -33.48 13.15 -32.48
N GLN A 486 -33.48 14.47 -32.53
CA GLN A 486 -34.52 15.29 -31.91
C GLN A 486 -35.10 16.17 -33.00
N LYS A 487 -36.35 15.92 -33.37
CA LYS A 487 -36.91 16.54 -34.55
C LYS A 487 -37.47 17.94 -34.25
N GLU A 488 -37.38 18.81 -35.25
CA GLU A 488 -37.89 20.18 -35.18
C GLU A 488 -39.41 20.24 -35.19
N ASN A 489 -39.98 20.87 -34.16
CA ASN A 489 -41.42 20.98 -33.94
C ASN A 489 -42.00 22.36 -34.31
N SER A 490 -41.20 23.26 -34.86
CA SER A 490 -41.48 24.68 -34.81
C SER A 490 -42.78 25.09 -35.51
N LYS A 491 -43.39 26.16 -35.01
CA LYS A 491 -44.54 26.84 -35.59
C LYS A 491 -44.19 28.07 -36.41
N ARG A 492 -42.91 28.34 -36.62
CA ARG A 492 -42.47 29.46 -37.44
C ARG A 492 -43.15 29.45 -38.82
N TRP A 493 -43.65 30.62 -39.22
CA TRP A 493 -44.38 30.75 -40.48
C TRP A 493 -43.44 30.87 -41.67
N ASN A 494 -42.47 31.77 -41.59
CA ASN A 494 -41.55 32.00 -42.69
C ASN A 494 -40.53 30.89 -42.78
N PRO A 495 -39.90 30.72 -43.93
CA PRO A 495 -38.94 29.63 -44.08
C PRO A 495 -37.63 29.87 -43.35
N GLU A 496 -36.98 28.77 -42.98
CA GLU A 496 -35.72 28.69 -42.27
C GLU A 496 -34.53 29.01 -43.17
N ILE A 497 -33.42 29.29 -42.53
CA ILE A 497 -32.12 29.19 -43.19
C ILE A 497 -31.70 27.73 -43.22
N GLN A 498 -31.18 27.29 -44.36
CA GLN A 498 -30.74 25.92 -44.54
C GLN A 498 -29.30 25.93 -45.02
N TYR A 499 -28.58 24.85 -44.78
CA TYR A 499 -27.28 24.70 -45.43
C TYR A 499 -27.50 24.18 -46.83
N THR A 500 -26.90 24.84 -47.82
CA THR A 500 -27.08 24.40 -49.19
C THR A 500 -25.86 24.58 -50.07
N SER A 501 -25.86 23.85 -51.18
CA SER A 501 -24.84 23.97 -52.19
C SER A 501 -25.19 25.17 -53.05
N ASN A 502 -24.20 25.72 -53.74
CA ASN A 502 -24.45 26.86 -54.61
C ASN A 502 -24.50 26.39 -56.05
N TYR A 503 -25.50 26.83 -56.77
CA TYR A 503 -25.67 26.44 -58.17
C TYR A 503 -24.63 26.92 -59.16
N TYR A 504 -23.92 28.01 -58.87
CA TYR A 504 -22.97 28.57 -59.82
C TYR A 504 -21.93 27.58 -60.27
N LYS A 505 -21.62 27.64 -61.57
CA LYS A 505 -20.65 26.75 -62.17
C LYS A 505 -19.24 26.94 -61.62
N SER A 506 -18.54 25.83 -61.45
CA SER A 506 -17.21 25.81 -60.91
C SER A 506 -16.38 24.74 -61.58
N ASN A 507 -15.07 24.82 -61.43
CA ASN A 507 -14.18 23.84 -62.02
C ASN A 507 -14.23 22.53 -61.26
N ASN A 508 -14.72 22.56 -60.03
CA ASN A 508 -14.79 21.37 -59.21
C ASN A 508 -16.13 21.34 -58.49
N VAL A 509 -16.61 20.15 -58.22
CA VAL A 509 -17.73 19.95 -57.32
C VAL A 509 -17.20 20.00 -55.90
N GLU A 510 -17.88 20.74 -55.04
CA GLU A 510 -17.46 20.81 -53.65
C GLU A 510 -17.72 19.48 -52.96
N PHE A 511 -16.80 19.10 -52.08
CA PHE A 511 -16.83 17.81 -51.40
C PHE A 511 -16.76 16.66 -52.40
N ALA A 512 -15.82 16.76 -53.32
CA ALA A 512 -15.54 15.71 -54.29
C ALA A 512 -14.04 15.66 -54.51
N VAL A 513 -13.61 14.76 -55.36
CA VAL A 513 -12.22 14.70 -55.78
C VAL A 513 -11.97 15.69 -56.91
N ASN A 514 -10.72 16.10 -57.06
CA ASN A 514 -10.30 16.89 -58.21
C ASN A 514 -9.77 15.96 -59.30
N THR A 515 -9.10 16.54 -60.29
CA THR A 515 -8.60 15.74 -61.41
C THR A 515 -7.45 14.83 -61.01
N GLU A 516 -6.78 15.11 -59.90
CA GLU A 516 -5.72 14.23 -59.42
C GLU A 516 -6.20 13.23 -58.41
N GLY A 517 -7.47 13.23 -58.06
CA GLY A 517 -8.01 12.28 -57.13
C GLY A 517 -7.91 12.67 -55.69
N VAL A 518 -7.77 13.94 -55.39
CA VAL A 518 -7.63 14.42 -54.02
C VAL A 518 -8.98 14.90 -53.52
N TYR A 519 -9.44 14.33 -52.44
CA TYR A 519 -10.68 14.74 -51.79
C TYR A 519 -10.41 15.90 -50.86
N SER A 520 -11.25 16.92 -50.93
CA SER A 520 -11.10 18.07 -50.07
C SER A 520 -12.44 18.46 -49.49
N GLU A 521 -12.39 19.17 -48.38
CA GLU A 521 -13.56 19.77 -47.75
C GLU A 521 -13.45 21.27 -47.85
N PRO A 522 -14.21 21.89 -48.76
CA PRO A 522 -14.18 23.32 -49.06
C PRO A 522 -14.27 24.26 -47.87
N ARG A 523 -15.22 24.03 -46.98
CA ARG A 523 -15.40 24.89 -45.82
C ARG A 523 -15.88 24.09 -44.63
N PRO A 524 -15.68 24.62 -43.43
CA PRO A 524 -16.16 23.95 -42.22
C PRO A 524 -17.68 24.08 -42.17
N ILE A 525 -18.38 23.04 -41.75
CA ILE A 525 -19.83 23.13 -41.68
C ILE A 525 -20.32 22.94 -40.27
N GLY A 526 -20.99 23.94 -39.73
CA GLY A 526 -21.54 23.85 -38.39
C GLY A 526 -22.89 23.19 -38.37
N THR A 527 -23.45 23.11 -37.19
CA THR A 527 -24.68 22.36 -36.99
C THR A 527 -25.93 23.23 -36.86
N ARG A 528 -25.81 24.55 -36.82
CA ARG A 528 -26.88 25.42 -36.32
C ARG A 528 -27.50 26.25 -37.45
N TYR A 529 -28.68 25.83 -37.87
CA TYR A 529 -29.42 26.44 -38.97
C TYR A 529 -30.87 26.69 -38.59
N LEU A 530 -31.51 25.66 -38.07
CA LEU A 530 -32.89 25.76 -37.61
C LEU A 530 -32.94 26.64 -36.37
N THR A 531 -34.09 27.27 -36.13
CA THR A 531 -34.19 28.17 -34.99
C THR A 531 -35.22 27.72 -33.97
N ARG A 532 -35.01 28.18 -32.75
CA ARG A 532 -35.87 27.89 -31.62
C ARG A 532 -36.11 29.19 -30.89
N ASN A 533 -37.23 29.28 -30.19
CA ASN A 533 -37.50 30.48 -29.41
C ASN A 533 -36.65 30.38 -28.16
N LEU A 534 -36.19 31.51 -27.66
CA LEU A 534 -35.39 31.54 -26.45
C LEU A 534 -36.27 31.43 -25.23
N GLU B 1 30.41 25.91 -1.16
CA GLU B 1 29.30 25.01 -1.40
C GLU B 1 29.36 24.41 -2.80
N VAL B 2 28.97 25.20 -3.80
CA VAL B 2 28.97 24.74 -5.18
C VAL B 2 30.24 25.21 -5.85
N GLN B 3 31.03 24.27 -6.35
CA GLN B 3 32.29 24.58 -6.99
C GLN B 3 32.39 24.02 -8.40
N LEU B 4 32.82 24.86 -9.33
CA LEU B 4 33.02 24.41 -10.70
C LEU B 4 34.47 24.70 -11.04
N VAL B 5 35.19 23.69 -11.52
CA VAL B 5 36.59 23.87 -11.87
C VAL B 5 36.86 23.50 -13.32
N GLU B 6 37.56 24.37 -14.03
CA GLU B 6 37.86 24.16 -15.44
C GLU B 6 39.34 23.83 -15.63
N SER B 7 39.60 22.81 -16.44
CA SER B 7 40.98 22.37 -16.70
C SER B 7 41.20 22.10 -18.18
N GLY B 8 42.46 22.02 -18.58
CA GLY B 8 42.82 21.75 -19.96
C GLY B 8 43.07 22.97 -20.83
N GLY B 9 43.01 24.16 -20.24
CA GLY B 9 43.28 25.38 -20.98
C GLY B 9 44.75 25.46 -21.34
N GLY B 10 45.07 26.08 -22.47
CA GLY B 10 46.45 26.21 -22.90
C GLY B 10 46.56 26.78 -24.30
N LEU B 11 47.80 26.95 -24.79
CA LEU B 11 48.00 27.47 -26.13
C LEU B 11 48.12 26.33 -27.13
N VAL B 12 47.51 26.51 -28.30
CA VAL B 12 47.54 25.53 -29.38
C VAL B 12 47.54 26.28 -30.70
N GLN B 13 48.27 25.74 -31.68
CA GLN B 13 48.32 26.31 -33.01
C GLN B 13 46.97 26.13 -33.72
N PRO B 14 46.70 26.95 -34.73
CA PRO B 14 45.39 26.86 -35.41
C PRO B 14 45.19 25.50 -36.05
N GLY B 15 43.93 25.06 -36.09
CA GLY B 15 43.60 23.76 -36.63
C GLY B 15 43.76 22.67 -35.57
N GLY B 16 44.31 23.06 -34.42
CA GLY B 16 44.53 22.16 -33.29
C GLY B 16 43.27 21.79 -32.55
N SER B 17 43.33 20.70 -31.80
CA SER B 17 42.19 20.21 -31.03
C SER B 17 42.47 20.21 -29.53
N LEU B 18 41.53 20.74 -28.76
CA LEU B 18 41.68 20.79 -27.30
C LEU B 18 40.43 20.27 -26.59
N ARG B 19 40.63 19.69 -25.41
CA ARG B 19 39.53 19.16 -24.61
C ARG B 19 39.50 19.86 -23.26
N LEU B 20 38.32 20.30 -22.85
CA LEU B 20 38.15 20.99 -21.57
C LEU B 20 37.26 20.19 -20.63
N SER B 21 37.65 20.12 -19.37
CA SER B 21 36.90 19.37 -18.37
C SER B 21 36.45 20.24 -17.19
N CYS B 22 35.20 20.09 -16.80
CA CYS B 22 34.60 20.84 -15.70
C CYS B 22 34.27 19.90 -14.55
N ALA B 23 34.69 20.24 -13.34
CA ALA B 23 34.39 19.41 -12.18
C ALA B 23 33.43 20.14 -11.26
N ALA B 24 32.41 19.42 -10.79
CA ALA B 24 31.37 19.99 -9.95
C ALA B 24 31.21 19.16 -8.68
N SER B 25 31.56 19.74 -7.54
CA SER B 25 31.45 19.03 -6.27
C SER B 25 30.25 19.40 -5.41
N GLY B 26 29.49 20.43 -5.77
CA GLY B 26 28.67 20.98 -4.71
C GLY B 26 27.20 20.67 -4.72
N PHE B 27 26.71 19.89 -5.67
CA PHE B 27 25.29 19.78 -5.91
C PHE B 27 25.02 18.47 -6.62
N ILE B 28 23.74 18.22 -6.91
CA ILE B 28 23.39 17.06 -7.72
C ILE B 28 23.62 17.47 -9.17
N PHE B 29 24.59 16.82 -9.81
CA PHE B 29 25.03 17.28 -11.12
C PHE B 29 24.05 16.88 -12.19
N SER B 30 23.25 15.85 -11.94
CA SER B 30 22.38 15.32 -12.97
C SER B 30 21.05 16.06 -13.02
N ASN B 31 20.86 17.05 -12.15
CA ASN B 31 19.59 17.78 -12.15
C ASN B 31 19.65 19.04 -12.99
N TYR B 32 20.80 19.42 -13.50
CA TYR B 32 21.00 20.75 -14.03
C TYR B 32 21.51 20.72 -15.45
N TRP B 33 21.12 21.73 -16.21
CA TRP B 33 21.73 22.02 -17.49
C TRP B 33 23.03 22.77 -17.28
N MET B 34 24.03 22.40 -18.05
CA MET B 34 25.35 23.01 -17.95
C MET B 34 25.69 23.68 -19.27
N SER B 35 26.41 24.78 -19.20
CA SER B 35 26.76 25.55 -20.38
C SER B 35 28.26 25.80 -20.43
N TRP B 36 28.72 26.15 -21.63
CA TRP B 36 30.05 26.69 -21.85
C TRP B 36 29.90 28.13 -22.33
N VAL B 37 30.58 29.04 -21.67
CA VAL B 37 30.56 30.45 -22.02
C VAL B 37 31.99 30.93 -22.17
N ARG B 38 32.29 31.61 -23.27
CA ARG B 38 33.61 32.15 -23.51
C ARG B 38 33.56 33.66 -23.51
N GLN B 39 34.62 34.29 -23.04
CA GLN B 39 34.78 35.73 -23.10
C GLN B 39 36.12 36.03 -23.78
N ALA B 40 36.06 36.61 -24.96
CA ALA B 40 37.27 37.00 -25.66
C ALA B 40 37.90 38.19 -24.94
N PRO B 41 39.21 38.39 -25.08
CA PRO B 41 39.85 39.52 -24.41
C PRO B 41 39.23 40.84 -24.85
N GLY B 42 38.86 41.66 -23.88
CA GLY B 42 38.28 42.96 -24.17
C GLY B 42 36.90 42.90 -24.79
N LYS B 43 36.20 41.77 -24.63
CA LYS B 43 34.88 41.61 -25.20
C LYS B 43 33.92 41.16 -24.13
N GLY B 44 32.64 41.26 -24.44
CA GLY B 44 31.61 40.68 -23.59
C GLY B 44 31.63 39.18 -23.73
N PRO B 45 31.14 38.48 -22.71
CA PRO B 45 31.13 37.02 -22.77
C PRO B 45 30.14 36.52 -23.80
N GLU B 46 30.26 35.24 -24.16
CA GLU B 46 29.49 34.68 -25.26
C GLU B 46 29.16 33.23 -24.97
N TRP B 47 27.94 32.84 -25.33
CA TRP B 47 27.44 31.49 -25.06
C TRP B 47 27.93 30.54 -26.14
N VAL B 48 28.53 29.42 -25.72
CA VAL B 48 29.02 28.44 -26.68
C VAL B 48 28.03 27.30 -26.83
N ALA B 49 27.81 26.56 -25.76
CA ALA B 49 27.02 25.33 -25.85
C ALA B 49 26.42 25.00 -24.50
N ASN B 50 25.34 24.23 -24.53
CA ASN B 50 24.78 23.64 -23.33
C ASN B 50 24.38 22.20 -23.63
N ILE B 51 24.18 21.42 -22.59
CA ILE B 51 23.89 20.01 -22.73
C ILE B 51 22.87 19.62 -21.65
N LYS B 52 22.04 18.65 -21.97
CA LYS B 52 20.93 18.29 -21.10
C LYS B 52 21.42 17.54 -19.87
N GLN B 53 20.64 17.62 -18.80
CA GLN B 53 21.07 17.08 -17.52
C GLN B 53 21.29 15.57 -17.58
N ASP B 54 20.64 14.87 -18.50
CA ASP B 54 20.97 13.49 -18.77
C ASP B 54 21.86 13.32 -20.00
N GLY B 55 22.14 14.41 -20.71
CA GLY B 55 22.92 14.35 -21.93
C GLY B 55 22.16 13.97 -23.17
N SER B 56 20.82 13.93 -23.13
CA SER B 56 20.06 13.50 -24.30
C SER B 56 20.15 14.52 -25.41
N ALA B 57 20.16 15.80 -25.08
CA ALA B 57 20.14 16.87 -26.07
C ALA B 57 21.25 17.86 -25.79
N ASN B 58 21.59 18.66 -26.78
CA ASN B 58 22.62 19.67 -26.65
C ASN B 58 22.45 20.72 -27.73
N HIS B 59 22.89 21.94 -27.45
CA HIS B 59 22.79 23.03 -28.39
C HIS B 59 24.12 23.73 -28.52
N TYR B 60 24.41 24.22 -29.71
CA TYR B 60 25.65 24.92 -29.97
C TYR B 60 25.40 26.21 -30.72
N VAL B 61 26.27 27.19 -30.51
CA VAL B 61 26.17 28.43 -31.26
C VAL B 61 26.67 28.19 -32.67
N ASP B 62 26.12 28.95 -33.63
CA ASP B 62 26.31 28.63 -35.04
C ASP B 62 27.78 28.64 -35.44
N SER B 63 28.57 29.57 -34.88
CA SER B 63 29.94 29.71 -35.33
C SER B 63 30.74 28.44 -35.08
N VAL B 64 30.45 27.72 -34.00
CA VAL B 64 31.24 26.57 -33.61
C VAL B 64 30.60 25.24 -34.04
N LYS B 65 29.47 25.27 -34.72
CA LYS B 65 28.76 24.04 -35.05
C LYS B 65 29.63 23.09 -35.86
N GLY B 66 29.67 21.84 -35.42
CA GLY B 66 30.42 20.80 -36.07
C GLY B 66 31.86 20.69 -35.61
N ARG B 67 32.44 21.77 -35.10
CA ARG B 67 33.80 21.74 -34.60
C ARG B 67 33.90 21.51 -33.11
N PHE B 68 32.83 21.66 -32.35
CA PHE B 68 32.85 21.45 -30.91
C PHE B 68 31.84 20.39 -30.53
N THR B 69 32.15 19.64 -29.49
CA THR B 69 31.26 18.62 -28.97
C THR B 69 31.20 18.75 -27.46
N ILE B 70 30.01 19.01 -26.94
CA ILE B 70 29.79 19.09 -25.50
C ILE B 70 29.37 17.70 -25.03
N SER B 71 29.87 17.30 -23.86
CA SER B 71 29.64 15.96 -23.36
C SER B 71 29.54 16.03 -21.85
N ARG B 72 28.88 15.03 -21.28
CA ARG B 72 28.52 15.01 -19.88
C ARG B 72 28.71 13.61 -19.34
N ASP B 73 29.36 13.50 -18.19
CA ASP B 73 29.46 12.23 -17.48
C ASP B 73 28.87 12.46 -16.09
N ASN B 74 27.70 11.86 -15.83
CA ASN B 74 27.00 12.13 -14.59
C ASN B 74 27.61 11.38 -13.42
N ALA B 75 28.19 10.21 -13.68
CA ALA B 75 28.78 9.44 -12.60
C ALA B 75 30.02 10.13 -12.06
N LYS B 76 30.81 10.76 -12.92
CA LYS B 76 32.01 11.45 -12.50
C LYS B 76 31.78 12.93 -12.21
N ASN B 77 30.55 13.40 -12.38
CA ASN B 77 30.19 14.81 -12.17
C ASN B 77 31.11 15.75 -12.93
N SER B 78 31.36 15.44 -14.19
CA SER B 78 32.24 16.26 -15.00
C SER B 78 31.65 16.64 -16.36
N LEU B 79 31.93 17.86 -16.79
CA LEU B 79 31.44 18.38 -18.06
C LEU B 79 32.62 18.54 -18.99
N TYR B 80 32.51 18.02 -20.21
CA TYR B 80 33.61 18.10 -21.16
C TYR B 80 33.26 18.85 -22.44
N LEU B 81 34.17 19.71 -22.87
CA LEU B 81 34.00 20.43 -24.11
C LEU B 81 35.13 19.98 -25.02
N GLN B 82 34.79 19.49 -26.20
CA GLN B 82 35.79 19.03 -27.15
C GLN B 82 35.92 20.04 -28.28
N MET B 83 37.13 20.58 -28.46
CA MET B 83 37.36 21.57 -29.49
C MET B 83 38.27 21.08 -30.60
N ASN B 84 37.81 21.23 -31.84
CA ASN B 84 38.54 20.81 -33.03
C ASN B 84 38.57 21.96 -34.01
N SER B 85 39.55 21.94 -34.91
CA SER B 85 39.73 22.99 -35.92
C SER B 85 39.70 24.37 -35.28
N LEU B 86 40.58 24.60 -34.32
CA LEU B 86 40.64 25.87 -33.61
C LEU B 86 41.07 27.03 -34.49
N ARG B 87 40.58 28.22 -34.16
CA ARG B 87 40.85 29.44 -34.90
C ARG B 87 41.30 30.56 -34.00
N ALA B 88 41.83 31.63 -34.59
CA ALA B 88 42.31 32.79 -33.84
C ALA B 88 41.17 33.44 -33.06
N GLU B 89 39.98 33.52 -33.68
CA GLU B 89 38.79 34.08 -33.05
C GLU B 89 38.36 33.27 -31.83
N ASP B 90 38.54 31.96 -31.90
CA ASP B 90 38.19 31.03 -30.82
C ASP B 90 38.91 31.30 -29.51
N THR B 91 40.16 31.80 -29.56
CA THR B 91 40.89 32.04 -28.33
C THR B 91 40.10 33.03 -27.46
N ALA B 92 39.84 32.59 -26.23
CA ALA B 92 39.07 33.33 -25.22
C ALA B 92 39.19 32.60 -23.89
N VAL B 93 38.66 33.20 -22.83
CA VAL B 93 38.65 32.53 -21.55
C VAL B 93 37.37 31.70 -21.56
N TYR B 94 37.46 30.42 -21.26
CA TYR B 94 36.27 29.57 -21.28
C TYR B 94 35.70 29.34 -19.90
N TYR B 95 34.43 29.64 -19.77
CA TYR B 95 33.73 29.53 -18.50
C TYR B 95 32.70 28.42 -18.52
N CYS B 96 32.69 27.65 -17.45
CA CYS B 96 31.75 26.58 -17.27
C CYS B 96 30.68 27.12 -16.35
N ALA B 97 29.41 27.07 -16.77
CA ALA B 97 28.39 27.65 -15.91
C ALA B 97 27.24 26.68 -15.73
N ARG B 98 26.51 26.86 -14.63
CA ARG B 98 25.35 26.05 -14.32
C ARG B 98 24.10 26.90 -14.51
N GLU B 99 23.13 26.37 -15.23
CA GLU B 99 21.91 27.12 -15.51
C GLU B 99 20.91 26.92 -14.40
N ALA B 100 20.38 28.01 -13.88
CA ALA B 100 19.43 27.95 -12.77
C ALA B 100 18.14 27.23 -13.12
N TYR B 101 17.64 26.48 -12.15
CA TYR B 101 16.39 25.78 -12.32
C TYR B 101 15.30 26.82 -12.42
N GLN B 102 14.38 26.63 -13.38
CA GLN B 102 13.22 27.50 -13.68
C GLN B 102 13.54 28.86 -14.35
N ASP B 103 14.40 29.65 -13.71
CA ASP B 103 14.85 30.94 -14.22
C ASP B 103 15.75 30.91 -15.46
N TRP B 104 16.62 29.91 -15.51
CA TRP B 104 17.60 29.63 -16.58
C TRP B 104 18.82 30.52 -16.66
N ASN B 105 19.08 31.32 -15.63
CA ASN B 105 20.26 32.17 -15.65
C ASN B 105 21.43 31.37 -15.08
N TYR B 106 22.63 31.90 -15.20
CA TYR B 106 23.81 31.22 -14.68
C TYR B 106 24.06 31.57 -13.22
N ASP B 107 23.48 30.78 -12.34
CA ASP B 107 23.64 30.97 -10.90
C ASP B 107 25.07 30.76 -10.44
N TYR B 108 25.74 29.76 -11.00
CA TYR B 108 27.12 29.46 -10.62
C TYR B 108 28.08 29.41 -11.79
N TRP B 109 29.27 29.97 -11.60
CA TRP B 109 30.29 30.00 -12.63
C TRP B 109 31.60 29.43 -12.13
N GLY B 110 32.32 28.77 -13.03
CA GLY B 110 33.64 28.23 -12.73
C GLY B 110 34.66 29.35 -12.85
N GLN B 111 35.86 29.17 -12.31
CA GLN B 111 36.88 30.20 -12.42
C GLN B 111 37.27 30.47 -13.88
N GLY B 112 37.33 29.42 -14.69
CA GLY B 112 37.63 29.53 -16.10
C GLY B 112 39.09 29.27 -16.42
N THR B 113 39.32 28.86 -17.66
CA THR B 113 40.66 28.57 -18.14
C THR B 113 40.91 29.34 -19.41
N LEU B 114 42.06 29.98 -19.50
CA LEU B 114 42.42 30.73 -20.70
C LEU B 114 42.93 29.79 -21.76
N VAL B 115 42.41 29.93 -22.96
CA VAL B 115 42.81 29.09 -24.08
C VAL B 115 43.23 29.98 -25.23
N THR B 116 44.45 29.82 -25.71
CA THR B 116 45.04 30.68 -26.72
C THR B 116 45.27 29.89 -27.99
N VAL B 117 44.85 30.45 -29.12
CA VAL B 117 45.17 29.92 -30.43
C VAL B 117 46.14 30.89 -31.09
N SER B 118 47.39 30.47 -31.24
CA SER B 118 48.45 31.31 -31.77
C SER B 118 49.08 30.66 -32.99
N SER B 119 49.48 31.50 -33.95
CA SER B 119 50.19 30.99 -35.12
C SER B 119 51.57 30.48 -34.73
N ALA B 120 52.24 31.18 -33.82
CA ALA B 120 53.55 30.75 -33.34
C ALA B 120 53.41 29.48 -32.50
N ASP C 1 18.55 34.81 -34.37
CA ASP C 1 18.46 34.83 -32.91
C ASP C 1 17.98 36.17 -32.39
N ILE C 2 17.99 36.32 -31.07
CA ILE C 2 17.55 37.58 -30.46
C ILE C 2 18.75 38.46 -30.22
N GLN C 3 18.60 39.75 -30.47
CA GLN C 3 19.65 40.74 -30.25
C GLN C 3 19.33 41.49 -28.97
N MET C 4 20.36 41.72 -28.16
CA MET C 4 20.22 42.47 -26.91
C MET C 4 21.00 43.76 -27.04
N THR C 5 20.34 44.88 -26.78
CA THR C 5 20.93 46.20 -26.91
C THR C 5 20.91 46.90 -25.55
N GLN C 6 22.09 47.31 -25.09
CA GLN C 6 22.26 47.88 -23.76
C GLN C 6 22.70 49.33 -23.87
N SER C 7 22.10 50.18 -23.06
CA SER C 7 22.40 51.61 -23.08
C SER C 7 22.45 52.20 -21.69
N PRO C 8 23.38 53.15 -21.47
CA PRO C 8 24.46 53.59 -22.34
C PRO C 8 25.64 52.64 -22.33
N SER C 9 26.49 52.71 -23.36
CA SER C 9 27.67 51.84 -23.41
C SER C 9 28.61 52.11 -22.25
N SER C 10 28.70 53.36 -21.81
CA SER C 10 29.56 53.73 -20.70
C SER C 10 28.87 54.78 -19.84
N LEU C 11 29.16 54.76 -18.55
CA LEU C 11 28.53 55.69 -17.63
C LEU C 11 29.50 55.98 -16.50
N SER C 12 29.49 57.22 -16.03
CA SER C 12 30.32 57.65 -14.92
C SER C 12 29.46 58.39 -13.91
N ALA C 13 29.62 58.06 -12.63
CA ALA C 13 28.83 58.68 -11.59
C ALA C 13 29.67 58.71 -10.30
N SER C 14 29.06 59.20 -9.23
CA SER C 14 29.73 59.34 -7.95
C SER C 14 28.99 58.55 -6.89
N VAL C 15 29.67 58.29 -5.78
CA VAL C 15 29.06 57.57 -4.67
C VAL C 15 27.81 58.30 -4.22
N GLY C 16 26.73 57.54 -4.03
CA GLY C 16 25.44 58.09 -3.69
C GLY C 16 24.54 58.39 -4.85
N ASP C 17 25.07 58.43 -6.07
CA ASP C 17 24.27 58.73 -7.25
C ASP C 17 23.35 57.56 -7.60
N ARG C 18 22.32 57.89 -8.36
CA ARG C 18 21.37 56.91 -8.88
C ARG C 18 21.71 56.61 -10.32
N VAL C 19 21.91 55.33 -10.64
CA VAL C 19 22.34 54.91 -11.96
C VAL C 19 21.27 54.01 -12.56
N THR C 20 20.95 54.21 -13.83
CA THR C 20 19.96 53.41 -14.52
C THR C 20 20.52 52.87 -15.83
N VAL C 21 20.38 51.57 -16.04
CA VAL C 21 20.85 50.92 -17.26
C VAL C 21 19.66 50.32 -17.99
N THR C 22 19.60 50.55 -19.29
CA THR C 22 18.50 50.07 -20.10
C THR C 22 18.90 48.97 -21.08
N CYS C 23 18.13 47.89 -21.10
CA CYS C 23 18.37 46.77 -22.00
C CYS C 23 17.15 46.58 -22.88
N ARG C 24 17.37 46.40 -24.17
CA ARG C 24 16.27 46.21 -25.11
C ARG C 24 16.41 44.89 -25.86
N ALA C 25 15.29 44.24 -26.11
CA ALA C 25 15.28 42.95 -26.80
C ALA C 25 14.58 43.01 -28.16
N SER C 26 15.20 42.41 -29.17
CA SER C 26 14.64 42.38 -30.51
C SER C 26 13.33 41.61 -30.56
N GLU C 27 13.26 40.53 -29.79
CA GLU C 27 12.06 39.70 -29.73
C GLU C 27 11.61 39.57 -28.30
N PHE C 28 10.35 39.19 -28.13
CA PHE C 28 9.76 38.98 -26.82
C PHE C 28 10.44 37.83 -26.06
N ILE C 29 11.07 38.16 -24.94
CA ILE C 29 11.75 37.18 -24.12
C ILE C 29 11.12 37.03 -22.76
N SER C 30 9.88 37.49 -22.63
CA SER C 30 9.13 37.41 -21.37
C SER C 30 9.89 38.02 -20.20
N ARG C 31 9.97 37.29 -19.10
CA ARG C 31 10.67 37.76 -17.91
C ARG C 31 12.08 37.20 -17.79
N TYR C 32 12.52 36.40 -18.74
CA TYR C 32 13.83 35.78 -18.66
C TYR C 32 14.99 36.67 -19.07
N LEU C 33 15.36 37.56 -18.17
CA LEU C 33 16.42 38.52 -18.41
C LEU C 33 17.25 38.59 -17.14
N ASN C 34 18.56 38.57 -17.28
CA ASN C 34 19.41 38.59 -16.11
C ASN C 34 20.41 39.72 -16.21
N TRP C 35 20.84 40.20 -15.05
CA TRP C 35 21.83 41.26 -14.99
C TRP C 35 23.03 40.68 -14.30
N TYR C 36 24.20 40.83 -14.92
CA TYR C 36 25.43 40.32 -14.36
C TYR C 36 26.42 41.44 -14.14
N GLN C 37 27.08 41.42 -12.99
CA GLN C 37 28.08 42.40 -12.66
C GLN C 37 29.41 41.70 -12.78
N GLN C 38 30.35 42.29 -13.50
CA GLN C 38 31.64 41.66 -13.65
C GLN C 38 32.82 42.59 -13.37
N LYS C 39 33.79 42.07 -12.64
CA LYS C 39 35.00 42.80 -12.32
C LYS C 39 36.18 42.12 -12.98
N PRO C 40 37.25 42.85 -13.27
CA PRO C 40 38.37 42.26 -14.01
C PRO C 40 38.92 41.02 -13.32
N GLY C 41 39.21 40.00 -14.13
CA GLY C 41 39.80 38.78 -13.63
C GLY C 41 38.84 37.86 -12.91
N LYS C 42 37.54 38.09 -12.99
CA LYS C 42 36.56 37.25 -12.32
C LYS C 42 35.43 36.94 -13.29
N ALA C 43 34.65 35.91 -12.95
CA ALA C 43 33.51 35.55 -13.76
C ALA C 43 32.37 36.53 -13.51
N PRO C 44 31.45 36.63 -14.46
CA PRO C 44 30.25 37.45 -14.22
C PRO C 44 29.46 36.90 -13.06
N LYS C 45 28.93 37.80 -12.24
CA LYS C 45 28.16 37.43 -11.07
C LYS C 45 26.74 37.95 -11.24
N VAL C 46 25.76 37.08 -11.04
CA VAL C 46 24.37 37.47 -11.28
C VAL C 46 23.89 38.35 -10.14
N LEU C 47 23.28 39.46 -10.51
CA LEU C 47 22.72 40.40 -9.55
C LEU C 47 21.22 40.20 -9.52
N ILE C 48 20.59 40.44 -10.67
CA ILE C 48 19.16 40.30 -10.80
C ILE C 48 18.79 39.32 -11.89
N TYR C 49 17.87 38.42 -11.60
CA TYR C 49 17.42 37.45 -12.59
C TYR C 49 15.91 37.48 -12.72
N ALA C 50 15.42 36.98 -13.84
CA ALA C 50 14.00 36.90 -14.14
C ALA C 50 13.30 38.24 -14.01
N ALA C 51 13.82 39.24 -14.72
CA ALA C 51 13.32 40.61 -14.71
C ALA C 51 13.49 41.27 -13.35
N SER C 52 12.44 41.38 -12.55
CA SER C 52 12.50 41.98 -11.22
C SER C 52 13.30 41.32 -10.05
N SER C 53 13.29 40.00 -9.93
CA SER C 53 13.90 39.32 -8.77
C SER C 53 15.41 39.43 -8.45
N LEU C 54 15.71 39.74 -7.20
CA LEU C 54 17.08 39.93 -6.73
C LEU C 54 17.76 38.67 -6.18
N GLN C 55 19.03 38.47 -6.56
CA GLN C 55 19.76 37.30 -6.10
C GLN C 55 20.03 37.40 -4.61
N SER C 56 19.99 36.25 -3.94
CA SER C 56 20.24 36.22 -2.51
C SER C 56 21.68 36.59 -2.21
N GLY C 57 21.88 37.33 -1.12
CA GLY C 57 23.20 37.81 -0.78
C GLY C 57 23.66 39.00 -1.58
N VAL C 58 22.76 39.71 -2.23
CA VAL C 58 23.10 40.87 -3.05
C VAL C 58 22.43 42.06 -2.40
N PRO C 59 23.06 43.23 -2.36
CA PRO C 59 22.50 44.36 -1.62
C PRO C 59 21.18 44.84 -2.23
N SER C 60 20.33 45.40 -1.36
CA SER C 60 19.00 45.80 -1.78
C SER C 60 19.01 47.02 -2.67
N ARG C 61 20.16 47.68 -2.84
CA ARG C 61 20.20 48.88 -3.67
C ARG C 61 20.05 48.52 -5.14
N PHE C 62 20.39 47.31 -5.52
CA PHE C 62 20.21 46.87 -6.89
C PHE C 62 18.76 46.48 -7.13
N SER C 63 18.17 47.02 -8.18
CA SER C 63 16.79 46.75 -8.52
C SER C 63 16.67 46.56 -10.02
N GLY C 64 15.62 45.84 -10.43
CA GLY C 64 15.38 45.57 -11.83
C GLY C 64 13.90 45.61 -12.13
N SER C 65 13.54 46.05 -13.33
CA SER C 65 12.15 46.15 -13.73
C SER C 65 11.98 45.95 -15.23
N GLY C 66 10.74 45.73 -15.65
CA GLY C 66 10.44 45.53 -17.06
C GLY C 66 10.11 44.11 -17.47
N SER C 67 9.47 44.00 -18.62
CA SER C 67 9.05 42.72 -19.18
C SER C 67 8.89 42.86 -20.69
N GLY C 68 8.66 41.75 -21.37
CA GLY C 68 8.54 41.81 -22.81
C GLY C 68 9.86 42.21 -23.43
N THR C 69 9.88 43.28 -24.22
CA THR C 69 11.13 43.70 -24.84
C THR C 69 11.97 44.79 -24.14
N ASP C 70 11.43 45.42 -23.10
CA ASP C 70 12.19 46.49 -22.43
C ASP C 70 12.45 46.28 -20.95
N PHE C 71 13.72 46.36 -20.54
CA PHE C 71 14.12 46.16 -19.15
C PHE C 71 15.08 47.24 -18.68
N THR C 72 15.08 47.50 -17.37
CA THR C 72 15.97 48.52 -16.81
C THR C 72 16.61 48.10 -15.49
N LEU C 73 17.91 48.34 -15.38
CA LEU C 73 18.64 48.05 -14.16
C LEU C 73 18.88 49.34 -13.40
N THR C 74 18.47 49.37 -12.13
CA THR C 74 18.55 50.58 -11.33
C THR C 74 19.44 50.36 -10.12
N ILE C 75 20.38 51.27 -9.91
CA ILE C 75 21.23 51.27 -8.73
C ILE C 75 20.98 52.57 -7.96
N SER C 76 20.58 52.44 -6.71
CA SER C 76 20.38 53.58 -5.83
C SER C 76 21.48 53.59 -4.78
N SER C 77 21.90 54.78 -4.37
CA SER C 77 22.96 54.94 -3.38
C SER C 77 24.21 54.16 -3.80
N LEU C 78 24.83 54.64 -4.87
CA LEU C 78 25.98 53.98 -5.47
C LEU C 78 27.12 53.87 -4.45
N GLN C 79 27.91 52.81 -4.59
CA GLN C 79 28.99 52.49 -3.68
C GLN C 79 30.27 52.26 -4.47
N PRO C 80 31.43 52.40 -3.80
CA PRO C 80 32.70 52.13 -4.51
C PRO C 80 32.81 50.71 -5.03
N GLU C 81 32.22 49.74 -4.34
CA GLU C 81 32.23 48.36 -4.83
C GLU C 81 31.42 48.19 -6.10
N ASP C 82 30.52 49.13 -6.40
CA ASP C 82 29.57 48.91 -7.48
C ASP C 82 30.20 49.13 -8.84
N PHE C 83 31.34 49.81 -8.89
CA PHE C 83 31.92 50.13 -10.18
C PHE C 83 32.48 48.88 -10.83
N ALA C 84 31.94 48.55 -11.99
CA ALA C 84 32.22 47.30 -12.69
C ALA C 84 31.59 47.40 -14.07
N THR C 85 31.66 46.30 -14.81
CA THR C 85 30.95 46.18 -16.08
C THR C 85 29.67 45.39 -15.85
N TYR C 86 28.57 45.87 -16.41
CA TYR C 86 27.26 45.26 -16.23
C TYR C 86 26.75 44.72 -17.55
N TYR C 87 26.23 43.50 -17.53
CA TYR C 87 25.71 42.84 -18.71
C TYR C 87 24.27 42.44 -18.47
N CYS C 88 23.42 42.59 -19.49
CA CYS C 88 22.09 42.01 -19.48
C CYS C 88 22.07 40.80 -20.39
N GLN C 89 21.62 39.67 -19.88
CA GLN C 89 21.57 38.46 -20.70
C GLN C 89 20.15 37.92 -20.75
N GLN C 90 19.79 37.35 -21.90
CA GLN C 90 18.47 36.77 -22.05
C GLN C 90 18.61 35.25 -22.05
N SER C 91 17.90 34.60 -21.15
CA SER C 91 17.92 33.16 -21.04
C SER C 91 16.67 32.54 -21.63
N TYR C 92 15.90 33.36 -22.34
CA TYR C 92 14.66 32.90 -22.95
C TYR C 92 14.83 31.81 -24.01
N SER C 93 15.83 31.97 -24.86
CA SER C 93 16.06 31.02 -25.93
C SER C 93 17.53 30.86 -26.26
N THR C 94 17.85 29.75 -26.92
CA THR C 94 19.20 29.50 -27.38
C THR C 94 19.33 29.96 -28.83
N PRO C 95 20.47 30.55 -29.18
CA PRO C 95 21.64 30.84 -28.35
C PRO C 95 21.41 31.96 -27.34
N TYR C 96 21.83 31.74 -26.10
CA TYR C 96 21.67 32.77 -25.09
C TYR C 96 22.52 33.95 -25.51
N THR C 97 22.00 35.14 -25.39
CA THR C 97 22.74 36.32 -25.80
C THR C 97 22.93 37.32 -24.67
N PHE C 98 24.06 38.01 -24.73
CA PHE C 98 24.42 39.00 -23.74
C PHE C 98 24.44 40.36 -24.37
N GLY C 99 24.25 41.38 -23.54
CA GLY C 99 24.30 42.77 -23.97
C GLY C 99 25.75 43.20 -24.16
N GLN C 100 25.97 44.31 -24.85
CA GLN C 100 27.34 44.77 -25.09
C GLN C 100 28.07 45.07 -23.78
N GLY C 101 27.37 45.66 -22.82
CA GLY C 101 27.97 45.95 -21.54
C GLY C 101 28.07 47.43 -21.21
N THR C 102 27.88 47.74 -19.94
CA THR C 102 27.97 49.12 -19.47
C THR C 102 29.05 49.18 -18.40
N LYS C 103 30.02 50.06 -18.60
CA LYS C 103 31.14 50.22 -17.68
C LYS C 103 30.87 51.43 -16.81
N LEU C 104 31.09 51.28 -15.51
CA LEU C 104 30.92 52.37 -14.55
C LEU C 104 32.27 52.91 -14.11
N GLU C 105 32.34 54.21 -13.91
CA GLU C 105 33.60 54.90 -13.63
C GLU C 105 33.50 55.67 -12.33
N ILE C 106 34.62 55.74 -11.61
CA ILE C 106 34.71 56.59 -10.44
C ILE C 106 34.60 58.05 -10.86
N LYS C 107 33.95 58.85 -10.03
CA LYS C 107 34.07 60.30 -10.13
C LYS C 107 34.51 60.87 -8.79
N ASP D 17 -73.95 26.33 -24.32
CA ASP D 17 -75.27 25.73 -24.27
C ASP D 17 -76.34 26.65 -24.84
N GLY D 18 -76.66 27.73 -24.15
CA GLY D 18 -77.77 28.56 -24.57
C GLY D 18 -77.54 30.02 -24.26
N VAL D 19 -78.37 30.86 -24.88
CA VAL D 19 -78.25 32.31 -24.69
C VAL D 19 -78.67 32.69 -23.28
N GLY D 20 -79.73 32.08 -22.76
CA GLY D 20 -80.29 32.49 -21.50
C GLY D 20 -79.84 31.72 -20.30
N SER D 21 -78.82 30.88 -20.43
CA SER D 21 -78.28 30.12 -19.33
C SER D 21 -76.88 30.57 -19.04
N SER D 22 -76.48 30.51 -17.77
CA SER D 22 -75.15 30.91 -17.36
C SER D 22 -74.20 29.74 -17.48
N SER D 23 -73.00 30.00 -17.99
CA SER D 23 -72.02 28.95 -18.22
C SER D 23 -70.99 28.82 -17.12
N GLY D 24 -71.10 29.59 -16.05
CA GLY D 24 -70.21 29.41 -14.93
C GLY D 24 -70.66 30.26 -13.77
N ASN D 25 -70.03 30.04 -12.63
CA ASN D 25 -70.35 30.76 -11.41
C ASN D 25 -69.13 31.52 -10.92
N TRP D 26 -69.33 32.29 -9.86
CA TRP D 26 -68.27 33.14 -9.33
C TRP D 26 -67.60 32.41 -8.17
N HIS D 27 -66.32 32.10 -8.32
CA HIS D 27 -65.57 31.45 -7.26
C HIS D 27 -64.41 32.33 -6.85
N CYS D 28 -64.49 32.91 -5.66
CA CYS D 28 -63.35 33.56 -5.02
C CYS D 28 -63.32 33.13 -3.57
N ASP D 29 -62.24 32.48 -3.15
CA ASP D 29 -61.91 32.29 -1.75
C ASP D 29 -60.63 31.50 -1.62
N SER D 30 -60.19 31.32 -0.39
CA SER D 30 -59.07 30.44 -0.08
C SER D 30 -59.53 29.33 0.83
N GLN D 31 -58.99 28.14 0.63
CA GLN D 31 -59.27 27.00 1.48
C GLN D 31 -57.95 26.52 2.08
N TRP D 32 -57.82 26.65 3.38
CA TRP D 32 -56.63 26.21 4.09
C TRP D 32 -56.89 24.82 4.64
N LEU D 33 -56.22 23.83 4.07
CA LEU D 33 -56.40 22.44 4.47
C LEU D 33 -55.04 21.82 4.72
N GLY D 34 -54.73 21.57 5.99
CA GLY D 34 -53.47 20.94 6.31
C GLY D 34 -52.27 21.68 5.75
N ASP D 35 -51.50 20.98 4.93
CA ASP D 35 -50.33 21.53 4.28
C ASP D 35 -50.61 22.12 2.92
N ARG D 36 -51.88 22.25 2.57
CA ARG D 36 -52.26 22.81 1.29
C ARG D 36 -53.17 23.99 1.47
N VAL D 37 -53.02 24.97 0.58
CA VAL D 37 -53.91 26.11 0.58
C VAL D 37 -54.37 26.22 -0.87
N ILE D 38 -55.67 26.39 -1.08
CA ILE D 38 -56.17 26.52 -2.44
C ILE D 38 -56.81 27.88 -2.61
N THR D 39 -56.29 28.65 -3.54
CA THR D 39 -56.81 29.98 -3.81
C THR D 39 -57.61 29.94 -5.10
N THR D 40 -58.68 30.72 -5.15
CA THR D 40 -59.49 30.82 -6.35
C THR D 40 -59.85 32.29 -6.54
N SER D 41 -59.64 32.80 -7.74
CA SER D 41 -59.93 34.19 -8.06
C SER D 41 -60.86 34.22 -9.25
N THR D 42 -61.86 35.09 -9.22
CA THR D 42 -62.70 35.34 -10.38
C THR D 42 -62.67 36.83 -10.66
N ARG D 43 -62.57 37.19 -11.93
CA ARG D 43 -62.55 38.58 -12.34
C ARG D 43 -63.44 38.74 -13.57
N THR D 44 -63.81 39.98 -13.85
CA THR D 44 -64.52 40.33 -15.07
C THR D 44 -63.57 41.06 -16.00
N TRP D 45 -63.54 40.66 -17.26
CA TRP D 45 -62.62 41.20 -18.24
C TRP D 45 -63.37 41.81 -19.41
N ALA D 46 -62.66 42.66 -20.14
CA ALA D 46 -63.13 43.26 -21.37
C ALA D 46 -62.04 43.12 -22.41
N LEU D 47 -62.39 42.63 -23.59
CA LEU D 47 -61.44 42.42 -24.67
C LEU D 47 -61.80 43.28 -25.86
N PRO D 48 -60.96 44.20 -26.28
CA PRO D 48 -61.22 44.96 -27.50
C PRO D 48 -60.70 44.23 -28.73
N THR D 49 -60.92 44.85 -29.88
CA THR D 49 -60.21 44.48 -31.10
C THR D 49 -58.90 45.23 -31.16
N TYR D 50 -57.81 44.51 -31.35
CA TYR D 50 -56.50 45.11 -31.46
C TYR D 50 -56.03 45.13 -32.90
N ASN D 51 -55.43 46.25 -33.29
CA ASN D 51 -54.78 46.43 -34.60
C ASN D 51 -55.73 46.29 -35.77
N ASN D 52 -57.03 46.46 -35.56
CA ASN D 52 -58.02 46.24 -36.61
C ASN D 52 -57.85 44.88 -37.25
N HIS D 53 -57.69 43.86 -36.41
CA HIS D 53 -57.57 42.47 -36.82
C HIS D 53 -56.30 42.19 -37.61
N LEU D 54 -55.27 43.02 -37.46
CA LEU D 54 -54.08 42.89 -38.29
C LEU D 54 -52.87 42.51 -37.46
N TYR D 55 -51.99 41.74 -38.08
CA TYR D 55 -50.61 41.64 -37.62
C TYR D 55 -49.82 42.79 -38.18
N LYS D 56 -48.96 43.38 -37.36
CA LYS D 56 -48.16 44.50 -37.83
C LYS D 56 -46.72 44.45 -37.37
N GLN D 57 -45.80 44.69 -38.29
CA GLN D 57 -44.39 44.71 -37.96
C GLN D 57 -44.08 45.98 -37.19
N ILE D 58 -43.30 45.86 -36.12
CA ILE D 58 -42.92 46.99 -35.30
C ILE D 58 -41.43 47.01 -35.02
N SER D 59 -40.88 48.20 -34.87
CA SER D 59 -39.46 48.37 -34.57
C SER D 59 -39.25 49.71 -33.89
N ASN D 60 -38.12 49.89 -33.24
CA ASN D 60 -37.86 51.15 -32.55
C ASN D 60 -37.83 52.28 -33.57
N SER D 61 -38.44 53.40 -33.21
CA SER D 61 -38.51 54.56 -34.10
C SER D 61 -37.38 55.55 -33.92
N THR D 62 -36.57 55.36 -32.89
CA THR D 62 -35.45 56.25 -32.59
C THR D 62 -34.19 56.05 -33.43
N SER D 63 -33.34 57.07 -33.42
CA SER D 63 -32.07 57.05 -34.14
C SER D 63 -30.98 57.60 -33.25
N GLY D 64 -29.72 57.33 -33.59
CA GLY D 64 -28.60 57.79 -32.81
C GLY D 64 -28.02 56.74 -31.90
N GLY D 65 -26.99 57.13 -31.15
CA GLY D 65 -26.29 56.24 -30.24
C GLY D 65 -27.16 55.71 -29.14
N SER D 66 -28.07 56.56 -28.66
CA SER D 66 -29.00 56.19 -27.60
C SER D 66 -29.94 55.06 -28.01
N SER D 67 -30.34 55.05 -29.27
CA SER D 67 -31.21 54.02 -29.79
C SER D 67 -30.60 52.61 -29.71
N ASN D 68 -29.29 52.52 -29.94
CA ASN D 68 -28.53 51.25 -29.92
C ASN D 68 -28.95 50.21 -28.88
N ASP D 69 -28.92 50.59 -27.61
CA ASP D 69 -29.34 49.69 -26.55
C ASP D 69 -30.83 49.43 -26.58
N ASN D 70 -31.61 50.35 -27.14
CA ASN D 70 -33.06 50.25 -27.15
C ASN D 70 -33.63 49.69 -28.44
N ALA D 71 -32.78 49.28 -29.38
CA ALA D 71 -33.26 48.82 -30.67
C ALA D 71 -34.05 47.52 -30.56
N TYR D 72 -35.08 47.39 -31.39
CA TYR D 72 -35.85 46.15 -31.41
C TYR D 72 -36.55 45.99 -32.74
N PHE D 73 -36.98 44.76 -33.00
CA PHE D 73 -37.77 44.38 -34.15
C PHE D 73 -38.75 43.30 -33.72
N GLY D 74 -39.99 43.41 -34.15
CA GLY D 74 -40.97 42.42 -33.77
C GLY D 74 -42.31 42.65 -34.42
N TYR D 75 -43.34 42.07 -33.83
CA TYR D 75 -44.69 42.08 -34.38
C TYR D 75 -45.70 42.27 -33.25
N SER D 76 -46.72 43.07 -33.50
CA SER D 76 -47.90 43.10 -32.66
C SER D 76 -49.02 42.33 -33.34
N THR D 77 -49.84 41.66 -32.54
CA THR D 77 -50.84 40.75 -33.03
C THR D 77 -52.23 41.27 -32.66
N PRO D 78 -53.27 40.82 -33.35
CA PRO D 78 -54.63 41.15 -32.92
C PRO D 78 -55.05 40.47 -31.64
N TRP D 79 -54.29 39.50 -31.15
CA TRP D 79 -54.68 38.70 -30.00
C TRP D 79 -54.40 39.40 -28.68
N GLY D 80 -55.19 39.04 -27.67
CA GLY D 80 -54.89 39.36 -26.29
C GLY D 80 -54.47 38.10 -25.53
N TYR D 81 -54.09 38.30 -24.27
CA TYR D 81 -53.68 37.18 -23.44
C TYR D 81 -54.03 37.43 -21.98
N PHE D 82 -54.18 36.34 -21.23
CA PHE D 82 -54.47 36.39 -19.81
C PHE D 82 -53.21 36.19 -18.99
N ASP D 83 -53.03 37.04 -17.98
CA ASP D 83 -51.84 37.01 -17.13
C ASP D 83 -52.29 37.03 -15.67
N PHE D 84 -52.11 35.92 -14.97
CA PHE D 84 -52.32 35.82 -13.53
C PHE D 84 -51.02 35.75 -12.72
N ASN D 85 -49.89 36.15 -13.29
CA ASN D 85 -48.56 35.85 -12.77
C ASN D 85 -48.12 36.77 -11.62
N ARG D 86 -48.98 37.56 -11.01
CA ARG D 86 -48.62 38.25 -9.77
C ARG D 86 -49.31 37.58 -8.58
N PHE D 87 -48.67 37.65 -7.41
CA PHE D 87 -49.26 36.99 -6.25
C PHE D 87 -50.55 37.64 -5.78
N HIS D 88 -50.68 38.95 -5.84
CA HIS D 88 -51.94 39.53 -5.40
C HIS D 88 -53.10 39.16 -6.30
N CYS D 89 -52.85 38.51 -7.42
CA CYS D 89 -53.94 37.91 -8.17
C CYS D 89 -54.61 36.81 -7.37
N HIS D 90 -53.82 36.01 -6.67
CA HIS D 90 -54.30 34.81 -6.02
C HIS D 90 -54.50 34.93 -4.52
N PHE D 91 -53.94 35.94 -3.86
CA PHE D 91 -53.97 36.02 -2.41
C PHE D 91 -54.55 37.36 -1.99
N SER D 92 -55.41 37.34 -0.99
CA SER D 92 -55.79 38.57 -0.33
C SER D 92 -54.68 38.96 0.64
N PRO D 93 -54.65 40.20 1.08
CA PRO D 93 -53.67 40.59 2.09
C PRO D 93 -53.74 39.77 3.36
N ARG D 94 -54.94 39.37 3.78
CA ARG D 94 -55.06 38.54 4.97
C ARG D 94 -54.55 37.13 4.70
N ASP D 95 -54.79 36.60 3.51
CA ASP D 95 -54.27 35.29 3.16
C ASP D 95 -52.75 35.31 3.05
N TRP D 96 -52.19 36.39 2.52
CA TRP D 96 -50.75 36.50 2.42
C TRP D 96 -50.13 36.56 3.81
N GLN D 97 -50.77 37.29 4.73
CA GLN D 97 -50.33 37.29 6.12
C GLN D 97 -50.39 35.90 6.71
N ARG D 98 -51.55 35.26 6.56
CA ARG D 98 -51.74 33.92 7.06
C ARG D 98 -50.69 32.97 6.53
N LEU D 99 -50.20 33.23 5.32
CA LEU D 99 -49.14 32.41 4.73
C LEU D 99 -47.79 32.69 5.36
N ILE D 100 -47.39 33.96 5.42
CA ILE D 100 -46.01 34.29 5.71
C ILE D 100 -45.71 34.25 7.20
N ASN D 101 -46.71 34.35 8.05
CA ASN D 101 -46.45 34.26 9.47
C ASN D 101 -46.32 32.83 9.93
N ASN D 102 -46.98 31.89 9.28
CA ASN D 102 -47.06 30.53 9.78
C ASN D 102 -46.22 29.51 9.06
N ASN D 103 -45.54 29.86 7.99
CA ASN D 103 -44.95 28.84 7.13
C ASN D 103 -43.51 29.17 6.80
N TRP D 104 -42.69 28.14 6.70
CA TRP D 104 -41.31 28.28 6.27
C TRP D 104 -41.14 28.25 4.76
N GLY D 105 -42.13 27.79 4.02
CA GLY D 105 -41.99 27.71 2.58
C GLY D 105 -43.29 27.31 1.93
N PHE D 106 -43.36 27.57 0.62
CA PHE D 106 -44.55 27.26 -0.16
C PHE D 106 -44.13 27.12 -1.61
N ARG D 107 -45.05 26.62 -2.43
CA ARG D 107 -44.80 26.44 -3.85
C ARG D 107 -46.07 25.99 -4.55
N PRO D 108 -46.24 26.33 -5.82
CA PRO D 108 -47.46 25.95 -6.53
C PRO D 108 -47.45 24.49 -6.96
N LYS D 109 -48.65 23.92 -7.03
CA LYS D 109 -48.83 22.52 -7.37
C LYS D 109 -49.70 22.33 -8.61
N ARG D 110 -50.96 22.74 -8.55
CA ARG D 110 -51.90 22.56 -9.64
C ARG D 110 -52.48 23.91 -10.03
N LEU D 111 -52.98 23.97 -11.24
CA LEU D 111 -53.57 25.16 -11.81
C LEU D 111 -54.85 24.77 -12.53
N ASN D 112 -55.89 25.57 -12.37
CA ASN D 112 -57.15 25.32 -13.04
C ASN D 112 -57.69 26.65 -13.53
N PHE D 113 -58.02 26.72 -14.80
CA PHE D 113 -58.39 27.97 -15.45
C PHE D 113 -59.74 27.81 -16.13
N LYS D 114 -60.61 28.81 -15.98
CA LYS D 114 -61.91 28.79 -16.64
C LYS D 114 -62.18 30.13 -17.29
N LEU D 115 -62.92 30.06 -18.39
CA LEU D 115 -63.35 31.22 -19.13
C LEU D 115 -64.81 31.02 -19.51
N PHE D 116 -65.69 31.92 -19.07
CA PHE D 116 -67.12 31.65 -19.18
C PHE D 116 -67.91 32.94 -19.18
N ASN D 117 -69.22 32.79 -19.37
CA ASN D 117 -70.18 33.90 -19.45
C ASN D 117 -69.75 34.93 -20.49
N ILE D 118 -69.42 34.44 -21.68
CA ILE D 118 -68.95 35.28 -22.76
C ILE D 118 -70.02 36.13 -23.40
N GLN D 119 -69.73 37.42 -23.54
CA GLN D 119 -70.66 38.34 -24.18
C GLN D 119 -69.94 39.10 -25.27
N VAL D 120 -70.52 39.12 -26.46
CA VAL D 120 -69.93 39.87 -27.55
C VAL D 120 -70.85 41.05 -27.80
N LYS D 121 -70.27 42.24 -27.83
CA LYS D 121 -71.02 43.47 -28.03
C LYS D 121 -70.59 44.11 -29.34
N GLU D 122 -71.55 44.65 -30.06
CA GLU D 122 -71.28 45.43 -31.27
C GLU D 122 -71.58 46.89 -31.00
N VAL D 123 -70.77 47.76 -31.58
CA VAL D 123 -70.87 49.19 -31.34
C VAL D 123 -71.13 49.89 -32.66
N THR D 124 -72.30 50.51 -32.77
CA THR D 124 -72.64 51.24 -33.97
C THR D 124 -72.61 52.70 -33.59
N ASP D 125 -71.70 53.46 -34.17
CA ASP D 125 -71.61 54.87 -33.84
C ASP D 125 -72.14 55.71 -34.99
N ASN D 126 -73.18 56.47 -34.71
CA ASN D 126 -73.78 57.33 -35.71
C ASN D 126 -73.94 58.74 -35.18
N ASN D 127 -73.38 59.71 -35.91
CA ASN D 127 -73.48 61.13 -35.55
C ASN D 127 -73.00 61.48 -34.15
N GLY D 128 -71.92 60.83 -33.71
CA GLY D 128 -71.35 61.10 -32.40
C GLY D 128 -72.01 60.42 -31.22
N VAL D 129 -73.07 59.66 -31.46
CA VAL D 129 -73.74 58.94 -30.39
C VAL D 129 -73.58 57.46 -30.69
N LYS D 130 -73.07 56.72 -29.72
CA LYS D 130 -72.82 55.30 -29.93
C LYS D 130 -73.80 54.37 -29.24
N THR D 131 -74.25 53.38 -29.98
CA THR D 131 -75.16 52.37 -29.48
C THR D 131 -74.40 51.07 -29.28
N ILE D 132 -74.70 50.37 -28.19
CA ILE D 132 -74.12 49.07 -27.92
C ILE D 132 -75.25 48.05 -27.87
N ALA D 133 -75.07 46.95 -28.59
CA ALA D 133 -76.05 45.88 -28.60
C ALA D 133 -75.35 44.55 -28.53
N ASN D 134 -76.08 43.53 -28.13
CA ASN D 134 -75.56 42.18 -28.17
C ASN D 134 -75.47 41.69 -29.61
N ASN D 135 -74.39 40.99 -29.91
CA ASN D 135 -74.29 40.22 -31.14
C ASN D 135 -74.23 38.77 -30.70
N LEU D 136 -75.32 38.05 -30.89
CA LEU D 136 -75.45 36.75 -30.25
C LEU D 136 -74.74 35.65 -31.01
N THR D 137 -74.46 35.86 -32.28
CA THR D 137 -73.84 34.85 -33.11
C THR D 137 -72.35 35.00 -33.27
N SER D 138 -71.75 36.02 -32.67
CA SER D 138 -70.31 36.21 -32.78
C SER D 138 -69.56 35.27 -31.87
N THR D 139 -68.31 35.02 -32.22
CA THR D 139 -67.46 34.13 -31.44
C THR D 139 -66.24 34.87 -30.91
N VAL D 140 -65.64 34.26 -29.91
CA VAL D 140 -64.34 34.63 -29.39
C VAL D 140 -63.46 33.40 -29.46
N GLN D 141 -62.23 33.55 -29.91
CA GLN D 141 -61.30 32.45 -30.07
C GLN D 141 -60.34 32.42 -28.89
N VAL D 142 -60.01 31.22 -28.44
CA VAL D 142 -59.09 31.05 -27.32
C VAL D 142 -58.28 29.78 -27.54
N PHE D 143 -56.99 29.85 -27.24
CA PHE D 143 -56.19 28.65 -27.15
C PHE D 143 -55.08 28.89 -26.14
N THR D 144 -54.57 27.79 -25.59
CA THR D 144 -53.38 27.82 -24.77
C THR D 144 -52.22 27.28 -25.58
N ASP D 145 -51.04 27.83 -25.35
CA ASP D 145 -49.84 27.41 -26.03
C ASP D 145 -49.14 26.36 -25.19
N SER D 146 -49.72 25.18 -25.18
CA SER D 146 -49.23 24.03 -24.42
C SER D 146 -47.85 23.54 -24.82
N ASP D 147 -47.54 23.59 -26.11
CA ASP D 147 -46.25 23.13 -26.60
C ASP D 147 -45.13 24.17 -26.55
N TYR D 148 -45.40 25.32 -25.95
CA TYR D 148 -44.43 26.39 -25.77
C TYR D 148 -43.80 26.76 -27.10
N GLN D 149 -44.64 26.86 -28.12
CA GLN D 149 -44.20 27.19 -29.46
C GLN D 149 -44.22 28.67 -29.77
N LEU D 150 -44.90 29.47 -28.98
CA LEU D 150 -44.87 30.91 -29.17
C LEU D 150 -43.81 31.54 -28.31
N PRO D 151 -43.34 32.74 -28.67
CA PRO D 151 -42.51 33.51 -27.75
C PRO D 151 -43.26 33.79 -26.46
N TYR D 152 -42.55 33.62 -25.35
CA TYR D 152 -43.18 33.59 -24.03
C TYR D 152 -42.95 34.93 -23.35
N VAL D 153 -44.02 35.73 -23.21
CA VAL D 153 -43.91 37.08 -22.69
C VAL D 153 -44.32 37.19 -21.23
N LEU D 154 -44.70 36.09 -20.59
CA LEU D 154 -45.27 36.21 -19.25
C LEU D 154 -44.24 36.40 -18.16
N GLY D 155 -42.96 36.28 -18.45
CA GLY D 155 -41.95 36.37 -17.41
C GLY D 155 -41.21 37.69 -17.40
N SER D 156 -41.83 38.73 -17.93
CA SER D 156 -41.17 40.03 -18.01
C SER D 156 -41.75 41.13 -17.13
N ALA D 157 -42.47 40.74 -16.07
CA ALA D 157 -43.06 41.68 -15.12
C ALA D 157 -43.93 42.76 -15.74
N HIS D 158 -44.77 42.37 -16.69
CA HIS D 158 -45.68 43.28 -17.37
C HIS D 158 -47.00 43.57 -16.66
N GLU D 159 -47.62 44.66 -17.07
CA GLU D 159 -48.93 45.09 -16.60
C GLU D 159 -50.01 44.28 -17.33
N GLY D 160 -51.26 44.38 -16.91
CA GLY D 160 -52.31 43.64 -17.57
C GLY D 160 -52.72 42.36 -16.91
N CYS D 161 -52.21 42.11 -15.72
CA CYS D 161 -52.59 40.95 -14.92
C CYS D 161 -53.94 41.19 -14.25
N LEU D 162 -54.56 40.15 -13.74
CA LEU D 162 -55.83 40.31 -13.05
C LEU D 162 -55.62 41.24 -11.87
N PRO D 163 -56.51 42.20 -11.69
CA PRO D 163 -56.39 43.18 -10.60
C PRO D 163 -56.41 42.53 -9.24
N PRO D 164 -55.64 43.08 -8.28
CA PRO D 164 -55.65 42.46 -6.95
C PRO D 164 -57.00 42.50 -6.27
N PHE D 165 -57.82 43.47 -6.57
CA PHE D 165 -59.07 43.57 -5.85
C PHE D 165 -60.20 42.99 -6.69
N PRO D 166 -60.98 42.05 -6.13
CA PRO D 166 -61.86 41.26 -6.98
C PRO D 166 -62.97 42.04 -7.65
N ALA D 167 -63.29 43.24 -7.19
CA ALA D 167 -64.41 43.97 -7.77
C ALA D 167 -64.02 44.80 -8.98
N ASP D 168 -62.75 44.79 -9.38
CA ASP D 168 -62.33 45.61 -10.48
C ASP D 168 -62.42 44.86 -11.79
N VAL D 169 -62.87 45.57 -12.83
CA VAL D 169 -62.96 45.05 -14.18
C VAL D 169 -61.73 45.50 -14.94
N PHE D 170 -61.06 44.57 -15.60
CA PHE D 170 -59.78 44.88 -16.21
C PHE D 170 -59.81 44.62 -17.70
N MET D 171 -58.99 45.37 -18.42
CA MET D 171 -58.81 45.24 -19.85
C MET D 171 -57.72 44.21 -20.13
N ILE D 172 -57.91 43.42 -21.17
CA ILE D 172 -56.96 42.35 -21.49
C ILE D 172 -55.84 42.94 -22.34
N PRO D 173 -54.58 42.68 -22.01
CA PRO D 173 -53.48 43.30 -22.75
C PRO D 173 -53.24 42.64 -24.10
N GLN D 174 -52.66 43.42 -25.00
CA GLN D 174 -52.39 42.96 -26.35
C GLN D 174 -51.12 42.12 -26.39
N TYR D 175 -51.16 41.06 -27.18
CA TYR D 175 -50.00 40.18 -27.31
C TYR D 175 -49.08 40.68 -28.41
N GLY D 176 -47.78 40.56 -28.16
CA GLY D 176 -46.78 40.92 -29.13
C GLY D 176 -45.48 40.27 -28.72
N TYR D 177 -44.56 40.20 -29.66
CA TYR D 177 -43.29 39.53 -29.40
C TYR D 177 -42.20 40.19 -30.21
N LEU D 178 -40.97 39.94 -29.79
CA LEU D 178 -39.78 40.41 -30.47
C LEU D 178 -39.01 39.23 -31.04
N THR D 179 -38.37 39.46 -32.17
CA THR D 179 -37.47 38.46 -32.73
C THR D 179 -36.13 39.13 -32.97
N LEU D 180 -35.18 38.39 -33.52
CA LEU D 180 -33.84 38.88 -33.76
C LEU D 180 -33.81 40.17 -34.56
N ASN D 181 -32.97 41.11 -34.16
CA ASN D 181 -32.87 42.36 -34.88
C ASN D 181 -31.46 42.91 -34.93
N ASP D 182 -31.16 43.62 -36.01
CA ASP D 182 -29.89 44.29 -36.15
C ASP D 182 -30.36 45.73 -36.23
N GLY D 183 -30.10 46.53 -35.19
CA GLY D 183 -30.62 47.88 -35.17
C GLY D 183 -32.13 47.73 -35.21
N SER D 184 -32.79 48.43 -36.11
CA SER D 184 -34.22 48.25 -36.28
C SER D 184 -34.57 47.28 -37.39
N GLN D 185 -33.60 46.83 -38.17
CA GLN D 185 -33.81 45.85 -39.22
C GLN D 185 -33.83 44.43 -38.68
N ALA D 186 -34.45 43.54 -39.44
CA ALA D 186 -34.47 42.12 -39.14
C ALA D 186 -33.33 41.40 -39.87
N VAL D 187 -33.21 40.11 -39.61
CA VAL D 187 -32.26 39.25 -40.27
C VAL D 187 -32.99 38.00 -40.74
N GLY D 188 -32.33 37.25 -41.61
CA GLY D 188 -32.95 36.05 -42.15
C GLY D 188 -33.30 35.04 -41.10
N ARG D 189 -32.65 35.09 -39.95
CA ARG D 189 -32.92 34.16 -38.87
C ARG D 189 -34.14 34.57 -38.06
N SER D 190 -34.68 35.77 -38.27
CA SER D 190 -35.83 36.24 -37.52
C SER D 190 -37.08 35.45 -37.87
N SER D 191 -37.91 35.20 -36.87
CA SER D 191 -39.12 34.40 -37.01
C SER D 191 -40.37 35.26 -36.99
N PHE D 192 -41.35 34.85 -37.77
CA PHE D 192 -42.68 35.43 -37.75
C PHE D 192 -43.67 34.35 -37.36
N TYR D 193 -44.66 34.73 -36.54
CA TYR D 193 -45.65 33.78 -36.04
C TYR D 193 -47.03 34.33 -36.31
N CYS D 194 -47.84 33.54 -37.02
CA CYS D 194 -49.26 33.79 -37.12
C CYS D 194 -49.96 32.98 -36.04
N LEU D 195 -50.66 33.65 -35.14
CA LEU D 195 -51.37 32.93 -34.11
C LEU D 195 -52.64 32.28 -34.62
N GLU D 196 -53.09 32.66 -35.81
CA GLU D 196 -54.20 31.99 -36.45
C GLU D 196 -53.85 30.59 -36.89
N TYR D 197 -52.57 30.25 -36.88
CA TYR D 197 -52.10 28.99 -37.42
C TYR D 197 -52.01 27.91 -36.36
N PHE D 198 -52.46 28.21 -35.17
CA PHE D 198 -52.76 27.26 -34.11
C PHE D 198 -54.22 26.86 -34.15
N PRO D 199 -54.56 25.64 -33.74
CA PRO D 199 -55.96 25.33 -33.48
C PRO D 199 -56.46 26.02 -32.22
N SER D 200 -57.64 26.62 -32.31
CA SER D 200 -58.21 27.30 -31.17
C SER D 200 -59.70 26.99 -31.09
N GLN D 201 -60.21 27.07 -29.88
CA GLN D 201 -61.62 26.85 -29.62
C GLN D 201 -62.39 28.15 -29.83
N MET D 202 -63.55 28.04 -30.47
CA MET D 202 -64.38 29.19 -30.76
C MET D 202 -65.59 29.16 -29.85
N LEU D 203 -65.96 30.30 -29.29
CA LEU D 203 -66.98 30.38 -28.25
C LEU D 203 -68.01 31.42 -28.63
N ARG D 204 -69.26 30.99 -28.74
CA ARG D 204 -70.36 31.93 -28.68
C ARG D 204 -70.78 32.14 -27.23
N THR D 205 -71.86 32.87 -27.01
CA THR D 205 -72.15 33.35 -25.68
C THR D 205 -72.56 32.23 -24.74
N GLY D 206 -72.96 31.08 -25.25
CA GLY D 206 -73.29 29.96 -24.38
C GLY D 206 -72.15 29.04 -24.08
N ASN D 207 -71.06 29.16 -24.81
CA ASN D 207 -69.91 28.28 -24.66
C ASN D 207 -69.01 28.74 -23.53
N ASN D 208 -68.24 27.80 -22.98
CA ASN D 208 -67.23 28.11 -21.99
C ASN D 208 -65.95 27.35 -22.30
N PHE D 209 -64.88 27.71 -21.62
CA PHE D 209 -63.55 27.18 -21.87
C PHE D 209 -62.87 26.87 -20.55
N GLN D 210 -62.12 25.77 -20.50
CA GLN D 210 -61.31 25.51 -19.33
C GLN D 210 -60.14 24.62 -19.71
N PHE D 211 -59.09 24.67 -18.89
CA PHE D 211 -58.03 23.68 -18.95
C PHE D 211 -57.37 23.63 -17.59
N SER D 212 -56.65 22.55 -17.34
CA SER D 212 -55.93 22.39 -16.09
C SER D 212 -54.45 22.17 -16.38
N TYR D 213 -53.62 22.55 -15.43
CA TYR D 213 -52.19 22.55 -15.60
C TYR D 213 -51.52 22.02 -14.35
N GLU D 214 -50.40 21.34 -14.52
CA GLU D 214 -49.66 20.73 -13.44
C GLU D 214 -48.28 21.38 -13.36
N PHE D 215 -48.00 22.08 -12.27
CA PHE D 215 -46.67 22.63 -12.06
C PHE D 215 -45.63 21.52 -11.97
N GLU D 216 -44.50 21.73 -12.64
CA GLU D 216 -43.40 20.82 -12.46
C GLU D 216 -42.72 21.09 -11.12
N ASN D 217 -42.01 20.09 -10.64
CA ASN D 217 -41.47 20.17 -9.29
C ASN D 217 -40.48 21.31 -9.17
N VAL D 218 -40.72 22.21 -8.24
CA VAL D 218 -39.80 23.30 -7.94
C VAL D 218 -39.49 23.25 -6.45
N PRO D 219 -38.38 23.84 -6.04
CA PRO D 219 -38.12 23.92 -4.60
C PRO D 219 -39.08 24.88 -3.93
N PHE D 220 -39.34 24.63 -2.65
CA PHE D 220 -40.08 25.59 -1.86
C PHE D 220 -39.37 26.93 -1.86
N HIS D 221 -40.11 28.00 -2.11
CA HIS D 221 -39.60 29.32 -1.80
C HIS D 221 -39.26 29.35 -0.33
N SER D 222 -38.13 29.95 0.01
CA SER D 222 -37.72 30.01 1.40
C SER D 222 -38.25 31.25 2.10
N SER D 223 -39.47 31.18 2.62
CA SER D 223 -40.05 32.33 3.30
C SER D 223 -39.68 32.39 4.77
N TYR D 224 -38.41 32.63 5.03
CA TYR D 224 -37.89 32.73 6.39
C TYR D 224 -36.59 33.52 6.34
N ALA D 225 -36.15 34.01 7.48
CA ALA D 225 -34.91 34.75 7.58
C ALA D 225 -33.98 33.95 8.48
N HIS D 226 -32.68 34.03 8.26
CA HIS D 226 -31.74 33.31 9.11
C HIS D 226 -31.46 34.03 10.42
N SER D 227 -31.51 33.30 11.52
CA SER D 227 -31.19 33.83 12.83
C SER D 227 -29.73 33.66 13.19
N GLN D 228 -28.92 33.17 12.25
CA GLN D 228 -27.48 33.16 12.37
C GLN D 228 -26.86 33.73 11.10
N SER D 229 -25.62 34.17 11.21
CA SER D 229 -24.89 34.65 10.05
C SER D 229 -23.79 33.66 9.70
N LEU D 230 -23.42 33.65 8.43
CA LEU D 230 -22.48 32.68 7.90
C LEU D 230 -21.15 32.72 8.63
N ASP D 231 -20.77 33.89 9.14
CA ASP D 231 -19.47 34.05 9.79
C ASP D 231 -19.52 33.79 11.29
N ARG D 232 -20.69 33.59 11.86
CA ARG D 232 -20.88 33.35 13.29
C ARG D 232 -21.20 31.91 13.68
N LEU D 233 -20.96 30.94 12.82
CA LEU D 233 -21.34 29.56 13.14
C LEU D 233 -20.56 28.80 14.20
N MET D 234 -19.49 29.37 14.71
CA MET D 234 -18.67 28.71 15.72
C MET D 234 -19.27 28.69 17.12
N ASN D 235 -18.72 27.84 17.97
CA ASN D 235 -19.14 27.78 19.37
C ASN D 235 -18.32 28.88 19.99
N PRO D 236 -18.97 29.88 20.59
CA PRO D 236 -18.30 31.04 21.18
C PRO D 236 -17.53 30.75 22.46
N LEU D 237 -17.55 29.53 22.94
CA LEU D 237 -16.84 29.24 24.17
C LEU D 237 -15.52 28.51 23.98
N ILE D 238 -15.25 27.99 22.79
CA ILE D 238 -14.17 27.04 22.59
C ILE D 238 -13.20 27.59 21.55
N ASP D 239 -11.94 27.21 21.70
CA ASP D 239 -10.92 27.51 20.70
C ASP D 239 -10.99 26.52 19.55
N GLN D 240 -10.49 26.94 18.40
CA GLN D 240 -10.16 26.01 17.34
C GLN D 240 -8.80 25.36 17.59
N TYR D 241 -8.62 24.18 17.03
CA TYR D 241 -7.30 23.57 17.00
C TYR D 241 -6.46 24.01 15.81
N LEU D 242 -7.01 24.88 14.97
CA LEU D 242 -6.26 25.48 13.88
C LEU D 242 -5.48 26.71 14.33
N TYR D 243 -4.41 27.00 13.60
CA TYR D 243 -3.58 28.17 13.84
C TYR D 243 -3.61 29.10 12.65
N TYR D 244 -3.37 30.38 12.92
CA TYR D 244 -3.24 31.40 11.90
C TYR D 244 -1.98 32.19 12.17
N LEU D 245 -1.56 32.97 11.19
CA LEU D 245 -0.31 33.71 11.27
C LEU D 245 -0.61 35.07 11.90
N SER D 246 -0.17 35.24 13.15
CA SER D 246 -0.48 36.46 13.90
C SER D 246 0.52 37.59 13.66
N LYS D 247 1.82 37.30 13.60
CA LYS D 247 2.84 38.35 13.48
C LYS D 247 3.84 38.01 12.40
N THR D 248 4.14 38.98 11.53
CA THR D 248 5.26 38.84 10.61
C THR D 248 6.51 39.61 11.02
N ILE D 249 6.49 40.41 12.09
CA ILE D 249 7.67 41.11 12.56
C ILE D 249 7.68 41.16 14.07
N ASN D 250 8.89 41.19 14.64
CA ASN D 250 9.04 41.29 16.09
C ASN D 250 8.72 42.69 16.59
N GLY D 251 8.97 43.69 15.77
CA GLY D 251 8.70 45.05 16.17
C GLY D 251 9.32 46.02 15.20
N SER D 252 9.49 47.26 15.65
CA SER D 252 10.10 48.27 14.81
C SER D 252 11.61 48.04 14.72
N GLY D 253 12.15 48.24 13.54
CA GLY D 253 13.58 48.12 13.35
C GLY D 253 13.87 47.59 11.96
N GLN D 254 15.10 47.13 11.79
CA GLN D 254 15.52 46.48 10.56
C GLN D 254 15.63 44.99 10.82
N ASN D 255 15.29 44.19 9.81
CA ASN D 255 15.51 42.75 9.84
C ASN D 255 14.75 42.11 10.99
N GLN D 256 13.51 42.55 11.19
CA GLN D 256 12.68 42.07 12.28
C GLN D 256 11.76 40.92 11.87
N GLN D 257 11.93 40.41 10.66
CA GLN D 257 11.02 39.38 10.15
C GLN D 257 10.93 38.20 11.11
N THR D 258 9.72 37.70 11.29
CA THR D 258 9.47 36.51 12.09
C THR D 258 8.17 35.90 11.63
N LEU D 259 7.93 34.67 12.06
CA LEU D 259 6.65 34.00 11.88
C LEU D 259 6.11 33.61 13.24
N LYS D 260 5.00 34.21 13.64
CA LYS D 260 4.31 33.86 14.87
C LYS D 260 2.91 33.37 14.53
N PHE D 261 2.43 32.39 15.28
CA PHE D 261 1.15 31.77 15.03
C PHE D 261 0.35 31.75 16.32
N SER D 262 -0.96 31.94 16.20
CA SER D 262 -1.84 31.92 17.34
C SER D 262 -3.01 31.00 17.07
N VAL D 263 -3.70 30.63 18.14
CA VAL D 263 -4.93 29.88 18.04
C VAL D 263 -6.08 30.82 17.75
N ALA D 264 -6.95 30.42 16.83
CA ALA D 264 -8.18 31.14 16.59
C ALA D 264 -9.21 30.74 17.63
N GLY D 265 -9.84 31.73 18.25
CA GLY D 265 -10.70 31.47 19.37
C GLY D 265 -11.75 32.54 19.52
N PRO D 266 -12.48 32.52 20.64
CA PRO D 266 -13.55 33.49 20.88
C PRO D 266 -13.10 34.94 20.76
N SER D 267 -11.87 35.24 21.16
CA SER D 267 -11.37 36.61 21.12
C SER D 267 -11.29 37.17 19.70
N ASN D 268 -10.86 36.35 18.75
CA ASN D 268 -10.80 36.78 17.37
C ASN D 268 -11.57 35.81 16.48
N MET D 269 -12.81 36.16 16.17
CA MET D 269 -13.65 35.30 15.34
C MET D 269 -13.49 35.54 13.86
N ALA D 270 -12.78 36.59 13.48
CA ALA D 270 -12.60 36.92 12.09
C ALA D 270 -11.55 36.06 11.39
N VAL D 271 -10.58 35.56 12.14
CA VAL D 271 -9.50 34.77 11.57
C VAL D 271 -9.75 33.28 11.64
N GLN D 272 -10.91 32.85 12.10
CA GLN D 272 -11.10 31.42 12.25
C GLN D 272 -11.32 30.76 10.90
N GLY D 273 -10.94 29.49 10.83
CA GLY D 273 -11.22 28.72 9.63
C GLY D 273 -12.71 28.41 9.52
N ARG D 274 -13.24 28.56 8.32
CA ARG D 274 -14.65 28.34 8.08
C ARG D 274 -14.83 27.40 6.90
N ASN D 275 -15.91 26.65 6.93
CA ASN D 275 -16.20 25.69 5.88
C ASN D 275 -16.95 26.29 4.70
N TYR D 276 -17.64 27.40 4.88
CA TYR D 276 -18.49 27.94 3.83
C TYR D 276 -18.33 29.44 3.77
N ILE D 277 -18.51 30.00 2.58
CA ILE D 277 -18.26 31.41 2.32
C ILE D 277 -19.50 32.00 1.69
N PRO D 278 -19.66 33.32 1.73
CA PRO D 278 -20.86 33.94 1.16
C PRO D 278 -20.87 33.89 -0.36
N GLY D 279 -22.06 34.07 -0.90
CA GLY D 279 -22.32 33.85 -2.29
C GLY D 279 -21.81 34.94 -3.20
N PRO D 280 -22.16 34.86 -4.47
CA PRO D 280 -21.54 35.73 -5.47
C PRO D 280 -22.08 37.15 -5.45
N SER D 281 -21.29 38.05 -6.00
CA SER D 281 -21.61 39.48 -5.98
C SER D 281 -21.30 40.11 -7.32
N TYR D 282 -22.09 41.11 -7.68
CA TYR D 282 -21.80 41.99 -8.81
C TYR D 282 -22.13 43.39 -8.31
N ARG D 283 -21.13 44.26 -8.15
CA ARG D 283 -21.39 45.42 -7.29
C ARG D 283 -22.34 46.42 -7.95
N GLN D 284 -23.23 46.96 -7.14
CA GLN D 284 -24.17 48.02 -7.49
C GLN D 284 -23.68 49.34 -6.90
N GLN D 285 -24.02 50.43 -7.57
CA GLN D 285 -23.77 51.75 -7.00
C GLN D 285 -24.81 52.06 -5.93
N ARG D 286 -24.38 52.80 -4.91
CA ARG D 286 -25.19 53.03 -3.73
C ARG D 286 -25.82 54.40 -3.81
N VAL D 287 -27.13 54.45 -3.61
CA VAL D 287 -27.90 55.70 -3.68
C VAL D 287 -28.58 55.91 -2.34
N SER D 288 -28.63 57.15 -1.90
CA SER D 288 -29.26 57.50 -0.65
C SER D 288 -30.63 58.14 -0.89
N THR D 289 -31.58 57.85 -0.02
CA THR D 289 -32.86 58.53 -0.07
C THR D 289 -32.79 59.92 0.52
N THR D 290 -31.71 60.25 1.22
CA THR D 290 -31.41 61.62 1.58
C THR D 290 -30.59 62.21 0.44
N VAL D 291 -31.17 63.16 -0.29
CA VAL D 291 -30.60 63.53 -1.57
C VAL D 291 -29.35 64.38 -1.41
N THR D 292 -29.24 65.11 -0.29
CA THR D 292 -28.04 65.91 -0.07
C THR D 292 -26.80 65.04 0.08
N GLN D 293 -26.97 63.77 0.40
CA GLN D 293 -25.84 62.87 0.53
C GLN D 293 -25.37 62.32 -0.82
N ASN D 294 -26.20 62.44 -1.85
CA ASN D 294 -25.84 61.97 -3.17
C ASN D 294 -25.02 63.00 -3.92
N ASN D 295 -24.26 62.55 -4.91
CA ASN D 295 -23.42 63.45 -5.70
C ASN D 295 -24.25 64.37 -6.58
N ASN D 296 -23.76 65.59 -6.79
CA ASN D 296 -24.45 66.56 -7.62
C ASN D 296 -24.12 66.38 -9.10
N SER D 297 -24.57 65.27 -9.68
CA SER D 297 -24.34 64.97 -11.08
C SER D 297 -25.34 63.93 -11.53
N GLU D 298 -25.49 63.75 -12.84
CA GLU D 298 -26.41 62.74 -13.32
C GLU D 298 -25.56 61.49 -13.47
N PHE D 299 -25.90 60.45 -12.71
CA PHE D 299 -25.13 59.23 -12.75
C PHE D 299 -26.00 58.01 -12.79
N ALA D 300 -27.30 58.24 -12.94
CA ALA D 300 -28.27 57.15 -12.97
C ALA D 300 -27.92 56.12 -14.04
N TRP D 301 -27.97 56.51 -15.29
CA TRP D 301 -27.50 55.61 -16.33
C TRP D 301 -25.96 55.49 -16.34
N PRO D 302 -25.21 56.59 -16.36
CA PRO D 302 -23.75 56.45 -16.50
C PRO D 302 -23.09 55.64 -15.40
N GLY D 303 -23.61 55.67 -14.18
CA GLY D 303 -22.96 54.99 -13.10
C GLY D 303 -23.58 53.66 -12.75
N ALA D 304 -24.30 53.09 -13.69
CA ALA D 304 -25.08 51.88 -13.44
C ALA D 304 -24.32 50.64 -13.85
N SER D 305 -24.53 49.57 -13.09
CA SER D 305 -23.98 48.27 -13.45
C SER D 305 -24.77 47.69 -14.61
N SER D 306 -24.06 47.14 -15.59
CA SER D 306 -24.70 46.69 -16.80
C SER D 306 -24.02 45.44 -17.32
N TRP D 307 -24.70 44.77 -18.24
CA TRP D 307 -24.09 43.72 -19.04
C TRP D 307 -24.38 43.96 -20.50
N ALA D 308 -23.47 43.50 -21.35
CA ALA D 308 -23.53 43.72 -22.78
C ALA D 308 -23.83 42.42 -23.48
N LEU D 309 -24.69 42.48 -24.49
CA LEU D 309 -25.03 41.32 -25.29
C LEU D 309 -25.09 41.75 -26.74
N ASN D 310 -24.21 41.20 -27.57
CA ASN D 310 -24.17 41.51 -28.99
C ASN D 310 -24.09 43.01 -29.25
N GLY D 311 -23.30 43.70 -28.45
CA GLY D 311 -23.09 45.12 -28.62
C GLY D 311 -24.02 46.02 -27.85
N ARG D 312 -25.16 45.50 -27.41
CA ARG D 312 -26.14 46.29 -26.67
C ARG D 312 -25.92 46.13 -25.18
N ASN D 313 -26.07 47.23 -24.44
CA ASN D 313 -25.89 47.22 -23.00
C ASN D 313 -27.24 47.17 -22.32
N SER D 314 -27.41 46.21 -21.42
CA SER D 314 -28.58 46.12 -20.58
C SER D 314 -28.20 46.43 -19.15
N LEU D 315 -29.01 47.25 -18.51
CA LEU D 315 -28.89 47.49 -17.08
C LEU D 315 -28.92 46.16 -16.34
N MET D 316 -28.16 46.05 -15.26
CA MET D 316 -28.23 44.84 -14.46
C MET D 316 -29.34 45.08 -13.45
N ASN D 317 -30.49 44.50 -13.73
CA ASN D 317 -31.67 44.76 -12.95
C ASN D 317 -32.53 43.53 -12.84
N PRO D 318 -32.94 43.16 -11.62
CA PRO D 318 -32.35 43.60 -10.36
C PRO D 318 -30.97 42.99 -10.13
N GLY D 319 -30.66 41.93 -10.85
CA GLY D 319 -29.35 41.32 -10.78
C GLY D 319 -29.28 40.19 -9.78
N PRO D 320 -28.06 39.82 -9.41
CA PRO D 320 -27.89 38.77 -8.38
C PRO D 320 -28.48 39.21 -7.06
N ALA D 321 -28.90 38.22 -6.27
CA ALA D 321 -29.54 38.52 -5.00
C ALA D 321 -28.47 38.88 -3.99
N MET D 322 -28.53 40.11 -3.50
CA MET D 322 -27.55 40.61 -2.55
C MET D 322 -28.27 41.45 -1.52
N ALA D 323 -27.69 41.52 -0.34
CA ALA D 323 -28.29 42.34 0.71
C ALA D 323 -28.32 43.79 0.27
N SER D 324 -29.47 44.43 0.48
CA SER D 324 -29.67 45.77 -0.03
C SER D 324 -28.75 46.78 0.62
N HIS D 325 -28.43 46.59 1.89
CA HIS D 325 -27.65 47.58 2.62
C HIS D 325 -27.05 46.92 3.84
N LYS D 326 -26.03 47.58 4.40
CA LYS D 326 -25.46 47.13 5.66
C LYS D 326 -26.42 47.39 6.80
N GLU D 327 -26.19 46.68 7.90
CA GLU D 327 -26.99 46.88 9.10
C GLU D 327 -26.83 48.30 9.60
N GLY D 328 -27.95 48.90 10.00
CA GLY D 328 -27.94 50.25 10.50
C GLY D 328 -28.08 51.32 9.44
N GLU D 329 -27.85 50.99 8.18
CA GLU D 329 -28.00 51.94 7.10
C GLU D 329 -29.14 51.47 6.22
N ASP D 330 -30.34 52.00 6.43
CA ASP D 330 -31.46 51.67 5.56
C ASP D 330 -31.77 52.75 4.55
N ARG D 331 -31.07 53.89 4.64
CA ARG D 331 -31.34 54.99 3.73
C ARG D 331 -30.70 54.77 2.37
N PHE D 332 -29.82 53.78 2.27
CA PHE D 332 -29.16 53.47 1.01
C PHE D 332 -29.85 52.30 0.33
N PHE D 333 -29.84 52.31 -0.99
CA PHE D 333 -30.38 51.23 -1.79
C PHE D 333 -29.49 51.07 -3.02
N PRO D 334 -29.44 49.86 -3.59
CA PRO D 334 -28.66 49.61 -4.80
C PRO D 334 -29.24 50.43 -5.95
N LEU D 335 -28.41 50.91 -6.86
CA LEU D 335 -28.91 51.79 -7.92
C LEU D 335 -29.98 51.12 -8.77
N SER D 336 -29.81 49.86 -9.12
CA SER D 336 -30.82 49.16 -9.88
C SER D 336 -30.87 47.74 -9.38
N GLY D 337 -30.51 47.57 -8.12
CA GLY D 337 -30.50 46.27 -7.48
C GLY D 337 -31.74 45.86 -6.73
N SER D 338 -32.77 46.69 -6.67
CA SER D 338 -33.99 46.34 -5.95
C SER D 338 -35.19 46.44 -6.87
N LEU D 339 -36.27 45.76 -6.47
CA LEU D 339 -37.54 45.93 -7.14
C LEU D 339 -38.25 47.14 -6.57
N ILE D 340 -38.77 47.98 -7.46
CA ILE D 340 -39.41 49.23 -7.07
C ILE D 340 -40.82 49.22 -7.62
N PHE D 341 -41.80 49.30 -6.72
CA PHE D 341 -43.20 49.32 -7.08
C PHE D 341 -43.74 50.73 -6.94
N GLY D 342 -44.71 51.06 -7.78
CA GLY D 342 -45.41 52.32 -7.65
C GLY D 342 -46.58 52.22 -6.70
N LYS D 343 -46.83 53.33 -6.00
CA LYS D 343 -48.04 53.46 -5.21
C LYS D 343 -49.24 53.72 -6.13
N GLN D 344 -50.43 53.51 -5.59
CA GLN D 344 -51.64 53.67 -6.38
C GLN D 344 -51.74 55.10 -6.91
N GLY D 345 -52.01 55.22 -8.20
CA GLY D 345 -52.15 56.51 -8.83
C GLY D 345 -50.85 57.17 -9.22
N THR D 346 -49.73 56.47 -9.12
CA THR D 346 -48.45 57.05 -9.46
C THR D 346 -48.31 57.16 -10.97
N GLY D 347 -47.82 58.30 -11.44
CA GLY D 347 -47.65 58.52 -12.85
C GLY D 347 -46.59 57.62 -13.45
N ARG D 348 -46.43 57.76 -14.75
CA ARG D 348 -45.53 56.90 -15.50
C ARG D 348 -44.08 57.36 -15.48
N ASP D 349 -43.82 58.66 -15.46
CA ASP D 349 -42.49 59.19 -15.76
C ASP D 349 -42.03 60.22 -14.74
N ASN D 350 -40.82 60.05 -14.23
CA ASN D 350 -40.13 61.04 -13.39
C ASN D 350 -40.93 61.39 -12.15
N VAL D 351 -41.43 60.36 -11.46
CA VAL D 351 -42.14 60.56 -10.21
C VAL D 351 -41.13 60.67 -9.06
N ASP D 352 -41.56 61.31 -7.98
CA ASP D 352 -40.69 61.48 -6.83
C ASP D 352 -40.55 60.18 -6.05
N ALA D 353 -39.70 60.22 -5.03
CA ALA D 353 -39.38 59.01 -4.28
C ALA D 353 -40.51 58.58 -3.36
N ASP D 354 -41.35 59.51 -2.93
CA ASP D 354 -42.50 59.15 -2.11
C ASP D 354 -43.63 58.55 -2.93
N LYS D 355 -43.52 58.56 -4.26
CA LYS D 355 -44.52 57.95 -5.11
C LYS D 355 -44.25 56.48 -5.37
N VAL D 356 -43.09 55.97 -4.98
CA VAL D 356 -42.72 54.60 -5.27
C VAL D 356 -42.38 53.88 -3.98
N MET D 357 -42.35 52.57 -4.04
CA MET D 357 -42.06 51.71 -2.91
C MET D 357 -40.83 50.89 -3.26
N ILE D 358 -39.72 51.13 -2.56
CA ILE D 358 -38.46 50.44 -2.80
C ILE D 358 -38.38 49.28 -1.83
N THR D 359 -38.34 48.06 -2.34
CA THR D 359 -38.24 46.90 -1.47
C THR D 359 -36.78 46.69 -1.11
N ASN D 360 -36.53 45.92 -0.07
CA ASN D 360 -35.15 45.64 0.31
C ASN D 360 -34.94 44.17 0.58
N GLU D 361 -33.70 43.74 0.44
CA GLU D 361 -33.30 42.36 0.65
C GLU D 361 -32.45 42.27 1.89
N GLU D 362 -32.80 43.02 2.93
CA GLU D 362 -32.01 43.03 4.16
C GLU D 362 -31.96 41.70 4.92
N GLU D 363 -32.96 40.85 4.72
CA GLU D 363 -33.03 39.56 5.39
C GLU D 363 -31.90 38.61 5.02
N ILE D 364 -31.42 38.71 3.79
CA ILE D 364 -30.40 37.81 3.29
C ILE D 364 -28.95 38.21 3.58
N LYS D 365 -28.76 39.18 4.45
CA LYS D 365 -27.41 39.61 4.84
C LYS D 365 -26.59 38.50 5.51
N THR D 366 -27.25 37.63 6.26
CA THR D 366 -26.64 36.47 6.87
C THR D 366 -25.79 35.62 5.91
N THR D 367 -26.29 35.33 4.70
CA THR D 367 -25.49 34.58 3.74
C THR D 367 -25.06 35.36 2.50
N ASN D 368 -25.54 36.58 2.30
CA ASN D 368 -25.22 37.15 1.01
C ASN D 368 -24.42 38.42 1.19
N PRO D 369 -23.48 38.71 0.30
CA PRO D 369 -22.76 39.98 0.38
C PRO D 369 -23.67 41.15 0.13
N VAL D 370 -23.30 42.30 0.71
CA VAL D 370 -24.06 43.51 0.50
C VAL D 370 -23.90 43.96 -0.95
N ALA D 371 -24.98 44.48 -1.52
CA ALA D 371 -24.99 44.80 -2.94
C ALA D 371 -24.02 45.92 -3.28
N THR D 372 -23.82 46.86 -2.38
CA THR D 372 -23.05 48.06 -2.63
C THR D 372 -21.61 47.97 -2.14
N GLU D 373 -21.18 46.81 -1.68
CA GLU D 373 -19.86 46.63 -1.11
C GLU D 373 -19.04 45.71 -2.01
N SER D 374 -17.73 45.77 -1.86
CA SER D 374 -16.88 44.77 -2.48
C SER D 374 -17.10 43.42 -1.83
N TYR D 375 -16.82 42.36 -2.57
CA TYR D 375 -16.89 41.02 -2.00
C TYR D 375 -15.82 40.83 -0.93
N GLY D 376 -14.61 41.30 -1.22
CA GLY D 376 -13.50 41.12 -0.31
C GLY D 376 -12.23 41.60 -0.97
N GLN D 377 -11.10 41.12 -0.44
CA GLN D 377 -9.78 41.47 -0.93
C GLN D 377 -9.03 40.23 -1.38
N VAL D 378 -8.18 40.41 -2.39
CA VAL D 378 -7.26 39.37 -2.83
C VAL D 378 -5.86 39.94 -2.87
N ALA D 379 -4.88 39.04 -2.83
CA ALA D 379 -3.50 39.44 -3.00
C ALA D 379 -3.22 39.70 -4.47
N THR D 380 -2.59 40.84 -4.76
CA THR D 380 -2.25 41.18 -6.14
C THR D 380 -0.79 40.96 -6.50
N ASN D 381 0.04 40.53 -5.56
CA ASN D 381 1.46 40.33 -5.85
C ASN D 381 2.10 39.34 -4.89
N HIS D 382 3.42 39.21 -4.96
CA HIS D 382 4.17 38.38 -4.05
C HIS D 382 4.97 39.35 -3.19
N GLN D 383 4.76 39.32 -1.89
CA GLN D 383 5.51 40.20 -1.01
C GLN D 383 6.94 39.67 -0.93
N SER D 384 7.90 40.56 -0.78
CA SER D 384 9.30 40.17 -0.70
C SER D 384 10.08 41.23 0.03
N ALA D 385 11.32 40.93 0.38
CA ALA D 385 12.20 41.86 1.06
C ALA D 385 12.21 43.23 0.39
N GLN D 386 11.90 43.27 -0.90
CA GLN D 386 11.86 44.53 -1.64
C GLN D 386 10.45 45.00 -1.96
N ALA D 387 9.42 44.24 -1.64
CA ALA D 387 8.06 44.55 -2.08
C ALA D 387 7.07 44.31 -0.95
N GLN D 388 6.27 45.31 -0.64
CA GLN D 388 5.22 45.15 0.36
C GLN D 388 4.04 44.39 -0.20
N ALA D 389 3.31 43.74 0.69
CA ALA D 389 2.11 43.01 0.29
C ALA D 389 1.07 44.00 -0.23
N GLN D 390 0.46 43.66 -1.35
CA GLN D 390 -0.53 44.49 -1.99
C GLN D 390 -1.83 43.71 -2.13
N THR D 391 -2.94 44.40 -1.94
CA THR D 391 -4.26 43.80 -2.07
C THR D 391 -5.06 44.62 -3.07
N GLY D 392 -6.18 44.05 -3.48
CA GLY D 392 -7.10 44.75 -4.36
C GLY D 392 -8.50 44.33 -4.04
N TRP D 393 -9.44 45.18 -4.43
CA TRP D 393 -10.83 44.96 -4.10
C TRP D 393 -11.49 44.10 -5.16
N VAL D 394 -12.28 43.14 -4.72
CA VAL D 394 -13.00 42.26 -5.64
C VAL D 394 -14.37 42.89 -5.86
N GLN D 395 -14.58 43.45 -7.04
CA GLN D 395 -15.82 44.15 -7.31
C GLN D 395 -16.94 43.20 -7.71
N ASN D 396 -16.58 42.12 -8.39
CA ASN D 396 -17.53 41.09 -8.76
C ASN D 396 -16.87 39.73 -8.55
N GLN D 397 -17.64 38.78 -8.08
CA GLN D 397 -17.14 37.45 -7.78
C GLN D 397 -18.17 36.44 -8.25
N GLY D 398 -17.75 35.53 -9.12
CA GLY D 398 -18.60 34.43 -9.52
C GLY D 398 -18.55 33.29 -8.53
N ILE D 399 -19.31 32.25 -8.86
CA ILE D 399 -19.47 31.10 -7.97
C ILE D 399 -18.12 30.48 -7.63
N LEU D 400 -17.93 30.19 -6.35
CA LEU D 400 -16.82 29.42 -5.83
C LEU D 400 -17.36 28.18 -5.13
N PRO D 401 -16.61 27.08 -5.14
CA PRO D 401 -16.99 25.94 -4.32
C PRO D 401 -17.00 26.34 -2.85
N GLY D 402 -18.09 26.04 -2.18
CA GLY D 402 -18.26 26.42 -0.80
C GLY D 402 -19.10 27.65 -0.56
N MET D 403 -19.68 28.23 -1.60
CA MET D 403 -20.60 29.34 -1.43
C MET D 403 -22.00 28.85 -1.10
N VAL D 404 -22.69 29.62 -0.28
CA VAL D 404 -24.10 29.42 0.00
C VAL D 404 -24.77 30.78 -0.12
N TRP D 405 -26.02 30.79 -0.55
CA TRP D 405 -26.72 32.05 -0.76
C TRP D 405 -28.22 31.83 -0.66
N GLN D 406 -28.94 32.92 -0.50
CA GLN D 406 -30.38 32.97 -0.56
C GLN D 406 -30.83 33.61 -1.87
N ASP D 407 -31.99 33.18 -2.35
CA ASP D 407 -32.60 33.81 -3.51
C ASP D 407 -33.28 35.10 -3.10
N ARG D 408 -33.80 35.82 -4.08
CA ARG D 408 -34.55 37.03 -3.77
C ARG D 408 -35.91 36.67 -3.22
N ASP D 409 -36.44 37.55 -2.38
CA ASP D 409 -37.73 37.32 -1.77
C ASP D 409 -38.84 37.54 -2.79
N VAL D 410 -40.01 37.02 -2.48
CA VAL D 410 -41.20 37.25 -3.30
C VAL D 410 -42.12 38.18 -2.54
N TYR D 411 -42.92 38.94 -3.28
CA TYR D 411 -43.79 39.95 -2.71
C TYR D 411 -45.22 39.72 -3.15
N LEU D 412 -46.15 40.32 -2.41
CA LEU D 412 -47.55 40.23 -2.76
C LEU D 412 -47.81 40.85 -4.13
N GLN D 413 -47.10 41.92 -4.45
CA GLN D 413 -47.21 42.58 -5.75
C GLN D 413 -46.34 41.95 -6.81
N GLY D 414 -45.44 41.05 -6.45
CA GLY D 414 -44.42 40.59 -7.35
C GLY D 414 -44.81 39.39 -8.19
N PRO D 415 -43.92 39.00 -9.09
CA PRO D 415 -44.20 37.87 -9.98
C PRO D 415 -44.11 36.53 -9.27
N ILE D 416 -44.74 35.53 -9.87
CA ILE D 416 -44.75 34.19 -9.29
C ILE D 416 -43.72 33.32 -9.99
N TRP D 417 -43.86 33.12 -11.29
CA TRP D 417 -42.99 32.21 -12.01
C TRP D 417 -42.31 32.93 -13.17
N ALA D 418 -41.27 32.28 -13.69
CA ALA D 418 -40.65 32.67 -14.94
C ALA D 418 -40.39 31.41 -15.75
N LYS D 419 -40.24 31.59 -17.05
CA LYS D 419 -39.84 30.49 -17.93
C LYS D 419 -38.32 30.47 -18.02
N ILE D 420 -37.74 29.33 -17.72
CA ILE D 420 -36.29 29.19 -17.90
C ILE D 420 -35.99 29.16 -19.39
N PRO D 421 -35.09 29.99 -19.88
CA PRO D 421 -34.75 29.95 -21.31
C PRO D 421 -34.23 28.58 -21.71
N HIS D 422 -34.49 28.20 -22.94
CA HIS D 422 -34.14 26.88 -23.41
C HIS D 422 -32.73 26.94 -23.97
N THR D 423 -31.78 26.36 -23.25
CA THR D 423 -30.38 26.57 -23.55
C THR D 423 -29.59 25.32 -23.17
N ASP D 424 -28.37 25.27 -23.68
CA ASP D 424 -27.48 24.17 -23.35
C ASP D 424 -27.22 24.11 -21.85
N GLY D 425 -27.03 25.26 -21.22
CA GLY D 425 -26.73 25.26 -19.81
C GLY D 425 -27.29 26.49 -19.12
N ASN D 426 -27.46 26.33 -17.81
CA ASN D 426 -27.88 27.40 -16.92
C ASN D 426 -27.34 27.06 -15.56
N PHE D 427 -27.34 28.03 -14.66
CA PHE D 427 -26.97 27.75 -13.29
C PHE D 427 -27.95 28.41 -12.35
N HIS D 428 -28.42 27.63 -11.38
CA HIS D 428 -29.39 28.02 -10.37
C HIS D 428 -30.50 28.81 -11.03
N PRO D 429 -31.30 28.16 -11.86
CA PRO D 429 -32.21 28.86 -12.77
C PRO D 429 -33.27 29.74 -12.12
N SER D 430 -33.32 29.76 -10.80
CA SER D 430 -34.24 30.62 -10.08
C SER D 430 -34.23 32.04 -10.67
N PRO D 431 -35.37 32.61 -11.01
CA PRO D 431 -35.38 33.88 -11.73
C PRO D 431 -35.01 35.05 -10.84
N LEU D 432 -34.34 36.02 -11.44
CA LEU D 432 -33.71 37.07 -10.67
C LEU D 432 -34.67 38.11 -10.15
N MET D 433 -35.85 38.24 -10.73
CA MET D 433 -36.83 39.14 -10.12
C MET D 433 -37.63 38.47 -9.03
N GLY D 434 -37.35 37.20 -8.74
CA GLY D 434 -38.02 36.46 -7.70
C GLY D 434 -39.03 35.47 -8.26
N GLY D 435 -39.32 34.46 -7.47
CA GLY D 435 -40.27 33.43 -7.84
C GLY D 435 -39.63 32.13 -8.30
N PHE D 436 -40.43 31.35 -9.00
CA PHE D 436 -40.14 29.97 -9.34
C PHE D 436 -39.78 29.86 -10.82
N GLY D 437 -38.58 29.39 -11.13
CA GLY D 437 -38.23 29.14 -12.51
C GLY D 437 -38.71 27.78 -12.96
N MET D 438 -39.18 27.71 -14.20
CA MET D 438 -39.79 26.50 -14.72
C MET D 438 -39.44 26.34 -16.18
N LYS D 439 -39.09 25.12 -16.58
CA LYS D 439 -38.91 24.85 -18.00
C LYS D 439 -40.23 24.79 -18.73
N HIS D 440 -41.28 24.34 -18.05
CA HIS D 440 -42.63 24.33 -18.59
C HIS D 440 -43.51 25.09 -17.61
N PRO D 441 -43.50 26.42 -17.68
CA PRO D 441 -44.33 27.20 -16.78
C PRO D 441 -45.79 27.09 -17.16
N PRO D 442 -46.68 27.74 -16.43
CA PRO D 442 -48.06 27.82 -16.89
C PRO D 442 -48.12 28.40 -18.28
N PRO D 443 -48.90 27.79 -19.17
CA PRO D 443 -48.88 28.21 -20.57
C PRO D 443 -49.59 29.54 -20.79
N GLN D 444 -49.27 30.14 -21.92
CA GLN D 444 -49.93 31.36 -22.33
C GLN D 444 -51.33 31.06 -22.84
N ILE D 445 -52.25 31.97 -22.55
CA ILE D 445 -53.66 31.82 -22.90
C ILE D 445 -54.00 32.98 -23.81
N LEU D 446 -54.24 32.69 -25.07
CA LEU D 446 -54.43 33.73 -26.09
C LEU D 446 -55.89 33.85 -26.42
N ILE D 447 -56.36 35.08 -26.63
CA ILE D 447 -57.78 35.31 -26.87
C ILE D 447 -57.92 36.48 -27.84
N LYS D 448 -58.86 36.35 -28.77
CA LYS D 448 -59.21 37.47 -29.64
C LYS D 448 -60.66 37.33 -30.04
N ASN D 449 -61.23 38.46 -30.46
CA ASN D 449 -62.55 38.46 -31.07
C ASN D 449 -62.41 38.05 -32.52
N THR D 450 -63.25 37.12 -32.94
CA THR D 450 -63.29 36.74 -34.34
C THR D 450 -63.79 37.93 -35.16
N PRO D 451 -63.10 38.31 -36.24
CA PRO D 451 -63.57 39.44 -37.04
C PRO D 451 -64.88 39.11 -37.74
N VAL D 452 -65.81 40.06 -37.72
CA VAL D 452 -67.07 39.96 -38.43
C VAL D 452 -67.07 41.03 -39.51
N PRO D 453 -66.96 40.67 -40.78
CA PRO D 453 -66.90 41.70 -41.83
C PRO D 453 -68.22 42.41 -41.99
N ALA D 454 -68.14 43.66 -42.43
CA ALA D 454 -69.31 44.41 -42.81
C ALA D 454 -69.77 43.93 -44.19
N ASP D 455 -70.78 44.57 -44.75
CA ASP D 455 -71.33 44.08 -46.00
C ASP D 455 -70.32 44.23 -47.14
N PRO D 456 -69.98 43.15 -47.83
CA PRO D 456 -69.05 43.25 -48.94
C PRO D 456 -69.72 43.88 -50.14
N PRO D 457 -68.94 44.29 -51.15
CA PRO D 457 -69.55 44.77 -52.39
C PRO D 457 -70.31 43.66 -53.08
N THR D 458 -71.15 44.04 -54.04
CA THR D 458 -71.96 43.06 -54.74
C THR D 458 -71.27 42.50 -55.97
N ALA D 459 -70.14 43.06 -56.37
CA ALA D 459 -69.29 42.48 -57.38
C ALA D 459 -67.99 42.01 -56.74
N PHE D 460 -67.47 40.90 -57.24
CA PHE D 460 -66.36 40.25 -56.59
C PHE D 460 -65.09 41.10 -56.63
N ASN D 461 -64.35 41.09 -55.54
CA ASN D 461 -63.08 41.76 -55.41
C ASN D 461 -62.13 40.83 -54.67
N LYS D 462 -60.89 40.74 -55.15
CA LYS D 462 -59.97 39.78 -54.57
C LYS D 462 -59.22 40.31 -53.38
N ASP D 463 -59.29 41.61 -53.12
CA ASP D 463 -58.59 42.18 -51.99
C ASP D 463 -59.18 41.66 -50.69
N LYS D 464 -58.34 41.55 -49.67
CA LYS D 464 -58.86 41.15 -48.37
C LYS D 464 -59.78 42.25 -47.84
N LEU D 465 -60.72 41.85 -47.00
CA LEU D 465 -61.74 42.77 -46.53
C LEU D 465 -61.19 43.61 -45.40
N ASN D 466 -61.19 44.92 -45.59
CA ASN D 466 -60.73 45.85 -44.57
C ASN D 466 -61.85 46.50 -43.78
N SER D 467 -63.10 46.14 -44.02
CA SER D 467 -64.23 46.79 -43.37
C SER D 467 -64.92 45.79 -42.46
N PHE D 468 -65.05 46.14 -41.18
CA PHE D 468 -65.56 45.24 -40.18
C PHE D 468 -66.58 45.94 -39.29
N ILE D 469 -67.27 45.13 -38.52
CA ILE D 469 -68.18 45.63 -37.50
C ILE D 469 -67.41 45.87 -36.23
N THR D 470 -67.52 47.07 -35.68
CA THR D 470 -66.83 47.40 -34.43
C THR D 470 -67.41 46.58 -33.29
N GLN D 471 -66.55 45.89 -32.55
CA GLN D 471 -67.03 44.83 -31.71
C GLN D 471 -66.05 44.61 -30.56
N TYR D 472 -66.57 44.21 -29.41
CA TYR D 472 -65.72 43.86 -28.28
C TYR D 472 -66.45 42.80 -27.47
N SER D 473 -65.70 42.16 -26.57
CA SER D 473 -66.28 41.12 -25.75
C SER D 473 -65.92 41.34 -24.29
N THR D 474 -66.69 40.68 -23.44
CA THR D 474 -66.51 40.75 -21.99
C THR D 474 -66.95 39.42 -21.41
N GLY D 475 -66.48 39.13 -20.21
CA GLY D 475 -66.81 37.85 -19.61
C GLY D 475 -66.12 37.70 -18.27
N GLN D 476 -66.07 36.45 -17.81
CA GLN D 476 -65.54 36.14 -16.49
C GLN D 476 -64.35 35.20 -16.63
N VAL D 477 -63.33 35.41 -15.82
CA VAL D 477 -62.21 34.48 -15.70
C VAL D 477 -62.12 34.03 -14.26
N SER D 478 -61.97 32.73 -14.06
CA SER D 478 -61.60 32.19 -12.77
C SER D 478 -60.33 31.39 -12.92
N VAL D 479 -59.43 31.53 -11.95
CA VAL D 479 -58.20 30.78 -11.91
C VAL D 479 -58.04 30.23 -10.49
N GLU D 480 -57.62 28.98 -10.41
CA GLU D 480 -57.51 28.25 -9.16
C GLU D 480 -56.13 27.63 -9.09
N ILE D 481 -55.41 27.89 -8.00
CA ILE D 481 -54.08 27.33 -7.79
C ILE D 481 -54.06 26.61 -6.45
N GLU D 482 -53.52 25.40 -6.45
CA GLU D 482 -53.23 24.68 -5.23
C GLU D 482 -51.77 24.92 -4.85
N TRP D 483 -51.54 25.27 -3.59
CA TRP D 483 -50.23 25.62 -3.09
C TRP D 483 -49.87 24.64 -1.98
N GLU D 484 -48.64 24.14 -2.00
CA GLU D 484 -48.15 23.25 -0.96
C GLU D 484 -47.38 24.06 0.07
N LEU D 485 -47.55 23.74 1.34
CA LEU D 485 -46.98 24.50 2.43
C LEU D 485 -45.90 23.70 3.14
N GLN D 486 -44.95 24.42 3.72
CA GLN D 486 -43.91 23.82 4.56
C GLN D 486 -43.97 24.49 5.91
N LYS D 487 -44.38 23.75 6.93
CA LYS D 487 -44.70 24.35 8.22
C LYS D 487 -43.45 24.54 9.08
N GLU D 488 -43.49 25.61 9.88
CA GLU D 488 -42.42 25.94 10.81
C GLU D 488 -42.34 24.99 12.00
N ASN D 489 -41.17 24.38 12.18
CA ASN D 489 -40.91 23.37 13.21
C ASN D 489 -40.12 23.91 14.41
N SER D 490 -39.86 25.20 14.48
CA SER D 490 -38.76 25.74 15.28
C SER D 490 -38.90 25.48 16.78
N LYS D 491 -37.75 25.37 17.44
CA LYS D 491 -37.62 25.28 18.90
C LYS D 491 -37.26 26.61 19.57
N ARG D 492 -37.24 27.69 18.82
CA ARG D 492 -36.98 29.01 19.38
C ARG D 492 -37.89 29.32 20.56
N TRP D 493 -37.29 29.82 21.64
CA TRP D 493 -38.02 30.10 22.87
C TRP D 493 -38.76 31.43 22.80
N ASN D 494 -38.07 32.48 22.42
CA ASN D 494 -38.65 33.81 22.38
C ASN D 494 -39.57 33.95 21.17
N PRO D 495 -40.49 34.91 21.19
CA PRO D 495 -41.42 35.05 20.07
C PRO D 495 -40.77 35.63 18.83
N GLU D 496 -41.35 35.28 17.69
CA GLU D 496 -40.96 35.69 16.35
C GLU D 496 -41.37 37.11 16.03
N ILE D 497 -40.75 37.65 14.99
CA ILE D 497 -41.29 38.80 14.29
C ILE D 497 -42.42 38.33 13.37
N GLN D 498 -43.51 39.06 13.35
CA GLN D 498 -44.66 38.74 12.52
C GLN D 498 -45.00 39.95 11.69
N TYR D 499 -45.66 39.73 10.56
CA TYR D 499 -46.24 40.85 9.83
C TYR D 499 -47.57 41.21 10.47
N THR D 500 -47.76 42.49 10.79
CA THR D 500 -48.99 42.90 11.42
C THR D 500 -49.49 44.27 11.02
N SER D 501 -50.78 44.49 11.25
CA SER D 501 -51.40 45.78 11.03
C SER D 501 -51.07 46.65 12.23
N ASN D 502 -51.16 47.96 12.07
CA ASN D 502 -50.90 48.87 13.18
C ASN D 502 -52.21 49.38 13.72
N TYR D 503 -52.36 49.34 15.04
CA TYR D 503 -53.59 49.79 15.69
C TYR D 503 -53.92 51.27 15.60
N TYR D 504 -52.94 52.13 15.39
CA TYR D 504 -53.18 53.58 15.38
C TYR D 504 -54.25 53.99 14.39
N LYS D 505 -55.08 54.93 14.82
CA LYS D 505 -56.17 55.44 14.02
C LYS D 505 -55.69 56.15 12.76
N SER D 506 -56.42 55.94 11.68
CA SER D 506 -56.09 56.51 10.38
C SER D 506 -57.36 56.86 9.64
N ASN D 507 -57.22 57.69 8.60
CA ASN D 507 -58.37 58.07 7.81
C ASN D 507 -58.82 56.95 6.91
N ASN D 508 -57.95 55.96 6.68
CA ASN D 508 -58.29 54.84 5.81
C ASN D 508 -57.80 53.57 6.46
N VAL D 509 -58.48 52.49 6.17
CA VAL D 509 -58.00 51.15 6.49
C VAL D 509 -57.02 50.74 5.41
N GLU D 510 -55.87 50.23 5.81
CA GLU D 510 -54.89 49.76 4.83
C GLU D 510 -55.40 48.53 4.12
N PHE D 511 -55.11 48.45 2.83
CA PHE D 511 -55.61 47.39 1.95
C PHE D 511 -57.13 47.38 1.91
N ALA D 512 -57.70 48.56 1.70
CA ALA D 512 -59.13 48.71 1.52
C ALA D 512 -59.36 49.79 0.47
N VAL D 513 -60.61 50.07 0.19
CA VAL D 513 -60.96 51.18 -0.68
C VAL D 513 -61.01 52.48 0.12
N ASN D 514 -60.83 53.60 -0.58
CA ASN D 514 -61.04 54.91 0.01
C ASN D 514 -62.46 55.38 -0.24
N THR D 515 -62.72 56.66 -0.01
CA THR D 515 -64.07 57.18 -0.17
C THR D 515 -64.51 57.24 -1.63
N GLU D 516 -63.57 57.22 -2.58
CA GLU D 516 -63.92 57.20 -3.98
C GLU D 516 -63.97 55.80 -4.56
N GLY D 517 -63.70 54.78 -3.76
CA GLY D 517 -63.76 53.42 -4.23
C GLY D 517 -62.51 52.89 -4.85
N VAL D 518 -61.36 53.49 -4.56
CA VAL D 518 -60.10 53.09 -5.15
C VAL D 518 -59.37 52.18 -4.16
N TYR D 519 -59.06 50.98 -4.61
CA TYR D 519 -58.30 50.03 -3.81
C TYR D 519 -56.81 50.30 -3.98
N SER D 520 -56.08 50.32 -2.88
CA SER D 520 -54.64 50.55 -2.92
C SER D 520 -53.95 49.54 -2.02
N GLU D 521 -52.67 49.35 -2.31
CA GLU D 521 -51.78 48.55 -1.48
C GLU D 521 -50.74 49.47 -0.88
N PRO D 522 -50.88 49.78 0.42
CA PRO D 522 -50.02 50.71 1.16
C PRO D 522 -48.53 50.49 1.03
N ARG D 523 -48.08 49.26 1.21
CA ARG D 523 -46.66 48.96 1.13
C ARG D 523 -46.44 47.57 0.57
N PRO D 524 -45.23 47.32 0.04
CA PRO D 524 -44.90 46.00 -0.47
C PRO D 524 -44.74 45.04 0.70
N ILE D 525 -45.20 43.81 0.57
CA ILE D 525 -45.05 42.87 1.68
C ILE D 525 -44.23 41.68 1.26
N GLY D 526 -43.11 41.46 1.92
CA GLY D 526 -42.26 40.34 1.63
C GLY D 526 -42.71 39.09 2.37
N THR D 527 -41.95 38.03 2.16
CA THR D 527 -42.35 36.73 2.67
C THR D 527 -41.59 36.29 3.92
N ARG D 528 -40.59 37.04 4.38
CA ARG D 528 -39.58 36.52 5.31
C ARG D 528 -39.73 37.16 6.69
N TYR D 529 -40.28 36.39 7.63
CA TYR D 529 -40.56 36.83 8.98
C TYR D 529 -40.07 35.80 9.99
N LEU D 530 -40.47 34.56 9.79
CA LEU D 530 -40.05 33.46 10.64
C LEU D 530 -38.57 33.20 10.45
N THR D 531 -37.91 32.65 11.45
CA THR D 531 -36.48 32.42 11.35
C THR D 531 -36.10 30.96 11.44
N ARG D 532 -34.93 30.67 10.86
CA ARG D 532 -34.37 29.34 10.83
C ARG D 532 -32.92 29.45 11.20
N ASN D 533 -32.34 28.39 11.74
CA ASN D 533 -30.93 28.41 12.06
C ASN D 533 -30.19 28.23 10.77
N LEU D 534 -29.02 28.85 10.66
CA LEU D 534 -28.21 28.73 9.46
C LEU D 534 -27.44 27.42 9.47
N ASP E 17 -29.69 -0.42 35.28
CA ASP E 17 -30.06 -1.64 35.97
C ASP E 17 -29.75 -1.55 37.47
N GLY E 18 -28.47 -1.57 37.83
CA GLY E 18 -28.11 -1.64 39.22
C GLY E 18 -26.82 -0.89 39.53
N VAL E 19 -26.60 -0.67 40.82
CA VAL E 19 -25.41 0.06 41.25
C VAL E 19 -24.17 -0.78 41.03
N GLY E 20 -24.25 -2.08 41.31
CA GLY E 20 -23.08 -2.92 41.29
C GLY E 20 -22.86 -3.70 40.02
N SER E 21 -23.58 -3.38 38.96
CA SER E 21 -23.42 -4.04 37.68
C SER E 21 -22.92 -3.03 36.66
N SER E 22 -22.12 -3.49 35.72
CA SER E 22 -21.58 -2.64 34.68
C SER E 22 -22.56 -2.56 33.51
N SER E 23 -22.72 -1.37 32.98
CA SER E 23 -23.69 -1.13 31.91
C SER E 23 -23.06 -1.14 30.52
N GLY E 24 -21.78 -1.40 30.40
CA GLY E 24 -21.17 -1.52 29.09
C GLY E 24 -19.74 -2.00 29.23
N ASN E 25 -19.15 -2.33 28.09
CA ASN E 25 -17.80 -2.84 28.03
C ASN E 25 -16.94 -1.90 27.19
N TRP E 26 -15.65 -2.20 27.14
CA TRP E 26 -14.69 -1.36 26.45
C TRP E 26 -14.47 -1.94 25.06
N HIS E 27 -14.83 -1.18 24.03
CA HIS E 27 -14.61 -1.62 22.65
C HIS E 27 -13.70 -0.61 21.96
N CYS E 28 -12.48 -1.02 21.67
CA CYS E 28 -11.60 -0.27 20.77
C CYS E 28 -10.94 -1.27 19.84
N ASP E 29 -11.16 -1.12 18.55
CA ASP E 29 -10.36 -1.79 17.52
C ASP E 29 -10.89 -1.43 16.15
N SER E 30 -10.21 -1.91 15.12
CA SER E 30 -10.68 -1.78 13.76
C SER E 30 -10.86 -3.18 13.18
N GLN E 31 -11.90 -3.33 12.36
CA GLN E 31 -12.16 -4.57 11.65
C GLN E 31 -12.14 -4.29 10.17
N TRP E 32 -11.17 -4.85 9.47
CA TRP E 32 -11.05 -4.68 8.03
C TRP E 32 -11.70 -5.88 7.36
N LEU E 33 -12.83 -5.64 6.71
CA LEU E 33 -13.59 -6.70 6.05
C LEU E 33 -13.90 -6.27 4.62
N GLY E 34 -13.24 -6.89 3.66
CA GLY E 34 -13.52 -6.57 2.28
C GLY E 34 -13.37 -5.09 1.98
N ASP E 35 -14.46 -4.50 1.50
CA ASP E 35 -14.52 -3.09 1.17
C ASP E 35 -15.00 -2.23 2.31
N ARG E 36 -15.10 -2.80 3.50
CA ARG E 36 -15.55 -2.06 4.66
C ARG E 36 -14.53 -2.14 5.77
N VAL E 37 -14.41 -1.05 6.51
CA VAL E 37 -13.55 -1.02 7.68
C VAL E 37 -14.43 -0.48 8.79
N ILE E 38 -14.42 -1.12 9.95
CA ILE E 38 -15.23 -0.64 11.06
C ILE E 38 -14.33 -0.27 12.21
N THR E 39 -14.40 0.99 12.61
CA THR E 39 -13.59 1.48 13.71
C THR E 39 -14.46 1.64 14.94
N THR E 40 -13.89 1.38 16.10
CA THR E 40 -14.61 1.56 17.35
C THR E 40 -13.64 2.18 18.34
N SER E 41 -14.07 3.25 19.00
CA SER E 41 -13.26 3.95 19.97
C SER E 41 -14.02 4.01 21.28
N THR E 42 -13.32 3.80 22.39
CA THR E 42 -13.91 4.01 23.71
C THR E 42 -13.00 4.95 24.47
N ARG E 43 -13.59 5.90 25.17
CA ARG E 43 -12.84 6.87 25.96
C ARG E 43 -13.53 7.04 27.31
N THR E 44 -12.80 7.60 28.25
CA THR E 44 -13.34 7.98 29.55
C THR E 44 -13.45 9.50 29.60
N TRP E 45 -14.60 9.98 30.04
CA TRP E 45 -14.88 11.41 30.07
C TRP E 45 -15.20 11.87 31.48
N ALA E 46 -15.09 13.18 31.67
CA ALA E 46 -15.46 13.87 32.89
C ALA E 46 -16.28 15.08 32.52
N LEU E 47 -17.43 15.23 33.16
CA LEU E 47 -18.34 16.34 32.89
C LEU E 47 -18.51 17.20 34.12
N PRO E 48 -18.12 18.46 34.09
CA PRO E 48 -18.37 19.36 35.22
C PRO E 48 -19.76 19.98 35.12
N THR E 49 -20.07 20.80 36.12
CA THR E 49 -21.18 21.72 36.04
C THR E 49 -20.69 23.01 35.40
N TYR E 50 -21.39 23.45 34.35
CA TYR E 50 -21.04 24.69 33.69
C TYR E 50 -22.01 25.80 34.05
N ASN E 51 -21.47 26.99 34.28
CA ASN E 51 -22.23 28.22 34.51
C ASN E 51 -23.10 28.16 35.76
N ASN E 52 -22.80 27.28 36.70
CA ASN E 52 -23.64 27.09 37.88
C ASN E 52 -25.09 26.85 37.48
N HIS E 53 -25.28 25.97 36.50
CA HIS E 53 -26.59 25.55 36.03
C HIS E 53 -27.36 26.67 35.34
N LEU E 54 -26.68 27.69 34.84
CA LEU E 54 -27.34 28.86 34.31
C LEU E 54 -27.10 29.01 32.81
N TYR E 55 -28.10 29.52 32.12
CA TYR E 55 -27.91 30.10 30.81
C TYR E 55 -27.45 31.53 30.99
N LYS E 56 -26.48 31.96 30.19
CA LYS E 56 -25.99 33.33 30.30
C LYS E 56 -25.76 33.99 28.96
N GLN E 57 -26.22 35.22 28.83
CA GLN E 57 -26.02 35.97 27.61
C GLN E 57 -24.57 36.42 27.53
N ILE E 58 -23.96 36.28 26.36
CA ILE E 58 -22.58 36.67 26.15
C ILE E 58 -22.40 37.51 24.90
N SER E 59 -21.44 38.41 24.90
CA SER E 59 -21.15 39.26 23.77
C SER E 59 -19.70 39.72 23.84
N ASN E 60 -19.16 40.20 22.75
CA ASN E 60 -17.78 40.65 22.75
C ASN E 60 -17.63 41.82 23.71
N SER E 61 -16.54 41.81 24.48
CA SER E 61 -16.28 42.84 25.47
C SER E 61 -15.46 44.01 24.94
N THR E 62 -14.93 43.88 23.74
CA THR E 62 -14.10 44.90 23.13
C THR E 62 -14.83 46.08 22.51
N SER E 63 -14.10 47.17 22.30
CA SER E 63 -14.63 48.39 21.70
C SER E 63 -13.65 48.90 20.66
N GLY E 64 -14.11 49.77 19.77
CA GLY E 64 -13.28 50.33 18.73
C GLY E 64 -13.45 49.65 17.39
N GLY E 65 -12.68 50.12 16.41
CA GLY E 65 -12.74 49.62 15.05
C GLY E 65 -12.37 48.17 14.93
N SER E 66 -11.40 47.75 15.74
CA SER E 66 -10.93 46.37 15.76
C SER E 66 -12.02 45.39 16.18
N SER E 67 -12.87 45.82 17.11
CA SER E 67 -13.97 44.98 17.58
C SER E 67 -14.97 44.62 16.48
N ASN E 68 -15.22 45.55 15.56
CA ASN E 68 -16.16 45.38 14.45
C ASN E 68 -16.20 44.00 13.81
N ASP E 69 -15.07 43.52 13.31
CA ASP E 69 -15.00 42.19 12.71
C ASP E 69 -15.19 41.09 13.74
N ASN E 70 -14.88 41.37 15.01
CA ASN E 70 -14.92 40.37 16.05
C ASN E 70 -16.19 40.42 16.89
N ALA E 71 -17.13 41.27 16.54
CA ALA E 71 -18.34 41.43 17.34
C ALA E 71 -19.20 40.17 17.32
N TYR E 72 -19.84 39.88 18.46
CA TYR E 72 -20.75 38.75 18.52
C TYR E 72 -21.75 38.93 19.65
N PHE E 73 -22.81 38.14 19.57
CA PHE E 73 -23.86 38.06 20.57
C PHE E 73 -24.33 36.62 20.64
N GLY E 74 -24.52 36.11 21.84
CA GLY E 74 -24.97 34.73 21.96
C GLY E 74 -25.21 34.34 23.40
N TYR E 75 -25.22 33.02 23.62
CA TYR E 75 -25.53 32.44 24.92
C TYR E 75 -24.62 31.27 25.21
N SER E 76 -24.17 31.15 26.45
CA SER E 76 -23.55 29.94 26.93
C SER E 76 -24.55 29.17 27.78
N THR E 77 -24.48 27.85 27.71
CA THR E 77 -25.46 26.98 28.33
C THR E 77 -24.80 26.15 29.41
N PRO E 78 -25.56 25.62 30.35
CA PRO E 78 -25.01 24.65 31.31
C PRO E 78 -24.63 23.32 30.69
N TRP E 79 -25.03 23.04 29.46
CA TRP E 79 -24.85 21.74 28.84
C TRP E 79 -23.45 21.58 28.27
N GLY E 80 -23.00 20.32 28.21
CA GLY E 80 -21.86 19.92 27.43
C GLY E 80 -22.28 19.13 26.21
N TYR E 81 -21.29 18.78 25.38
CA TYR E 81 -21.57 18.03 24.17
C TYR E 81 -20.40 17.13 23.82
N PHE E 82 -20.70 16.05 23.10
CA PHE E 82 -19.69 15.11 22.63
C PHE E 82 -19.32 15.38 21.19
N ASP E 83 -18.01 15.39 20.91
CA ASP E 83 -17.49 15.68 19.59
C ASP E 83 -16.48 14.60 19.20
N PHE E 84 -16.84 13.76 18.24
CA PHE E 84 -15.92 12.79 17.65
C PHE E 84 -15.46 13.16 16.24
N ASN E 85 -15.59 14.42 15.83
CA ASN E 85 -15.48 14.84 14.44
C ASN E 85 -14.05 14.98 13.93
N ARG E 86 -13.02 14.50 14.61
CA ARG E 86 -11.69 14.41 14.03
C ARG E 86 -11.36 12.97 13.67
N PHE E 87 -10.54 12.78 12.65
CA PHE E 87 -10.22 11.41 12.22
C PHE E 87 -9.41 10.65 13.24
N HIS E 88 -8.47 11.29 13.93
CA HIS E 88 -7.72 10.52 14.91
C HIS E 88 -8.56 10.06 16.08
N CYS E 89 -9.82 10.50 16.17
CA CYS E 89 -10.74 9.88 17.10
C CYS E 89 -10.99 8.43 16.74
N HIS E 90 -11.13 8.15 15.45
CA HIS E 90 -11.56 6.84 14.98
C HIS E 90 -10.46 5.96 14.43
N PHE E 91 -9.29 6.49 14.12
CA PHE E 91 -8.24 5.73 13.45
C PHE E 91 -6.96 5.82 14.26
N SER E 92 -6.28 4.69 14.41
CA SER E 92 -4.92 4.72 14.89
C SER E 92 -4.00 5.12 13.73
N PRO E 93 -2.79 5.55 14.03
CA PRO E 93 -1.85 5.84 12.95
C PRO E 93 -1.60 4.67 12.02
N ARG E 94 -1.58 3.45 12.55
CA ARG E 94 -1.39 2.29 11.69
C ARG E 94 -2.62 2.03 10.83
N ASP E 95 -3.81 2.26 11.39
CA ASP E 95 -5.03 2.10 10.59
C ASP E 95 -5.12 3.17 9.52
N TRP E 96 -4.69 4.38 9.83
CA TRP E 96 -4.71 5.44 8.83
C TRP E 96 -3.75 5.12 7.70
N GLN E 97 -2.58 4.58 8.03
CA GLN E 97 -1.64 4.11 7.01
C GLN E 97 -2.27 3.02 6.17
N ARG E 98 -2.82 2.01 6.84
CA ARG E 98 -3.47 0.90 6.17
C ARG E 98 -4.56 1.40 5.23
N LEU E 99 -5.19 2.52 5.57
CA LEU E 99 -6.23 3.10 4.71
C LEU E 99 -5.61 3.79 3.50
N ILE E 100 -4.66 4.68 3.72
CA ILE E 100 -4.25 5.60 2.67
C ILE E 100 -3.29 4.97 1.69
N ASN E 101 -2.61 3.90 2.07
CA ASN E 101 -1.73 3.25 1.12
C ASN E 101 -2.47 2.33 0.17
N ASN E 102 -3.59 1.76 0.60
CA ASN E 102 -4.26 0.73 -0.17
C ASN E 102 -5.52 1.14 -0.89
N ASN E 103 -6.00 2.36 -0.72
CA ASN E 103 -7.34 2.68 -1.17
C ASN E 103 -7.35 3.98 -1.95
N TRP E 104 -8.21 4.03 -2.97
CA TRP E 104 -8.42 5.25 -3.73
C TRP E 104 -9.47 6.16 -3.13
N GLY E 105 -10.28 5.68 -2.21
CA GLY E 105 -11.30 6.52 -1.62
C GLY E 105 -12.02 5.81 -0.49
N PHE E 106 -12.70 6.62 0.31
CA PHE E 106 -13.43 6.11 1.46
C PHE E 106 -14.51 7.11 1.82
N ARG E 107 -15.42 6.69 2.69
CA ARG E 107 -16.51 7.54 3.14
C ARG E 107 -17.29 6.85 4.25
N PRO E 108 -17.89 7.61 5.15
CA PRO E 108 -18.62 7.01 6.26
C PRO E 108 -19.99 6.49 5.85
N LYS E 109 -20.42 5.44 6.54
CA LYS E 109 -21.69 4.78 6.25
C LYS E 109 -22.63 4.79 7.44
N ARG E 110 -22.26 4.14 8.53
CA ARG E 110 -23.10 4.02 9.71
C ARG E 110 -22.36 4.57 10.92
N LEU E 111 -23.13 4.93 11.94
CA LEU E 111 -22.61 5.48 13.17
C LEU E 111 -23.35 4.84 14.32
N ASN E 112 -22.63 4.47 15.37
CA ASN E 112 -23.24 3.88 16.55
C ASN E 112 -22.57 4.48 17.77
N PHE E 113 -23.38 5.00 18.68
CA PHE E 113 -22.88 5.77 19.82
C PHE E 113 -23.42 5.17 21.10
N LYS E 114 -22.56 5.04 22.11
CA LYS E 114 -22.97 4.53 23.41
C LYS E 114 -22.43 5.41 24.52
N LEU E 115 -23.20 5.49 25.60
CA LEU E 115 -22.83 6.23 26.79
C LEU E 115 -23.20 5.38 27.99
N PHE E 116 -22.21 5.02 28.82
CA PHE E 116 -22.45 4.00 29.83
C PHE E 116 -21.47 4.16 30.99
N ASN E 117 -21.68 3.32 32.00
CA ASN E 117 -20.91 3.32 33.25
C ASN E 117 -20.87 4.70 33.88
N ILE E 118 -22.02 5.32 34.00
CA ILE E 118 -22.15 6.65 34.55
C ILE E 118 -21.92 6.74 36.04
N GLN E 119 -21.08 7.68 36.44
CA GLN E 119 -20.81 7.91 37.85
C GLN E 119 -20.99 9.37 38.19
N VAL E 120 -21.76 9.65 39.23
CA VAL E 120 -21.95 11.02 39.64
C VAL E 120 -21.23 11.18 40.96
N LYS E 121 -20.39 12.18 41.05
CA LYS E 121 -19.60 12.44 42.24
C LYS E 121 -20.02 13.77 42.84
N GLU E 122 -20.08 13.82 44.16
CA GLU E 122 -20.33 15.06 44.88
C GLU E 122 -19.06 15.48 45.60
N VAL E 123 -18.82 16.78 45.66
CA VAL E 123 -17.60 17.33 46.22
C VAL E 123 -17.98 18.24 47.38
N THR E 124 -17.57 17.87 48.58
CA THR E 124 -17.82 18.68 49.74
C THR E 124 -16.49 19.24 50.16
N ASP E 125 -16.34 20.56 50.08
CA ASP E 125 -15.08 21.17 50.45
C ASP E 125 -15.22 21.88 51.78
N ASN E 126 -14.45 21.45 52.76
CA ASN E 126 -14.48 22.05 54.08
C ASN E 126 -13.06 22.40 54.54
N ASN E 127 -12.86 23.65 54.90
CA ASN E 127 -11.57 24.14 55.41
C ASN E 127 -10.37 23.87 54.49
N GLY E 128 -10.58 23.99 53.18
CA GLY E 128 -9.52 23.80 52.21
C GLY E 128 -9.20 22.36 51.83
N VAL E 129 -9.91 21.40 52.43
CA VAL E 129 -9.70 20.00 52.09
C VAL E 129 -11.00 19.50 51.49
N LYS E 130 -10.90 18.92 50.30
CA LYS E 130 -12.10 18.46 49.61
C LYS E 130 -12.29 16.95 49.61
N THR E 131 -13.52 16.55 49.89
CA THR E 131 -13.90 15.15 49.90
C THR E 131 -14.74 14.87 48.67
N ILE E 132 -14.52 13.70 48.06
CA ILE E 132 -15.31 13.26 46.93
C ILE E 132 -16.00 11.97 47.31
N ALA E 133 -17.31 11.90 47.06
CA ALA E 133 -18.09 10.71 47.36
C ALA E 133 -19.03 10.44 46.21
N ASN E 134 -19.51 9.21 46.14
CA ASN E 134 -20.54 8.87 45.19
C ASN E 134 -21.87 9.45 45.62
N ASN E 135 -22.61 9.97 44.65
CA ASN E 135 -24.01 10.31 44.85
C ASN E 135 -24.79 9.35 43.97
N LEU E 136 -25.42 8.36 44.59
CA LEU E 136 -25.94 7.25 43.81
C LEU E 136 -27.29 7.56 43.18
N THR E 137 -28.00 8.56 43.68
CA THR E 137 -29.32 8.88 43.20
C THR E 137 -29.34 10.03 42.20
N SER E 138 -28.21 10.63 41.91
CA SER E 138 -28.18 11.73 40.96
C SER E 138 -28.27 11.23 39.54
N THR E 139 -28.73 12.10 38.65
CA THR E 139 -28.88 11.78 37.25
C THR E 139 -28.01 12.67 36.38
N VAL E 140 -27.80 12.20 35.17
CA VAL E 140 -27.20 12.96 34.08
C VAL E 140 -28.18 12.93 32.93
N GLN E 141 -28.40 14.08 32.29
CA GLN E 141 -29.34 14.19 31.19
C GLN E 141 -28.60 14.16 29.87
N VAL E 142 -29.19 13.50 28.88
CA VAL E 142 -28.58 13.40 27.56
C VAL E 142 -29.69 13.40 26.51
N PHE E 143 -29.45 14.12 25.42
CA PHE E 143 -30.31 13.96 24.25
C PHE E 143 -29.49 14.27 23.02
N THR E 144 -29.93 13.73 21.90
CA THR E 144 -29.39 14.08 20.60
C THR E 144 -30.35 15.00 19.90
N ASP E 145 -29.82 15.93 19.13
CA ASP E 145 -30.62 16.87 18.38
C ASP E 145 -30.85 16.32 16.98
N SER E 146 -31.71 15.31 16.91
CA SER E 146 -32.04 14.63 15.67
C SER E 146 -32.71 15.49 14.62
N ASP E 147 -33.55 16.42 15.04
CA ASP E 147 -34.25 17.30 14.11
C ASP E 147 -33.49 18.55 13.70
N TYR E 148 -32.22 18.64 14.09
CA TYR E 148 -31.34 19.75 13.73
C TYR E 148 -31.97 21.08 14.08
N GLN E 149 -32.56 21.14 15.26
CA GLN E 149 -33.24 22.32 15.74
C GLN E 149 -32.34 23.25 16.53
N LEU E 150 -31.21 22.80 17.00
CA LEU E 150 -30.28 23.67 17.69
C LEU E 150 -29.24 24.23 16.73
N PRO E 151 -28.62 25.35 17.07
CA PRO E 151 -27.46 25.79 16.31
C PRO E 151 -26.35 24.74 16.35
N TYR E 152 -25.75 24.50 15.21
CA TYR E 152 -24.87 23.36 15.01
C TYR E 152 -23.43 23.83 15.07
N VAL E 153 -22.72 23.48 16.15
CA VAL E 153 -21.38 23.97 16.38
C VAL E 153 -20.30 22.96 16.02
N LEU E 154 -20.66 21.78 15.52
CA LEU E 154 -19.67 20.73 15.33
C LEU E 154 -18.82 20.91 14.09
N GLY E 155 -19.13 21.86 13.22
CA GLY E 155 -18.38 21.98 11.98
C GLY E 155 -17.43 23.16 11.98
N SER E 156 -17.00 23.59 13.16
CA SER E 156 -16.12 24.73 13.26
C SER E 156 -14.69 24.43 13.74
N ALA E 157 -14.25 23.19 13.59
CA ALA E 157 -12.89 22.77 13.96
C ALA E 157 -12.49 23.10 15.39
N HIS E 158 -13.41 22.87 16.32
CA HIS E 158 -13.16 23.12 17.73
C HIS E 158 -12.45 22.02 18.50
N GLU E 159 -11.90 22.40 19.65
CA GLU E 159 -11.24 21.51 20.59
C GLU E 159 -12.30 20.79 21.43
N GLY E 160 -11.90 19.78 22.18
CA GLY E 160 -12.88 19.09 22.99
C GLY E 160 -13.37 17.78 22.43
N CYS E 161 -12.76 17.33 21.34
CA CYS E 161 -13.07 16.04 20.73
C CYS E 161 -12.41 14.92 21.53
N LEU E 162 -12.82 13.68 21.29
CA LEU E 162 -12.21 12.55 21.98
C LEU E 162 -10.73 12.53 21.63
N PRO E 163 -9.87 12.36 22.63
CA PRO E 163 -8.43 12.35 22.41
C PRO E 163 -7.98 11.25 21.46
N PRO E 164 -6.95 11.52 20.66
CA PRO E 164 -6.51 10.46 19.74
C PRO E 164 -5.99 9.23 20.44
N PHE E 165 -5.46 9.35 21.61
CA PHE E 165 -4.87 8.20 22.24
C PHE E 165 -5.84 7.61 23.26
N PRO E 166 -6.13 6.31 23.18
CA PRO E 166 -7.27 5.78 23.94
C PRO E 166 -7.11 5.82 25.43
N ALA E 167 -5.91 6.00 25.96
CA ALA E 167 -5.74 5.95 27.40
C ALA E 167 -5.95 7.30 28.06
N ASP E 168 -6.25 8.34 27.30
CA ASP E 168 -6.40 9.67 27.87
C ASP E 168 -7.84 9.92 28.28
N VAL E 169 -8.00 10.57 29.43
CA VAL E 169 -9.29 10.98 29.96
C VAL E 169 -9.50 12.44 29.60
N PHE E 170 -10.65 12.75 29.01
CA PHE E 170 -10.86 14.08 28.49
C PHE E 170 -12.07 14.74 29.14
N MET E 171 -12.00 16.06 29.20
CA MET E 171 -13.08 16.89 29.72
C MET E 171 -14.05 17.22 28.59
N ILE E 172 -15.33 17.25 28.92
CA ILE E 172 -16.35 17.50 27.91
C ILE E 172 -16.52 19.01 27.73
N PRO E 173 -16.53 19.52 26.51
CA PRO E 173 -16.59 20.96 26.30
C PRO E 173 -17.99 21.51 26.50
N GLN E 174 -18.04 22.80 26.85
CA GLN E 174 -19.29 23.47 27.12
C GLN E 174 -19.97 23.89 25.83
N TYR E 175 -21.29 23.74 25.78
CA TYR E 175 -22.04 24.12 24.61
C TYR E 175 -22.45 25.58 24.67
N GLY E 176 -22.40 26.23 23.51
CA GLY E 176 -22.81 27.61 23.40
C GLY E 176 -23.05 27.90 21.93
N TYR E 177 -23.76 28.98 21.67
CA TYR E 177 -24.10 29.32 20.30
C TYR E 177 -24.18 30.82 20.16
N LEU E 178 -24.12 31.26 18.92
CA LEU E 178 -24.26 32.66 18.57
C LEU E 178 -25.52 32.86 17.75
N THR E 179 -26.14 34.01 17.93
CA THR E 179 -27.28 34.39 17.10
C THR E 179 -26.98 35.75 16.49
N LEU E 180 -27.91 36.28 15.73
CA LEU E 180 -27.75 37.56 15.06
C LEU E 180 -27.34 38.68 15.99
N ASN E 181 -26.40 39.50 15.56
CA ASN E 181 -25.96 40.61 16.37
C ASN E 181 -25.63 41.85 15.57
N ASP E 182 -25.82 43.02 16.19
CA ASP E 182 -25.45 44.28 15.58
C ASP E 182 -24.43 44.76 16.60
N GLY E 183 -23.16 44.78 16.23
CA GLY E 183 -22.13 45.13 17.18
C GLY E 183 -22.24 44.07 18.27
N SER E 184 -22.31 44.50 19.52
CA SER E 184 -22.52 43.56 20.61
C SER E 184 -23.98 43.44 21.01
N GLN E 185 -24.86 44.27 20.47
CA GLN E 185 -26.28 44.20 20.73
C GLN E 185 -26.96 43.14 19.87
N ALA E 186 -28.12 42.69 20.33
CA ALA E 186 -28.97 41.78 19.60
C ALA E 186 -30.01 42.55 18.79
N VAL E 187 -30.80 41.81 18.01
CA VAL E 187 -31.90 42.35 17.24
C VAL E 187 -33.12 41.48 17.50
N GLY E 188 -34.28 42.00 17.12
CA GLY E 188 -35.51 41.26 17.34
C GLY E 188 -35.54 39.93 16.65
N ARG E 189 -34.75 39.76 15.60
CA ARG E 189 -34.70 38.50 14.88
C ARG E 189 -33.82 37.47 15.57
N SER E 190 -33.06 37.86 16.60
CA SER E 190 -32.18 36.93 17.29
C SER E 190 -32.97 35.90 18.07
N SER E 191 -32.46 34.68 18.09
CA SER E 191 -33.12 33.54 18.73
C SER E 191 -32.44 33.16 20.04
N PHE E 192 -33.24 32.73 20.99
CA PHE E 192 -32.78 32.15 22.24
C PHE E 192 -33.28 30.72 22.32
N TYR E 193 -32.43 29.83 22.82
CA TYR E 193 -32.76 28.42 22.91
C TYR E 193 -32.52 27.94 24.33
N CYS E 194 -33.54 27.39 24.95
CA CYS E 194 -33.39 26.63 26.18
C CYS E 194 -33.25 25.17 25.83
N LEU E 195 -32.13 24.56 26.20
CA LEU E 195 -31.96 23.16 25.91
C LEU E 195 -32.75 22.27 26.84
N GLU E 196 -33.26 22.83 27.94
CA GLU E 196 -34.16 22.09 28.82
C GLU E 196 -35.50 21.84 28.16
N TYR E 197 -35.77 22.49 27.04
CA TYR E 197 -37.08 22.44 26.43
C TYR E 197 -37.15 21.35 25.35
N PHE E 198 -36.14 20.57 25.24
CA PHE E 198 -36.11 19.29 24.53
C PHE E 198 -36.40 18.15 25.49
N PRO E 199 -37.01 17.07 25.02
CA PRO E 199 -37.03 15.84 25.80
C PRO E 199 -35.66 15.20 25.86
N SER E 200 -35.25 14.79 27.05
CA SER E 200 -33.96 14.14 27.21
C SER E 200 -34.10 12.96 28.14
N GLN E 201 -33.21 12.00 27.97
CA GLN E 201 -33.17 10.82 28.82
C GLN E 201 -32.34 11.10 30.06
N MET E 202 -32.81 10.63 31.20
CA MET E 202 -32.14 10.85 32.47
C MET E 202 -31.52 9.53 32.92
N LEU E 203 -30.30 9.59 33.41
CA LEU E 203 -29.52 8.39 33.69
C LEU E 203 -28.98 8.47 35.10
N ARG E 204 -29.34 7.49 35.92
CA ARG E 204 -28.57 7.22 37.13
C ARG E 204 -27.43 6.26 36.80
N THR E 205 -26.72 5.83 37.82
CA THR E 205 -25.47 5.15 37.59
C THR E 205 -25.64 3.78 36.94
N GLY E 206 -26.83 3.19 37.02
CA GLY E 206 -27.06 1.92 36.36
C GLY E 206 -27.56 2.03 34.94
N ASN E 207 -28.00 3.21 34.54
CA ASN E 207 -28.57 3.42 33.22
C ASN E 207 -27.48 3.63 32.17
N ASN E 208 -27.83 3.34 30.92
CA ASN E 208 -26.96 3.63 29.80
C ASN E 208 -27.77 4.24 28.67
N PHE E 209 -27.06 4.76 27.68
CA PHE E 209 -27.66 5.48 26.57
C PHE E 209 -27.01 5.05 25.27
N GLN E 210 -27.80 4.94 24.20
CA GLN E 210 -27.23 4.69 22.89
C GLN E 210 -28.18 5.21 21.82
N PHE E 211 -27.62 5.47 20.64
CA PHE E 211 -28.40 5.69 19.45
C PHE E 211 -27.53 5.35 18.25
N SER E 212 -28.19 5.11 17.12
CA SER E 212 -27.47 4.83 15.88
C SER E 212 -27.88 5.84 14.83
N TYR E 213 -26.98 6.06 13.89
CA TYR E 213 -27.12 7.10 12.89
C TYR E 213 -26.69 6.56 11.53
N GLU E 214 -27.34 7.05 10.48
CA GLU E 214 -27.07 6.62 9.12
C GLU E 214 -26.58 7.82 8.32
N PHE E 215 -25.33 7.77 7.87
CA PHE E 215 -24.82 8.82 7.00
C PHE E 215 -25.60 8.88 5.70
N GLU E 216 -25.93 10.08 5.27
CA GLU E 216 -26.50 10.24 3.95
C GLU E 216 -25.42 10.09 2.90
N ASN E 217 -25.84 9.78 1.68
CA ASN E 217 -24.90 9.44 0.64
C ASN E 217 -24.00 10.61 0.33
N VAL E 218 -22.69 10.40 0.43
CA VAL E 218 -21.71 11.41 0.07
C VAL E 218 -20.77 10.78 -0.94
N PRO E 219 -20.06 11.58 -1.73
CA PRO E 219 -19.04 11.01 -2.61
C PRO E 219 -17.86 10.52 -1.80
N PHE E 220 -17.18 9.52 -2.35
CA PHE E 220 -15.92 9.09 -1.76
C PHE E 220 -14.95 10.26 -1.73
N HIS E 221 -14.31 10.47 -0.60
CA HIS E 221 -13.14 11.32 -0.57
C HIS E 221 -12.12 10.76 -1.53
N SER E 222 -11.48 11.62 -2.30
CA SER E 222 -10.51 11.16 -3.27
C SER E 222 -9.11 11.07 -2.69
N SER E 223 -8.78 9.96 -2.06
CA SER E 223 -7.46 9.80 -1.47
C SER E 223 -6.42 9.28 -2.45
N TYR E 224 -6.11 10.09 -3.45
CA TYR E 224 -5.13 9.74 -4.46
C TYR E 224 -4.62 11.02 -5.08
N ALA E 225 -3.49 10.93 -5.77
CA ALA E 225 -2.92 12.09 -6.44
C ALA E 225 -2.92 11.79 -7.93
N HIS E 226 -3.03 12.81 -8.77
CA HIS E 226 -3.02 12.59 -10.20
C HIS E 226 -1.62 12.43 -10.76
N SER E 227 -1.42 11.41 -11.59
CA SER E 227 -0.15 11.18 -12.24
C SER E 227 -0.07 11.86 -13.60
N GLN E 228 -1.08 12.64 -13.96
CA GLN E 228 -1.05 13.52 -15.11
C GLN E 228 -1.49 14.91 -14.69
N SER E 229 -1.12 15.89 -15.50
CA SER E 229 -1.56 17.26 -15.27
C SER E 229 -2.55 17.65 -16.36
N LEU E 230 -3.43 18.59 -16.00
CA LEU E 230 -4.53 18.98 -16.87
C LEU E 230 -4.04 19.49 -18.21
N ASP E 231 -2.84 20.07 -18.27
CA ASP E 231 -2.32 20.63 -19.48
C ASP E 231 -1.50 19.66 -20.31
N ARG E 232 -1.23 18.46 -19.79
CA ARG E 232 -0.44 17.44 -20.47
C ARG E 232 -1.24 16.27 -21.03
N LEU E 233 -2.54 16.39 -21.21
CA LEU E 233 -3.33 15.25 -21.66
C LEU E 233 -3.20 14.78 -23.11
N MET E 234 -2.46 15.50 -23.93
CA MET E 234 -2.28 15.14 -25.34
C MET E 234 -1.34 13.97 -25.58
N ASN E 235 -1.40 13.42 -26.78
CA ASN E 235 -0.50 12.35 -27.19
C ASN E 235 0.72 13.13 -27.65
N PRO E 236 1.87 12.89 -27.02
CA PRO E 236 3.11 13.60 -27.32
C PRO E 236 3.74 13.27 -28.65
N LEU E 237 3.16 12.35 -29.41
CA LEU E 237 3.76 12.00 -30.68
C LEU E 237 3.06 12.58 -31.90
N ILE E 238 1.87 13.14 -31.72
CA ILE E 238 1.00 13.46 -32.85
C ILE E 238 0.69 14.95 -32.84
N ASP E 239 0.48 15.51 -34.02
CA ASP E 239 -0.01 16.87 -34.16
C ASP E 239 -1.51 16.94 -33.97
N GLN E 240 -1.98 18.12 -33.60
CA GLN E 240 -3.40 18.42 -33.71
C GLN E 240 -3.73 18.84 -35.14
N TYR E 241 -4.99 18.66 -35.51
CA TYR E 241 -5.49 19.22 -36.75
C TYR E 241 -5.99 20.64 -36.60
N LEU E 242 -5.90 21.21 -35.40
CA LEU E 242 -6.21 22.60 -35.16
C LEU E 242 -5.02 23.50 -35.45
N TYR E 243 -5.32 24.75 -35.77
CA TYR E 243 -4.32 25.78 -36.01
C TYR E 243 -4.42 26.90 -35.00
N TYR E 244 -3.31 27.58 -34.77
CA TYR E 244 -3.25 28.75 -33.92
C TYR E 244 -2.52 29.84 -34.67
N LEU E 245 -2.60 31.06 -34.16
CA LEU E 245 -2.03 32.22 -34.83
C LEU E 245 -0.61 32.38 -34.34
N SER E 246 0.37 32.08 -35.21
CA SER E 246 1.77 32.10 -34.84
C SER E 246 2.43 33.47 -34.99
N LYS E 247 2.14 34.22 -36.05
CA LYS E 247 2.80 35.48 -36.31
C LYS E 247 1.80 36.56 -36.69
N THR E 248 1.92 37.73 -36.07
CA THR E 248 1.17 38.89 -36.52
C THR E 248 1.99 39.89 -37.33
N ILE E 249 3.29 39.71 -37.50
CA ILE E 249 4.10 40.59 -38.33
C ILE E 249 5.17 39.80 -39.07
N ASN E 250 5.53 40.29 -40.25
CA ASN E 250 6.59 39.65 -41.03
C ASN E 250 7.96 39.90 -40.44
N GLY E 251 8.15 41.04 -39.79
CA GLY E 251 9.43 41.35 -39.21
C GLY E 251 9.47 42.79 -38.77
N SER E 252 10.67 43.30 -38.60
CA SER E 252 10.86 44.68 -38.21
C SER E 252 10.59 45.60 -39.40
N GLY E 253 9.92 46.71 -39.14
CA GLY E 253 9.67 47.69 -40.17
C GLY E 253 8.33 48.35 -39.94
N GLN E 254 7.85 49.03 -40.97
CA GLN E 254 6.54 49.63 -40.97
C GLN E 254 5.61 48.79 -41.81
N ASN E 255 4.34 48.70 -41.39
CA ASN E 255 3.30 48.07 -42.19
C ASN E 255 3.61 46.61 -42.46
N GLN E 256 4.10 45.92 -41.44
CA GLN E 256 4.51 44.53 -41.56
C GLN E 256 3.41 43.56 -41.16
N GLN E 257 2.20 44.05 -40.90
CA GLN E 257 1.13 43.20 -40.40
C GLN E 257 0.90 42.01 -41.32
N THR E 258 0.68 40.86 -40.71
CA THR E 258 0.35 39.64 -41.43
C THR E 258 -0.39 38.71 -40.48
N LEU E 259 -0.99 37.68 -41.03
CA LEU E 259 -1.57 36.59 -40.26
C LEU E 259 -0.94 35.29 -40.71
N LYS E 260 -0.20 34.66 -39.80
CA LYS E 260 0.39 33.35 -40.04
C LYS E 260 -0.17 32.37 -39.03
N PHE E 261 -0.37 31.14 -39.46
CA PHE E 261 -0.97 30.11 -38.63
C PHE E 261 -0.11 28.86 -38.69
N SER E 262 0.00 28.18 -37.55
CA SER E 262 0.77 26.96 -37.46
C SER E 262 -0.06 25.86 -36.83
N VAL E 263 0.41 24.63 -37.01
CA VAL E 263 -0.19 23.49 -36.35
C VAL E 263 0.34 23.38 -34.93
N ALA E 264 -0.55 23.11 -33.99
CA ALA E 264 -0.15 22.80 -32.63
C ALA E 264 0.28 21.36 -32.55
N GLY E 265 1.43 21.12 -31.96
CA GLY E 265 2.03 19.81 -31.97
C GLY E 265 2.94 19.60 -30.80
N PRO E 266 3.68 18.49 -30.82
CA PRO E 266 4.59 18.18 -29.71
C PRO E 266 5.57 19.28 -29.37
N SER E 267 6.05 20.02 -30.36
CA SER E 267 7.01 21.10 -30.13
C SER E 267 6.46 22.21 -29.25
N ASN E 268 5.21 22.58 -29.46
CA ASN E 268 4.59 23.60 -28.63
C ASN E 268 3.30 23.08 -28.03
N MET E 269 3.37 22.61 -26.78
CA MET E 269 2.21 22.07 -26.11
C MET E 269 1.37 23.12 -25.39
N ALA E 270 1.89 24.33 -25.29
CA ALA E 270 1.18 25.39 -24.59
C ALA E 270 0.06 26.01 -25.40
N VAL E 271 0.17 25.98 -26.72
CA VAL E 271 -0.83 26.58 -27.58
C VAL E 271 -1.87 25.60 -28.08
N GLN E 272 -1.85 24.36 -27.61
CA GLN E 272 -2.80 23.41 -28.16
C GLN E 272 -4.20 23.66 -27.61
N GLY E 273 -5.20 23.29 -28.40
CA GLY E 273 -6.56 23.37 -27.92
C GLY E 273 -6.82 22.29 -26.88
N ARG E 274 -7.51 22.67 -25.82
CA ARG E 274 -7.80 21.77 -24.73
C ARG E 274 -9.28 21.80 -24.42
N ASN E 275 -9.79 20.68 -23.93
CA ASN E 275 -11.20 20.58 -23.60
C ASN E 275 -11.54 21.04 -22.19
N TYR E 276 -10.58 21.06 -21.28
CA TYR E 276 -10.87 21.36 -19.89
C TYR E 276 -9.80 22.28 -19.33
N ILE E 277 -10.20 23.11 -18.37
CA ILE E 277 -9.33 24.15 -17.82
C ILE E 277 -9.29 23.99 -16.32
N PRO E 278 -8.28 24.54 -15.66
CA PRO E 278 -8.18 24.39 -14.20
C PRO E 278 -9.23 25.19 -13.46
N GLY E 279 -9.44 24.80 -12.22
CA GLY E 279 -10.53 25.28 -11.41
C GLY E 279 -10.34 26.68 -10.89
N PRO E 280 -11.26 27.10 -10.03
CA PRO E 280 -11.32 28.51 -9.62
C PRO E 280 -10.24 28.87 -8.62
N SER E 281 -9.95 30.17 -8.56
CA SER E 281 -8.88 30.69 -7.72
C SER E 281 -9.33 31.96 -7.01
N TYR E 282 -8.80 32.15 -5.81
CA TYR E 282 -8.92 33.42 -5.10
C TYR E 282 -7.55 33.67 -4.49
N ARG E 283 -6.82 34.68 -4.95
CA ARG E 283 -5.38 34.66 -4.68
C ARG E 283 -5.06 34.91 -3.22
N GLN E 284 -4.09 34.16 -2.71
CA GLN E 284 -3.53 34.28 -1.38
C GLN E 284 -2.18 34.97 -1.47
N GLN E 285 -1.81 35.69 -0.42
CA GLN E 285 -0.46 36.22 -0.32
C GLN E 285 0.52 35.13 0.06
N ARG E 286 1.74 35.23 -0.46
CA ARG E 286 2.73 34.17 -0.32
C ARG E 286 3.71 34.52 0.78
N VAL E 287 3.91 33.57 1.69
CA VAL E 287 4.79 33.76 2.84
C VAL E 287 5.86 32.69 2.78
N SER E 288 7.09 33.06 3.14
CA SER E 288 8.22 32.14 3.14
C SER E 288 8.54 31.71 4.56
N THR E 289 8.95 30.46 4.71
CA THR E 289 9.44 30.00 6.00
C THR E 289 10.86 30.45 6.25
N THR E 290 11.55 30.95 5.23
CA THR E 290 12.81 31.66 5.42
C THR E 290 12.45 33.13 5.62
N VAL E 291 12.68 33.64 6.82
CA VAL E 291 12.06 34.91 7.18
C VAL E 291 12.78 36.07 6.52
N THR E 292 14.06 35.92 6.20
CA THR E 292 14.77 37.01 5.53
C THR E 292 14.22 37.28 4.15
N GLN E 293 13.48 36.34 3.57
CA GLN E 293 12.87 36.53 2.26
C GLN E 293 11.56 37.29 2.35
N ASN E 294 10.98 37.37 3.53
CA ASN E 294 9.72 38.08 3.71
C ASN E 294 9.96 39.57 3.91
N ASN E 295 8.95 40.38 3.64
CA ASN E 295 9.05 41.83 3.78
C ASN E 295 9.17 42.25 5.24
N ASN E 296 9.91 43.32 5.50
CA ASN E 296 10.07 43.82 6.85
C ASN E 296 8.94 44.75 7.25
N SER E 297 7.74 44.20 7.40
CA SER E 297 6.57 44.97 7.79
C SER E 297 5.53 44.01 8.34
N GLU E 298 4.52 44.54 9.02
CA GLU E 298 3.46 43.68 9.51
C GLU E 298 2.42 43.65 8.42
N PHE E 299 2.18 42.48 7.85
CA PHE E 299 1.22 42.38 6.75
C PHE E 299 0.32 41.18 6.93
N ALA E 300 0.42 40.54 8.07
CA ALA E 300 -0.38 39.35 8.35
C ALA E 300 -1.86 39.63 8.18
N TRP E 301 -2.42 40.48 9.01
CA TRP E 301 -3.80 40.89 8.78
C TRP E 301 -3.94 41.84 7.59
N PRO E 302 -3.16 42.93 7.49
CA PRO E 302 -3.40 43.88 6.39
C PRO E 302 -3.26 43.29 5.01
N GLY E 303 -2.41 42.30 4.81
CA GLY E 303 -2.18 41.78 3.48
C GLY E 303 -2.92 40.49 3.21
N ALA E 304 -3.96 40.23 3.98
CA ALA E 304 -4.66 38.96 3.93
C ALA E 304 -5.87 39.03 3.02
N SER E 305 -6.15 37.92 2.34
CA SER E 305 -7.36 37.79 1.55
C SER E 305 -8.56 37.62 2.48
N SER E 306 -9.63 38.32 2.19
CA SER E 306 -10.78 38.34 3.08
C SER E 306 -12.06 38.41 2.30
N TRP E 307 -13.16 38.14 2.98
CA TRP E 307 -14.48 38.41 2.46
C TRP E 307 -15.29 39.16 3.51
N ALA E 308 -16.22 39.98 3.03
CA ALA E 308 -17.02 40.83 3.88
C ALA E 308 -18.46 40.34 3.91
N LEU E 309 -19.06 40.36 5.09
CA LEU E 309 -20.45 39.97 5.24
C LEU E 309 -21.11 40.96 6.20
N ASN E 310 -22.09 41.69 5.71
CA ASN E 310 -22.83 42.65 6.52
C ASN E 310 -21.90 43.63 7.23
N GLY E 311 -20.86 44.07 6.53
CA GLY E 311 -19.94 45.04 7.06
C GLY E 311 -18.73 44.47 7.76
N ARG E 312 -18.78 43.22 8.18
CA ARG E 312 -17.68 42.59 8.90
C ARG E 312 -16.80 41.83 7.91
N ASN E 313 -15.49 41.90 8.14
CA ASN E 313 -14.53 41.23 7.29
C ASN E 313 -14.08 39.94 7.94
N SER E 314 -14.18 38.84 7.21
CA SER E 314 -13.65 37.56 7.65
C SER E 314 -12.47 37.19 6.78
N LEU E 315 -11.41 36.74 7.42
CA LEU E 315 -10.28 36.16 6.72
C LEU E 315 -10.75 35.04 5.81
N MET E 316 -10.13 34.89 4.65
CA MET E 316 -10.47 33.78 3.78
C MET E 316 -9.59 32.63 4.23
N ASN E 317 -10.19 31.72 4.99
CA ASN E 317 -9.44 30.66 5.61
C ASN E 317 -10.25 29.39 5.68
N PRO E 318 -9.69 28.27 5.22
CA PRO E 318 -8.53 28.19 4.34
C PRO E 318 -8.86 28.66 2.92
N GLY E 319 -10.14 28.70 2.58
CA GLY E 319 -10.57 29.20 1.30
C GLY E 319 -10.74 28.12 0.26
N PRO E 320 -10.78 28.51 -1.00
CA PRO E 320 -10.87 27.52 -2.08
C PRO E 320 -9.65 26.63 -2.11
N ALA E 321 -9.83 25.42 -2.61
CA ALA E 321 -8.73 24.46 -2.63
C ALA E 321 -7.82 24.79 -3.79
N MET E 322 -6.58 25.13 -3.46
CA MET E 322 -5.59 25.52 -4.45
C MET E 322 -4.26 24.91 -4.05
N ALA E 323 -3.42 24.68 -5.05
CA ALA E 323 -2.10 24.15 -4.78
C ALA E 323 -1.32 25.12 -3.91
N SER E 324 -0.69 24.58 -2.87
CA SER E 324 -0.03 25.43 -1.88
C SER E 324 1.13 26.20 -2.48
N HIS E 325 1.84 25.61 -3.44
CA HIS E 325 3.04 26.24 -3.96
C HIS E 325 3.37 25.63 -5.31
N LYS E 326 4.20 26.33 -6.06
CA LYS E 326 4.71 25.79 -7.31
C LYS E 326 5.69 24.67 -7.04
N GLU E 327 5.90 23.84 -8.06
CA GLU E 327 6.87 22.77 -7.98
C GLU E 327 8.26 23.34 -7.73
N GLY E 328 8.99 22.70 -6.83
CA GLY E 328 10.33 23.13 -6.50
C GLY E 328 10.41 24.17 -5.42
N GLU E 329 9.31 24.85 -5.12
CA GLU E 329 9.30 25.84 -4.05
C GLU E 329 8.38 25.32 -2.95
N ASP E 330 8.94 24.70 -1.92
CA ASP E 330 8.14 24.26 -0.79
C ASP E 330 8.27 25.18 0.40
N ARG E 331 9.14 26.19 0.33
CA ARG E 331 9.34 27.07 1.45
C ARG E 331 8.25 28.12 1.55
N PHE E 332 7.43 28.25 0.52
CA PHE E 332 6.34 29.20 0.50
C PHE E 332 5.03 28.51 0.85
N PHE E 333 4.15 29.26 1.52
CA PHE E 333 2.84 28.77 1.85
C PHE E 333 1.87 29.94 1.73
N PRO E 334 0.59 29.66 1.46
CA PRO E 334 -0.44 30.70 1.37
C PRO E 334 -0.59 31.38 2.72
N LEU E 335 -0.87 32.68 2.76
CA LEU E 335 -0.93 33.37 4.03
C LEU E 335 -1.96 32.79 4.98
N SER E 336 -3.13 32.44 4.47
CA SER E 336 -4.14 31.83 5.32
C SER E 336 -4.85 30.78 4.51
N GLY E 337 -4.13 30.24 3.54
CA GLY E 337 -4.67 29.22 2.65
C GLY E 337 -4.44 27.78 3.04
N SER E 338 -3.75 27.51 4.14
CA SER E 338 -3.49 26.14 4.55
C SER E 338 -4.02 25.89 5.96
N LEU E 339 -4.22 24.63 6.28
CA LEU E 339 -4.52 24.23 7.65
C LEU E 339 -3.22 24.10 8.43
N ILE E 340 -3.18 24.68 9.62
CA ILE E 340 -1.98 24.70 10.43
C ILE E 340 -2.33 24.06 11.77
N PHE E 341 -1.65 22.98 12.10
CA PHE E 341 -1.84 22.27 13.35
C PHE E 341 -0.69 22.57 14.28
N GLY E 342 -0.98 22.56 15.58
CA GLY E 342 0.05 22.69 16.58
C GLY E 342 0.65 21.35 16.96
N LYS E 343 1.93 21.37 17.27
CA LYS E 343 2.60 20.22 17.85
C LYS E 343 2.21 20.08 19.31
N GLN E 344 2.43 18.89 19.85
CA GLN E 344 2.06 18.62 21.22
C GLN E 344 2.76 19.57 22.18
N GLY E 345 1.98 20.17 23.07
CA GLY E 345 2.51 21.10 24.04
C GLY E 345 2.71 22.51 23.55
N THR E 346 2.23 22.82 22.35
CA THR E 346 2.40 24.15 21.80
C THR E 346 1.45 25.12 22.49
N GLY E 347 1.97 26.29 22.84
CA GLY E 347 1.18 27.29 23.51
C GLY E 347 0.09 27.84 22.62
N ARG E 348 -0.69 28.74 23.20
CA ARG E 348 -1.85 29.29 22.53
C ARG E 348 -1.53 30.47 21.62
N ASP E 349 -0.57 31.31 21.97
CA ASP E 349 -0.41 32.62 21.34
C ASP E 349 1.02 32.89 20.94
N ASN E 350 1.21 33.32 19.69
CA ASN E 350 2.49 33.82 19.18
C ASN E 350 3.61 32.79 19.31
N VAL E 351 3.32 31.57 18.92
CA VAL E 351 4.33 30.52 18.91
C VAL E 351 5.16 30.62 17.63
N ASP E 352 6.37 30.07 17.69
CA ASP E 352 7.26 30.11 16.53
C ASP E 352 6.82 29.09 15.49
N ALA E 353 7.51 29.11 14.35
CA ALA E 353 7.12 28.29 13.22
C ALA E 353 7.44 26.82 13.44
N ASP E 354 8.45 26.50 14.25
CA ASP E 354 8.75 25.13 14.56
C ASP E 354 7.79 24.52 15.56
N LYS E 355 6.90 25.33 16.15
CA LYS E 355 5.90 24.82 17.06
C LYS E 355 4.63 24.37 16.35
N VAL E 356 4.48 24.66 15.07
CA VAL E 356 3.27 24.34 14.34
C VAL E 356 3.61 23.48 13.13
N MET E 357 2.59 22.86 12.59
CA MET E 357 2.71 21.98 11.43
C MET E 357 1.84 22.55 10.32
N ILE E 358 2.47 23.02 9.26
CA ILE E 358 1.76 23.60 8.13
C ILE E 358 1.57 22.54 7.07
N THR E 359 0.31 22.20 6.78
CA THR E 359 0.04 21.19 5.77
C THR E 359 0.09 21.83 4.41
N ASN E 360 0.21 21.03 3.37
CA ASN E 360 0.23 21.59 2.02
C ASN E 360 -0.68 20.80 1.09
N GLU E 361 -1.12 21.46 0.04
CA GLU E 361 -2.01 20.91 -0.94
C GLU E 361 -1.26 20.74 -2.25
N GLU E 362 0.01 20.33 -2.18
CA GLU E 362 0.82 20.17 -3.38
C GLU E 362 0.36 19.09 -4.36
N GLU E 363 -0.38 18.11 -3.87
CA GLU E 363 -0.88 17.02 -4.71
C GLU E 363 -1.86 17.47 -5.79
N ILE E 364 -2.63 18.52 -5.50
CA ILE E 364 -3.66 18.99 -6.40
C ILE E 364 -3.20 19.99 -7.46
N LYS E 365 -1.90 20.15 -7.63
CA LYS E 365 -1.34 21.04 -8.65
C LYS E 365 -1.74 20.63 -10.08
N THR E 366 -1.87 19.33 -10.33
CA THR E 366 -2.31 18.80 -11.60
C THR E 366 -3.62 19.43 -12.12
N THR E 367 -4.64 19.62 -11.28
CA THR E 367 -5.86 20.28 -11.71
C THR E 367 -6.12 21.64 -11.08
N ASN E 368 -5.35 22.07 -10.10
CA ASN E 368 -5.81 23.29 -9.47
C ASN E 368 -4.77 24.38 -9.61
N PRO E 369 -5.17 25.63 -9.75
CA PRO E 369 -4.20 26.72 -9.80
C PRO E 369 -3.48 26.87 -8.47
N VAL E 370 -2.26 27.39 -8.56
CA VAL E 370 -1.48 27.64 -7.36
C VAL E 370 -2.12 28.77 -6.57
N ALA E 371 -2.10 28.65 -5.24
CA ALA E 371 -2.82 29.58 -4.39
C ALA E 371 -2.25 30.99 -4.47
N THR E 372 -0.95 31.11 -4.67
CA THR E 372 -0.25 32.39 -4.62
C THR E 372 -0.02 33.01 -5.99
N GLU E 373 -0.58 32.44 -7.04
CA GLU E 373 -0.36 32.89 -8.39
C GLU E 373 -1.66 33.45 -8.96
N SER E 374 -1.55 34.26 -10.00
CA SER E 374 -2.73 34.63 -10.76
C SER E 374 -3.29 33.42 -11.49
N TYR E 375 -4.58 33.47 -11.79
CA TYR E 375 -5.17 32.41 -12.59
C TYR E 375 -4.63 32.44 -14.01
N GLY E 376 -4.50 33.62 -14.58
CA GLY E 376 -4.05 33.76 -15.95
C GLY E 376 -4.16 35.20 -16.38
N GLN E 377 -4.19 35.40 -17.70
CA GLN E 377 -4.29 36.72 -18.29
C GLN E 377 -5.53 36.81 -19.17
N VAL E 378 -6.11 38.01 -19.23
CA VAL E 378 -7.18 38.32 -20.15
C VAL E 378 -6.82 39.55 -20.95
N ALA E 379 -7.49 39.71 -22.09
CA ALA E 379 -7.35 40.91 -22.88
C ALA E 379 -8.14 42.05 -22.26
N THR E 380 -7.52 43.20 -22.10
CA THR E 380 -8.20 44.35 -21.53
C THR E 380 -8.65 45.39 -22.54
N ASN E 381 -8.35 45.21 -23.82
CA ASN E 381 -8.73 46.18 -24.83
C ASN E 381 -8.83 45.56 -26.22
N HIS E 382 -9.01 46.41 -27.23
CA HIS E 382 -9.02 45.97 -28.61
C HIS E 382 -7.75 46.52 -29.22
N GLN E 383 -6.88 45.66 -29.72
CA GLN E 383 -5.66 46.13 -30.36
C GLN E 383 -6.04 46.74 -31.69
N SER E 384 -5.30 47.75 -32.12
CA SER E 384 -5.57 48.42 -33.37
C SER E 384 -4.30 49.09 -33.87
N ALA E 385 -4.33 49.55 -35.11
CA ALA E 385 -3.19 50.24 -35.71
C ALA E 385 -2.64 51.33 -34.80
N GLN E 386 -3.47 51.86 -33.90
CA GLN E 386 -3.03 52.89 -32.97
C GLN E 386 -2.87 52.39 -31.54
N ALA E 387 -3.20 51.13 -31.25
CA ALA E 387 -3.23 50.65 -29.88
C ALA E 387 -2.63 49.26 -29.80
N GLN E 388 -1.66 49.08 -28.91
CA GLN E 388 -1.08 47.76 -28.69
C GLN E 388 -1.99 46.91 -27.84
N ALA E 389 -1.86 45.59 -28.01
CA ALA E 389 -2.62 44.65 -27.22
C ALA E 389 -2.22 44.75 -25.76
N GLN E 390 -3.21 44.81 -24.89
CA GLN E 390 -3.00 44.94 -23.46
C GLN E 390 -3.65 43.76 -22.75
N THR E 391 -2.98 43.28 -21.70
CA THR E 391 -3.48 42.18 -20.90
C THR E 391 -3.53 42.62 -19.45
N GLY E 392 -4.20 41.82 -18.64
CA GLY E 392 -4.25 42.07 -17.22
C GLY E 392 -4.30 40.75 -16.50
N TRP E 393 -3.92 40.79 -15.23
CA TRP E 393 -3.83 39.57 -14.45
C TRP E 393 -5.16 39.29 -13.78
N VAL E 394 -5.56 38.02 -13.81
CA VAL E 394 -6.79 37.60 -13.19
C VAL E 394 -6.46 37.14 -11.79
N GLN E 395 -6.85 37.94 -10.79
CA GLN E 395 -6.46 37.65 -9.43
C GLN E 395 -7.41 36.63 -8.80
N ASN E 396 -8.67 36.68 -9.18
CA ASN E 396 -9.66 35.73 -8.73
C ASN E 396 -10.54 35.34 -9.91
N GLN E 397 -10.90 34.07 -9.97
CA GLN E 397 -11.71 33.54 -11.06
C GLN E 397 -12.75 32.60 -10.49
N GLY E 398 -14.01 32.88 -10.76
CA GLY E 398 -15.06 31.98 -10.40
C GLY E 398 -15.25 30.87 -11.41
N ILE E 399 -16.22 30.01 -11.12
CA ILE E 399 -16.46 28.83 -11.93
C ILE E 399 -16.72 29.19 -13.39
N LEU E 400 -16.08 28.46 -14.29
CA LEU E 400 -16.33 28.51 -15.71
C LEU E 400 -16.75 27.12 -16.19
N PRO E 401 -17.59 27.06 -17.22
CA PRO E 401 -17.87 25.75 -17.83
C PRO E 401 -16.59 25.16 -18.39
N GLY E 402 -16.33 23.92 -18.02
CA GLY E 402 -15.11 23.25 -18.42
C GLY E 402 -14.03 23.20 -17.38
N MET E 403 -14.29 23.70 -16.17
CA MET E 403 -13.33 23.59 -15.09
C MET E 403 -13.43 22.24 -14.40
N VAL E 404 -12.29 21.73 -13.96
CA VAL E 404 -12.22 20.55 -13.11
C VAL E 404 -11.28 20.88 -11.97
N TRP E 405 -11.54 20.32 -10.80
CA TRP E 405 -10.73 20.62 -9.64
C TRP E 405 -10.79 19.47 -8.66
N GLN E 406 -9.86 19.48 -7.72
CA GLN E 406 -9.83 18.58 -6.57
C GLN E 406 -10.22 19.34 -5.32
N ASP E 407 -10.83 18.62 -4.39
CA ASP E 407 -11.13 19.19 -3.08
C ASP E 407 -9.89 19.19 -2.22
N ARG E 408 -10.00 19.75 -1.03
CA ARG E 408 -8.89 19.73 -0.10
C ARG E 408 -8.76 18.35 0.51
N ASP E 409 -7.54 18.00 0.86
CA ASP E 409 -7.25 16.70 1.44
C ASP E 409 -7.74 16.64 2.88
N VAL E 410 -7.90 15.44 3.39
CA VAL E 410 -8.25 15.23 4.78
C VAL E 410 -7.03 14.68 5.50
N TYR E 411 -6.95 14.97 6.79
CA TYR E 411 -5.80 14.62 7.61
C TYR E 411 -6.22 13.79 8.81
N LEU E 412 -5.26 13.09 9.38
CA LEU E 412 -5.53 12.31 10.59
C LEU E 412 -5.99 13.21 11.72
N GLN E 413 -5.43 14.42 11.81
CA GLN E 413 -5.82 15.39 12.82
C GLN E 413 -7.03 16.22 12.42
N GLY E 414 -7.46 16.15 11.18
CA GLY E 414 -8.43 17.06 10.65
C GLY E 414 -9.88 16.66 10.85
N PRO E 415 -10.80 17.52 10.46
CA PRO E 415 -12.22 17.24 10.63
C PRO E 415 -12.73 16.21 9.64
N ILE E 416 -13.86 15.59 9.99
CA ILE E 416 -14.46 14.58 9.12
C ILE E 416 -15.59 15.18 8.31
N TRP E 417 -16.62 15.70 8.99
CA TRP E 417 -17.79 16.20 8.31
C TRP E 417 -18.06 17.64 8.67
N ALA E 418 -18.92 18.28 7.87
CA ALA E 418 -19.49 19.56 8.19
C ALA E 418 -20.97 19.53 7.85
N LYS E 419 -21.72 20.43 8.46
CA LYS E 419 -23.13 20.60 8.13
C LYS E 419 -23.25 21.63 7.03
N ILE E 420 -23.90 21.25 5.94
CA ILE E 420 -24.16 22.23 4.88
C ILE E 420 -25.19 23.23 5.38
N PRO E 421 -24.94 24.52 5.29
CA PRO E 421 -25.93 25.50 5.73
C PRO E 421 -27.22 25.35 4.95
N HIS E 422 -28.34 25.66 5.60
CA HIS E 422 -29.64 25.45 5.00
C HIS E 422 -30.00 26.72 4.25
N THR E 423 -29.96 26.64 2.92
CA THR E 423 -30.04 27.83 2.09
C THR E 423 -30.73 27.50 0.78
N ASP E 424 -31.15 28.55 0.09
CA ASP E 424 -31.75 28.38 -1.23
C ASP E 424 -30.80 27.70 -2.19
N GLY E 425 -29.53 28.07 -2.15
CA GLY E 425 -28.57 27.49 -3.07
C GLY E 425 -27.19 27.39 -2.46
N ASN E 426 -26.42 26.49 -3.06
CA ASN E 426 -25.02 26.28 -2.72
C ASN E 426 -24.37 25.70 -3.95
N PHE E 427 -23.05 25.72 -3.98
CA PHE E 427 -22.33 25.07 -5.06
C PHE E 427 -21.20 24.25 -4.51
N HIS E 428 -21.12 23.01 -4.97
CA HIS E 428 -20.11 22.03 -4.58
C HIS E 428 -19.95 22.07 -3.06
N PRO E 429 -20.96 21.67 -2.33
CA PRO E 429 -21.05 21.93 -0.89
C PRO E 429 -19.93 21.34 -0.04
N SER E 430 -19.02 20.59 -0.65
CA SER E 430 -17.88 20.04 0.07
C SER E 430 -17.23 21.11 0.94
N PRO E 431 -17.02 20.84 2.22
CA PRO E 431 -16.57 21.90 3.14
C PRO E 431 -15.12 22.26 2.92
N LEU E 432 -14.81 23.53 3.13
CA LEU E 432 -13.53 24.07 2.70
C LEU E 432 -12.39 23.70 3.63
N MET E 433 -12.65 23.30 4.87
CA MET E 433 -11.56 22.80 5.68
C MET E 433 -11.30 21.32 5.45
N GLY E 434 -12.04 20.70 4.57
CA GLY E 434 -11.88 19.30 4.24
C GLY E 434 -12.96 18.43 4.85
N GLY E 435 -13.17 17.28 4.23
CA GLY E 435 -14.15 16.33 4.69
C GLY E 435 -15.44 16.33 3.89
N PHE E 436 -16.46 15.77 4.51
CA PHE E 436 -17.73 15.44 3.86
C PHE E 436 -18.80 16.42 4.29
N GLY E 437 -19.39 17.13 3.34
CA GLY E 437 -20.51 17.99 3.65
C GLY E 437 -21.81 17.21 3.65
N MET E 438 -22.69 17.54 4.59
CA MET E 438 -23.92 16.79 4.78
C MET E 438 -25.03 17.74 5.18
N LYS E 439 -26.21 17.56 4.59
CA LYS E 439 -27.37 18.32 5.04
C LYS E 439 -27.86 17.81 6.38
N HIS E 440 -27.72 16.52 6.64
CA HIS E 440 -28.06 15.93 7.93
C HIS E 440 -26.82 15.21 8.42
N PRO E 441 -25.88 15.94 9.02
CA PRO E 441 -24.68 15.31 9.53
C PRO E 441 -24.98 14.51 10.78
N PRO E 442 -23.99 13.86 11.37
CA PRO E 442 -24.20 13.25 12.67
C PRO E 442 -24.72 14.28 13.66
N PRO E 443 -25.74 13.93 14.43
CA PRO E 443 -26.38 14.93 15.28
C PRO E 443 -25.53 15.27 16.50
N GLN E 444 -25.85 16.42 17.08
CA GLN E 444 -25.21 16.84 18.30
C GLN E 444 -25.74 16.04 19.48
N ILE E 445 -24.85 15.75 20.43
CA ILE E 445 -25.16 14.94 21.60
C ILE E 445 -24.90 15.83 22.80
N LEU E 446 -25.96 16.21 23.50
CA LEU E 446 -25.88 17.18 24.58
C LEU E 446 -25.98 16.46 25.91
N ILE E 447 -25.20 16.91 26.88
CA ILE E 447 -25.16 16.24 28.17
C ILE E 447 -24.95 17.28 29.27
N LYS E 448 -25.65 17.11 30.38
CA LYS E 448 -25.40 17.94 31.55
C LYS E 448 -25.73 17.14 32.80
N ASN E 449 -25.17 17.58 33.90
CA ASN E 449 -25.55 17.06 35.21
C ASN E 449 -26.83 17.71 35.65
N THR E 450 -27.78 16.92 36.10
CA THR E 450 -29.00 17.47 36.66
C THR E 450 -28.68 18.20 37.95
N PRO E 451 -29.13 19.43 38.13
CA PRO E 451 -28.82 20.15 39.37
C PRO E 451 -29.51 19.50 40.56
N VAL E 452 -28.78 19.38 41.66
CA VAL E 452 -29.29 18.90 42.91
C VAL E 452 -29.24 20.04 43.92
N PRO E 453 -30.35 20.63 44.31
CA PRO E 453 -30.30 21.76 45.22
C PRO E 453 -29.85 21.36 46.61
N ALA E 454 -29.22 22.31 47.30
CA ALA E 454 -28.90 22.14 48.69
C ALA E 454 -30.17 22.34 49.52
N ASP E 455 -30.06 22.32 50.84
CA ASP E 455 -31.25 22.39 51.66
C ASP E 455 -31.93 23.75 51.52
N PRO E 456 -33.19 23.79 51.14
CA PRO E 456 -33.90 25.07 51.04
C PRO E 456 -34.23 25.62 52.41
N PRO E 457 -34.62 26.87 52.51
CA PRO E 457 -35.08 27.40 53.79
C PRO E 457 -36.35 26.72 54.22
N THR E 458 -36.70 26.89 55.50
CA THR E 458 -37.87 26.22 56.04
C THR E 458 -39.13 27.06 55.90
N ALA E 459 -39.01 28.31 55.48
CA ALA E 459 -40.15 29.12 55.09
C ALA E 459 -40.10 29.36 53.60
N PHE E 460 -41.27 29.40 52.97
CA PHE E 460 -41.34 29.44 51.51
C PHE E 460 -40.76 30.73 50.96
N ASN E 461 -40.06 30.62 49.85
CA ASN E 461 -39.50 31.74 49.12
C ASN E 461 -39.71 31.47 47.63
N LYS E 462 -40.13 32.49 46.90
CA LYS E 462 -40.48 32.28 45.49
C LYS E 462 -39.28 32.39 44.57
N ASP E 463 -38.16 32.89 45.05
CA ASP E 463 -36.99 33.03 44.20
C ASP E 463 -36.49 31.66 43.78
N LYS E 464 -35.90 31.59 42.59
CA LYS E 464 -35.30 30.33 42.17
C LYS E 464 -34.12 30.01 43.08
N LEU E 465 -33.83 28.72 43.20
CA LEU E 465 -32.81 28.27 44.13
C LEU E 465 -31.44 28.46 43.51
N ASN E 466 -30.59 29.25 44.16
CA ASN E 466 -29.23 29.48 43.70
C ASN E 466 -28.19 28.65 44.44
N SER E 467 -28.59 27.76 45.35
CA SER E 467 -27.66 27.01 46.16
C SER E 467 -27.75 25.54 45.80
N PHE E 468 -26.62 24.94 45.41
CA PHE E 468 -26.61 23.58 44.90
C PHE E 468 -25.47 22.80 45.54
N ILE E 469 -25.53 21.50 45.33
CA ILE E 469 -24.45 20.60 45.73
C ILE E 469 -23.43 20.54 44.61
N THR E 470 -22.17 20.79 44.94
CA THR E 470 -21.12 20.73 43.94
C THR E 470 -20.94 19.30 43.46
N GLN E 471 -20.97 19.11 42.15
CA GLN E 471 -21.17 17.78 41.63
C GLN E 471 -20.59 17.67 40.23
N TYR E 472 -20.09 16.49 39.88
CA TYR E 472 -19.61 16.25 38.54
C TYR E 472 -19.82 14.79 38.22
N SER E 473 -19.71 14.45 36.95
CA SER E 473 -19.91 13.08 36.52
C SER E 473 -18.78 12.63 35.62
N THR E 474 -18.66 11.32 35.49
CA THR E 474 -17.66 10.69 34.67
C THR E 474 -18.23 9.38 34.14
N GLY E 475 -17.65 8.88 33.07
CA GLY E 475 -18.17 7.67 32.47
C GLY E 475 -17.40 7.31 31.23
N GLN E 476 -18.01 6.44 30.42
CA GLN E 476 -17.37 5.91 29.23
C GLN E 476 -18.19 6.28 28.00
N VAL E 477 -17.51 6.60 26.91
CA VAL E 477 -18.14 6.79 25.61
C VAL E 477 -17.50 5.82 24.64
N SER E 478 -18.32 5.14 23.87
CA SER E 478 -17.86 4.39 22.72
C SER E 478 -18.59 4.90 21.49
N VAL E 479 -17.85 5.03 20.40
CA VAL E 479 -18.41 5.42 19.11
C VAL E 479 -17.88 4.47 18.06
N GLU E 480 -18.75 4.05 17.16
CA GLU E 480 -18.45 3.06 16.15
C GLU E 480 -18.89 3.60 14.80
N ILE E 481 -17.99 3.61 13.84
CA ILE E 481 -18.30 4.07 12.49
C ILE E 481 -17.92 2.98 11.50
N GLU E 482 -18.82 2.71 10.57
CA GLU E 482 -18.53 1.85 9.43
C GLU E 482 -18.14 2.72 8.25
N TRP E 483 -17.03 2.36 7.61
CA TRP E 483 -16.48 3.13 6.51
C TRP E 483 -16.45 2.26 5.27
N GLU E 484 -16.88 2.81 4.14
CA GLU E 484 -16.84 2.09 2.87
C GLU E 484 -15.56 2.47 2.13
N LEU E 485 -14.95 1.49 1.48
CA LEU E 485 -13.67 1.67 0.83
C LEU E 485 -13.80 1.56 -0.67
N GLN E 486 -12.90 2.24 -1.37
CA GLN E 486 -12.80 2.17 -2.83
C GLN E 486 -11.39 1.72 -3.17
N LYS E 487 -11.25 0.52 -3.69
CA LYS E 487 -9.93 -0.08 -3.83
C LYS E 487 -9.24 0.36 -5.11
N GLU E 488 -7.91 0.45 -5.02
CA GLU E 488 -7.07 0.82 -6.15
C GLU E 488 -6.96 -0.28 -7.21
N ASN E 489 -7.32 0.08 -8.45
CA ASN E 489 -7.38 -0.84 -9.59
C ASN E 489 -6.18 -0.71 -10.55
N SER E 490 -5.20 0.11 -10.23
CA SER E 490 -4.29 0.67 -11.22
C SER E 490 -3.46 -0.39 -11.97
N LYS E 491 -3.12 -0.05 -13.22
CA LYS E 491 -2.21 -0.80 -14.07
C LYS E 491 -0.79 -0.24 -14.10
N ARG E 492 -0.50 0.75 -13.29
CA ARG E 492 0.85 1.29 -13.19
C ARG E 492 1.90 0.21 -12.96
N TRP E 493 2.98 0.28 -13.74
CA TRP E 493 4.03 -0.74 -13.67
C TRP E 493 4.99 -0.49 -12.51
N ASN E 494 5.49 0.73 -12.40
CA ASN E 494 6.45 1.06 -11.36
C ASN E 494 5.76 1.20 -10.01
N PRO E 495 6.51 1.08 -8.92
CA PRO E 495 5.88 1.15 -7.61
C PRO E 495 5.46 2.56 -7.23
N GLU E 496 4.45 2.62 -6.37
CA GLU E 496 3.83 3.82 -5.83
C GLU E 496 4.68 4.47 -4.75
N ILE E 497 4.37 5.72 -4.47
CA ILE E 497 4.75 6.35 -3.22
C ILE E 497 3.81 5.87 -2.12
N GLN E 498 4.37 5.54 -0.96
CA GLN E 498 3.60 5.07 0.18
C GLN E 498 3.94 5.95 1.37
N TYR E 499 3.03 6.01 2.34
CA TYR E 499 3.39 6.61 3.60
C TYR E 499 4.12 5.58 4.45
N THR E 500 5.28 5.94 4.97
CA THR E 500 6.03 5.00 5.77
C THR E 500 6.78 5.61 6.94
N SER E 501 7.13 4.75 7.89
CA SER E 501 7.96 5.15 9.02
C SER E 501 9.40 5.15 8.55
N ASN E 502 10.27 5.86 9.26
CA ASN E 502 11.67 5.91 8.90
C ASN E 502 12.45 5.01 9.84
N TYR E 503 13.31 4.17 9.28
CA TYR E 503 14.12 3.25 10.07
C TYR E 503 15.16 3.85 11.01
N TYR E 504 15.62 5.06 10.73
CA TYR E 504 16.68 5.65 11.54
C TYR E 504 16.35 5.71 13.02
N LYS E 505 17.36 5.42 13.84
CA LYS E 505 17.21 5.41 15.29
C LYS E 505 16.88 6.78 15.84
N SER E 506 16.02 6.78 16.84
CA SER E 506 15.56 8.01 17.48
C SER E 506 15.34 7.76 18.95
N ASN E 507 15.25 8.84 19.72
CA ASN E 507 15.03 8.73 21.15
C ASN E 507 13.60 8.35 21.46
N ASN E 508 12.70 8.52 20.50
CA ASN E 508 11.31 8.20 20.69
C ASN E 508 10.78 7.51 19.45
N VAL E 509 9.80 6.65 19.65
CA VAL E 509 9.02 6.10 18.56
C VAL E 509 7.96 7.12 18.18
N GLU E 510 7.82 7.38 16.89
CA GLU E 510 6.80 8.31 16.44
C GLU E 510 5.43 7.73 16.65
N PHE E 511 4.49 8.59 17.04
CA PHE E 511 3.13 8.19 17.39
C PHE E 511 3.13 7.21 18.56
N ALA E 512 3.87 7.56 19.60
CA ALA E 512 3.90 6.80 20.84
C ALA E 512 3.99 7.79 21.99
N VAL E 513 4.04 7.27 23.20
CA VAL E 513 4.29 8.09 24.37
C VAL E 513 5.79 8.30 24.56
N ASN E 514 6.12 9.38 25.25
CA ASN E 514 7.50 9.61 25.67
C ASN E 514 7.71 9.04 27.08
N THR E 515 8.82 9.42 27.72
CA THR E 515 9.13 8.89 29.04
C THR E 515 8.21 9.44 30.11
N GLU E 516 7.53 10.55 29.86
CA GLU E 516 6.57 11.09 30.82
C GLU E 516 5.16 10.64 30.55
N GLY E 517 4.93 9.85 29.51
CA GLY E 517 3.61 9.36 29.21
C GLY E 517 2.77 10.25 28.33
N VAL E 518 3.38 11.15 27.59
CA VAL E 518 2.66 12.09 26.75
C VAL E 518 2.63 11.55 25.32
N TYR E 519 1.45 11.38 24.79
CA TYR E 519 1.26 10.95 23.42
C TYR E 519 1.31 12.16 22.51
N SER E 520 2.06 12.05 21.41
CA SER E 520 2.15 13.12 20.45
C SER E 520 2.00 12.57 19.04
N GLU E 521 1.63 13.46 18.13
CA GLU E 521 1.57 13.18 16.71
C GLU E 521 2.64 14.01 16.02
N PRO E 522 3.74 13.38 15.62
CA PRO E 522 4.91 14.01 15.00
C PRO E 522 4.62 14.94 13.83
N ARG E 523 3.82 14.50 12.88
CA ARG E 523 3.51 15.32 11.72
C ARG E 523 2.11 15.05 11.23
N PRO E 524 1.54 15.99 10.48
CA PRO E 524 0.20 15.80 9.92
C PRO E 524 0.29 14.78 8.81
N ILE E 525 -0.70 13.89 8.69
CA ILE E 525 -0.65 12.91 7.63
C ILE E 525 -1.83 13.05 6.71
N GLY E 526 -1.58 13.30 5.43
CA GLY E 526 -2.62 13.44 4.45
C GLY E 526 -3.03 12.10 3.90
N THR E 527 -3.97 12.14 2.97
CA THR E 527 -4.58 10.93 2.47
C THR E 527 -4.09 10.52 1.08
N ARG E 528 -3.24 11.32 0.42
CA ARG E 528 -3.03 11.18 -1.02
C ARG E 528 -1.61 10.68 -1.33
N TYR E 529 -1.54 9.40 -1.70
CA TYR E 529 -0.30 8.70 -1.99
C TYR E 529 -0.39 7.93 -3.29
N LEU E 530 -1.44 7.14 -3.43
CA LEU E 530 -1.68 6.38 -4.63
C LEU E 530 -2.04 7.32 -5.77
N THR E 531 -1.78 6.92 -7.00
CA THR E 531 -2.05 7.79 -8.12
C THR E 531 -3.09 7.24 -9.08
N ARG E 532 -3.71 8.16 -9.80
CA ARG E 532 -4.73 7.85 -10.78
C ARG E 532 -4.43 8.67 -12.01
N ASN E 533 -4.88 8.20 -13.17
CA ASN E 533 -4.67 8.95 -14.39
C ASN E 533 -5.70 10.05 -14.38
N LEU E 534 -5.35 11.21 -14.94
CA LEU E 534 -6.26 12.32 -15.00
C LEU E 534 -7.24 12.14 -16.16
N ASP F 17 -24.00 -9.04 39.18
CA ASP F 17 -25.39 -9.09 39.60
C ASP F 17 -25.71 -7.98 40.60
N GLY F 18 -25.20 -8.08 41.83
CA GLY F 18 -25.58 -7.16 42.87
C GLY F 18 -24.45 -6.89 43.83
N VAL F 19 -24.63 -5.83 44.62
CA VAL F 19 -23.63 -5.43 45.60
C VAL F 19 -23.55 -6.45 46.72
N GLY F 20 -24.68 -6.96 47.17
CA GLY F 20 -24.72 -7.80 48.35
C GLY F 20 -24.71 -9.28 48.09
N SER F 21 -24.46 -9.70 46.85
CA SER F 21 -24.40 -11.11 46.51
C SER F 21 -22.98 -11.45 46.07
N SER F 22 -22.58 -12.68 46.35
CA SER F 22 -21.25 -13.14 46.00
C SER F 22 -21.26 -13.70 44.59
N SER F 23 -20.23 -13.37 43.82
CA SER F 23 -20.17 -13.78 42.42
C SER F 23 -19.32 -15.03 42.19
N GLY F 24 -18.81 -15.65 43.25
CA GLY F 24 -18.09 -16.90 43.08
C GLY F 24 -17.77 -17.49 44.43
N ASN F 25 -17.29 -18.72 44.40
CA ASN F 25 -16.95 -19.46 45.60
C ASN F 25 -15.47 -19.81 45.58
N TRP F 26 -15.02 -20.41 46.67
CA TRP F 26 -13.61 -20.74 46.83
C TRP F 26 -13.41 -22.20 46.44
N HIS F 27 -12.64 -22.45 45.40
CA HIS F 27 -12.35 -23.81 44.98
C HIS F 27 -10.84 -24.03 45.05
N CYS F 28 -10.41 -24.86 46.00
CA CYS F 28 -9.05 -25.37 46.01
C CYS F 28 -9.12 -26.86 46.35
N ASP F 29 -8.64 -27.70 45.44
CA ASP F 29 -8.35 -29.10 45.74
C ASP F 29 -7.84 -29.79 44.50
N SER F 30 -7.47 -31.05 44.64
CA SER F 30 -7.11 -31.89 43.52
C SER F 30 -8.06 -33.07 43.46
N GLN F 31 -8.41 -33.48 42.26
CA GLN F 31 -9.24 -34.66 42.03
C GLN F 31 -8.46 -35.64 41.18
N TRP F 32 -8.13 -36.77 41.76
CA TRP F 32 -7.40 -37.82 41.06
C TRP F 32 -8.40 -38.83 40.53
N LEU F 33 -8.57 -38.86 39.21
CA LEU F 33 -9.54 -39.75 38.57
C LEU F 33 -8.84 -40.50 37.45
N GLY F 34 -8.60 -41.78 37.64
CA GLY F 34 -8.00 -42.58 36.61
C GLY F 34 -6.68 -42.00 36.14
N ASP F 35 -6.61 -41.71 34.85
CA ASP F 35 -5.44 -41.15 34.21
C ASP F 35 -5.45 -39.62 34.18
N ARG F 36 -6.39 -39.02 34.89
CA ARG F 36 -6.49 -37.58 34.93
C ARG F 36 -6.42 -37.07 36.34
N VAL F 37 -5.80 -35.91 36.51
CA VAL F 37 -5.77 -35.26 37.80
C VAL F 37 -6.23 -33.84 37.52
N ILE F 38 -7.14 -33.32 38.33
CA ILE F 38 -7.61 -31.97 38.12
C ILE F 38 -7.28 -31.13 39.33
N THR F 39 -6.50 -30.08 39.13
CA THR F 39 -6.11 -29.21 40.21
C THR F 39 -6.90 -27.92 40.10
N THR F 40 -7.24 -27.34 41.24
CA THR F 40 -7.94 -26.06 41.28
C THR F 40 -7.32 -25.23 42.39
N SER F 41 -6.98 -24.00 42.08
CA SER F 41 -6.37 -23.08 43.04
C SER F 41 -7.20 -21.82 43.10
N THR F 42 -7.43 -21.30 44.30
CA THR F 42 -8.06 -20.00 44.46
C THR F 42 -7.14 -19.15 45.31
N ARG F 43 -6.98 -17.89 44.93
CA ARG F 43 -6.15 -16.95 45.67
C ARG F 43 -6.88 -15.63 45.78
N THR F 44 -6.42 -14.79 46.69
CA THR F 44 -6.89 -13.42 46.83
C THR F 44 -5.80 -12.49 46.32
N TRP F 45 -6.19 -11.53 45.49
CA TRP F 45 -5.24 -10.62 44.87
C TRP F 45 -5.59 -9.18 45.22
N ALA F 46 -4.59 -8.31 45.04
CA ALA F 46 -4.72 -6.88 45.17
C ALA F 46 -4.08 -6.23 43.96
N LEU F 47 -4.80 -5.31 43.34
CA LEU F 47 -4.33 -4.62 42.14
C LEU F 47 -4.21 -3.13 42.41
N PRO F 48 -3.03 -2.55 42.33
CA PRO F 48 -2.90 -1.10 42.47
C PRO F 48 -3.10 -0.40 41.13
N THR F 49 -3.01 0.91 41.17
CA THR F 49 -2.85 1.70 39.96
C THR F 49 -1.36 1.81 39.64
N TYR F 50 -1.01 1.48 38.41
CA TYR F 50 0.38 1.57 37.98
C TYR F 50 0.59 2.76 37.06
N ASN F 51 1.70 3.46 37.28
CA ASN F 51 2.16 4.57 36.44
C ASN F 51 1.20 5.74 36.40
N ASN F 52 0.33 5.87 37.40
CA ASN F 52 -0.69 6.92 37.39
C ASN F 52 -1.49 6.89 36.09
N HIS F 53 -1.91 5.70 35.69
CA HIS F 53 -2.73 5.48 34.51
C HIS F 53 -2.01 5.82 33.21
N LEU F 54 -0.69 5.82 33.21
CA LEU F 54 0.06 6.27 32.05
C LEU F 54 0.85 5.14 31.42
N TYR F 55 0.97 5.20 30.10
CA TYR F 55 2.02 4.47 29.40
C TYR F 55 3.30 5.29 29.44
N LYS F 56 4.42 4.64 29.67
CA LYS F 56 5.69 5.36 29.74
C LYS F 56 6.81 4.64 29.02
N GLN F 57 7.57 5.39 28.23
CA GLN F 57 8.70 4.82 27.53
C GLN F 57 9.84 4.59 28.52
N ILE F 58 10.47 3.43 28.44
CA ILE F 58 11.57 3.09 29.33
C ILE F 58 12.78 2.55 28.56
N SER F 59 13.96 2.80 29.08
CA SER F 59 15.20 2.33 28.46
C SER F 59 16.27 2.22 29.53
N ASN F 60 17.34 1.49 29.25
CA ASN F 60 18.40 1.36 30.23
C ASN F 60 19.02 2.71 30.51
N SER F 61 19.28 2.97 31.79
CA SER F 61 19.85 4.24 32.21
C SER F 61 21.37 4.27 32.26
N THR F 62 21.99 3.12 32.09
CA THR F 62 23.44 2.99 32.14
C THR F 62 24.20 3.40 30.88
N SER F 63 25.50 3.65 31.04
CA SER F 63 26.38 4.04 29.95
C SER F 63 27.67 3.25 30.04
N GLY F 64 28.41 3.20 28.95
CA GLY F 64 29.68 2.48 28.92
C GLY F 64 29.57 1.12 28.28
N GLY F 65 30.69 0.40 28.23
CA GLY F 65 30.79 -0.90 27.62
C GLY F 65 29.90 -1.93 28.28
N SER F 66 29.79 -1.84 29.59
CA SER F 66 28.97 -2.75 30.39
C SER F 66 27.49 -2.66 30.01
N SER F 67 27.02 -1.46 29.70
CA SER F 67 25.65 -1.25 29.31
C SER F 67 25.26 -2.01 28.04
N ASN F 68 26.17 -2.11 27.09
CA ASN F 68 25.97 -2.78 25.81
C ASN F 68 25.12 -4.06 25.83
N ASP F 69 25.54 -5.04 26.61
CA ASP F 69 24.77 -6.27 26.74
C ASP F 69 23.44 -6.06 27.45
N ASN F 70 23.35 -5.03 28.27
CA ASN F 70 22.17 -4.78 29.09
C ASN F 70 21.24 -3.74 28.50
N ALA F 71 21.52 -3.24 27.30
CA ALA F 71 20.72 -2.18 26.71
C ALA F 71 19.31 -2.66 26.37
N TYR F 72 18.33 -1.77 26.55
CA TYR F 72 16.97 -2.11 26.18
C TYR F 72 16.16 -0.85 25.91
N PHE F 73 15.03 -1.04 25.25
CA PHE F 73 14.05 -0.01 24.98
C PHE F 73 12.68 -0.65 25.04
N GLY F 74 11.73 0.03 25.67
CA GLY F 74 10.40 -0.52 25.77
C GLY F 74 9.43 0.42 26.45
N TYR F 75 8.34 -0.15 26.94
CA TYR F 75 7.26 0.60 27.54
C TYR F 75 6.72 -0.12 28.76
N SER F 76 6.40 0.64 29.79
CA SER F 76 5.61 0.14 30.91
C SER F 76 4.17 0.64 30.78
N THR F 77 3.23 -0.19 31.17
CA THR F 77 1.82 0.07 30.97
C THR F 77 1.13 0.22 32.30
N PRO F 78 -0.03 0.87 32.33
CA PRO F 78 -0.83 0.89 33.56
C PRO F 78 -1.43 -0.46 33.93
N TRP F 79 -1.40 -1.44 33.05
CA TRP F 79 -2.07 -2.71 33.24
C TRP F 79 -1.25 -3.66 34.12
N GLY F 80 -1.97 -4.56 34.80
CA GLY F 80 -1.38 -5.71 35.43
C GLY F 80 -1.75 -6.98 34.68
N TYR F 81 -1.19 -8.10 35.14
CA TYR F 81 -1.47 -9.38 34.50
C TYR F 81 -1.41 -10.50 35.52
N PHE F 82 -2.12 -11.59 35.22
CA PHE F 82 -2.16 -12.77 36.05
C PHE F 82 -1.21 -13.84 35.52
N ASP F 83 -0.43 -14.43 36.40
CA ASP F 83 0.57 -15.43 36.05
C ASP F 83 0.41 -16.63 36.96
N PHE F 84 -0.07 -17.75 36.42
CA PHE F 84 -0.11 -19.04 37.12
C PHE F 84 0.93 -20.03 36.64
N ASN F 85 1.99 -19.59 35.97
CA ASN F 85 2.88 -20.43 35.20
C ASN F 85 3.94 -21.18 36.04
N ARG F 86 3.84 -21.24 37.36
CA ARG F 86 4.69 -22.12 38.13
C ARG F 86 3.89 -23.31 38.63
N PHE F 87 4.55 -24.45 38.81
CA PHE F 87 3.83 -25.65 39.23
C PHE F 87 3.28 -25.55 40.64
N HIS F 88 4.01 -24.92 41.58
CA HIS F 88 3.45 -24.84 42.91
C HIS F 88 2.22 -23.96 42.98
N CYS F 89 1.87 -23.27 41.89
CA CYS F 89 0.56 -22.63 41.83
C CYS F 89 -0.55 -23.68 41.86
N HIS F 90 -0.35 -24.78 41.16
CA HIS F 90 -1.41 -25.75 40.94
C HIS F 90 -1.31 -27.00 41.79
N PHE F 91 -0.16 -27.28 42.41
CA PHE F 91 0.04 -28.54 43.12
C PHE F 91 0.47 -28.25 44.54
N SER F 92 -0.09 -28.98 45.49
CA SER F 92 0.47 -28.99 46.83
C SER F 92 1.68 -29.92 46.83
N PRO F 93 2.53 -29.80 47.84
CA PRO F 93 3.65 -30.74 47.94
C PRO F 93 3.23 -32.20 48.00
N ARG F 94 2.11 -32.50 48.64
CA ARG F 94 1.63 -33.88 48.68
C ARG F 94 1.11 -34.31 47.32
N ASP F 95 0.45 -33.41 46.59
CA ASP F 95 0.00 -33.75 45.25
C ASP F 95 1.17 -33.94 44.30
N TRP F 96 2.21 -33.14 44.46
CA TRP F 96 3.38 -33.29 43.61
C TRP F 96 4.06 -34.62 43.88
N GLN F 97 4.14 -35.02 45.15
CA GLN F 97 4.64 -36.34 45.50
C GLN F 97 3.79 -37.42 44.88
N ARG F 98 2.47 -37.32 45.07
CA ARG F 98 1.54 -38.29 44.52
C ARG F 98 1.70 -38.40 43.01
N LEU F 99 2.09 -37.31 42.36
CA LEU F 99 2.33 -37.33 40.92
C LEU F 99 3.62 -38.05 40.57
N ILE F 100 4.72 -37.65 41.19
CA ILE F 100 6.04 -38.05 40.70
C ILE F 100 6.42 -39.44 41.15
N ASN F 101 5.80 -39.96 42.20
CA ASN F 101 6.12 -41.33 42.60
C ASN F 101 5.38 -42.36 41.77
N ASN F 102 4.21 -42.02 41.26
CA ASN F 102 3.35 -43.01 40.62
C ASN F 102 3.28 -42.95 39.12
N ASN F 103 3.90 -41.99 38.47
CA ASN F 103 3.61 -41.75 37.06
C ASN F 103 4.89 -41.60 36.27
N TRP F 104 4.87 -42.10 35.03
CA TRP F 104 5.98 -41.93 34.10
C TRP F 104 5.90 -40.63 33.32
N GLY F 105 4.76 -39.96 33.30
CA GLY F 105 4.66 -38.73 32.53
C GLY F 105 3.33 -38.06 32.76
N PHE F 106 3.28 -36.78 32.41
CA PHE F 106 2.09 -35.97 32.57
C PHE F 106 2.15 -34.81 31.60
N ARG F 107 1.02 -34.12 31.46
CA ARG F 107 0.94 -32.97 30.56
C ARG F 107 -0.40 -32.29 30.73
N PRO F 108 -0.47 -30.98 30.50
CA PRO F 108 -1.72 -30.26 30.68
C PRO F 108 -2.68 -30.47 29.51
N LYS F 109 -3.97 -30.42 29.83
CA LYS F 109 -5.03 -30.65 28.86
C LYS F 109 -5.95 -29.45 28.72
N ARG F 110 -6.67 -29.09 29.78
CA ARG F 110 -7.63 -28.01 29.76
C ARG F 110 -7.27 -26.99 30.82
N LEU F 111 -7.78 -25.79 30.64
CA LEU F 111 -7.55 -24.67 31.55
C LEU F 111 -8.86 -23.94 31.73
N ASN F 112 -9.15 -23.56 32.97
CA ASN F 112 -10.36 -22.81 33.28
C ASN F 112 -10.01 -21.73 34.27
N PHE F 113 -10.36 -20.49 33.96
CA PHE F 113 -9.94 -19.34 34.73
C PHE F 113 -11.16 -18.54 35.15
N LYS F 114 -11.19 -18.09 36.40
CA LYS F 114 -12.28 -17.26 36.89
C LYS F 114 -11.73 -16.08 37.65
N LEU F 115 -12.47 -14.97 37.58
CA LEU F 115 -12.16 -13.75 38.29
C LEU F 115 -13.45 -13.21 38.87
N PHE F 116 -13.52 -13.07 40.20
CA PHE F 116 -14.80 -12.80 40.83
C PHE F 116 -14.60 -12.12 42.17
N ASN F 117 -15.73 -11.75 42.78
CA ASN F 117 -15.79 -11.03 44.06
C ASN F 117 -14.94 -9.77 44.02
N ILE F 118 -15.13 -8.99 42.98
CA ILE F 118 -14.36 -7.76 42.77
C ILE F 118 -14.72 -6.64 43.72
N GLN F 119 -13.72 -6.03 44.34
CA GLN F 119 -13.93 -4.91 45.22
C GLN F 119 -13.04 -3.76 44.82
N VAL F 120 -13.60 -2.58 44.67
CA VAL F 120 -12.80 -1.43 44.33
C VAL F 120 -12.80 -0.54 45.56
N LYS F 121 -11.62 -0.14 45.99
CA LYS F 121 -11.46 0.69 47.18
C LYS F 121 -10.88 2.03 46.77
N GLU F 122 -11.36 3.09 47.39
CA GLU F 122 -10.81 4.42 47.22
C GLU F 122 -10.09 4.84 48.49
N VAL F 123 -8.99 5.56 48.33
CA VAL F 123 -8.14 5.95 49.44
C VAL F 123 -8.07 7.46 49.48
N THR F 124 -8.60 8.04 50.55
CA THR F 124 -8.53 9.48 50.71
C THR F 124 -7.55 9.72 51.84
N ASP F 125 -6.44 10.37 51.54
CA ASP F 125 -5.46 10.63 52.56
C ASP F 125 -5.47 12.11 52.94
N ASN F 126 -5.77 12.37 54.19
CA ASN F 126 -5.81 13.74 54.70
C ASN F 126 -4.98 13.87 55.96
N ASN F 127 -4.04 14.82 55.95
CA ASN F 127 -3.18 15.09 57.11
C ASN F 127 -2.43 13.89 57.66
N GLY F 128 -1.96 13.02 56.78
CA GLY F 128 -1.20 11.85 57.18
C GLY F 128 -1.99 10.65 57.65
N VAL F 129 -3.31 10.77 57.67
CA VAL F 129 -4.15 9.65 58.07
C VAL F 129 -4.99 9.28 56.86
N LYS F 130 -4.94 8.01 56.47
CA LYS F 130 -5.66 7.56 55.29
C LYS F 130 -6.91 6.76 55.58
N THR F 131 -7.97 7.10 54.86
CA THR F 131 -9.25 6.42 54.95
C THR F 131 -9.45 5.57 53.73
N ILE F 132 -10.00 4.37 53.91
CA ILE F 132 -10.33 3.48 52.82
C ILE F 132 -11.83 3.24 52.84
N ALA F 133 -12.47 3.40 51.70
CA ALA F 133 -13.89 3.18 51.58
C ALA F 133 -14.18 2.41 50.29
N ASN F 134 -15.34 1.80 50.24
CA ASN F 134 -15.79 1.18 49.00
C ASN F 134 -16.19 2.23 47.99
N ASN F 135 -15.82 2.01 46.75
CA ASN F 135 -16.37 2.77 45.63
C ASN F 135 -17.18 1.78 44.82
N LEU F 136 -18.50 1.87 44.92
CA LEU F 136 -19.34 0.79 44.42
C LEU F 136 -19.57 0.88 42.93
N THR F 137 -19.35 2.05 42.34
CA THR F 137 -19.62 2.25 40.92
C THR F 137 -18.38 2.15 40.05
N SER F 138 -17.21 1.93 40.63
CA SER F 138 -16.00 1.83 39.84
C SER F 138 -15.91 0.47 39.17
N THR F 139 -15.14 0.43 38.09
CA THR F 139 -14.95 -0.78 37.32
C THR F 139 -13.48 -1.19 37.30
N VAL F 140 -13.29 -2.45 36.97
CA VAL F 140 -11.99 -3.02 36.66
C VAL F 140 -12.09 -3.63 35.28
N GLN F 141 -11.09 -3.41 34.44
CA GLN F 141 -11.08 -3.90 33.07
C GLN F 141 -10.24 -5.16 32.98
N VAL F 142 -10.67 -6.12 32.18
CA VAL F 142 -9.93 -7.36 32.00
C VAL F 142 -10.13 -7.84 30.58
N PHE F 143 -9.05 -8.34 29.98
CA PHE F 143 -9.18 -9.06 28.73
C PHE F 143 -8.06 -10.08 28.65
N THR F 144 -8.29 -11.12 27.86
CA THR F 144 -7.26 -12.07 27.52
C THR F 144 -6.80 -11.80 26.11
N ASP F 145 -5.51 -12.01 25.86
CA ASP F 145 -4.92 -11.81 24.56
C ASP F 145 -4.94 -13.13 23.80
N SER F 146 -6.14 -13.51 23.37
CA SER F 146 -6.38 -14.75 22.65
C SER F 146 -5.67 -14.87 21.30
N ASP F 147 -5.55 -13.76 20.59
CA ASP F 147 -4.90 -13.77 19.28
C ASP F 147 -3.38 -13.60 19.32
N TYR F 148 -2.80 -13.61 20.52
CA TYR F 148 -1.36 -13.52 20.71
C TYR F 148 -0.80 -12.31 20.00
N GLN F 149 -1.50 -11.19 20.13
CA GLN F 149 -1.12 -9.95 19.49
C GLN F 149 -0.24 -9.07 20.35
N LEU F 150 -0.17 -9.30 21.63
CA LEU F 150 0.73 -8.56 22.50
C LEU F 150 2.05 -9.28 22.66
N PRO F 151 3.11 -8.56 23.00
CA PRO F 151 4.34 -9.23 23.42
C PRO F 151 4.10 -10.12 24.62
N TYR F 152 4.67 -11.32 24.58
CA TYR F 152 4.31 -12.37 25.51
C TYR F 152 5.40 -12.48 26.57
N VAL F 153 5.10 -12.07 27.79
CA VAL F 153 6.09 -12.00 28.86
C VAL F 153 6.01 -13.18 29.81
N LEU F 154 5.11 -14.13 29.59
CA LEU F 154 4.89 -15.16 30.60
C LEU F 154 5.93 -16.26 30.58
N GLY F 155 6.82 -16.30 29.60
CA GLY F 155 7.77 -17.39 29.52
C GLY F 155 9.17 -17.00 29.94
N SER F 156 9.27 -15.98 30.78
CA SER F 156 10.59 -15.50 31.21
C SER F 156 10.93 -15.74 32.67
N ALA F 157 10.26 -16.70 33.32
CA ALA F 157 10.52 -17.04 34.72
C ALA F 157 10.43 -15.87 35.69
N HIS F 158 9.42 -15.03 35.51
CA HIS F 158 9.22 -13.86 36.38
C HIS F 158 8.47 -14.13 37.67
N GLU F 159 8.63 -13.19 38.60
CA GLU F 159 7.93 -13.18 39.89
C GLU F 159 6.52 -12.64 39.68
N GLY F 160 5.67 -12.74 40.69
CA GLY F 160 4.31 -12.24 40.54
C GLY F 160 3.26 -13.27 40.23
N CYS F 161 3.65 -14.53 40.28
CA CYS F 161 2.72 -15.64 40.09
C CYS F 161 1.91 -15.88 41.36
N LEU F 162 0.83 -16.65 41.26
CA LEU F 162 0.03 -16.94 42.43
C LEU F 162 0.92 -17.66 43.44
N PRO F 163 0.85 -17.25 44.71
CA PRO F 163 1.69 -17.84 45.75
C PRO F 163 1.43 -19.32 45.93
N PRO F 164 2.47 -20.10 46.26
CA PRO F 164 2.24 -21.54 46.43
C PRO F 164 1.30 -21.86 47.57
N PHE F 165 1.24 -21.03 48.57
CA PHE F 165 0.42 -21.39 49.72
C PHE F 165 -0.91 -20.67 49.65
N PRO F 166 -2.04 -21.38 49.74
CA PRO F 166 -3.32 -20.77 49.38
C PRO F 166 -3.76 -19.64 50.28
N ALA F 167 -3.20 -19.50 51.48
CA ALA F 167 -3.67 -18.47 52.37
C ALA F 167 -3.00 -17.12 52.16
N ASP F 168 -2.07 -17.03 51.22
CA ASP F 168 -1.36 -15.79 51.02
C ASP F 168 -2.06 -14.90 50.00
N VAL F 169 -2.07 -13.61 50.29
CA VAL F 169 -2.62 -12.59 49.41
C VAL F 169 -1.49 -11.96 48.63
N PHE F 170 -1.62 -11.90 47.31
CA PHE F 170 -0.52 -11.48 46.49
C PHE F 170 -0.89 -10.25 45.67
N MET F 171 0.13 -9.47 45.36
CA MET F 171 0.03 -8.28 44.54
C MET F 171 0.18 -8.67 43.08
N ILE F 172 -0.57 -8.02 42.21
CA ILE F 172 -0.54 -8.35 40.78
C ILE F 172 0.59 -7.57 40.13
N PRO F 173 1.44 -8.22 39.34
CA PRO F 173 2.58 -7.53 38.75
C PRO F 173 2.20 -6.64 37.58
N GLN F 174 3.03 -5.64 37.36
CA GLN F 174 2.80 -4.67 36.29
C GLN F 174 3.25 -5.23 34.95
N TYR F 175 2.46 -4.96 33.92
CA TYR F 175 2.80 -5.42 32.59
C TYR F 175 3.69 -4.43 31.87
N GLY F 176 4.63 -4.95 31.10
CA GLY F 176 5.53 -4.13 30.32
C GLY F 176 6.16 -5.02 29.29
N TYR F 177 6.73 -4.39 28.27
CA TYR F 177 7.31 -5.14 27.17
C TYR F 177 8.48 -4.36 26.60
N LEU F 178 9.31 -5.08 25.86
CA LEU F 178 10.45 -4.51 25.16
C LEU F 178 10.24 -4.65 23.66
N THR F 179 10.74 -3.68 22.92
CA THR F 179 10.75 -3.76 21.48
C THR F 179 12.17 -3.54 21.00
N LEU F 180 12.37 -3.54 19.70
CA LEU F 180 13.69 -3.38 19.12
C LEU F 180 14.42 -2.14 19.59
N ASN F 181 15.70 -2.28 19.88
CA ASN F 181 16.48 -1.15 20.35
C ASN F 181 17.91 -1.15 19.83
N ASP F 182 18.46 0.04 19.66
CA ASP F 182 19.84 0.19 19.28
C ASP F 182 20.37 0.94 20.48
N GLY F 183 21.18 0.29 21.30
CA GLY F 183 21.64 0.92 22.52
C GLY F 183 20.37 1.18 23.32
N SER F 184 20.19 2.41 23.78
CA SER F 184 18.96 2.76 24.46
C SER F 184 17.95 3.43 23.54
N GLN F 185 18.33 3.75 22.31
CA GLN F 185 17.43 4.33 21.34
C GLN F 185 16.59 3.27 20.64
N ALA F 186 15.47 3.71 20.09
CA ALA F 186 14.60 2.87 19.28
C ALA F 186 14.95 3.00 17.80
N VAL F 187 14.26 2.21 16.98
CA VAL F 187 14.38 2.27 15.54
C VAL F 187 12.98 2.31 14.95
N GLY F 188 12.92 2.66 13.67
CA GLY F 188 11.63 2.78 13.02
C GLY F 188 10.84 1.49 13.01
N ARG F 189 11.52 0.36 13.16
CA ARG F 189 10.85 -0.93 13.17
C ARG F 189 10.26 -1.24 14.55
N SER F 190 10.58 -0.46 15.57
CA SER F 190 10.07 -0.71 16.91
C SER F 190 8.56 -0.47 16.99
N SER F 191 7.88 -1.31 17.76
CA SER F 191 6.43 -1.27 17.89
C SER F 191 6.02 -0.69 19.23
N PHE F 192 4.90 0.02 19.22
CA PHE F 192 4.25 0.51 20.42
C PHE F 192 2.85 -0.09 20.48
N TYR F 193 2.43 -0.47 21.67
CA TYR F 193 1.13 -1.11 21.87
C TYR F 193 0.36 -0.37 22.95
N CYS F 194 -0.83 0.09 22.61
CA CYS F 194 -1.79 0.56 23.60
C CYS F 194 -2.70 -0.60 23.94
N LEU F 195 -2.72 -0.98 25.21
CA LEU F 195 -3.60 -2.06 25.61
C LEU F 195 -5.04 -1.62 25.72
N GLU F 196 -5.29 -0.31 25.73
CA GLU F 196 -6.65 0.21 25.68
C GLU F 196 -7.30 -0.04 24.33
N TYR F 197 -6.52 -0.45 23.34
CA TYR F 197 -7.02 -0.57 21.98
C TYR F 197 -7.49 -1.98 21.68
N PHE F 198 -7.52 -2.82 22.66
CA PHE F 198 -8.21 -4.10 22.68
C PHE F 198 -9.61 -3.94 23.28
N PRO F 199 -10.57 -4.74 22.86
CA PRO F 199 -11.83 -4.83 23.61
C PRO F 199 -11.62 -5.57 24.93
N SER F 200 -12.17 -5.00 26.00
CA SER F 200 -12.05 -5.63 27.30
C SER F 200 -13.38 -5.54 28.03
N GLN F 201 -13.59 -6.49 28.93
CA GLN F 201 -14.78 -6.53 29.74
C GLN F 201 -14.60 -5.66 30.98
N MET F 202 -15.63 -4.90 31.33
CA MET F 202 -15.59 -4.01 32.47
C MET F 202 -16.44 -4.61 33.58
N LEU F 203 -15.94 -4.56 34.80
CA LEU F 203 -16.55 -5.26 35.92
C LEU F 203 -16.75 -4.30 37.08
N ARG F 204 -17.99 -4.11 37.50
CA ARG F 204 -18.24 -3.58 38.82
C ARG F 204 -18.26 -4.71 39.84
N THR F 205 -18.60 -4.38 41.08
CA THR F 205 -18.38 -5.32 42.16
C THR F 205 -19.29 -6.54 42.07
N GLY F 206 -20.38 -6.47 41.32
CA GLY F 206 -21.23 -7.63 41.17
C GLY F 206 -20.89 -8.51 39.99
N ASN F 207 -20.06 -8.02 39.09
CA ASN F 207 -19.71 -8.74 37.88
C ASN F 207 -18.59 -9.74 38.14
N ASN F 208 -18.53 -10.76 37.29
CA ASN F 208 -17.43 -11.71 37.31
C ASN F 208 -16.96 -12.00 35.89
N PHE F 209 -15.83 -12.66 35.78
CA PHE F 209 -15.17 -12.93 34.51
C PHE F 209 -14.68 -14.36 34.49
N GLN F 210 -14.78 -15.00 33.33
CA GLN F 210 -14.18 -16.32 33.16
C GLN F 210 -13.88 -16.56 31.69
N PHE F 211 -12.95 -17.48 31.46
CA PHE F 211 -12.75 -18.04 30.12
C PHE F 211 -12.11 -19.41 30.30
N SER F 212 -12.21 -20.21 29.25
CA SER F 212 -11.60 -21.53 29.26
C SER F 212 -10.64 -21.65 28.09
N TYR F 213 -9.65 -22.50 28.26
CA TYR F 213 -8.56 -22.63 27.31
C TYR F 213 -8.24 -24.10 27.11
N GLU F 214 -7.82 -24.44 25.90
CA GLU F 214 -7.49 -25.80 25.53
C GLU F 214 -6.02 -25.88 25.14
N PHE F 215 -5.24 -26.62 25.91
CA PHE F 215 -3.84 -26.83 25.57
C PHE F 215 -3.72 -27.57 24.25
N GLU F 216 -2.81 -27.11 23.41
CA GLU F 216 -2.50 -27.86 22.22
C GLU F 216 -1.66 -29.08 22.57
N ASN F 217 -1.67 -30.06 21.68
CA ASN F 217 -1.05 -31.33 21.99
C ASN F 217 0.45 -31.16 22.21
N VAL F 218 0.93 -31.59 23.37
CA VAL F 218 2.35 -31.59 23.67
C VAL F 218 2.74 -33.00 24.09
N PRO F 219 4.01 -33.35 24.00
CA PRO F 219 4.43 -34.65 24.53
C PRO F 219 4.37 -34.66 26.03
N PHE F 220 4.17 -35.85 26.59
CA PHE F 220 4.28 -36.01 28.02
C PHE F 220 5.67 -35.61 28.47
N HIS F 221 5.74 -34.80 29.53
CA HIS F 221 7.00 -34.64 30.23
C HIS F 221 7.45 -36.01 30.70
N SER F 222 8.73 -36.29 30.56
CA SER F 222 9.24 -37.58 30.96
C SER F 222 9.70 -37.60 32.41
N SER F 223 8.78 -37.84 33.33
CA SER F 223 9.13 -37.87 34.73
C SER F 223 9.63 -39.23 35.20
N TYR F 224 10.79 -39.62 34.70
CA TYR F 224 11.41 -40.88 35.06
C TYR F 224 12.89 -40.78 34.77
N ALA F 225 13.67 -41.68 35.34
CA ALA F 225 15.10 -41.70 35.11
C ALA F 225 15.43 -43.02 34.42
N HIS F 226 16.46 -43.05 33.59
CA HIS F 226 16.82 -44.28 32.90
C HIS F 226 17.65 -45.21 33.78
N SER F 227 17.28 -46.48 33.81
CA SER F 227 18.01 -47.49 34.55
C SER F 227 19.08 -48.16 33.70
N GLN F 228 19.29 -47.69 32.48
CA GLN F 228 20.41 -48.08 31.65
C GLN F 228 21.08 -46.85 31.11
N SER F 229 22.33 -47.00 30.69
CA SER F 229 23.07 -45.92 30.06
C SER F 229 23.26 -46.23 28.58
N LEU F 230 23.38 -45.17 27.81
CA LEU F 230 23.43 -45.28 26.35
C LEU F 230 24.58 -46.17 25.89
N ASP F 231 25.66 -46.22 26.66
CA ASP F 231 26.83 -46.99 26.28
C ASP F 231 26.81 -48.42 26.78
N ARG F 232 25.84 -48.79 27.61
CA ARG F 232 25.73 -50.11 28.19
C ARG F 232 24.63 -50.99 27.60
N LEU F 233 24.10 -50.67 26.43
CA LEU F 233 22.97 -51.44 25.88
C LEU F 233 23.23 -52.86 25.37
N MET F 234 24.47 -53.28 25.33
CA MET F 234 24.80 -54.62 24.83
C MET F 234 24.50 -55.75 25.80
N ASN F 235 24.49 -56.98 25.27
CA ASN F 235 24.29 -58.16 26.09
C ASN F 235 25.69 -58.43 26.60
N PRO F 236 25.87 -58.42 27.93
CA PRO F 236 27.18 -58.61 28.54
C PRO F 236 27.75 -60.01 28.45
N LEU F 237 27.03 -60.94 27.86
CA LEU F 237 27.55 -62.29 27.78
C LEU F 237 28.08 -62.68 26.41
N ILE F 238 27.83 -61.88 25.39
CA ILE F 238 28.03 -62.30 24.01
C ILE F 238 29.00 -61.35 23.33
N ASP F 239 29.77 -61.87 22.38
CA ASP F 239 30.61 -61.07 21.53
C ASP F 239 29.81 -60.43 20.40
N GLN F 240 30.32 -59.34 19.87
CA GLN F 240 29.88 -58.84 18.59
C GLN F 240 30.54 -59.59 17.45
N TYR F 241 29.88 -59.61 16.31
CA TYR F 241 30.52 -60.09 15.09
C TYR F 241 31.29 -59.01 14.36
N LEU F 242 31.32 -57.80 14.90
CA LEU F 242 32.14 -56.73 14.37
C LEU F 242 33.56 -56.79 14.91
N TYR F 243 34.49 -56.23 14.15
CA TYR F 243 35.90 -56.13 14.52
C TYR F 243 36.31 -54.67 14.63
N TYR F 244 37.34 -54.44 15.45
CA TYR F 244 37.94 -53.13 15.61
C TYR F 244 39.44 -53.30 15.49
N LEU F 245 40.14 -52.18 15.32
CA LEU F 245 41.58 -52.21 15.10
C LEU F 245 42.27 -52.16 16.46
N SER F 246 42.87 -53.28 16.85
CA SER F 246 43.48 -53.40 18.17
C SER F 246 44.93 -52.92 18.22
N LYS F 247 45.75 -53.23 17.21
CA LYS F 247 47.17 -52.89 17.24
C LYS F 247 47.61 -52.27 15.93
N THR F 248 48.34 -51.17 16.01
CA THR F 248 49.01 -50.62 14.84
C THR F 248 50.51 -50.92 14.77
N ILE F 249 51.10 -51.55 15.78
CA ILE F 249 52.51 -51.91 15.75
C ILE F 249 52.73 -53.24 16.43
N ASN F 250 53.75 -53.97 15.97
CA ASN F 250 54.10 -55.25 16.59
C ASN F 250 54.78 -55.05 17.92
N GLY F 251 55.51 -53.95 18.08
CA GLY F 251 56.20 -53.71 19.33
C GLY F 251 57.17 -52.56 19.17
N SER F 252 58.13 -52.50 20.09
CA SER F 252 59.14 -51.46 20.01
C SER F 252 60.14 -51.77 18.92
N GLY F 253 60.55 -50.74 18.21
CA GLY F 253 61.55 -50.90 17.18
C GLY F 253 61.28 -49.94 16.04
N GLN F 254 61.92 -50.22 14.92
CA GLN F 254 61.70 -49.47 13.68
C GLN F 254 60.88 -50.33 12.74
N ASN F 255 60.00 -49.68 11.98
CA ASN F 255 59.28 -50.34 10.90
C ASN F 255 58.41 -51.48 11.44
N GLN F 256 57.76 -51.25 12.56
CA GLN F 256 56.95 -52.25 13.23
C GLN F 256 55.48 -52.17 12.85
N GLN F 257 55.13 -51.33 11.87
CA GLN F 257 53.74 -51.12 11.52
C GLN F 257 53.04 -52.43 11.19
N THR F 258 51.81 -52.57 11.68
CA THR F 258 50.98 -53.72 11.40
C THR F 258 49.53 -53.30 11.57
N LEU F 259 48.63 -54.14 11.09
CA LEU F 259 47.20 -54.00 11.34
C LEU F 259 46.70 -55.27 11.99
N LYS F 260 46.27 -55.17 13.25
CA LYS F 260 45.66 -56.27 13.98
C LYS F 260 44.23 -55.89 14.35
N PHE F 261 43.34 -56.87 14.32
CA PHE F 261 41.93 -56.64 14.57
C PHE F 261 41.44 -57.64 15.60
N SER F 262 40.55 -57.20 16.47
CA SER F 262 39.99 -58.06 17.50
C SER F 262 38.48 -57.96 17.47
N VAL F 263 37.84 -58.94 18.10
CA VAL F 263 36.40 -58.91 18.30
C VAL F 263 36.08 -58.03 19.51
N ALA F 264 35.05 -57.21 19.36
CA ALA F 264 34.52 -56.45 20.49
C ALA F 264 33.60 -57.35 21.30
N GLY F 265 33.81 -57.37 22.60
CA GLY F 265 33.11 -58.30 23.45
C GLY F 265 32.99 -57.79 24.85
N PRO F 266 32.54 -58.66 25.76
CA PRO F 266 32.36 -58.26 27.16
C PRO F 266 33.59 -57.65 27.81
N SER F 267 34.78 -58.13 27.45
CA SER F 267 36.02 -57.63 28.03
C SER F 267 36.26 -56.16 27.73
N ASN F 268 35.95 -55.74 26.51
CA ASN F 268 36.11 -54.34 26.16
C ASN F 268 34.82 -53.79 25.59
N MET F 269 34.03 -53.13 26.43
CA MET F 269 32.76 -52.58 26.00
C MET F 269 32.86 -51.18 25.41
N ALA F 270 34.03 -50.56 25.53
CA ALA F 270 34.20 -49.21 25.02
C ALA F 270 34.40 -49.15 23.51
N VAL F 271 34.92 -50.22 22.92
CA VAL F 271 35.19 -50.24 21.50
C VAL F 271 34.07 -50.85 20.69
N GLN F 272 32.96 -51.23 21.30
CA GLN F 272 31.94 -51.91 20.53
C GLN F 272 31.20 -50.93 19.63
N GLY F 273 30.68 -51.45 18.53
CA GLY F 273 29.85 -50.64 17.67
C GLY F 273 28.51 -50.38 18.31
N ARG F 274 28.04 -49.15 18.21
CA ARG F 274 26.79 -48.74 18.80
C ARG F 274 25.92 -48.05 17.78
N ASN F 275 24.62 -48.18 17.95
CA ASN F 275 23.68 -47.57 17.02
C ASN F 275 23.34 -46.13 17.36
N TYR F 276 23.53 -45.70 18.59
CA TYR F 276 23.08 -44.36 19.00
C TYR F 276 24.13 -43.73 19.89
N ILE F 277 24.20 -42.42 19.84
CA ILE F 277 25.25 -41.65 20.51
C ILE F 277 24.59 -40.60 21.38
N PRO F 278 25.29 -40.08 22.38
CA PRO F 278 24.69 -39.08 23.26
C PRO F 278 24.48 -37.74 22.57
N GLY F 279 23.61 -36.95 23.18
CA GLY F 279 23.10 -35.74 22.58
C GLY F 279 24.08 -34.59 22.59
N PRO F 280 23.61 -33.42 22.20
CA PRO F 280 24.51 -32.29 21.95
C PRO F 280 24.98 -31.62 23.24
N SER F 281 26.10 -30.92 23.12
CA SER F 281 26.74 -30.30 24.27
C SER F 281 27.22 -28.91 23.91
N TYR F 282 27.20 -28.03 24.90
CA TYR F 282 27.83 -26.72 24.82
C TYR F 282 28.52 -26.51 26.16
N ARG F 283 29.85 -26.51 26.21
CA ARG F 283 30.48 -26.74 27.51
C ARG F 283 30.30 -25.56 28.46
N GLN F 284 30.04 -25.89 29.72
CA GLN F 284 29.94 -24.96 30.83
C GLN F 284 31.20 -25.05 31.67
N GLN F 285 31.55 -23.94 32.31
CA GLN F 285 32.63 -23.95 33.28
C GLN F 285 32.15 -24.57 34.58
N ARG F 286 33.07 -25.27 35.26
CA ARG F 286 32.73 -26.06 36.42
C ARG F 286 33.08 -25.31 37.70
N VAL F 287 32.12 -25.20 38.61
CA VAL F 287 32.30 -24.48 39.85
C VAL F 287 32.06 -25.46 41.00
N SER F 288 32.86 -25.33 42.05
CA SER F 288 32.73 -26.18 43.23
C SER F 288 32.05 -25.43 44.36
N THR F 289 31.24 -26.15 45.13
CA THR F 289 30.66 -25.58 46.34
C THR F 289 31.67 -25.55 47.47
N THR F 290 32.79 -26.24 47.35
CA THR F 290 33.92 -26.06 48.24
C THR F 290 34.78 -24.97 47.63
N VAL F 291 34.85 -23.82 48.30
CA VAL F 291 35.37 -22.65 47.63
C VAL F 291 36.88 -22.68 47.51
N THR F 292 37.55 -23.41 48.41
CA THR F 292 39.00 -23.50 48.32
C THR F 292 39.44 -24.24 47.06
N GLN F 293 38.55 -25.02 46.46
CA GLN F 293 38.87 -25.71 45.22
C GLN F 293 38.73 -24.83 44.00
N ASN F 294 38.05 -23.70 44.12
CA ASN F 294 37.87 -22.78 43.00
C ASN F 294 39.07 -21.86 42.88
N ASN F 295 39.26 -21.30 41.68
CA ASN F 295 40.37 -20.40 41.42
C ASN F 295 40.21 -19.08 42.15
N ASN F 296 41.32 -18.49 42.57
CA ASN F 296 41.30 -17.22 43.27
C ASN F 296 41.26 -16.03 42.31
N SER F 297 40.16 -15.88 41.59
CA SER F 297 39.99 -14.81 40.63
C SER F 297 38.51 -14.63 40.35
N GLU F 298 38.13 -13.50 39.75
CA GLU F 298 36.74 -13.31 39.41
C GLU F 298 36.59 -13.86 38.01
N PHE F 299 35.77 -14.89 37.86
CA PHE F 299 35.60 -15.51 36.55
C PHE F 299 34.15 -15.79 36.26
N ALA F 300 33.27 -15.31 37.13
CA ALA F 300 31.84 -15.55 36.98
C ALA F 300 31.34 -15.08 35.62
N TRP F 301 31.40 -13.79 35.36
CA TRP F 301 31.08 -13.33 34.02
C TRP F 301 32.18 -13.66 33.01
N PRO F 302 33.46 -13.34 33.27
CA PRO F 302 34.47 -13.57 32.23
C PRO F 302 34.62 -15.00 31.78
N GLY F 303 34.37 -15.97 32.65
CA GLY F 303 34.58 -17.35 32.28
C GLY F 303 33.30 -18.08 31.92
N ALA F 304 32.27 -17.34 31.57
CA ALA F 304 30.96 -17.90 31.35
C ALA F 304 30.71 -18.19 29.88
N SER F 305 29.98 -19.27 29.62
CA SER F 305 29.54 -19.58 28.28
C SER F 305 28.44 -18.62 27.86
N SER F 306 28.52 -18.13 26.64
CA SER F 306 27.60 -17.10 26.20
C SER F 306 27.28 -17.28 24.73
N TRP F 307 26.25 -16.59 24.29
CA TRP F 307 25.95 -16.44 22.88
C TRP F 307 25.71 -14.98 22.56
N ALA F 308 26.03 -14.60 21.34
CA ALA F 308 25.96 -13.22 20.89
C ALA F 308 24.81 -13.05 19.90
N LEU F 309 24.08 -11.96 20.04
CA LEU F 309 23.00 -11.66 19.11
C LEU F 309 23.06 -10.17 18.80
N ASN F 310 23.29 -9.84 17.54
CA ASN F 310 23.35 -8.45 17.09
C ASN F 310 24.32 -7.62 17.93
N GLY F 311 25.45 -8.21 18.27
CA GLY F 311 26.48 -7.52 18.99
C GLY F 311 26.41 -7.66 20.49
N ARG F 312 25.27 -8.04 21.03
CA ARG F 312 25.10 -8.18 22.48
C ARG F 312 25.34 -9.62 22.90
N ASN F 313 25.98 -9.80 24.04
CA ASN F 313 26.30 -11.12 24.56
C ASN F 313 25.29 -11.49 25.64
N SER F 314 24.68 -12.65 25.49
CA SER F 314 23.81 -13.20 26.51
C SER F 314 24.47 -14.43 27.11
N LEU F 315 24.42 -14.50 28.43
CA LEU F 315 24.84 -15.70 29.13
C LEU F 315 24.07 -16.90 28.61
N MET F 316 24.72 -18.05 28.54
CA MET F 316 24.00 -19.25 28.13
C MET F 316 23.41 -19.83 29.40
N ASN F 317 22.13 -19.59 29.59
CA ASN F 317 21.47 -19.94 30.82
C ASN F 317 20.05 -20.38 30.57
N PRO F 318 19.64 -21.54 31.11
CA PRO F 318 20.52 -22.60 31.60
C PRO F 318 21.23 -23.32 30.45
N GLY F 319 20.73 -23.19 29.23
CA GLY F 319 21.36 -23.74 28.08
C GLY F 319 20.83 -25.11 27.71
N PRO F 320 21.58 -25.84 26.90
CA PRO F 320 21.17 -27.20 26.55
C PRO F 320 21.14 -28.10 27.77
N ALA F 321 20.30 -29.12 27.71
CA ALA F 321 20.14 -30.00 28.86
C ALA F 321 21.30 -30.97 28.90
N MET F 322 22.10 -30.89 29.96
CA MET F 322 23.27 -31.72 30.12
C MET F 322 23.35 -32.15 31.57
N ALA F 323 23.99 -33.30 31.79
CA ALA F 323 24.16 -33.79 33.14
C ALA F 323 24.99 -32.78 33.94
N SER F 324 24.53 -32.49 35.14
CA SER F 324 25.15 -31.45 35.94
C SER F 324 26.57 -31.80 36.33
N HIS F 325 26.85 -33.08 36.57
CA HIS F 325 28.14 -33.47 37.08
C HIS F 325 28.35 -34.95 36.81
N LYS F 326 29.61 -35.37 36.87
CA LYS F 326 29.92 -36.78 36.78
C LYS F 326 29.47 -37.52 38.03
N GLU F 327 29.33 -38.83 37.90
CA GLU F 327 28.98 -39.66 39.04
C GLU F 327 30.05 -39.56 40.12
N GLY F 328 29.61 -39.45 41.36
CA GLY F 328 30.52 -39.34 42.48
C GLY F 328 30.95 -37.94 42.81
N GLU F 329 30.79 -37.00 41.89
CA GLU F 329 31.14 -35.61 42.15
C GLU F 329 29.86 -34.80 42.14
N ASP F 330 29.30 -34.53 43.32
CA ASP F 330 28.12 -33.67 43.39
C ASP F 330 28.44 -32.27 43.85
N ARG F 331 29.70 -32.01 44.23
CA ARG F 331 30.06 -30.70 44.72
C ARG F 331 30.26 -29.71 43.59
N PHE F 332 30.31 -30.19 42.35
CA PHE F 332 30.49 -29.33 41.20
C PHE F 332 29.14 -29.07 40.54
N PHE F 333 29.00 -27.89 39.97
CA PHE F 333 27.82 -27.52 39.22
C PHE F 333 28.26 -26.65 38.04
N PRO F 334 27.47 -26.65 36.96
CA PRO F 334 27.78 -25.82 35.79
C PRO F 334 27.71 -24.35 36.17
N LEU F 335 28.55 -23.51 35.60
CA LEU F 335 28.58 -22.11 36.01
C LEU F 335 27.24 -21.41 35.86
N SER F 336 26.55 -21.66 34.75
CA SER F 336 25.23 -21.06 34.57
C SER F 336 24.36 -22.07 33.88
N GLY F 337 24.68 -23.33 34.10
CA GLY F 337 23.96 -24.43 33.50
C GLY F 337 22.83 -25.03 34.30
N SER F 338 22.56 -24.55 35.52
CA SER F 338 21.49 -25.08 36.33
C SER F 338 20.51 -23.99 36.73
N LEU F 339 19.30 -24.42 37.10
CA LEU F 339 18.35 -23.50 37.69
C LEU F 339 18.63 -23.37 39.17
N ILE F 340 18.64 -22.14 39.66
CA ILE F 340 18.99 -21.84 41.04
C ILE F 340 17.82 -21.09 41.65
N PHE F 341 17.23 -21.65 42.68
CA PHE F 341 16.11 -21.05 43.40
C PHE F 341 16.59 -20.50 44.72
N GLY F 342 15.95 -19.44 45.17
CA GLY F 342 16.22 -18.90 46.47
C GLY F 342 15.36 -19.55 47.55
N LYS F 343 15.94 -19.67 48.73
CA LYS F 343 15.18 -20.07 49.90
C LYS F 343 14.32 -18.92 50.39
N GLN F 344 13.34 -19.25 51.20
CA GLN F 344 12.41 -18.24 51.70
C GLN F 344 13.16 -17.18 52.49
N GLY F 345 12.88 -15.92 52.16
CA GLY F 345 13.50 -14.81 52.82
C GLY F 345 14.87 -14.44 52.30
N THR F 346 15.31 -15.04 51.21
CA THR F 346 16.62 -14.75 50.67
C THR F 346 16.61 -13.38 49.99
N GLY F 347 17.65 -12.60 50.26
CA GLY F 347 17.76 -11.29 49.68
C GLY F 347 17.95 -11.33 48.18
N ARG F 348 18.01 -10.14 47.60
CA ARG F 348 18.07 -10.00 46.16
C ARG F 348 19.49 -10.12 45.59
N ASP F 349 20.51 -9.65 46.31
CA ASP F 349 21.82 -9.43 45.72
C ASP F 349 22.94 -10.00 46.58
N ASN F 350 23.83 -10.78 45.95
CA ASN F 350 25.06 -11.26 46.57
C ASN F 350 24.81 -12.07 47.83
N VAL F 351 23.87 -12.98 47.74
CA VAL F 351 23.60 -13.89 48.85
C VAL F 351 24.57 -15.05 48.83
N ASP F 352 24.78 -15.68 49.98
CA ASP F 352 25.69 -16.81 50.08
C ASP F 352 25.08 -18.07 49.47
N ALA F 353 25.87 -19.13 49.42
CA ALA F 353 25.45 -20.34 48.75
C ALA F 353 24.41 -21.12 49.56
N ASP F 354 24.40 -20.97 50.87
CA ASP F 354 23.39 -21.61 51.68
C ASP F 354 22.04 -20.90 51.60
N LYS F 355 21.98 -19.74 50.97
CA LYS F 355 20.72 -19.03 50.80
C LYS F 355 19.98 -19.45 49.54
N VAL F 356 20.60 -20.23 48.67
CA VAL F 356 20.00 -20.61 47.41
C VAL F 356 19.97 -22.12 47.30
N MET F 357 19.15 -22.60 46.37
CA MET F 357 18.98 -24.02 46.12
C MET F 357 19.37 -24.29 44.67
N ILE F 358 20.46 -25.02 44.47
CA ILE F 358 20.96 -25.34 43.15
C ILE F 358 20.43 -26.70 42.75
N THR F 359 19.63 -26.75 41.69
CA THR F 359 19.08 -28.03 41.24
C THR F 359 20.11 -28.71 40.38
N ASN F 360 19.95 -30.00 40.16
CA ASN F 360 20.88 -30.72 39.31
C ASN F 360 20.16 -31.61 38.33
N GLU F 361 20.83 -31.91 37.23
CA GLU F 361 20.29 -32.73 36.17
C GLU F 361 21.05 -34.05 36.12
N GLU F 362 21.36 -34.59 37.30
CA GLU F 362 22.12 -35.84 37.36
C GLU F 362 21.42 -37.07 36.79
N GLU F 363 20.10 -37.05 36.74
CA GLU F 363 19.30 -38.16 36.22
C GLU F 363 19.55 -38.44 34.74
N ILE F 364 19.83 -37.40 33.97
CA ILE F 364 20.00 -37.51 32.54
C ILE F 364 21.39 -37.90 32.06
N LYS F 365 22.27 -38.32 32.97
CA LYS F 365 23.61 -38.75 32.61
C LYS F 365 23.63 -39.96 31.66
N THR F 366 22.66 -40.85 31.82
CA THR F 366 22.48 -42.00 30.94
C THR F 366 22.48 -41.66 29.44
N THR F 367 21.79 -40.59 29.01
CA THR F 367 21.81 -40.19 27.62
C THR F 367 22.49 -38.87 27.33
N ASN F 368 22.86 -38.09 28.35
CA ASN F 368 23.32 -36.77 27.96
C ASN F 368 24.75 -36.57 28.41
N PRO F 369 25.55 -35.83 27.64
CA PRO F 369 26.91 -35.54 28.07
C PRO F 369 26.91 -34.66 29.30
N VAL F 370 27.98 -34.77 30.09
CA VAL F 370 28.13 -33.94 31.27
C VAL F 370 28.37 -32.51 30.84
N ALA F 371 27.78 -31.56 31.58
CA ALA F 371 27.82 -30.17 31.19
C ALA F 371 29.23 -29.59 31.19
N THR F 372 30.07 -30.06 32.10
CA THR F 372 31.40 -29.49 32.31
C THR F 372 32.50 -30.25 31.60
N GLU F 373 32.16 -31.23 30.76
CA GLU F 373 33.13 -32.06 30.09
C GLU F 373 33.08 -31.80 28.60
N SER F 374 34.16 -32.16 27.91
CA SER F 374 34.10 -32.18 26.45
C SER F 374 33.16 -33.28 25.98
N TYR F 375 32.64 -33.10 24.77
CA TYR F 375 31.81 -34.15 24.19
C TYR F 375 32.64 -35.37 23.86
N GLY F 376 33.83 -35.17 23.33
CA GLY F 376 34.68 -36.27 22.93
C GLY F 376 35.90 -35.74 22.19
N GLN F 377 36.52 -36.63 21.42
CA GLN F 377 37.70 -36.30 20.65
C GLN F 377 37.46 -36.55 19.18
N VAL F 378 38.10 -35.75 18.33
CA VAL F 378 38.11 -35.97 16.89
C VAL F 378 39.55 -35.97 16.41
N ALA F 379 39.74 -36.56 15.23
CA ALA F 379 41.04 -36.52 14.58
C ALA F 379 41.25 -35.16 13.94
N THR F 380 42.41 -34.56 14.19
CA THR F 380 42.72 -33.27 13.61
C THR F 380 43.66 -33.32 12.41
N ASN F 381 44.15 -34.49 12.05
CA ASN F 381 45.08 -34.59 10.92
C ASN F 381 45.08 -35.98 10.30
N HIS F 382 46.00 -36.22 9.38
CA HIS F 382 46.17 -37.53 8.77
C HIS F 382 47.49 -38.05 9.31
N GLN F 383 47.47 -39.18 9.99
CA GLN F 383 48.70 -39.76 10.50
C GLN F 383 49.47 -40.32 9.32
N SER F 384 50.79 -40.28 9.40
CA SER F 384 51.63 -40.78 8.33
C SER F 384 52.99 -41.16 8.88
N ALA F 385 53.80 -41.84 8.08
CA ALA F 385 55.13 -42.24 8.48
C ALA F 385 55.93 -41.08 9.08
N GLN F 386 55.56 -39.85 8.73
CA GLN F 386 56.22 -38.67 9.27
C GLN F 386 55.40 -37.91 10.29
N ALA F 387 54.15 -38.31 10.55
CA ALA F 387 53.26 -37.53 11.38
C ALA F 387 52.48 -38.44 12.31
N GLN F 388 52.51 -38.14 13.61
CA GLN F 388 51.73 -38.90 14.57
C GLN F 388 50.27 -38.48 14.54
N ALA F 389 49.40 -39.39 14.93
CA ALA F 389 47.99 -39.09 15.01
C ALA F 389 47.74 -38.03 16.07
N GLN F 390 46.93 -37.05 15.71
CA GLN F 390 46.60 -35.94 16.59
C GLN F 390 45.10 -35.88 16.79
N THR F 391 44.69 -35.55 18.00
CA THR F 391 43.29 -35.42 18.34
C THR F 391 43.05 -34.05 18.93
N GLY F 392 41.79 -33.69 19.06
CA GLY F 392 41.42 -32.44 19.70
C GLY F 392 40.11 -32.62 20.41
N TRP F 393 39.87 -31.75 21.37
CA TRP F 393 38.70 -31.86 22.21
C TRP F 393 37.54 -31.12 21.57
N VAL F 394 36.37 -31.75 21.61
CA VAL F 394 35.17 -31.16 21.06
C VAL F 394 34.47 -30.44 22.20
N GLN F 395 34.51 -29.11 22.18
CA GLN F 395 33.97 -28.34 23.29
C GLN F 395 32.47 -28.16 23.15
N ASN F 396 31.99 -28.05 21.93
CA ASN F 396 30.57 -27.97 21.65
C ASN F 396 30.26 -28.83 20.45
N GLN F 397 29.12 -29.49 20.49
CA GLN F 397 28.70 -30.40 19.42
C GLN F 397 27.22 -30.19 19.16
N GLY F 398 26.88 -29.87 17.93
CA GLY F 398 25.50 -29.80 17.53
C GLY F 398 24.93 -31.15 17.18
N ILE F 399 23.66 -31.13 16.80
CA ILE F 399 22.93 -32.37 16.53
C ILE F 399 23.61 -33.19 15.46
N LEU F 400 23.72 -34.48 15.71
CA LEU F 400 24.15 -35.49 14.75
C LEU F 400 23.05 -36.51 14.56
N PRO F 401 22.95 -37.09 13.37
CA PRO F 401 22.03 -38.22 13.20
C PRO F 401 22.45 -39.36 14.10
N GLY F 402 21.49 -39.87 14.87
CA GLY F 402 21.77 -40.92 15.82
C GLY F 402 21.90 -40.45 17.26
N MET F 403 21.70 -39.18 17.54
CA MET F 403 21.71 -38.69 18.90
C MET F 403 20.37 -38.91 19.58
N VAL F 404 20.42 -39.19 20.87
CA VAL F 404 19.22 -39.24 21.71
C VAL F 404 19.54 -38.45 22.97
N TRP F 405 18.53 -37.81 23.54
CA TRP F 405 18.76 -36.99 24.71
C TRP F 405 17.48 -36.87 25.50
N GLN F 406 17.62 -36.42 26.75
CA GLN F 406 16.53 -36.07 27.63
C GLN F 406 16.44 -34.55 27.75
N ASP F 407 15.22 -34.07 27.95
CA ASP F 407 15.02 -32.67 28.23
C ASP F 407 15.34 -32.37 29.69
N ARG F 408 15.27 -31.10 30.05
CA ARG F 408 15.49 -30.72 31.44
C ARG F 408 14.27 -31.09 32.26
N ASP F 409 14.51 -31.38 33.52
CA ASP F 409 13.45 -31.77 34.42
C ASP F 409 12.62 -30.55 34.81
N VAL F 410 11.41 -30.81 35.30
CA VAL F 410 10.56 -29.75 35.82
C VAL F 410 10.50 -29.86 37.33
N TYR F 411 10.27 -28.74 37.98
CA TYR F 411 10.31 -28.66 39.44
C TYR F 411 9.01 -28.09 39.96
N LEU F 412 8.75 -28.32 41.25
CA LEU F 412 7.57 -27.77 41.88
C LEU F 412 7.60 -26.25 41.85
N GLN F 413 8.78 -25.66 41.98
CA GLN F 413 8.96 -24.22 41.93
C GLN F 413 9.12 -23.69 40.52
N GLY F 414 9.29 -24.56 39.53
CA GLY F 414 9.69 -24.15 38.21
C GLY F 414 8.54 -23.81 37.28
N PRO F 415 8.87 -23.34 36.08
CA PRO F 415 7.85 -22.96 35.12
C PRO F 415 7.15 -24.16 34.48
N ILE F 416 5.97 -23.91 33.94
CA ILE F 416 5.20 -24.96 33.31
C ILE F 416 5.37 -24.91 31.80
N TRP F 417 4.98 -23.80 31.19
CA TRP F 417 5.01 -23.69 29.73
C TRP F 417 5.84 -22.50 29.29
N ALA F 418 6.17 -22.50 28.01
CA ALA F 418 6.74 -21.35 27.35
C ALA F 418 6.07 -21.20 25.99
N LYS F 419 6.13 -20.00 25.44
CA LYS F 419 5.66 -19.74 24.10
C LYS F 419 6.80 -19.96 23.12
N ILE F 420 6.58 -20.81 22.14
CA ILE F 420 7.58 -21.00 21.09
C ILE F 420 7.62 -19.74 20.24
N PRO F 421 8.80 -19.14 20.03
CA PRO F 421 8.86 -17.95 19.18
C PRO F 421 8.35 -18.25 17.78
N HIS F 422 7.77 -17.25 17.14
CA HIS F 422 7.15 -17.45 15.84
C HIS F 422 8.22 -17.20 14.78
N THR F 423 8.68 -18.26 14.14
CA THR F 423 9.85 -18.20 13.31
C THR F 423 9.72 -19.18 12.16
N ASP F 424 10.58 -18.99 11.16
CA ASP F 424 10.62 -19.92 10.04
C ASP F 424 10.94 -21.33 10.49
N GLY F 425 11.88 -21.46 11.42
CA GLY F 425 12.29 -22.78 11.87
C GLY F 425 12.70 -22.77 13.32
N ASN F 426 12.63 -23.97 13.89
CA ASN F 426 13.07 -24.24 15.24
C ASN F 426 13.43 -25.70 15.29
N PHE F 427 14.15 -26.10 16.32
CA PHE F 427 14.42 -27.52 16.51
C PHE F 427 14.17 -27.90 17.96
N HIS F 428 13.44 -28.99 18.14
CA HIS F 428 13.06 -29.54 19.43
C HIS F 428 12.61 -28.40 20.35
N PRO F 429 11.51 -27.78 20.04
CA PRO F 429 11.13 -26.50 20.65
C PRO F 429 10.94 -26.51 22.16
N SER F 430 11.06 -27.68 22.79
CA SER F 430 10.97 -27.77 24.23
C SER F 430 11.80 -26.68 24.91
N PRO F 431 11.23 -25.92 25.82
CA PRO F 431 11.94 -24.75 26.36
C PRO F 431 13.06 -25.14 27.30
N LEU F 432 14.12 -24.34 27.28
CA LEU F 432 15.36 -24.73 27.93
C LEU F 432 15.32 -24.57 29.44
N MET F 433 14.42 -23.77 29.99
CA MET F 433 14.30 -23.76 31.44
C MET F 433 13.39 -24.86 31.95
N GLY F 434 12.85 -25.68 31.08
CA GLY F 434 11.99 -26.78 31.45
C GLY F 434 10.53 -26.48 31.15
N GLY F 435 9.77 -27.55 31.00
CA GLY F 435 8.35 -27.45 30.73
C GLY F 435 7.97 -27.70 29.27
N PHE F 436 6.77 -27.23 28.94
CA PHE F 436 6.10 -27.55 27.68
C PHE F 436 6.15 -26.34 26.76
N GLY F 437 6.74 -26.50 25.58
CA GLY F 437 6.70 -25.43 24.60
C GLY F 437 5.42 -25.50 23.79
N MET F 438 4.86 -24.33 23.48
CA MET F 438 3.57 -24.25 22.82
C MET F 438 3.57 -23.07 21.86
N LYS F 439 3.04 -23.28 20.65
CA LYS F 439 2.85 -22.16 19.75
C LYS F 439 1.70 -21.27 20.19
N HIS F 440 0.69 -21.86 20.82
CA HIS F 440 -0.42 -21.12 21.41
C HIS F 440 -0.51 -21.51 22.87
N PRO F 441 0.32 -20.91 23.72
CA PRO F 441 0.28 -21.22 25.12
C PRO F 441 -0.97 -20.64 25.77
N PRO F 442 -1.17 -20.85 27.06
CA PRO F 442 -2.22 -20.14 27.75
C PRO F 442 -2.08 -18.65 27.56
N PRO F 443 -3.16 -17.96 27.24
CA PRO F 443 -3.06 -16.54 26.89
C PRO F 443 -2.79 -15.67 28.11
N GLN F 444 -2.29 -14.47 27.83
CA GLN F 444 -2.10 -13.48 28.86
C GLN F 444 -3.42 -12.88 29.29
N ILE F 445 -3.54 -12.58 30.58
CA ILE F 445 -4.75 -12.06 31.17
C ILE F 445 -4.39 -10.71 31.75
N LEU F 446 -4.91 -9.64 31.16
CA LEU F 446 -4.51 -8.29 31.50
C LEU F 446 -5.62 -7.65 32.33
N ILE F 447 -5.23 -6.88 33.34
CA ILE F 447 -6.20 -6.27 34.24
C ILE F 447 -5.70 -4.91 34.69
N LYS F 448 -6.61 -3.95 34.75
CA LYS F 448 -6.28 -2.65 35.32
C LYS F 448 -7.54 -2.05 35.94
N ASN F 449 -7.32 -1.12 36.85
CA ASN F 449 -8.40 -0.31 37.38
C ASN F 449 -8.73 0.79 36.39
N THR F 450 -10.00 0.95 36.10
CA THR F 450 -10.43 2.05 35.26
C THR F 450 -10.18 3.36 35.99
N PRO F 451 -9.53 4.34 35.36
CA PRO F 451 -9.29 5.61 36.04
C PRO F 451 -10.58 6.35 36.31
N VAL F 452 -10.69 6.91 37.50
CA VAL F 452 -11.81 7.75 37.90
C VAL F 452 -11.28 9.15 38.14
N PRO F 453 -11.56 10.11 37.27
CA PRO F 453 -11.00 11.44 37.46
C PRO F 453 -11.58 12.15 38.67
N ALA F 454 -10.79 13.03 39.25
CA ALA F 454 -11.28 13.91 40.29
C ALA F 454 -12.09 15.03 39.65
N ASP F 455 -12.52 16.00 40.43
CA ASP F 455 -13.40 17.02 39.90
C ASP F 455 -12.67 17.90 38.89
N PRO F 456 -13.15 18.00 37.66
CA PRO F 456 -12.51 18.86 36.67
C PRO F 456 -12.77 20.32 36.98
N PRO F 457 -12.04 21.22 36.34
CA PRO F 457 -12.34 22.64 36.49
C PRO F 457 -13.71 22.95 35.90
N THR F 458 -14.23 24.13 36.25
CA THR F 458 -15.55 24.51 35.78
C THR F 458 -15.51 25.25 34.45
N ALA F 459 -14.33 25.61 33.97
CA ALA F 459 -14.16 26.11 32.61
C ALA F 459 -13.39 25.08 31.81
N PHE F 460 -13.74 24.97 30.53
CA PHE F 460 -13.20 23.91 29.70
C PHE F 460 -11.71 24.06 29.48
N ASN F 461 -11.02 22.93 29.51
CA ASN F 461 -9.59 22.84 29.24
C ASN F 461 -9.36 21.62 28.38
N LYS F 462 -8.52 21.76 27.36
CA LYS F 462 -8.34 20.67 26.41
C LYS F 462 -7.28 19.67 26.84
N ASP F 463 -6.49 19.99 27.85
CA ASP F 463 -5.47 19.07 28.30
C ASP F 463 -6.09 17.82 28.88
N LYS F 464 -5.40 16.70 28.75
CA LYS F 464 -5.90 15.48 29.37
C LYS F 464 -5.86 15.64 30.89
N LEU F 465 -6.74 14.92 31.55
CA LEU F 465 -6.90 15.07 32.99
C LEU F 465 -5.82 14.30 33.71
N ASN F 466 -5.01 15.00 34.50
CA ASN F 466 -3.95 14.38 35.29
C ASN F 466 -4.32 14.16 36.75
N SER F 467 -5.54 14.47 37.15
CA SER F 467 -5.94 14.39 38.55
C SER F 467 -6.98 13.30 38.70
N PHE F 468 -6.70 12.34 39.57
CA PHE F 468 -7.56 11.16 39.72
C PHE F 468 -7.80 10.86 41.19
N ILE F 469 -8.75 9.98 41.42
CA ILE F 469 -9.02 9.46 42.74
C ILE F 469 -8.12 8.26 42.99
N THR F 470 -7.39 8.28 44.11
CA THR F 470 -6.52 7.17 44.45
C THR F 470 -7.35 5.94 44.75
N GLN F 471 -7.01 4.83 44.09
CA GLN F 471 -7.96 3.74 44.05
C GLN F 471 -7.21 2.44 43.81
N TYR F 472 -7.72 1.35 44.36
CA TYR F 472 -7.16 0.03 44.12
C TYR F 472 -8.27 -0.99 44.20
N SER F 473 -8.00 -2.18 43.73
CA SER F 473 -9.00 -3.24 43.73
C SER F 473 -8.42 -4.52 44.31
N THR F 474 -9.32 -5.40 44.71
CA THR F 474 -8.97 -6.69 45.27
C THR F 474 -10.08 -7.67 44.92
N GLY F 475 -9.76 -8.95 44.97
CA GLY F 475 -10.73 -9.94 44.57
C GLY F 475 -10.14 -11.33 44.64
N GLN F 476 -10.83 -12.26 43.99
CA GLN F 476 -10.46 -13.67 44.03
C GLN F 476 -10.16 -14.16 42.63
N VAL F 477 -9.14 -15.01 42.51
CA VAL F 477 -8.84 -15.71 41.27
C VAL F 477 -8.88 -17.20 41.54
N SER F 478 -9.56 -17.93 40.68
CA SER F 478 -9.46 -19.38 40.67
C SER F 478 -9.00 -19.81 39.29
N VAL F 479 -8.10 -20.79 39.26
CA VAL F 479 -7.62 -21.39 38.03
C VAL F 479 -7.68 -22.89 38.19
N GLU F 480 -8.13 -23.56 37.14
CA GLU F 480 -8.35 -25.00 37.14
C GLU F 480 -7.66 -25.60 35.93
N ILE F 481 -6.82 -26.59 36.14
CA ILE F 481 -6.12 -27.27 35.05
C ILE F 481 -6.39 -28.75 35.14
N GLU F 482 -6.73 -29.36 34.01
CA GLU F 482 -6.81 -30.81 33.89
C GLU F 482 -5.50 -31.34 33.34
N TRP F 483 -4.96 -32.35 33.99
CA TRP F 483 -3.68 -32.92 33.65
C TRP F 483 -3.87 -34.38 33.26
N GLU F 484 -3.25 -34.80 32.17
CA GLU F 484 -3.30 -36.19 31.75
C GLU F 484 -2.07 -36.93 32.26
N LEU F 485 -2.25 -38.16 32.71
CA LEU F 485 -1.21 -38.94 33.35
C LEU F 485 -0.80 -40.11 32.48
N GLN F 486 0.45 -40.52 32.63
CA GLN F 486 0.98 -41.70 31.97
C GLN F 486 1.51 -42.63 33.05
N LYS F 487 0.85 -43.77 33.24
CA LYS F 487 1.12 -44.60 34.40
C LYS F 487 2.31 -45.54 34.16
N GLU F 488 3.03 -45.81 35.23
CA GLU F 488 4.18 -46.71 35.22
C GLU F 488 3.78 -48.18 35.05
N ASN F 489 4.33 -48.82 34.02
CA ASN F 489 4.03 -50.20 33.64
C ASN F 489 5.10 -51.21 34.05
N SER F 490 6.13 -50.78 34.78
CA SER F 490 7.41 -51.50 34.83
C SER F 490 7.30 -52.92 35.39
N LYS F 491 8.20 -53.78 34.92
CA LYS F 491 8.42 -55.13 35.41
C LYS F 491 9.59 -55.25 36.37
N ARG F 492 10.20 -54.15 36.75
CA ARG F 492 11.29 -54.16 37.72
C ARG F 492 10.92 -54.91 38.99
N TRP F 493 11.83 -55.79 39.44
CA TRP F 493 11.59 -56.63 40.60
C TRP F 493 11.83 -55.88 41.91
N ASN F 494 12.99 -55.24 42.02
CA ASN F 494 13.36 -54.54 43.23
C ASN F 494 12.61 -53.23 43.34
N PRO F 495 12.50 -52.68 44.55
CA PRO F 495 11.74 -51.44 44.72
C PRO F 495 12.45 -50.22 44.17
N GLU F 496 11.65 -49.23 43.79
CA GLU F 496 12.05 -47.95 43.23
C GLU F 496 12.59 -47.00 44.30
N ILE F 497 13.27 -45.98 43.82
CA ILE F 497 13.50 -44.78 44.62
C ILE F 497 12.24 -43.94 44.57
N GLN F 498 11.84 -43.40 45.71
CA GLN F 498 10.65 -42.57 45.83
C GLN F 498 11.05 -41.26 46.48
N TYR F 499 10.27 -40.21 46.24
CA TYR F 499 10.44 -39.00 47.01
C TYR F 499 9.72 -39.16 48.34
N THR F 500 10.41 -38.88 49.43
CA THR F 500 9.78 -39.04 50.73
C THR F 500 10.21 -38.02 51.77
N SER F 501 9.39 -37.89 52.80
CA SER F 501 9.69 -37.04 53.94
C SER F 501 10.62 -37.82 54.85
N ASN F 502 11.36 -37.13 55.70
CA ASN F 502 12.25 -37.79 56.62
C ASN F 502 11.62 -37.81 58.00
N TYR F 503 11.65 -38.97 58.64
CA TYR F 503 11.06 -39.12 59.96
C TYR F 503 11.71 -38.38 61.12
N TYR F 504 12.99 -38.03 61.00
CA TYR F 504 13.70 -37.39 62.10
C TYR F 504 13.02 -36.13 62.59
N LYS F 505 13.02 -35.96 63.91
CA LYS F 505 12.39 -34.81 64.55
C LYS F 505 13.07 -33.50 64.19
N SER F 506 12.25 -32.48 64.01
CA SER F 506 12.71 -31.16 63.63
C SER F 506 11.87 -30.10 64.30
N ASN F 507 12.36 -28.88 64.32
CA ASN F 507 11.62 -27.78 64.92
C ASN F 507 10.47 -27.34 64.04
N ASN F 508 10.49 -27.71 62.77
CA ASN F 508 9.44 -27.33 61.85
C ASN F 508 9.09 -28.52 60.98
N VAL F 509 7.86 -28.58 60.55
CA VAL F 509 7.43 -29.50 59.51
C VAL F 509 7.80 -28.90 58.18
N GLU F 510 8.41 -29.70 57.31
CA GLU F 510 8.76 -29.20 55.98
C GLU F 510 7.51 -28.97 55.15
N PHE F 511 7.54 -27.91 54.37
CA PHE F 511 6.39 -27.47 53.58
C PHE F 511 5.21 -27.13 54.47
N ALA F 512 5.48 -26.35 55.51
CA ALA F 512 4.44 -25.85 56.40
C ALA F 512 4.83 -24.42 56.79
N VAL F 513 4.00 -23.81 57.61
CA VAL F 513 4.32 -22.52 58.19
C VAL F 513 5.19 -22.69 59.43
N ASN F 514 5.94 -21.64 59.76
CA ASN F 514 6.68 -21.60 61.01
C ASN F 514 5.83 -20.90 62.08
N THR F 515 6.47 -20.53 63.19
CA THR F 515 5.73 -19.90 64.28
C THR F 515 5.27 -18.50 63.94
N GLU F 516 5.86 -17.85 62.96
CA GLU F 516 5.42 -16.54 62.53
C GLU F 516 4.43 -16.58 61.38
N GLY F 517 4.10 -17.76 60.89
CA GLY F 517 3.14 -17.89 59.82
C GLY F 517 3.72 -17.80 58.43
N VAL F 518 5.01 -18.04 58.27
CA VAL F 518 5.66 -17.93 56.97
C VAL F 518 5.77 -19.32 56.37
N TYR F 519 5.21 -19.48 55.18
CA TYR F 519 5.29 -20.73 54.44
C TYR F 519 6.59 -20.75 53.65
N SER F 520 7.29 -21.86 53.71
CA SER F 520 8.54 -22.02 52.96
C SER F 520 8.56 -23.36 52.26
N GLU F 521 9.38 -23.43 51.24
CA GLU F 521 9.67 -24.68 50.52
C GLU F 521 11.12 -25.05 50.77
N PRO F 522 11.35 -26.04 51.64
CA PRO F 522 12.68 -26.50 52.06
C PRO F 522 13.68 -26.77 50.95
N ARG F 523 13.28 -27.51 49.94
CA ARG F 523 14.18 -27.85 48.84
C ARG F 523 13.42 -27.95 47.54
N PRO F 524 14.13 -27.83 46.42
CA PRO F 524 13.49 -27.97 45.11
C PRO F 524 13.15 -29.43 44.89
N ILE F 525 12.01 -29.74 44.30
CA ILE F 525 11.68 -31.14 44.07
C ILE F 525 11.51 -31.41 42.59
N GLY F 526 12.32 -32.31 42.07
CA GLY F 526 12.24 -32.68 40.67
C GLY F 526 11.20 -33.75 40.43
N THR F 527 11.09 -34.16 39.18
CA THR F 527 10.04 -35.06 38.79
C THR F 527 10.49 -36.50 38.58
N ARG F 528 11.79 -36.80 38.67
CA ARG F 528 12.33 -38.05 38.13
C ARG F 528 12.80 -38.99 39.24
N TYR F 529 12.00 -40.02 39.47
CA TYR F 529 12.22 -41.00 40.53
C TYR F 529 12.07 -42.42 39.99
N LEU F 530 10.96 -42.66 39.32
CA LEU F 530 10.69 -43.95 38.71
C LEU F 530 11.65 -44.17 37.55
N THR F 531 11.93 -45.42 37.23
CA THR F 531 12.88 -45.72 36.17
C THR F 531 12.28 -46.45 35.00
N ARG F 532 12.92 -46.29 33.85
CA ARG F 532 12.52 -46.92 32.62
C ARG F 532 13.75 -47.49 31.97
N ASN F 533 13.60 -48.52 31.14
CA ASN F 533 14.73 -49.07 30.45
C ASN F 533 15.05 -48.14 29.31
N LEU F 534 16.32 -48.01 28.96
CA LEU F 534 16.72 -47.15 27.88
C LEU F 534 16.50 -47.85 26.54
N ASP G 17 0.40 -81.80 20.70
CA ASP G 17 -0.57 -82.84 20.42
C ASP G 17 -0.10 -84.20 20.95
N GLY G 18 0.92 -84.79 20.33
CA GLY G 18 1.32 -86.14 20.68
C GLY G 18 2.80 -86.35 20.52
N VAL G 19 3.27 -87.45 21.11
CA VAL G 19 4.69 -87.78 21.06
C VAL G 19 5.10 -88.17 19.65
N GLY G 20 4.26 -88.93 18.97
CA GLY G 20 4.64 -89.48 17.68
C GLY G 20 4.18 -88.71 16.48
N SER G 21 3.69 -87.50 16.66
CA SER G 21 3.26 -86.65 15.56
C SER G 21 4.15 -85.43 15.48
N SER G 22 4.35 -84.94 14.28
CA SER G 22 5.20 -83.77 14.07
C SER G 22 4.36 -82.50 14.20
N SER G 23 4.91 -81.50 14.86
CA SER G 23 4.18 -80.27 15.13
C SER G 23 4.51 -79.15 14.15
N GLY G 24 5.32 -79.41 13.14
CA GLY G 24 5.55 -78.41 12.11
C GLY G 24 6.37 -79.01 11.00
N ASN G 25 6.49 -78.24 9.92
CA ASN G 25 7.22 -78.66 8.73
C ASN G 25 8.36 -77.71 8.47
N TRP G 26 9.15 -78.03 7.47
CA TRP G 26 10.34 -77.25 7.14
C TRP G 26 9.99 -76.30 6.02
N HIS G 27 10.07 -75.01 6.28
CA HIS G 27 9.80 -74.00 5.26
C HIS G 27 11.05 -73.14 5.08
N CYS G 28 11.71 -73.29 3.94
CA CYS G 28 12.74 -72.36 3.50
C CYS G 28 12.53 -72.08 2.03
N ASP G 29 12.30 -70.82 1.69
CA ASP G 29 12.37 -70.33 0.32
C ASP G 29 12.03 -68.86 0.28
N SER G 30 12.14 -68.27 -0.90
CA SER G 30 11.70 -66.91 -1.13
C SER G 30 10.61 -66.92 -2.20
N GLN G 31 9.62 -66.06 -2.03
CA GLN G 31 8.56 -65.89 -3.01
C GLN G 31 8.58 -64.44 -3.48
N TRP G 32 8.89 -64.24 -4.75
CA TRP G 32 8.93 -62.92 -5.34
C TRP G 32 7.60 -62.68 -6.03
N LEU G 33 6.79 -61.79 -5.48
CA LEU G 33 5.47 -61.49 -6.02
C LEU G 33 5.33 -59.98 -6.16
N GLY G 34 5.34 -59.50 -7.40
CA GLY G 34 5.16 -58.07 -7.62
C GLY G 34 6.16 -57.24 -6.86
N ASP G 35 5.64 -56.35 -6.02
CA ASP G 35 6.43 -55.47 -5.19
C ASP G 35 6.74 -56.04 -3.82
N ARG G 36 6.44 -57.32 -3.63
CA ARG G 36 6.70 -57.96 -2.35
C ARG G 36 7.57 -59.18 -2.53
N VAL G 37 8.43 -59.42 -1.56
CA VAL G 37 9.24 -60.62 -1.54
C VAL G 37 9.03 -61.22 -0.17
N ILE G 38 8.77 -62.51 -0.09
CA ILE G 38 8.57 -63.14 1.20
C ILE G 38 9.64 -64.19 1.41
N THR G 39 10.42 -64.02 2.46
CA THR G 39 11.49 -64.96 2.77
C THR G 39 11.05 -65.82 3.95
N THR G 40 11.46 -67.07 3.94
CA THR G 40 11.16 -67.97 5.04
C THR G 40 12.42 -68.79 5.30
N SER G 41 12.83 -68.86 6.57
CA SER G 41 14.02 -69.59 6.97
C SER G 41 13.62 -70.59 8.04
N THR G 42 14.15 -71.81 7.97
CA THR G 42 13.98 -72.77 9.03
C THR G 42 15.36 -73.24 9.45
N ARG G 43 15.59 -73.37 10.75
CA ARG G 43 16.86 -73.82 11.28
C ARG G 43 16.60 -74.82 12.40
N THR G 44 17.62 -75.58 12.75
CA THR G 44 17.58 -76.46 13.90
C THR G 44 18.46 -75.88 14.99
N TRP G 45 17.93 -75.84 16.20
CA TRP G 45 18.61 -75.23 17.33
C TRP G 45 18.82 -76.23 18.45
N ALA G 46 19.75 -75.89 19.33
CA ALA G 46 20.03 -76.63 20.55
C ALA G 46 20.11 -75.63 21.69
N LEU G 47 19.39 -75.91 22.78
CA LEU G 47 19.35 -75.05 23.93
C LEU G 47 19.90 -75.76 25.14
N PRO G 48 20.99 -75.29 25.74
CA PRO G 48 21.49 -75.88 26.98
C PRO G 48 20.79 -75.27 28.20
N THR G 49 21.19 -75.76 29.36
CA THR G 49 20.90 -75.09 30.61
C THR G 49 22.00 -74.09 30.90
N TYR G 50 21.62 -72.85 31.15
CA TYR G 50 22.58 -71.81 31.47
C TYR G 50 22.57 -71.50 32.96
N ASN G 51 23.76 -71.32 33.53
CA ASN G 51 23.97 -70.88 34.90
C ASN G 51 23.41 -71.83 35.93
N ASN G 52 23.20 -73.08 35.58
CA ASN G 52 22.57 -74.04 36.48
C ASN G 52 21.26 -73.51 37.02
N HIS G 53 20.44 -72.97 36.12
CA HIS G 53 19.11 -72.46 36.42
C HIS G 53 19.14 -71.24 37.33
N LEU G 54 20.24 -70.51 37.38
CA LEU G 54 20.40 -69.42 38.33
C LEU G 54 20.49 -68.07 37.62
N TYR G 55 19.96 -67.06 38.27
CA TYR G 55 20.33 -65.69 37.96
C TYR G 55 21.59 -65.35 38.72
N LYS G 56 22.51 -64.65 38.07
CA LYS G 56 23.76 -64.29 38.73
C LYS G 56 24.19 -62.87 38.43
N GLN G 57 24.60 -62.16 39.47
CA GLN G 57 25.08 -60.81 39.31
C GLN G 57 26.47 -60.83 38.70
N ILE G 58 26.71 -59.97 37.73
CA ILE G 58 28.01 -59.90 37.06
C ILE G 58 28.51 -58.47 36.96
N SER G 59 29.83 -58.30 36.98
CA SER G 59 30.44 -56.99 36.88
C SER G 59 31.86 -57.16 36.34
N ASN G 60 32.44 -56.08 35.85
CA ASN G 60 33.80 -56.18 35.31
C ASN G 60 34.76 -56.59 36.41
N SER G 61 35.67 -57.49 36.09
CA SER G 61 36.64 -57.99 37.05
C SER G 61 37.95 -57.22 37.10
N THR G 62 38.13 -56.30 36.17
CA THR G 62 39.34 -55.49 36.08
C THR G 62 39.44 -54.31 37.04
N SER G 63 40.66 -53.83 37.23
CA SER G 63 40.93 -52.69 38.09
C SER G 63 41.90 -51.74 37.38
N GLY G 64 41.98 -50.51 37.85
CA GLY G 64 42.85 -49.52 37.26
C GLY G 64 42.14 -48.57 36.33
N GLY G 65 42.90 -47.65 35.75
CA GLY G 65 42.39 -46.63 34.85
C GLY G 65 41.75 -47.20 33.61
N SER G 66 42.33 -48.27 33.10
CA SER G 66 41.84 -48.95 31.91
C SER G 66 40.44 -49.51 32.11
N SER G 67 40.15 -50.00 33.31
CA SER G 67 38.85 -50.55 33.63
C SER G 67 37.71 -49.52 33.50
N ASN G 68 38.00 -48.27 33.87
CA ASN G 68 37.03 -47.16 33.83
C ASN G 68 36.05 -47.14 32.67
N ASP G 69 36.57 -47.12 31.44
CA ASP G 69 35.72 -47.14 30.26
C ASP G 69 35.02 -48.47 30.09
N ASN G 70 35.57 -49.55 30.64
CA ASN G 70 35.05 -50.88 30.46
C ASN G 70 34.20 -51.36 31.63
N ALA G 71 33.95 -50.51 32.62
CA ALA G 71 33.22 -50.92 33.80
C ALA G 71 31.76 -51.26 33.48
N TYR G 72 31.23 -52.26 34.16
CA TYR G 72 29.82 -52.60 33.99
C TYR G 72 29.29 -53.34 35.21
N PHE G 73 27.97 -53.38 35.29
CA PHE G 73 27.23 -54.10 36.32
C PHE G 73 25.97 -54.66 35.68
N GLY G 74 25.65 -55.91 35.97
CA GLY G 74 24.45 -56.48 35.39
C GLY G 74 24.19 -57.88 35.89
N TYR G 75 23.39 -58.62 35.12
CA TYR G 75 22.94 -59.95 35.50
C TYR G 75 22.95 -60.85 34.29
N SER G 76 23.36 -62.11 34.50
CA SER G 76 23.14 -63.16 33.52
C SER G 76 21.99 -64.04 33.99
N THR G 77 21.21 -64.51 33.04
CA THR G 77 19.98 -65.23 33.33
C THR G 77 20.09 -66.66 32.83
N PRO G 78 19.28 -67.57 33.37
CA PRO G 78 19.21 -68.93 32.81
C PRO G 78 18.61 -69.00 31.42
N TRP G 79 17.98 -67.93 30.94
CA TRP G 79 17.24 -67.95 29.70
C TRP G 79 18.14 -67.78 28.48
N GLY G 80 17.69 -68.33 27.35
CA GLY G 80 18.23 -68.03 26.05
C GLY G 80 17.27 -67.18 25.24
N TYR G 81 17.73 -66.77 24.05
CA TYR G 81 16.90 -65.95 23.19
C TYR G 81 17.20 -66.24 21.73
N PHE G 82 16.21 -65.97 20.87
CA PHE G 82 16.34 -66.14 19.44
C PHE G 82 16.63 -64.82 18.76
N ASP G 83 17.60 -64.83 17.86
CA ASP G 83 18.04 -63.62 17.16
C ASP G 83 18.09 -63.92 15.66
N PHE G 84 17.18 -63.33 14.89
CA PHE G 84 17.21 -63.39 13.43
C PHE G 84 17.63 -62.06 12.78
N ASN G 85 18.28 -61.17 13.52
CA ASN G 85 18.46 -59.78 13.13
C ASN G 85 19.60 -59.54 12.13
N ARG G 86 20.16 -60.55 11.49
CA ARG G 86 21.06 -60.33 10.37
C ARG G 86 20.37 -60.66 9.06
N PHE G 87 20.78 -59.99 7.98
CA PHE G 87 20.12 -60.22 6.70
C PHE G 87 20.39 -61.61 6.14
N HIS G 88 21.59 -62.15 6.30
CA HIS G 88 21.80 -63.48 5.76
C HIS G 88 20.99 -64.54 6.48
N CYS G 89 20.32 -64.19 7.58
CA CYS G 89 19.33 -65.11 8.13
C CYS G 89 18.19 -65.32 7.15
N HIS G 90 17.75 -64.26 6.49
CA HIS G 90 16.55 -64.29 5.67
C HIS G 90 16.78 -64.38 4.18
N PHE G 91 17.98 -64.12 3.69
CA PHE G 91 18.24 -64.05 2.25
C PHE G 91 19.37 -64.97 1.90
N SER G 92 19.21 -65.70 0.80
CA SER G 92 20.33 -66.38 0.20
C SER G 92 21.15 -65.38 -0.59
N PRO G 93 22.40 -65.70 -0.91
CA PRO G 93 23.18 -64.79 -1.75
C PRO G 93 22.53 -64.50 -3.10
N ARG G 94 21.84 -65.47 -3.69
CA ARG G 94 21.16 -65.22 -4.95
C ARG G 94 19.96 -64.32 -4.75
N ASP G 95 19.24 -64.49 -3.64
CA ASP G 95 18.11 -63.61 -3.35
C ASP G 95 18.58 -62.20 -3.06
N TRP G 96 19.70 -62.05 -2.38
CA TRP G 96 20.23 -60.73 -2.10
C TRP G 96 20.64 -60.04 -3.39
N GLN G 97 21.25 -60.78 -4.31
CA GLN G 97 21.56 -60.26 -5.63
C GLN G 97 20.29 -59.84 -6.35
N ARG G 98 19.32 -60.73 -6.39
CA ARG G 98 18.05 -60.46 -7.04
C ARG G 98 17.40 -59.21 -6.46
N LEU G 99 17.65 -58.93 -5.17
CA LEU G 99 17.13 -57.73 -4.54
C LEU G 99 17.88 -56.48 -4.98
N ILE G 100 19.21 -56.50 -4.87
CA ILE G 100 19.97 -55.27 -4.97
C ILE G 100 20.21 -54.84 -6.40
N ASN G 101 20.10 -55.75 -7.36
CA ASN G 101 20.27 -55.35 -8.75
C ASN G 101 19.00 -54.73 -9.32
N ASN G 102 17.84 -55.13 -8.83
CA ASN G 102 16.58 -54.74 -9.45
C ASN G 102 15.78 -53.68 -8.72
N ASN G 103 16.20 -53.23 -7.55
CA ASN G 103 15.31 -52.43 -6.72
C ASN G 103 16.02 -51.21 -6.19
N TRP G 104 15.27 -50.11 -6.09
CA TRP G 104 15.78 -48.89 -5.48
C TRP G 104 15.61 -48.85 -3.97
N GLY G 105 14.79 -49.71 -3.40
CA GLY G 105 14.59 -49.68 -1.97
C GLY G 105 13.74 -50.84 -1.51
N PHE G 106 13.80 -51.09 -0.21
CA PHE G 106 13.06 -52.18 0.40
C PHE G 106 12.89 -51.88 1.88
N ARG G 107 12.03 -52.66 2.53
CA ARG G 107 11.77 -52.49 3.94
C ARG G 107 10.88 -53.62 4.44
N PRO G 108 10.99 -53.98 5.71
CA PRO G 108 10.18 -55.08 6.23
C PRO G 108 8.76 -54.66 6.54
N LYS G 109 7.84 -55.61 6.41
CA LYS G 109 6.42 -55.38 6.60
C LYS G 109 5.84 -56.25 7.70
N ARG G 110 5.84 -57.56 7.53
CA ARG G 110 5.26 -58.49 8.49
C ARG G 110 6.31 -59.49 8.92
N LEU G 111 6.07 -60.10 10.06
CA LEU G 111 6.96 -61.08 10.65
C LEU G 111 6.12 -62.22 11.19
N ASN G 112 6.57 -63.45 10.97
CA ASN G 112 5.87 -64.61 11.46
C ASN G 112 6.90 -65.59 11.99
N PHE G 113 6.71 -66.04 13.22
CA PHE G 113 7.71 -66.83 13.93
C PHE G 113 7.07 -68.11 14.42
N LYS G 114 7.77 -69.23 14.26
CA LYS G 114 7.28 -70.51 14.75
C LYS G 114 8.38 -71.25 15.48
N LEU G 115 7.96 -72.03 16.47
CA LEU G 115 8.85 -72.87 17.26
C LEU G 115 8.17 -74.21 17.44
N PHE G 116 8.80 -75.28 16.97
CA PHE G 116 8.11 -76.56 16.89
C PHE G 116 9.10 -77.71 16.91
N ASN G 117 8.53 -78.92 16.92
CA ASN G 117 9.28 -80.18 16.99
C ASN G 117 10.24 -80.19 18.16
N ILE G 118 9.75 -79.83 19.33
CA ILE G 118 10.55 -79.73 20.53
C ILE G 118 10.96 -81.08 21.09
N GLN G 119 12.25 -81.22 21.39
CA GLN G 119 12.76 -82.43 21.99
C GLN G 119 13.56 -82.09 23.23
N VAL G 120 13.27 -82.76 24.33
CA VAL G 120 14.03 -82.53 25.55
C VAL G 120 14.83 -83.79 25.79
N LYS G 121 16.13 -83.61 25.99
CA LYS G 121 17.04 -84.73 26.20
C LYS G 121 17.62 -84.63 27.60
N GLU G 122 17.75 -85.78 28.26
CA GLU G 122 18.42 -85.86 29.54
C GLU G 122 19.74 -86.59 29.37
N VAL G 123 20.75 -86.15 30.12
CA VAL G 123 22.11 -86.67 29.99
C VAL G 123 22.52 -87.25 31.32
N THR G 124 22.74 -88.56 31.36
CA THR G 124 23.18 -89.21 32.57
C THR G 124 24.62 -89.60 32.31
N ASP G 125 25.54 -89.03 33.06
CA ASP G 125 26.94 -89.36 32.87
C ASP G 125 27.43 -90.22 34.02
N ASN G 126 27.87 -91.43 33.69
CA ASN G 126 28.39 -92.35 34.68
C ASN G 126 29.74 -92.90 34.26
N ASN G 127 30.73 -92.74 35.13
CA ASN G 127 32.09 -93.25 34.89
C ASN G 127 32.74 -92.78 33.59
N GLY G 128 32.49 -91.52 33.22
CA GLY G 128 33.09 -90.95 32.02
C GLY G 128 32.38 -91.26 30.71
N VAL G 129 31.31 -92.04 30.76
CA VAL G 129 30.55 -92.35 29.56
C VAL G 129 29.17 -91.76 29.75
N LYS G 130 28.73 -90.96 28.78
CA LYS G 130 27.45 -90.31 28.89
C LYS G 130 26.36 -90.88 28.02
N THR G 131 25.19 -91.06 28.61
CA THR G 131 24.03 -91.56 27.91
C THR G 131 23.04 -90.42 27.69
N ILE G 132 22.43 -90.39 26.52
CA ILE G 132 21.41 -89.40 26.20
C ILE G 132 20.11 -90.14 25.94
N ALA G 133 19.04 -89.70 26.57
CA ALA G 133 17.73 -90.29 26.38
C ALA G 133 16.69 -89.19 26.27
N ASN G 134 15.54 -89.55 25.71
CA ASN G 134 14.43 -88.63 25.69
C ASN G 134 13.81 -88.51 27.08
N ASN G 135 13.45 -87.30 27.45
CA ASN G 135 12.61 -87.06 28.60
C ASN G 135 11.31 -86.52 28.05
N LEU G 136 10.27 -87.34 28.05
CA LEU G 136 9.08 -87.00 27.28
C LEU G 136 8.17 -86.05 28.03
N THR G 137 8.30 -85.95 29.34
CA THR G 137 7.42 -85.14 30.14
C THR G 137 8.01 -83.77 30.48
N SER G 138 9.22 -83.48 30.06
CA SER G 138 9.82 -82.19 30.36
C SER G 138 9.26 -81.11 29.46
N THR G 139 9.37 -79.87 29.93
CA THR G 139 8.88 -78.73 29.19
C THR G 139 10.01 -77.76 28.88
N VAL G 140 9.73 -76.91 27.91
CA VAL G 140 10.54 -75.75 27.58
C VAL G 140 9.63 -74.54 27.65
N GLN G 141 10.11 -73.47 28.25
CA GLN G 141 9.32 -72.26 28.43
C GLN G 141 9.71 -71.23 27.38
N VAL G 142 8.74 -70.51 26.86
CA VAL G 142 8.99 -69.49 25.85
C VAL G 142 8.02 -68.34 26.06
N PHE G 143 8.51 -67.11 25.91
CA PHE G 143 7.62 -65.97 25.82
C PHE G 143 8.30 -64.91 24.97
N THR G 144 7.49 -64.04 24.40
CA THR G 144 7.97 -62.85 23.73
C THR G 144 7.72 -61.66 24.62
N ASP G 145 8.63 -60.70 24.58
CA ASP G 145 8.51 -59.49 25.36
C ASP G 145 7.83 -58.43 24.51
N SER G 146 6.52 -58.60 24.34
CA SER G 146 5.70 -57.71 23.55
C SER G 146 5.59 -56.29 24.06
N ASP G 147 5.58 -56.12 25.38
CA ASP G 147 5.47 -54.80 25.98
C ASP G 147 6.80 -54.06 26.15
N TYR G 148 7.88 -54.63 25.63
CA TYR G 148 9.21 -54.03 25.66
C TYR G 148 9.59 -53.66 27.09
N GLN G 149 9.31 -54.58 28.01
CA GLN G 149 9.59 -54.38 29.41
C GLN G 149 10.95 -54.89 29.84
N LEU G 150 11.59 -55.71 29.06
CA LEU G 150 12.94 -56.15 29.37
C LEU G 150 13.97 -55.28 28.69
N PRO G 151 15.19 -55.25 29.21
CA PRO G 151 16.29 -54.62 28.48
C PRO G 151 16.48 -55.29 27.12
N TYR G 152 16.67 -54.49 26.10
CA TYR G 152 16.60 -54.96 24.72
C TYR G 152 18.02 -55.10 24.18
N VAL G 153 18.47 -56.34 24.00
CA VAL G 153 19.85 -56.62 23.61
C VAL G 153 20.00 -56.92 22.13
N LEU G 154 18.92 -56.88 21.35
CA LEU G 154 19.02 -57.34 19.97
C LEU G 154 19.64 -56.32 19.02
N GLY G 155 19.89 -55.10 19.46
CA GLY G 155 20.40 -54.10 18.55
C GLY G 155 21.86 -53.80 18.76
N SER G 156 22.60 -54.76 19.30
CA SER G 156 24.02 -54.56 19.56
C SER G 156 24.99 -55.38 18.72
N ALA G 157 24.53 -55.83 17.56
CA ALA G 157 25.36 -56.61 16.62
C ALA G 157 26.04 -57.83 17.23
N HIS G 158 25.30 -58.57 18.04
CA HIS G 158 25.80 -59.78 18.67
C HIS G 158 25.77 -61.06 17.84
N GLU G 159 26.56 -62.03 18.27
CA GLU G 159 26.62 -63.36 17.69
C GLU G 159 25.45 -64.19 18.21
N GLY G 160 25.22 -65.36 17.64
CA GLY G 160 24.13 -66.18 18.11
C GLY G 160 22.86 -66.11 17.30
N CYS G 161 22.93 -65.44 16.15
CA CYS G 161 21.81 -65.37 15.23
C CYS G 161 21.71 -66.67 14.42
N LEU G 162 20.59 -66.88 13.75
CA LEU G 162 20.44 -68.08 12.93
C LEU G 162 21.53 -68.06 11.87
N PRO G 163 22.19 -69.19 11.66
CA PRO G 163 23.29 -69.28 10.69
C PRO G 163 22.83 -68.99 9.28
N PRO G 164 23.69 -68.35 8.48
CA PRO G 164 23.27 -68.04 7.11
C PRO G 164 22.98 -69.27 6.28
N PHE G 165 23.60 -70.38 6.56
CA PHE G 165 23.41 -71.53 5.71
C PHE G 165 22.42 -72.49 6.34
N PRO G 166 21.37 -72.89 5.63
CA PRO G 166 20.24 -73.55 6.29
C PRO G 166 20.57 -74.90 6.88
N ALA G 167 21.66 -75.54 6.49
CA ALA G 167 21.94 -76.87 7.00
C ALA G 167 22.70 -76.87 8.32
N ASP G 168 23.02 -75.70 8.85
CA ASP G 168 23.80 -75.65 10.08
C ASP G 168 22.90 -75.62 11.30
N VAL G 169 23.32 -76.35 12.33
CA VAL G 169 22.63 -76.40 13.61
C VAL G 169 23.34 -75.44 14.55
N PHE G 170 22.59 -74.57 15.20
CA PHE G 170 23.19 -73.51 15.98
C PHE G 170 22.75 -73.59 17.43
N MET G 171 23.62 -73.11 18.30
CA MET G 171 23.39 -73.02 19.72
C MET G 171 22.71 -71.70 20.04
N ILE G 172 21.78 -71.72 20.97
CA ILE G 172 21.02 -70.51 21.33
C ILE G 172 21.82 -69.71 22.35
N PRO G 173 21.99 -68.41 22.15
CA PRO G 173 22.82 -67.62 23.07
C PRO G 173 22.11 -67.31 24.37
N GLN G 174 22.92 -67.09 25.40
CA GLN G 174 22.40 -66.80 26.73
C GLN G 174 21.98 -65.35 26.84
N TYR G 175 20.87 -65.11 27.53
CA TYR G 175 20.39 -63.75 27.71
C TYR G 175 21.00 -63.13 28.96
N GLY G 176 21.30 -61.85 28.86
CA GLY G 176 21.84 -61.09 29.98
C GLY G 176 21.66 -59.63 29.66
N TYR G 177 21.76 -58.81 30.70
CA TYR G 177 21.55 -57.39 30.53
C TYR G 177 22.40 -56.64 31.52
N LEU G 178 22.59 -55.36 31.24
CA LEU G 178 23.31 -54.45 32.09
C LEU G 178 22.36 -53.39 32.63
N THR G 179 22.64 -52.95 33.85
CA THR G 179 21.90 -51.84 34.42
C THR G 179 22.91 -50.80 34.88
N LEU G 180 22.42 -49.71 35.47
CA LEU G 180 23.27 -48.63 35.92
C LEU G 180 24.40 -49.07 36.83
N ASN G 181 25.58 -48.54 36.61
CA ASN G 181 26.72 -48.90 37.44
C ASN G 181 27.65 -47.74 37.72
N ASP G 182 28.29 -47.78 38.88
CA ASP G 182 29.30 -46.80 39.23
C ASP G 182 30.51 -47.70 39.38
N GLY G 183 31.46 -47.62 38.46
CA GLY G 183 32.59 -48.53 38.47
C GLY G 183 31.98 -49.91 38.33
N SER G 184 32.33 -50.84 39.20
CA SER G 184 31.71 -52.14 39.18
C SER G 184 30.55 -52.27 40.16
N GLN G 185 30.33 -51.27 41.01
CA GLN G 185 29.21 -51.26 41.93
C GLN G 185 27.93 -50.79 41.26
N ALA G 186 26.81 -51.16 41.87
CA ALA G 186 25.50 -50.71 41.45
C ALA G 186 25.07 -49.47 42.24
N VAL G 187 23.92 -48.93 41.89
CA VAL G 187 23.32 -47.81 42.58
C VAL G 187 21.86 -48.14 42.84
N GLY G 188 21.25 -47.37 43.73
CA GLY G 188 19.86 -47.62 44.09
C GLY G 188 18.92 -47.55 42.91
N ARG G 189 19.31 -46.85 41.86
CA ARG G 189 18.48 -46.72 40.68
C ARG G 189 18.59 -47.93 39.76
N SER G 190 19.54 -48.83 40.01
CA SER G 190 19.72 -50.01 39.17
C SER G 190 18.55 -50.97 39.30
N SER G 191 18.19 -51.59 38.19
CA SER G 191 17.04 -52.49 38.12
C SER G 191 17.48 -53.94 38.02
N PHE G 192 16.71 -54.82 38.64
CA PHE G 192 16.85 -56.25 38.52
C PHE G 192 15.58 -56.82 37.90
N TYR G 193 15.73 -57.79 37.02
CA TYR G 193 14.60 -58.39 36.32
C TYR G 193 14.66 -59.89 36.47
N CYS G 194 13.60 -60.47 36.99
CA CYS G 194 13.39 -61.91 36.94
C CYS G 194 12.53 -62.21 35.72
N LEU G 195 13.07 -63.01 34.82
CA LEU G 195 12.29 -63.36 33.64
C LEU G 195 11.24 -64.40 33.95
N GLU G 196 11.32 -65.06 35.11
CA GLU G 196 10.27 -65.95 35.55
C GLU G 196 9.00 -65.22 35.91
N TYR G 197 9.06 -63.90 36.01
CA TYR G 197 7.95 -63.11 36.49
C TYR G 197 7.09 -62.59 35.35
N PHE G 198 7.36 -63.01 34.16
CA PHE G 198 6.51 -62.90 32.99
C PHE G 198 5.68 -64.16 32.82
N PRO G 199 4.48 -64.06 32.27
CA PRO G 199 3.79 -65.27 31.81
C PRO G 199 4.44 -65.84 30.57
N SER G 200 4.65 -67.16 30.58
CA SER G 200 5.27 -67.82 29.44
C SER G 200 4.53 -69.11 29.15
N GLN G 201 4.58 -69.52 27.89
CA GLN G 201 3.98 -70.77 27.45
C GLN G 201 4.94 -71.91 27.68
N MET G 202 4.42 -73.03 28.17
CA MET G 202 5.22 -74.21 28.46
C MET G 202 4.93 -75.26 27.40
N LEU G 203 5.97 -75.91 26.91
CA LEU G 203 5.85 -76.82 25.77
C LEU G 203 6.48 -78.15 26.10
N ARG G 204 5.69 -79.22 26.03
CA ARG G 204 6.26 -80.54 25.93
C ARG G 204 6.49 -80.86 24.45
N THR G 205 6.89 -82.11 24.18
CA THR G 205 7.40 -82.42 22.86
C THR G 205 6.34 -82.37 21.78
N GLY G 206 5.06 -82.44 22.15
CA GLY G 206 4.02 -82.32 21.15
C GLY G 206 3.52 -80.92 20.90
N ASN G 207 3.88 -79.99 21.78
CA ASN G 207 3.42 -78.62 21.69
C ASN G 207 4.27 -77.81 20.71
N ASN G 208 3.68 -76.75 20.17
CA ASN G 208 4.39 -75.80 19.35
C ASN G 208 4.01 -74.37 19.76
N PHE G 209 4.77 -73.42 19.23
CA PHE G 209 4.63 -72.03 19.59
C PHE G 209 4.71 -71.17 18.33
N GLN G 210 3.90 -70.11 18.28
CA GLN G 210 4.05 -69.15 17.20
C GLN G 210 3.50 -67.80 17.64
N PHE G 211 3.97 -66.76 16.96
CA PHE G 211 3.35 -65.45 17.05
C PHE G 211 3.66 -64.69 15.78
N SER G 212 2.90 -63.65 15.52
CA SER G 212 3.11 -62.81 14.36
C SER G 212 3.30 -61.37 14.81
N TYR G 213 4.03 -60.62 14.00
CA TYR G 213 4.45 -59.28 14.34
C TYR G 213 4.29 -58.38 13.13
N GLU G 214 3.97 -57.11 13.39
CA GLU G 214 3.76 -56.13 12.34
C GLU G 214 4.78 -55.02 12.49
N PHE G 215 5.66 -54.88 11.50
CA PHE G 215 6.61 -53.77 11.52
C PHE G 215 5.90 -52.44 11.46
N GLU G 216 6.36 -51.50 12.26
CA GLU G 216 5.85 -50.15 12.14
C GLU G 216 6.47 -49.48 10.93
N ASN G 217 5.80 -48.45 10.44
CA ASN G 217 6.20 -47.84 9.18
C ASN G 217 7.59 -47.25 9.29
N VAL G 218 8.48 -47.69 8.41
CA VAL G 218 9.83 -47.14 8.31
C VAL G 218 10.04 -46.70 6.88
N PRO G 219 10.99 -45.80 6.65
CA PRO G 219 11.32 -45.45 5.27
C PRO G 219 12.01 -46.61 4.57
N PHE G 220 11.86 -46.66 3.25
CA PHE G 220 12.63 -47.60 2.48
C PHE G 220 14.11 -47.33 2.67
N HIS G 221 14.87 -48.39 2.92
CA HIS G 221 16.31 -48.30 2.79
C HIS G 221 16.63 -47.86 1.38
N SER G 222 17.57 -46.95 1.22
CA SER G 222 17.92 -46.47 -0.10
C SER G 222 19.01 -47.29 -0.74
N SER G 223 18.64 -48.38 -1.40
CA SER G 223 19.63 -49.23 -2.05
C SER G 223 19.99 -48.77 -3.45
N TYR G 224 20.62 -47.61 -3.53
CA TYR G 224 21.04 -47.04 -4.80
C TYR G 224 22.17 -46.06 -4.53
N ALA G 225 22.90 -45.71 -5.58
CA ALA G 225 23.98 -44.75 -5.45
C ALA G 225 23.62 -43.54 -6.30
N HIS G 226 24.07 -42.36 -5.93
CA HIS G 226 23.77 -41.18 -6.71
C HIS G 226 24.70 -41.02 -7.91
N SER G 227 24.12 -40.74 -9.07
CA SER G 227 24.88 -40.49 -10.29
C SER G 227 25.20 -39.02 -10.46
N GLN G 228 24.87 -38.20 -9.49
CA GLN G 228 25.32 -36.81 -9.44
C GLN G 228 25.88 -36.52 -8.06
N SER G 229 26.69 -35.47 -7.98
CA SER G 229 27.22 -35.04 -6.71
C SER G 229 26.58 -33.71 -6.32
N LEU G 230 26.54 -33.48 -5.01
CA LEU G 230 25.84 -32.33 -4.47
C LEU G 230 26.37 -31.02 -5.02
N ASP G 231 27.65 -30.97 -5.38
CA ASP G 231 28.26 -29.75 -5.85
C ASP G 231 28.19 -29.58 -7.36
N ARG G 232 27.70 -30.58 -8.09
CA ARG G 232 27.60 -30.56 -9.53
C ARG G 232 26.19 -30.37 -10.09
N LEU G 233 25.24 -29.92 -9.30
CA LEU G 233 23.86 -29.82 -9.78
C LEU G 233 23.50 -28.74 -10.80
N MET G 234 24.43 -27.87 -11.13
CA MET G 234 24.17 -26.80 -12.10
C MET G 234 24.14 -27.24 -13.55
N ASN G 235 23.61 -26.38 -14.41
CA ASN G 235 23.59 -26.63 -15.83
C ASN G 235 24.96 -26.15 -16.27
N PRO G 236 25.77 -27.03 -16.83
CA PRO G 236 27.13 -26.70 -17.24
C PRO G 236 27.26 -25.78 -18.43
N LEU G 237 26.15 -25.37 -19.02
CA LEU G 237 26.24 -24.50 -20.18
C LEU G 237 25.93 -23.04 -19.90
N ILE G 238 25.38 -22.73 -18.73
CA ILE G 238 24.78 -21.43 -18.49
C ILE G 238 25.47 -20.77 -17.30
N ASP G 239 25.52 -19.44 -17.32
CA ASP G 239 25.97 -18.66 -16.19
C ASP G 239 24.88 -18.52 -15.14
N GLN G 240 25.30 -18.28 -13.91
CA GLN G 240 24.38 -17.77 -12.90
C GLN G 240 24.22 -16.26 -13.05
N TYR G 241 23.08 -15.75 -12.57
CA TYR G 241 22.91 -14.33 -12.44
C TYR G 241 23.43 -13.78 -11.12
N LEU G 242 23.99 -14.63 -10.28
CA LEU G 242 24.65 -14.22 -9.06
C LEU G 242 26.10 -13.82 -9.31
N TYR G 243 26.62 -12.96 -8.44
CA TYR G 243 28.00 -12.53 -8.47
C TYR G 243 28.74 -12.95 -7.21
N TYR G 244 30.05 -13.09 -7.34
CA TYR G 244 30.92 -13.39 -6.22
C TYR G 244 32.09 -12.42 -6.28
N LEU G 245 32.85 -12.35 -5.18
CA LEU G 245 33.93 -11.40 -5.05
C LEU G 245 35.19 -12.05 -5.59
N SER G 246 35.64 -11.58 -6.76
CA SER G 246 36.79 -12.18 -7.43
C SER G 246 38.13 -11.62 -6.98
N LYS G 247 38.25 -10.31 -6.79
CA LYS G 247 39.53 -9.69 -6.45
C LYS G 247 39.39 -8.72 -5.30
N THR G 248 40.29 -8.82 -4.33
CA THR G 248 40.38 -7.79 -3.29
C THR G 248 41.53 -6.82 -3.48
N ILE G 249 42.40 -6.99 -4.47
CA ILE G 249 43.49 -6.05 -4.73
C ILE G 249 43.72 -5.93 -6.23
N ASN G 250 44.18 -4.74 -6.64
CA ASN G 250 44.50 -4.51 -8.04
C ASN G 250 45.79 -5.21 -8.45
N GLY G 251 46.71 -5.36 -7.52
CA GLY G 251 47.96 -6.01 -7.84
C GLY G 251 48.96 -5.81 -6.71
N SER G 252 50.23 -6.00 -7.03
CA SER G 252 51.27 -5.81 -6.04
C SER G 252 51.49 -4.33 -5.80
N GLY G 253 51.71 -3.97 -4.54
CA GLY G 253 52.01 -2.61 -4.19
C GLY G 253 51.42 -2.28 -2.83
N GLN G 254 51.34 -0.99 -2.55
CA GLN G 254 50.70 -0.48 -1.35
C GLN G 254 49.36 0.11 -1.72
N ASN G 255 48.39 -0.06 -0.83
CA ASN G 255 47.10 0.61 -0.96
C ASN G 255 46.38 0.18 -2.24
N GLN G 256 46.45 -1.11 -2.55
CA GLN G 256 45.88 -1.64 -3.77
C GLN G 256 44.48 -2.18 -3.58
N GLN G 257 43.88 -1.98 -2.40
CA GLN G 257 42.58 -2.56 -2.10
C GLN G 257 41.55 -2.19 -3.16
N THR G 258 40.73 -3.16 -3.52
CA THR G 258 39.63 -2.95 -4.46
C THR G 258 38.60 -4.03 -4.21
N LEU G 259 37.42 -3.84 -4.77
CA LEU G 259 36.38 -4.85 -4.80
C LEU G 259 36.01 -5.12 -6.25
N LYS G 260 36.29 -6.32 -6.72
CA LYS G 260 35.89 -6.76 -8.05
C LYS G 260 34.98 -7.96 -7.92
N PHE G 261 33.99 -8.04 -8.81
CA PHE G 261 32.98 -9.07 -8.76
C PHE G 261 32.86 -9.72 -10.14
N SER G 262 32.65 -11.02 -10.16
CA SER G 262 32.50 -11.75 -11.40
C SER G 262 31.24 -12.59 -11.35
N VAL G 263 30.81 -13.03 -12.53
CA VAL G 263 29.71 -13.97 -12.64
C VAL G 263 30.22 -15.38 -12.40
N ALA G 264 29.48 -16.15 -11.63
CA ALA G 264 29.76 -17.58 -11.48
C ALA G 264 29.18 -18.33 -12.67
N GLY G 265 30.00 -19.17 -13.26
CA GLY G 265 29.64 -19.81 -14.50
C GLY G 265 30.35 -21.13 -14.68
N PRO G 266 30.23 -21.71 -15.88
CA PRO G 266 30.86 -23.00 -16.15
C PRO G 266 32.36 -23.05 -15.86
N SER G 267 33.06 -21.95 -16.09
CA SER G 267 34.51 -21.90 -15.86
C SER G 267 34.88 -22.13 -14.41
N ASN G 268 34.11 -21.55 -13.48
CA ASN G 268 34.37 -21.75 -12.08
C ASN G 268 33.12 -22.25 -11.37
N MET G 269 33.04 -23.55 -11.19
CA MET G 269 31.88 -24.14 -10.54
C MET G 269 31.97 -24.20 -9.02
N ALA G 270 33.14 -23.90 -8.49
CA ALA G 270 33.34 -23.94 -7.05
C ALA G 270 32.76 -22.74 -6.31
N VAL G 271 32.66 -21.61 -6.98
CA VAL G 271 32.19 -20.39 -6.35
C VAL G 271 30.71 -20.16 -6.58
N GLN G 272 30.01 -21.07 -7.22
CA GLN G 272 28.61 -20.80 -7.52
C GLN G 272 27.76 -20.91 -6.26
N GLY G 273 26.66 -20.16 -6.24
CA GLY G 273 25.71 -20.29 -5.17
C GLY G 273 24.96 -21.61 -5.27
N ARG G 274 24.80 -22.26 -4.13
CA ARG G 274 24.13 -23.55 -4.08
C ARG G 274 23.04 -23.52 -3.02
N ASN G 275 22.00 -24.31 -3.25
CA ASN G 275 20.89 -24.37 -2.32
C ASN G 275 21.08 -25.36 -1.19
N TYR G 276 21.95 -26.36 -1.36
CA TYR G 276 22.07 -27.41 -0.38
C TYR G 276 23.54 -27.75 -0.16
N ILE G 277 23.86 -28.19 1.04
CA ILE G 277 25.25 -28.42 1.45
C ILE G 277 25.35 -29.84 1.98
N PRO G 278 26.55 -30.40 2.02
CA PRO G 278 26.71 -31.78 2.50
C PRO G 278 26.48 -31.89 3.99
N GLY G 279 26.23 -33.13 4.41
CA GLY G 279 25.78 -33.44 5.74
C GLY G 279 26.86 -33.36 6.78
N PRO G 280 26.52 -33.78 8.00
CA PRO G 280 27.40 -33.55 9.14
C PRO G 280 28.58 -34.51 9.17
N SER G 281 29.62 -34.10 9.89
CA SER G 281 30.86 -34.85 9.95
C SER G 281 31.40 -34.87 11.37
N TYR G 282 32.06 -35.96 11.72
CA TYR G 282 32.84 -36.06 12.95
C TYR G 282 34.13 -36.76 12.56
N ARG G 283 35.28 -36.08 12.57
CA ARG G 283 36.40 -36.61 11.81
C ARG G 283 36.98 -37.88 12.43
N GLN G 284 37.31 -38.82 11.56
CA GLN G 284 37.99 -40.06 11.89
C GLN G 284 39.45 -39.97 11.48
N GLN G 285 40.30 -40.69 12.20
CA GLN G 285 41.69 -40.82 11.78
C GLN G 285 41.80 -41.80 10.63
N ARG G 286 42.75 -41.54 9.74
CA ARG G 286 42.87 -42.28 8.49
C ARG G 286 43.96 -43.32 8.61
N VAL G 287 43.64 -44.56 8.26
CA VAL G 287 44.57 -45.68 8.35
C VAL G 287 44.72 -46.27 6.96
N SER G 288 45.94 -46.68 6.62
CA SER G 288 46.23 -47.28 5.34
C SER G 288 46.39 -48.78 5.48
N THR G 289 45.93 -49.51 4.47
CA THR G 289 46.17 -50.94 4.42
C THR G 289 47.60 -51.26 3.97
N THR G 290 48.31 -50.29 3.45
CA THR G 290 49.74 -50.40 3.24
C THR G 290 50.40 -49.91 4.51
N VAL G 291 51.05 -50.82 5.24
CA VAL G 291 51.41 -50.50 6.62
C VAL G 291 52.62 -49.58 6.67
N THR G 292 53.47 -49.60 5.65
CA THR G 292 54.61 -48.70 5.65
C THR G 292 54.19 -47.25 5.57
N GLN G 293 52.97 -46.98 5.12
CA GLN G 293 52.47 -45.62 5.05
C GLN G 293 51.94 -45.12 6.38
N ASN G 294 51.69 -46.03 7.31
CA ASN G 294 51.18 -45.65 8.63
C ASN G 294 52.32 -45.27 9.56
N ASN G 295 52.01 -44.49 10.59
CA ASN G 295 53.02 -44.05 11.55
C ASN G 295 53.54 -45.20 12.40
N ASN G 296 54.81 -45.13 12.77
CA ASN G 296 55.40 -46.17 13.60
C ASN G 296 55.16 -45.93 15.09
N SER G 297 53.91 -46.05 15.51
CA SER G 297 53.53 -45.86 16.90
C SER G 297 52.18 -46.52 17.13
N GLU G 298 51.82 -46.72 18.39
CA GLU G 298 50.52 -47.31 18.67
C GLU G 298 49.58 -46.14 18.80
N PHE G 299 48.59 -46.05 17.93
CA PHE G 299 47.67 -44.94 17.95
C PHE G 299 46.24 -45.40 17.79
N ALA G 300 46.05 -46.71 17.80
CA ALA G 300 44.72 -47.28 17.61
C ALA G 300 43.73 -46.73 18.62
N TRP G 301 43.92 -47.00 19.90
CA TRP G 301 43.10 -46.36 20.89
C TRP G 301 43.44 -44.88 21.08
N PRO G 302 44.71 -44.51 21.29
CA PRO G 302 45.00 -43.10 21.58
C PRO G 302 44.56 -42.13 20.50
N GLY G 303 44.58 -42.53 19.25
CA GLY G 303 44.27 -41.60 18.19
C GLY G 303 42.87 -41.74 17.65
N ALA G 304 41.99 -42.32 18.45
CA ALA G 304 40.65 -42.66 18.00
C ALA G 304 39.65 -41.59 18.38
N SER G 305 38.67 -41.38 17.52
CA SER G 305 37.57 -40.49 17.83
C SER G 305 36.65 -41.16 18.84
N SER G 306 36.21 -40.40 19.82
CA SER G 306 35.45 -40.97 20.92
C SER G 306 34.41 -39.98 21.40
N TRP G 307 33.47 -40.48 22.18
CA TRP G 307 32.56 -39.65 22.94
C TRP G 307 32.53 -40.13 24.38
N ALA G 308 32.27 -39.19 25.28
CA ALA G 308 32.28 -39.44 26.71
C ALA G 308 30.87 -39.38 27.26
N LEU G 309 30.56 -40.31 28.16
CA LEU G 309 29.26 -40.33 28.81
C LEU G 309 29.48 -40.65 30.27
N ASN G 310 29.12 -39.71 31.15
CA ASN G 310 29.25 -39.90 32.59
C ASN G 310 30.67 -40.32 32.98
N GLY G 311 31.65 -39.71 32.34
CA GLY G 311 33.04 -39.97 32.67
C GLY G 311 33.70 -41.07 31.87
N ARG G 312 32.92 -41.95 31.25
CA ARG G 312 33.46 -43.05 30.48
C ARG G 312 33.56 -42.67 29.01
N ASN G 313 34.63 -43.10 28.36
CA ASN G 313 34.86 -42.80 26.96
C ASN G 313 34.47 -44.00 26.12
N SER G 314 33.62 -43.78 25.12
CA SER G 314 33.29 -44.79 24.15
C SER G 314 33.86 -44.40 22.80
N LEU G 315 34.47 -45.37 22.13
CA LEU G 315 34.90 -45.21 20.76
C LEU G 315 33.72 -44.75 19.91
N MET G 316 33.98 -43.90 18.93
CA MET G 316 32.91 -43.52 18.02
C MET G 316 32.92 -44.56 16.91
N ASN G 317 31.99 -45.49 16.99
CA ASN G 317 31.98 -46.62 16.11
C ASN G 317 30.56 -47.04 15.79
N PRO G 318 30.24 -47.20 14.51
CA PRO G 318 30.99 -46.67 13.36
C PRO G 318 30.85 -45.16 13.25
N GLY G 319 29.86 -44.59 13.90
CA GLY G 319 29.69 -43.16 13.95
C GLY G 319 28.76 -42.65 12.87
N PRO G 320 28.82 -41.34 12.60
CA PRO G 320 28.01 -40.77 11.52
C PRO G 320 28.39 -41.34 10.18
N ALA G 321 27.44 -41.36 9.27
CA ALA G 321 27.68 -41.95 7.96
C ALA G 321 28.46 -40.97 7.12
N MET G 322 29.66 -41.36 6.73
CA MET G 322 30.55 -40.52 5.97
C MET G 322 31.25 -41.38 4.93
N ALA G 323 31.64 -40.75 3.83
CA ALA G 323 32.35 -41.47 2.79
C ALA G 323 33.66 -42.01 3.36
N SER G 324 33.94 -43.26 3.07
CA SER G 324 35.09 -43.92 3.66
C SER G 324 36.40 -43.30 3.21
N HIS G 325 36.47 -42.84 1.98
CA HIS G 325 37.72 -42.35 1.44
C HIS G 325 37.44 -41.47 0.25
N LYS G 326 38.42 -40.67 -0.13
CA LYS G 326 38.33 -39.87 -1.34
C LYS G 326 38.42 -40.76 -2.56
N GLU G 327 37.94 -40.22 -3.69
CA GLU G 327 38.03 -40.94 -4.95
C GLU G 327 39.49 -41.20 -5.30
N GLY G 328 39.77 -42.40 -5.79
CA GLY G 328 41.10 -42.78 -6.16
C GLY G 328 41.94 -43.34 -5.03
N GLU G 329 41.56 -43.11 -3.79
CA GLU G 329 42.29 -43.66 -2.65
C GLU G 329 41.39 -44.67 -1.96
N ASP G 330 41.56 -45.95 -2.27
CA ASP G 330 40.79 -46.98 -1.57
C ASP G 330 41.60 -47.69 -0.52
N ARG G 331 42.90 -47.39 -0.42
CA ARG G 331 43.74 -48.07 0.55
C ARG G 331 43.57 -47.51 1.95
N PHE G 332 42.88 -46.37 2.07
CA PHE G 332 42.64 -45.76 3.36
C PHE G 332 41.25 -46.11 3.85
N PHE G 333 41.11 -46.22 5.16
CA PHE G 333 39.82 -46.45 5.79
C PHE G 333 39.80 -45.67 7.09
N PRO G 334 38.60 -45.30 7.56
CA PRO G 334 38.46 -44.58 8.84
C PRO G 334 38.91 -45.49 9.97
N LEU G 335 39.51 -44.94 11.01
CA LEU G 335 40.06 -45.77 12.07
C LEU G 335 39.00 -46.66 12.73
N SER G 336 37.82 -46.12 12.98
CA SER G 336 36.76 -46.93 13.56
C SER G 336 35.47 -46.49 12.93
N GLY G 337 35.57 -45.98 11.72
CA GLY G 337 34.41 -45.51 10.97
C GLY G 337 33.73 -46.49 10.05
N SER G 338 34.23 -47.71 9.93
CA SER G 338 33.61 -48.70 9.06
C SER G 338 33.22 -49.94 9.82
N LEU G 339 32.31 -50.71 9.23
CA LEU G 339 32.00 -52.03 9.76
C LEU G 339 33.00 -53.03 9.23
N ILE G 340 33.53 -53.86 10.10
CA ILE G 340 34.56 -54.82 9.75
C ILE G 340 34.06 -56.20 10.13
N PHE G 341 33.95 -57.07 9.14
CA PHE G 341 33.50 -58.44 9.33
C PHE G 341 34.69 -59.38 9.24
N GLY G 342 34.61 -60.48 9.97
CA GLY G 342 35.60 -61.51 9.88
C GLY G 342 35.28 -62.52 8.79
N LYS G 343 36.32 -63.04 8.17
CA LYS G 343 36.17 -64.16 7.26
C LYS G 343 35.95 -65.44 8.04
N GLN G 344 35.45 -66.46 7.36
CA GLN G 344 35.15 -67.72 8.00
C GLN G 344 36.40 -68.31 8.63
N GLY G 345 36.29 -68.71 9.89
CA GLY G 345 37.38 -69.30 10.60
C GLY G 345 38.35 -68.32 11.21
N THR G 346 38.04 -67.03 11.18
CA THR G 346 38.94 -66.03 11.72
C THR G 346 38.90 -66.06 13.24
N GLY G 347 40.07 -66.01 13.86
CA GLY G 347 40.16 -66.03 15.29
C GLY G 347 39.56 -64.81 15.93
N ARG G 348 39.59 -64.80 17.26
CA ARG G 348 38.95 -63.75 18.03
C ARG G 348 39.83 -62.51 18.22
N ASP G 349 41.15 -62.67 18.36
CA ASP G 349 42.01 -61.61 18.85
C ASP G 349 43.24 -61.43 17.99
N ASN G 350 43.51 -60.17 17.60
CA ASN G 350 44.75 -59.76 16.94
C ASN G 350 44.99 -60.52 15.64
N VAL G 351 43.95 -60.61 14.83
CA VAL G 351 44.07 -61.23 13.52
C VAL G 351 44.63 -60.22 12.52
N ASP G 352 45.22 -60.73 11.45
CA ASP G 352 45.79 -59.86 10.43
C ASP G 352 44.70 -59.26 9.56
N ALA G 353 45.11 -58.37 8.65
CA ALA G 353 44.15 -57.62 7.86
C ALA G 353 43.51 -58.48 6.78
N ASP G 354 44.19 -59.52 6.31
CA ASP G 354 43.60 -60.43 5.35
C ASP G 354 42.59 -61.38 5.97
N LYS G 355 42.49 -61.40 7.29
CA LYS G 355 41.50 -62.22 7.96
C LYS G 355 40.16 -61.53 8.13
N VAL G 356 40.07 -60.24 7.85
CA VAL G 356 38.85 -59.49 8.05
C VAL G 356 38.44 -58.82 6.75
N MET G 357 37.19 -58.39 6.71
CA MET G 357 36.61 -57.74 5.54
C MET G 357 36.16 -56.35 5.96
N ILE G 358 36.81 -55.32 5.43
CA ILE G 358 36.50 -53.94 5.76
C ILE G 358 35.56 -53.41 4.70
N THR G 359 34.35 -53.04 5.10
CA THR G 359 33.39 -52.50 4.15
C THR G 359 33.67 -51.03 3.96
N ASN G 360 33.14 -50.45 2.89
CA ASN G 360 33.34 -49.03 2.67
C ASN G 360 32.05 -48.35 2.28
N GLU G 361 32.00 -47.05 2.54
CA GLU G 361 30.84 -46.23 2.26
C GLU G 361 31.16 -45.28 1.12
N GLU G 362 31.89 -45.76 0.12
CA GLU G 362 32.29 -44.91 -1.01
C GLU G 362 31.14 -44.39 -1.87
N GLU G 363 30.01 -45.09 -1.86
CA GLU G 363 28.84 -44.68 -2.64
C GLU G 363 28.24 -43.35 -2.23
N ILE G 364 28.34 -43.03 -0.95
CA ILE G 364 27.74 -41.82 -0.40
C ILE G 364 28.58 -40.56 -0.48
N LYS G 365 29.68 -40.60 -1.24
CA LYS G 365 30.54 -39.43 -1.43
C LYS G 365 29.81 -38.24 -2.08
N THR G 366 28.87 -38.54 -2.97
CA THR G 366 28.04 -37.53 -3.62
C THR G 366 27.37 -36.55 -2.64
N THR G 367 26.81 -37.03 -1.53
CA THR G 367 26.21 -36.13 -0.54
C THR G 367 26.94 -36.08 0.79
N ASN G 368 27.92 -36.93 1.04
CA ASN G 368 28.41 -36.91 2.42
C ASN G 368 29.87 -36.54 2.44
N PRO G 369 30.32 -35.82 3.47
CA PRO G 369 31.75 -35.53 3.58
C PRO G 369 32.55 -36.78 3.82
N VAL G 370 33.81 -36.75 3.39
CA VAL G 370 34.72 -37.86 3.61
C VAL G 370 35.02 -37.98 5.09
N ALA G 371 35.10 -39.21 5.59
CA ALA G 371 35.24 -39.45 7.01
C ALA G 371 36.55 -38.91 7.57
N THR G 372 37.61 -38.94 6.77
CA THR G 372 38.95 -38.60 7.22
C THR G 372 39.36 -37.18 6.89
N GLU G 373 38.45 -36.36 6.40
CA GLU G 373 38.74 -35.00 5.98
C GLU G 373 38.01 -34.02 6.88
N SER G 374 38.49 -32.79 6.89
CA SER G 374 37.71 -31.72 7.52
C SER G 374 36.44 -31.46 6.73
N TYR G 375 35.44 -30.91 7.42
CA TYR G 375 34.23 -30.52 6.72
C TYR G 375 34.49 -29.35 5.79
N GLY G 376 35.28 -28.38 6.25
CA GLY G 376 35.55 -27.20 5.47
C GLY G 376 36.32 -26.20 6.31
N GLN G 377 36.26 -24.94 5.88
CA GLN G 377 36.94 -23.85 6.56
C GLN G 377 35.94 -22.79 6.98
N VAL G 378 36.24 -22.13 8.10
CA VAL G 378 35.48 -20.97 8.55
C VAL G 378 36.45 -19.82 8.80
N ALA G 379 35.90 -18.61 8.81
CA ALA G 379 36.66 -17.44 9.18
C ALA G 379 36.83 -17.39 10.69
N THR G 380 38.05 -17.18 11.15
CA THR G 380 38.31 -17.08 12.58
C THR G 380 38.49 -15.67 13.10
N ASN G 381 38.47 -14.66 12.23
CA ASN G 381 38.67 -13.28 12.67
C ASN G 381 38.05 -12.28 11.71
N HIS G 382 38.32 -11.00 11.93
CA HIS G 382 37.87 -9.95 11.04
C HIS G 382 39.13 -9.42 10.38
N GLN G 383 39.19 -9.50 9.06
CA GLN G 383 40.35 -8.98 8.35
C GLN G 383 40.28 -7.47 8.39
N SER G 384 41.44 -6.82 8.45
CA SER G 384 41.51 -5.38 8.50
C SER G 384 42.84 -4.92 7.96
N ALA G 385 42.97 -3.61 7.74
CA ALA G 385 44.20 -3.01 7.24
C ALA G 385 45.42 -3.49 8.03
N GLN G 386 45.21 -3.90 9.28
CA GLN G 386 46.29 -4.41 10.11
C GLN G 386 46.28 -5.91 10.31
N ALA G 387 45.27 -6.62 9.79
CA ALA G 387 45.11 -8.03 10.09
C ALA G 387 44.72 -8.80 8.83
N GLN G 388 45.46 -9.85 8.52
CA GLN G 388 45.11 -10.70 7.39
C GLN G 388 43.97 -11.63 7.75
N ALA G 389 43.23 -12.03 6.72
CA ALA G 389 42.14 -12.98 6.91
C ALA G 389 42.69 -14.32 7.37
N GLN G 390 42.06 -14.87 8.38
CA GLN G 390 42.46 -16.14 8.97
C GLN G 390 41.32 -17.13 8.89
N THR G 391 41.65 -18.38 8.63
CA THR G 391 40.67 -19.44 8.55
C THR G 391 41.07 -20.55 9.51
N GLY G 392 40.15 -21.47 9.73
CA GLY G 392 40.44 -22.63 10.55
C GLY G 392 39.65 -23.80 10.03
N TRP G 393 40.13 -24.99 10.37
CA TRP G 393 39.53 -26.21 9.86
C TRP G 393 38.40 -26.65 10.77
N VAL G 394 37.30 -27.07 10.15
CA VAL G 394 36.15 -27.54 10.89
C VAL G 394 36.29 -29.05 11.00
N GLN G 395 36.61 -29.53 12.20
CA GLN G 395 36.87 -30.95 12.37
C GLN G 395 35.59 -31.73 12.55
N ASN G 396 34.60 -31.13 13.18
CA ASN G 396 33.29 -31.73 13.33
C ASN G 396 32.24 -30.66 13.09
N GLN G 397 31.16 -31.06 12.44
CA GLN G 397 30.08 -30.14 12.10
C GLN G 397 28.75 -30.82 12.36
N GLY G 398 27.92 -30.22 13.18
CA GLY G 398 26.58 -30.72 13.38
C GLY G 398 25.63 -30.23 12.32
N ILE G 399 24.37 -30.65 12.45
CA ILE G 399 23.36 -30.36 11.46
C ILE G 399 23.21 -28.86 11.22
N LEU G 400 23.15 -28.48 9.95
CA LEU G 400 22.82 -27.14 9.51
C LEU G 400 21.57 -27.20 8.64
N PRO G 401 20.76 -26.15 8.65
CA PRO G 401 19.66 -26.08 7.69
C PRO G 401 20.20 -26.07 6.27
N GLY G 402 19.67 -26.97 5.45
CA GLY G 402 20.15 -27.12 4.10
C GLY G 402 21.08 -28.28 3.87
N MET G 403 21.33 -29.11 4.88
CA MET G 403 22.13 -30.31 4.70
C MET G 403 21.29 -31.45 4.17
N VAL G 404 21.90 -32.27 3.33
CA VAL G 404 21.32 -33.52 2.87
C VAL G 404 22.38 -34.59 3.03
N TRP G 405 21.97 -35.82 3.32
CA TRP G 405 22.92 -36.89 3.54
C TRP G 405 22.27 -38.22 3.25
N GLN G 406 23.10 -39.24 3.09
CA GLN G 406 22.70 -40.63 2.98
C GLN G 406 23.01 -41.35 4.28
N ASP G 407 22.21 -42.36 4.58
CA ASP G 407 22.48 -43.23 5.71
C ASP G 407 23.54 -44.25 5.33
N ARG G 408 23.94 -45.06 6.30
CA ARG G 408 24.90 -46.11 6.02
C ARG G 408 24.21 -47.25 5.28
N ASP G 409 24.98 -47.95 4.46
CA ASP G 409 24.44 -49.04 3.69
C ASP G 409 24.20 -50.24 4.58
N VAL G 410 23.38 -51.17 4.09
CA VAL G 410 23.16 -52.42 4.78
C VAL G 410 23.83 -53.53 3.99
N TYR G 411 24.23 -54.59 4.69
CA TYR G 411 24.99 -55.68 4.12
C TYR G 411 24.29 -56.99 4.36
N LEU G 412 24.66 -58.00 3.57
CA LEU G 412 24.11 -59.33 3.74
C LEU G 412 24.45 -59.88 5.11
N GLN G 413 25.64 -59.57 5.61
CA GLN G 413 26.07 -60.00 6.94
C GLN G 413 25.62 -59.07 8.04
N GLY G 414 25.08 -57.90 7.71
CA GLY G 414 24.84 -56.87 8.68
C GLY G 414 23.50 -56.93 9.37
N PRO G 415 23.29 -56.05 10.33
CA PRO G 415 22.03 -56.05 11.07
C PRO G 415 20.87 -55.47 10.27
N ILE G 416 19.66 -55.82 10.69
CA ILE G 416 18.46 -55.35 10.01
C ILE G 416 17.87 -54.16 10.74
N TRP G 417 17.49 -54.34 11.99
CA TRP G 417 16.81 -53.30 12.73
C TRP G 417 17.55 -52.98 14.03
N ALA G 418 17.18 -51.85 14.61
CA ALA G 418 17.59 -51.49 15.96
C ALA G 418 16.38 -50.91 16.67
N LYS G 419 16.43 -50.94 18.00
CA LYS G 419 15.42 -50.30 18.82
C LYS G 419 15.84 -48.86 19.09
N ILE G 420 14.97 -47.92 18.76
CA ILE G 420 15.26 -46.53 19.10
C ILE G 420 15.14 -46.36 20.60
N PRO G 421 16.14 -45.81 21.27
CA PRO G 421 16.04 -45.60 22.71
C PRO G 421 14.86 -44.72 23.05
N HIS G 422 14.27 -44.95 24.22
CA HIS G 422 13.07 -44.25 24.60
C HIS G 422 13.48 -42.99 25.34
N THR G 423 13.31 -41.84 24.68
CA THR G 423 13.90 -40.60 25.15
C THR G 423 13.01 -39.44 24.78
N ASP G 424 13.26 -38.31 25.42
CA ASP G 424 12.54 -37.09 25.10
C ASP G 424 12.73 -36.70 23.66
N GLY G 425 13.94 -36.83 23.14
CA GLY G 425 14.22 -36.43 21.79
C GLY G 425 15.29 -37.28 21.15
N ASN G 426 15.25 -37.27 19.82
CA ASN G 426 16.24 -37.93 18.99
C ASN G 426 16.24 -37.19 17.67
N PHE G 427 17.26 -37.43 16.87
CA PHE G 427 17.28 -36.87 15.53
C PHE G 427 17.71 -37.92 14.54
N HIS G 428 16.95 -38.03 13.46
CA HIS G 428 17.15 -38.98 12.38
C HIS G 428 17.48 -40.34 12.96
N PRO G 429 16.53 -40.95 13.63
CA PRO G 429 16.80 -42.13 14.49
C PRO G 429 17.39 -43.34 13.79
N SER G 430 17.55 -43.28 12.48
CA SER G 430 18.18 -44.37 11.74
C SER G 430 19.45 -44.84 12.44
N PRO G 431 19.59 -46.13 12.69
CA PRO G 431 20.71 -46.60 13.52
C PRO G 431 22.03 -46.54 12.78
N LEU G 432 23.08 -46.27 13.54
CA LEU G 432 24.37 -45.92 12.94
C LEU G 432 25.11 -47.13 12.40
N MET G 433 24.82 -48.34 12.85
CA MET G 433 25.44 -49.49 12.21
C MET G 433 24.69 -49.94 10.97
N GLY G 434 23.62 -49.25 10.61
CA GLY G 434 22.84 -49.56 9.43
C GLY G 434 21.53 -50.25 9.79
N GLY G 435 20.58 -50.13 8.88
CA GLY G 435 19.27 -50.74 9.04
C GLY G 435 18.18 -49.78 9.46
N PHE G 436 17.11 -50.36 9.99
CA PHE G 436 15.85 -49.66 10.25
C PHE G 436 15.70 -49.43 11.74
N GLY G 437 15.58 -48.17 12.15
CA GLY G 437 15.28 -47.88 13.53
C GLY G 437 13.79 -47.94 13.80
N MET G 438 13.44 -48.48 14.97
CA MET G 438 12.04 -48.71 15.29
C MET G 438 11.81 -48.46 16.77
N LYS G 439 10.72 -47.78 17.11
CA LYS G 439 10.36 -47.64 18.51
C LYS G 439 9.81 -48.94 19.07
N HIS G 440 9.14 -49.74 18.23
CA HIS G 440 8.68 -51.06 18.60
C HIS G 440 9.24 -52.04 17.60
N PRO G 441 10.49 -52.46 17.77
CA PRO G 441 11.08 -53.40 16.86
C PRO G 441 10.49 -54.78 17.05
N PRO G 442 10.93 -55.78 16.28
CA PRO G 442 10.53 -57.14 16.57
C PRO G 442 10.89 -57.50 18.00
N PRO G 443 9.97 -58.11 18.72
CA PRO G 443 10.20 -58.36 20.15
C PRO G 443 11.21 -59.46 20.39
N GLN G 444 11.76 -59.44 21.60
CA GLN G 444 12.66 -60.49 22.03
C GLN G 444 11.89 -61.77 22.33
N ILE G 445 12.50 -62.90 22.02
CA ILE G 445 11.89 -64.20 22.19
C ILE G 445 12.78 -64.97 23.14
N LEU G 446 12.29 -65.23 24.34
CA LEU G 446 13.08 -65.81 25.42
C LEU G 446 12.71 -67.27 25.57
N ILE G 447 13.71 -68.11 25.83
CA ILE G 447 13.48 -69.54 25.93
C ILE G 447 14.42 -70.13 26.97
N LYS G 448 13.90 -71.05 27.77
CA LYS G 448 14.75 -71.81 28.69
C LYS G 448 14.13 -73.18 28.90
N ASN G 449 14.97 -74.11 29.33
CA ASN G 449 14.51 -75.41 29.78
C ASN G 449 13.98 -75.27 31.20
N THR G 450 12.80 -75.81 31.45
CA THR G 450 12.27 -75.85 32.79
C THR G 450 13.13 -76.77 33.64
N PRO G 451 13.58 -76.33 34.81
CA PRO G 451 14.40 -77.20 35.65
C PRO G 451 13.60 -78.40 36.16
N VAL G 452 14.23 -79.56 36.12
CA VAL G 452 13.66 -80.79 36.66
C VAL G 452 14.55 -81.22 37.81
N PRO G 453 14.10 -81.11 39.06
CA PRO G 453 14.95 -81.46 40.18
C PRO G 453 15.22 -82.96 40.25
N ALA G 454 16.36 -83.31 40.81
CA ALA G 454 16.67 -84.70 41.11
C ALA G 454 15.92 -85.09 42.37
N ASP G 455 16.15 -86.29 42.87
CA ASP G 455 15.37 -86.76 43.99
C ASP G 455 15.68 -85.96 45.25
N PRO G 456 14.69 -85.35 45.89
CA PRO G 456 14.93 -84.60 47.10
C PRO G 456 15.18 -85.54 48.27
N PRO G 457 15.68 -85.02 49.38
CA PRO G 457 15.80 -85.86 50.58
C PRO G 457 14.44 -86.28 51.08
N THR G 458 14.43 -87.28 51.96
CA THR G 458 13.17 -87.80 52.47
C THR G 458 12.70 -87.09 53.72
N ALA G 459 13.53 -86.23 54.30
CA ALA G 459 13.11 -85.33 55.36
C ALA G 459 13.13 -83.90 54.83
N PHE G 460 12.18 -83.10 55.29
CA PHE G 460 11.98 -81.78 54.73
C PHE G 460 13.16 -80.87 55.00
N ASN G 461 13.51 -80.06 54.00
CA ASN G 461 14.54 -79.06 54.09
C ASN G 461 14.05 -77.81 53.39
N LYS G 462 14.27 -76.65 53.99
CA LYS G 462 13.71 -75.42 53.45
C LYS G 462 14.59 -74.77 52.40
N ASP G 463 15.83 -75.23 52.26
CA ASP G 463 16.72 -74.64 51.27
C ASP G 463 16.20 -74.93 49.88
N LYS G 464 16.47 -74.02 48.95
CA LYS G 464 16.09 -74.27 47.57
C LYS G 464 16.91 -75.43 47.03
N LEU G 465 16.36 -76.13 46.06
CA LEU G 465 16.96 -77.34 45.55
C LEU G 465 18.07 -76.98 44.57
N ASN G 466 19.29 -77.40 44.87
CA ASN G 466 20.43 -77.18 44.00
C ASN G 466 20.80 -78.37 43.13
N SER G 467 20.04 -79.46 43.19
CA SER G 467 20.39 -80.69 42.48
C SER G 467 19.35 -80.94 41.40
N PHE G 468 19.81 -81.06 40.16
CA PHE G 468 18.91 -81.17 39.02
C PHE G 468 19.37 -82.27 38.09
N ILE G 469 18.49 -82.61 37.17
CA ILE G 469 18.80 -83.55 36.09
C ILE G 469 19.42 -82.77 34.95
N THR G 470 20.58 -83.22 34.49
CA THR G 470 21.25 -82.55 33.37
C THR G 470 20.44 -82.74 32.11
N GLN G 471 20.14 -81.65 31.43
CA GLN G 471 19.09 -81.70 30.43
C GLN G 471 19.31 -80.60 29.40
N TYR G 472 18.91 -80.87 28.16
CA TYR G 472 18.98 -79.86 27.12
C TYR G 472 17.86 -80.14 26.13
N SER G 473 17.59 -79.16 25.28
CA SER G 473 16.52 -79.30 24.32
C SER G 473 17.02 -78.91 22.93
N THR G 474 16.26 -79.36 21.93
CA THR G 474 16.56 -79.09 20.54
C THR G 474 15.24 -79.04 19.80
N GLY G 475 15.25 -78.40 18.63
CA GLY G 475 14.02 -78.25 17.89
C GLY G 475 14.23 -77.44 16.64
N GLN G 476 13.13 -76.95 16.08
CA GLN G 476 13.15 -76.24 14.81
C GLN G 476 12.60 -74.84 15.01
N VAL G 477 13.21 -73.86 14.34
CA VAL G 477 12.68 -72.51 14.27
C VAL G 477 12.46 -72.15 12.82
N SER G 478 11.30 -71.59 12.53
CA SER G 478 11.06 -70.96 11.25
C SER G 478 10.66 -69.51 11.49
N VAL G 479 11.19 -68.63 10.65
CA VAL G 479 10.85 -67.22 10.69
C VAL G 479 10.54 -66.77 9.27
N GLU G 480 9.50 -65.98 9.13
CA GLU G 480 8.99 -65.54 7.83
C GLU G 480 8.84 -64.03 7.88
N ILE G 481 9.43 -63.34 6.91
CA ILE G 481 9.33 -61.89 6.82
C ILE G 481 8.82 -61.53 5.43
N GLU G 482 7.84 -60.64 5.38
CA GLU G 482 7.40 -60.03 4.15
C GLU G 482 8.11 -58.70 3.96
N TRP G 483 8.66 -58.48 2.79
CA TRP G 483 9.44 -57.31 2.47
C TRP G 483 8.76 -56.56 1.32
N GLU G 484 8.65 -55.24 1.46
CA GLU G 484 8.09 -54.41 0.41
C GLU G 484 9.22 -53.85 -0.45
N LEU G 485 9.00 -53.80 -1.75
CA LEU G 485 10.03 -53.39 -2.69
C LEU G 485 9.68 -52.06 -3.34
N GLN G 486 10.72 -51.34 -3.74
CA GLN G 486 10.58 -50.09 -4.48
C GLN G 486 11.36 -50.25 -5.78
N LYS G 487 10.64 -50.31 -6.90
CA LYS G 487 11.27 -50.69 -8.16
C LYS G 487 11.93 -49.50 -8.84
N GLU G 488 13.02 -49.80 -9.55
CA GLU G 488 13.78 -48.81 -10.32
C GLU G 488 13.04 -48.33 -11.57
N ASN G 489 12.84 -47.02 -11.65
CA ASN G 489 12.10 -46.37 -12.73
C ASN G 489 12.98 -45.69 -13.79
N SER G 490 14.30 -45.83 -13.70
CA SER G 490 15.23 -44.90 -14.31
C SER G 490 15.12 -44.82 -15.84
N LYS G 491 15.45 -43.64 -16.37
CA LYS G 491 15.58 -43.37 -17.80
C LYS G 491 17.01 -43.39 -18.29
N ARG G 492 17.96 -43.77 -17.46
CA ARG G 492 19.34 -43.89 -17.87
C ARG G 492 19.51 -44.75 -19.12
N TRP G 493 20.30 -44.24 -20.08
CA TRP G 493 20.48 -44.92 -21.35
C TRP G 493 21.51 -46.04 -21.26
N ASN G 494 22.68 -45.74 -20.71
CA ASN G 494 23.74 -46.71 -20.62
C ASN G 494 23.46 -47.73 -19.52
N PRO G 495 24.08 -48.90 -19.57
CA PRO G 495 23.80 -49.92 -18.56
C PRO G 495 24.40 -49.60 -17.20
N GLU G 496 23.75 -50.14 -16.18
CA GLU G 496 24.10 -50.01 -14.77
C GLU G 496 25.28 -50.87 -14.37
N ILE G 497 25.85 -50.55 -13.24
CA ILE G 497 26.69 -51.49 -12.50
C ILE G 497 25.80 -52.47 -11.76
N GLN G 498 26.16 -53.74 -11.82
CA GLN G 498 25.40 -54.80 -11.17
C GLN G 498 26.35 -55.57 -10.27
N TYR G 499 25.81 -56.23 -9.25
CA TYR G 499 26.61 -57.19 -8.51
C TYR G 499 26.62 -58.50 -9.26
N THR G 500 27.81 -59.05 -9.49
CA THR G 500 27.89 -60.29 -10.23
C THR G 500 28.98 -61.23 -9.76
N SER G 501 28.85 -62.49 -10.13
CA SER G 501 29.84 -63.51 -9.87
C SER G 501 30.90 -63.37 -10.95
N ASN G 502 32.10 -63.88 -10.70
CA ASN G 502 33.17 -63.82 -11.68
C ASN G 502 33.32 -65.17 -12.32
N TYR G 503 33.40 -65.19 -13.65
CA TYR G 503 33.54 -66.43 -14.40
C TYR G 503 34.82 -67.22 -14.22
N TYR G 504 35.90 -66.57 -13.82
CA TYR G 504 37.19 -67.26 -13.71
C TYR G 504 37.15 -68.49 -12.83
N LYS G 505 37.84 -69.53 -13.28
CA LYS G 505 37.89 -70.80 -12.56
C LYS G 505 38.55 -70.68 -11.21
N SER G 506 38.00 -71.38 -10.23
CA SER G 506 38.49 -71.37 -8.87
C SER G 506 38.35 -72.74 -8.25
N ASN G 507 39.04 -72.97 -7.15
CA ASN G 507 38.96 -74.24 -6.46
C ASN G 507 37.66 -74.39 -5.71
N ASN G 508 36.97 -73.28 -5.47
CA ASN G 508 35.71 -73.32 -4.76
C ASN G 508 34.72 -72.40 -5.44
N VAL G 509 33.46 -72.73 -5.34
CA VAL G 509 32.38 -71.83 -5.71
C VAL G 509 32.16 -70.87 -4.56
N GLU G 510 32.07 -69.58 -4.86
CA GLU G 510 31.81 -68.60 -3.83
C GLU G 510 30.40 -68.75 -3.29
N PHE G 511 30.26 -68.57 -1.98
CA PHE G 511 29.01 -68.78 -1.27
C PHE G 511 28.53 -70.21 -1.40
N ALA G 512 29.44 -71.15 -1.17
CA ALA G 512 29.13 -72.57 -1.14
C ALA G 512 29.96 -73.21 -0.03
N VAL G 513 29.81 -74.51 0.12
CA VAL G 513 30.65 -75.26 1.03
C VAL G 513 31.96 -75.64 0.35
N ASN G 514 32.98 -75.88 1.15
CA ASN G 514 34.24 -76.44 0.66
C ASN G 514 34.21 -77.96 0.78
N THR G 515 35.37 -78.60 0.63
CA THR G 515 35.44 -80.04 0.68
C THR G 515 35.19 -80.60 2.06
N GLU G 516 35.34 -79.79 3.11
CA GLU G 516 35.05 -80.23 4.46
C GLU G 516 33.64 -79.90 4.91
N GLY G 517 32.86 -79.24 4.06
CA GLY G 517 31.50 -78.93 4.40
C GLY G 517 31.30 -77.61 5.12
N VAL G 518 32.26 -76.71 5.02
CA VAL G 518 32.18 -75.43 5.72
C VAL G 518 31.66 -74.38 4.75
N TYR G 519 30.57 -73.74 5.12
CA TYR G 519 29.99 -72.65 4.34
C TYR G 519 30.68 -71.34 4.71
N SER G 520 31.06 -70.57 3.71
CA SER G 520 31.70 -69.29 3.94
C SER G 520 31.06 -68.23 3.06
N GLU G 521 31.24 -66.99 3.48
CA GLU G 521 30.84 -65.83 2.69
C GLU G 521 32.10 -65.08 2.30
N PRO G 522 32.51 -65.20 1.03
CA PRO G 522 33.74 -64.61 0.47
C PRO G 522 33.96 -63.14 0.76
N ARG G 523 32.96 -62.31 0.54
CA ARG G 523 33.09 -60.88 0.76
C ARG G 523 31.79 -60.29 1.22
N PRO G 524 31.85 -59.12 1.85
CA PRO G 524 30.64 -58.43 2.29
C PRO G 524 29.93 -57.88 1.07
N ILE G 525 28.60 -57.93 1.03
CA ILE G 525 27.90 -57.41 -0.12
C ILE G 525 26.96 -56.30 0.28
N GLY G 526 27.18 -55.11 -0.26
CA GLY G 526 26.34 -53.97 0.03
C GLY G 526 25.11 -53.95 -0.86
N THR G 527 24.31 -52.91 -0.66
CA THR G 527 23.03 -52.84 -1.31
C THR G 527 22.98 -51.87 -2.50
N ARG G 528 24.06 -51.12 -2.76
CA ARG G 528 23.97 -49.93 -3.62
C ARG G 528 24.70 -50.13 -4.94
N TYR G 529 23.92 -50.34 -5.99
CA TYR G 529 24.42 -50.62 -7.34
C TYR G 529 23.72 -49.76 -8.37
N LEU G 530 22.38 -49.76 -8.32
CA LEU G 530 21.57 -48.94 -9.21
C LEU G 530 21.77 -47.48 -8.86
N THR G 531 21.56 -46.60 -9.82
CA THR G 531 21.77 -45.18 -9.58
C THR G 531 20.52 -44.35 -9.74
N ARG G 532 20.52 -43.22 -9.06
CA ARG G 532 19.42 -42.27 -9.07
C ARG G 532 20.02 -40.90 -9.26
N ASN G 533 19.25 -39.97 -9.81
CA ASN G 533 19.74 -38.61 -9.96
C ASN G 533 19.64 -37.96 -8.60
N LEU G 534 20.56 -37.06 -8.30
CA LEU G 534 20.55 -36.37 -7.04
C LEU G 534 19.55 -35.23 -7.07
N ASP H 17 -4.38 -26.36 -35.27
CA ASP H 17 -5.55 -26.28 -36.12
C ASP H 17 -5.19 -25.89 -37.55
N GLY H 18 -4.78 -24.64 -37.76
CA GLY H 18 -4.57 -24.15 -39.10
C GLY H 18 -3.44 -23.15 -39.18
N VAL H 19 -3.00 -22.90 -40.41
CA VAL H 19 -1.91 -21.95 -40.64
C VAL H 19 -2.36 -20.54 -40.35
N GLY H 20 -3.56 -20.18 -40.74
CA GLY H 20 -4.01 -18.81 -40.65
C GLY H 20 -4.82 -18.47 -39.43
N SER H 21 -4.88 -19.34 -38.45
CA SER H 21 -5.60 -19.09 -37.22
C SER H 21 -4.62 -19.03 -36.06
N SER H 22 -4.93 -18.21 -35.08
CA SER H 22 -4.08 -18.06 -33.91
C SER H 22 -4.45 -19.10 -32.87
N SER H 23 -3.43 -19.69 -32.25
CA SER H 23 -3.63 -20.77 -31.29
C SER H 23 -3.61 -20.29 -29.85
N GLY H 24 -3.48 -19.01 -29.60
CA GLY H 24 -3.57 -18.51 -28.24
C GLY H 24 -3.57 -17.00 -28.24
N ASN H 25 -3.84 -16.44 -27.07
CA ASN H 25 -3.92 -15.00 -26.89
C ASN H 25 -2.88 -14.55 -25.89
N TRP H 26 -2.79 -13.25 -25.71
CA TRP H 26 -1.78 -12.66 -24.84
C TRP H 26 -2.42 -12.40 -23.49
N HIS H 27 -1.93 -13.06 -22.45
CA HIS H 27 -2.44 -12.84 -21.10
C HIS H 27 -1.31 -12.36 -20.22
N CYS H 28 -1.35 -11.10 -19.81
CA CYS H 28 -0.49 -10.58 -18.75
C CYS H 28 -1.34 -9.71 -17.85
N ASP H 29 -1.43 -10.08 -16.57
CA ASP H 29 -1.94 -9.21 -15.53
C ASP H 29 -1.93 -9.94 -14.20
N SER H 30 -2.29 -9.23 -13.15
CA SER H 30 -2.48 -9.83 -11.84
C SER H 30 -3.92 -9.62 -11.40
N GLN H 31 -4.47 -10.62 -10.74
CA GLN H 31 -5.82 -10.55 -10.18
C GLN H 31 -5.71 -10.75 -8.67
N TRP H 32 -6.04 -9.72 -7.93
CA TRP H 32 -6.01 -9.77 -6.47
C TRP H 32 -7.42 -10.08 -5.98
N LEU H 33 -7.63 -11.28 -5.46
CA LEU H 33 -8.93 -11.72 -4.99
C LEU H 33 -8.79 -12.27 -3.59
N GLY H 34 -9.29 -11.54 -2.60
CA GLY H 34 -9.24 -12.02 -1.24
C GLY H 34 -7.84 -12.37 -0.80
N ASP H 35 -7.66 -13.62 -0.41
CA ASP H 35 -6.38 -14.15 0.04
C ASP H 35 -5.58 -14.78 -1.08
N ARG H 36 -6.01 -14.59 -2.31
CA ARG H 36 -5.31 -15.15 -3.45
C ARG H 36 -4.93 -14.06 -4.44
N VAL H 37 -3.78 -14.23 -5.07
CA VAL H 37 -3.35 -13.33 -6.11
C VAL H 37 -2.98 -14.22 -7.26
N ILE H 38 -3.45 -13.92 -8.46
CA ILE H 38 -3.10 -14.73 -9.61
C ILE H 38 -2.34 -13.90 -10.61
N THR H 39 -1.12 -14.32 -10.91
CA THR H 39 -0.28 -13.62 -11.85
C THR H 39 -0.25 -14.39 -13.16
N THR H 40 -0.19 -13.67 -14.27
CA THR H 40 -0.08 -14.29 -15.58
C THR H 40 0.92 -13.49 -16.39
N SER H 41 1.88 -14.17 -17.00
CA SER H 41 2.91 -13.54 -17.80
C SER H 41 2.89 -14.16 -19.18
N THR H 42 3.03 -13.34 -20.21
CA THR H 42 3.21 -13.85 -21.57
C THR H 42 4.47 -13.22 -22.12
N ARG H 43 5.27 -14.01 -22.81
CA ARG H 43 6.51 -13.54 -23.43
C ARG H 43 6.62 -14.12 -24.81
N THR H 44 7.48 -13.53 -25.62
CA THR H 44 7.83 -14.06 -26.93
C THR H 44 9.24 -14.62 -26.86
N TRP H 45 9.41 -15.83 -27.39
CA TRP H 45 10.68 -16.53 -27.32
C TRP H 45 11.19 -16.86 -28.73
N ALA H 46 12.48 -17.14 -28.77
CA ALA H 46 13.16 -17.61 -29.97
C ALA H 46 14.01 -18.80 -29.60
N LEU H 47 13.89 -19.89 -30.36
CA LEU H 47 14.63 -21.10 -30.10
C LEU H 47 15.54 -21.43 -31.26
N PRO H 48 16.84 -21.47 -31.08
CA PRO H 48 17.75 -21.88 -32.15
C PRO H 48 17.91 -23.39 -32.17
N THR H 49 18.71 -23.85 -33.12
CA THR H 49 19.24 -25.21 -33.09
C THR H 49 20.52 -25.22 -32.29
N TYR H 50 20.61 -26.10 -31.30
CA TYR H 50 21.81 -26.22 -30.49
C TYR H 50 22.60 -27.45 -30.87
N ASN H 51 23.92 -27.29 -30.93
CA ASN H 51 24.87 -28.37 -31.15
C ASN H 51 24.71 -29.07 -32.48
N ASN H 52 24.08 -28.43 -33.45
CA ASN H 52 23.79 -29.07 -34.73
C ASN H 52 23.07 -30.39 -34.53
N HIS H 53 22.07 -30.38 -33.68
CA HIS H 53 21.21 -31.53 -33.39
C HIS H 53 21.96 -32.66 -32.71
N LEU H 54 23.07 -32.38 -32.05
CA LEU H 54 23.91 -33.43 -31.49
C LEU H 54 23.93 -33.37 -29.97
N TYR H 55 24.04 -34.54 -29.37
CA TYR H 55 24.49 -34.66 -28.00
C TYR H 55 26.00 -34.65 -27.99
N LYS H 56 26.61 -33.95 -27.04
CA LYS H 56 28.06 -33.90 -26.98
C LYS H 56 28.59 -34.01 -25.57
N GLN H 57 29.61 -34.83 -25.39
CA GLN H 57 30.23 -34.99 -24.08
C GLN H 57 31.09 -33.76 -23.81
N ILE H 58 31.00 -33.25 -22.59
CA ILE H 58 31.76 -32.08 -22.18
C ILE H 58 32.45 -32.29 -20.84
N SER H 59 33.60 -31.66 -20.66
CA SER H 59 34.36 -31.75 -19.43
C SER H 59 35.23 -30.53 -19.29
N ASN H 60 35.73 -30.25 -18.09
CA ASN H 60 36.57 -29.09 -17.90
C ASN H 60 37.84 -29.23 -18.73
N SER H 61 38.24 -28.14 -19.36
CA SER H 61 39.42 -28.13 -20.21
C SER H 61 40.71 -27.76 -19.50
N THR H 62 40.60 -27.33 -18.26
CA THR H 62 41.74 -26.91 -17.46
C THR H 62 42.57 -28.04 -16.83
N SER H 63 43.80 -27.70 -16.44
CA SER H 63 44.71 -28.63 -15.80
C SER H 63 45.37 -27.95 -14.62
N GLY H 64 45.94 -28.75 -13.71
CA GLY H 64 46.60 -28.21 -12.54
C GLY H 64 45.76 -28.28 -11.29
N GLY H 65 46.30 -27.79 -10.19
CA GLY H 65 45.66 -27.82 -8.90
C GLY H 65 44.38 -27.01 -8.87
N SER H 66 44.37 -25.89 -9.58
CA SER H 66 43.22 -25.01 -9.66
C SER H 66 42.02 -25.71 -10.30
N SER H 67 42.26 -26.56 -11.27
CA SER H 67 41.20 -27.29 -11.95
C SER H 67 40.43 -28.22 -11.02
N ASN H 68 41.12 -28.83 -10.05
CA ASN H 68 40.54 -29.75 -9.08
C ASN H 68 39.13 -29.43 -8.56
N ASP H 69 38.97 -28.26 -7.98
CA ASP H 69 37.67 -27.82 -7.50
C ASP H 69 36.69 -27.56 -8.63
N ASN H 70 37.20 -27.25 -9.83
CA ASN H 70 36.37 -26.88 -10.95
C ASN H 70 36.13 -28.02 -11.93
N ALA H 71 36.61 -29.22 -11.62
CA ALA H 71 36.49 -30.34 -12.54
C ALA H 71 35.04 -30.76 -12.74
N TYR H 72 34.70 -31.17 -13.96
CA TYR H 72 33.36 -31.67 -14.23
C TYR H 72 33.37 -32.58 -15.44
N PHE H 73 32.30 -33.34 -15.56
CA PHE H 73 32.02 -34.21 -16.69
C PHE H 73 30.52 -34.21 -16.94
N GLY H 74 30.12 -34.11 -18.19
CA GLY H 74 28.70 -34.10 -18.49
C GLY H 74 28.42 -34.08 -19.97
N TYR H 75 27.21 -33.65 -20.32
CA TYR H 75 26.73 -33.65 -21.68
C TYR H 75 25.93 -32.40 -21.96
N SER H 76 26.10 -31.84 -23.15
CA SER H 76 25.19 -30.83 -23.66
C SER H 76 24.27 -31.45 -24.69
N THR H 77 23.03 -30.98 -24.71
CA THR H 77 21.99 -31.58 -25.53
C THR H 77 21.53 -30.59 -26.58
N PRO H 78 20.91 -31.08 -27.66
CA PRO H 78 20.28 -30.16 -28.61
C PRO H 78 19.06 -29.44 -28.08
N TRP H 79 18.53 -29.84 -26.93
CA TRP H 79 17.28 -29.31 -26.40
C TRP H 79 17.47 -27.98 -25.69
N GLY H 80 16.42 -27.17 -25.69
CA GLY H 80 16.30 -26.04 -24.81
C GLY H 80 15.27 -26.28 -23.72
N TYR H 81 15.15 -25.31 -22.82
CA TYR H 81 14.21 -25.45 -21.73
C TYR H 81 13.67 -24.09 -21.31
N PHE H 82 12.47 -24.09 -20.72
CA PHE H 82 11.82 -22.89 -20.23
C PHE H 82 12.02 -22.74 -18.73
N ASP H 83 12.39 -21.55 -18.30
CA ASP H 83 12.67 -21.25 -16.90
C ASP H 83 11.91 -20.00 -16.49
N PHE H 84 10.89 -20.15 -15.66
CA PHE H 84 10.18 -19.03 -15.05
C PHE H 84 10.49 -18.84 -13.57
N ASN H 85 11.60 -19.38 -13.08
CA ASN H 85 11.87 -19.54 -11.65
C ASN H 85 12.38 -18.26 -10.95
N ARG H 86 12.31 -17.09 -11.55
CA ARG H 86 12.56 -15.86 -10.82
C ARG H 86 11.25 -15.13 -10.56
N PHE H 87 11.21 -14.38 -9.46
CA PHE H 87 9.95 -13.69 -9.11
C PHE H 87 9.60 -12.59 -10.10
N HIS H 88 10.57 -11.84 -10.61
CA HIS H 88 10.19 -10.80 -11.55
C HIS H 88 9.63 -11.36 -12.85
N CYS H 89 9.68 -12.67 -13.05
CA CYS H 89 8.93 -13.26 -14.14
C CYS H 89 7.44 -13.07 -13.94
N HIS H 90 6.97 -13.23 -12.70
CA HIS H 90 5.56 -13.28 -12.40
C HIS H 90 4.99 -12.01 -11.80
N PHE H 91 5.81 -11.09 -11.31
CA PHE H 91 5.33 -9.92 -10.60
C PHE H 91 5.89 -8.67 -11.22
N SER H 92 5.05 -7.66 -11.38
CA SER H 92 5.55 -6.34 -11.70
C SER H 92 6.07 -5.70 -10.42
N PRO H 93 6.88 -4.66 -10.53
CA PRO H 93 7.31 -3.96 -9.31
C PRO H 93 6.17 -3.42 -8.48
N ARG H 94 5.08 -2.98 -9.10
CA ARG H 94 3.94 -2.51 -8.33
C ARG H 94 3.21 -3.67 -7.65
N ASP H 95 3.13 -4.82 -8.32
CA ASP H 95 2.53 -5.99 -7.69
C ASP H 95 3.38 -6.51 -6.55
N TRP H 96 4.70 -6.46 -6.70
CA TRP H 96 5.57 -6.89 -5.62
C TRP H 96 5.43 -5.98 -4.42
N GLN H 97 5.31 -4.68 -4.64
CA GLN H 97 5.02 -3.74 -3.57
C GLN H 97 3.69 -4.05 -2.92
N ARG H 98 2.66 -4.20 -3.73
CA ARG H 98 1.34 -4.53 -3.23
C ARG H 98 1.36 -5.79 -2.40
N LEU H 99 2.26 -6.72 -2.71
CA LEU H 99 2.41 -7.94 -1.93
C LEU H 99 3.10 -7.69 -0.61
N ILE H 100 4.25 -7.04 -0.63
CA ILE H 100 5.13 -7.04 0.54
C ILE H 100 4.70 -6.02 1.57
N ASN H 101 3.93 -5.00 1.18
CA ASN H 101 3.47 -4.05 2.17
C ASN H 101 2.27 -4.55 2.93
N ASN H 102 1.45 -5.39 2.33
CA ASN H 102 0.18 -5.76 2.92
C ASN H 102 0.09 -7.15 3.51
N ASN H 103 1.13 -7.97 3.40
CA ASN H 103 0.97 -9.38 3.71
C ASN H 103 2.10 -9.87 4.59
N TRP H 104 1.76 -10.78 5.50
CA TRP H 104 2.76 -11.43 6.34
C TRP H 104 3.38 -12.66 5.69
N GLY H 105 2.79 -13.20 4.64
CA GLY H 105 3.33 -14.38 4.02
C GLY H 105 2.60 -14.73 2.75
N PHE H 106 3.24 -15.56 1.94
CA PHE H 106 2.68 -15.99 0.68
C PHE H 106 3.34 -17.30 0.27
N ARG H 107 2.76 -17.94 -0.74
CA ARG H 107 3.29 -19.20 -1.23
C ARG H 107 2.55 -19.62 -2.48
N PRO H 108 3.19 -20.35 -3.38
CA PRO H 108 2.53 -20.76 -4.61
C PRO H 108 1.58 -21.93 -4.42
N LYS H 109 0.54 -21.94 -5.24
CA LYS H 109 -0.51 -22.96 -5.16
C LYS H 109 -0.64 -23.75 -6.45
N ARG H 110 -1.01 -23.11 -7.54
CA ARG H 110 -1.23 -23.76 -8.82
C ARG H 110 -0.35 -23.12 -9.88
N LEU H 111 -0.12 -23.87 -10.95
CA LEU H 111 0.70 -23.44 -12.06
C LEU H 111 0.00 -23.85 -13.34
N ASN H 112 0.01 -22.96 -14.32
CA ASN H 112 -0.59 -23.25 -15.61
C ASN H 112 0.32 -22.70 -16.69
N PHE H 113 0.68 -23.54 -17.64
CA PHE H 113 1.69 -23.22 -18.63
C PHE H 113 1.12 -23.42 -20.03
N LYS H 114 1.38 -22.49 -20.93
CA LYS H 114 0.93 -22.62 -22.31
C LYS H 114 2.06 -22.27 -23.27
N LEU H 115 2.03 -22.93 -24.42
CA LEU H 115 2.98 -22.71 -25.49
C LEU H 115 2.20 -22.69 -26.79
N PHE H 116 2.26 -21.57 -27.53
CA PHE H 116 1.35 -21.39 -28.65
C PHE H 116 1.93 -20.42 -29.66
N ASN H 117 1.21 -20.27 -30.76
CA ASN H 117 1.59 -19.41 -31.90
C ASN H 117 2.98 -19.75 -32.40
N ILE H 118 3.22 -21.04 -32.60
CA ILE H 118 4.51 -21.53 -33.03
C ILE H 118 4.85 -21.20 -34.48
N GLN H 119 6.03 -20.67 -34.70
CA GLN H 119 6.50 -20.36 -36.04
C GLN H 119 7.87 -20.97 -36.27
N VAL H 120 8.03 -21.69 -37.36
CA VAL H 120 9.32 -22.27 -37.67
C VAL H 120 9.84 -21.52 -38.88
N LYS H 121 11.06 -21.03 -38.78
CA LYS H 121 11.68 -20.26 -39.84
C LYS H 121 12.88 -21.02 -40.37
N GLU H 122 13.08 -20.99 -41.68
CA GLU H 122 14.25 -21.54 -42.31
C GLU H 122 15.12 -20.41 -42.83
N VAL H 123 16.43 -20.59 -42.75
CA VAL H 123 17.39 -19.56 -43.12
C VAL H 123 18.27 -20.10 -44.23
N THR H 124 18.18 -19.50 -45.39
CA THR H 124 19.02 -19.89 -46.51
C THR H 124 20.00 -18.77 -46.70
N ASP H 125 21.28 -19.06 -46.50
CA ASP H 125 22.28 -18.02 -46.67
C ASP H 125 23.09 -18.26 -47.93
N ASN H 126 23.01 -17.30 -48.85
CA ASN H 126 23.73 -17.41 -50.10
C ASN H 126 24.54 -16.15 -50.35
N ASN H 127 25.84 -16.31 -50.57
CA ASN H 127 26.75 -15.20 -50.88
C ASN H 127 26.75 -14.06 -49.85
N GLY H 128 26.64 -14.41 -48.58
CA GLY H 128 26.67 -13.43 -47.51
C GLY H 128 25.36 -12.71 -47.22
N VAL H 129 24.32 -13.03 -47.98
CA VAL H 129 23.02 -12.42 -47.74
C VAL H 129 22.07 -13.55 -47.34
N LYS H 130 21.41 -13.38 -46.21
CA LYS H 130 20.52 -14.42 -45.71
C LYS H 130 19.05 -14.12 -45.86
N THR H 131 18.33 -15.13 -46.32
CA THR H 131 16.89 -15.06 -46.50
C THR H 131 16.21 -15.87 -45.41
N ILE H 132 15.11 -15.36 -44.88
CA ILE H 132 14.32 -16.06 -43.88
C ILE H 132 12.93 -16.28 -44.46
N ALA H 133 12.45 -17.50 -44.39
CA ALA H 133 11.12 -17.84 -44.87
C ALA H 133 10.43 -18.75 -43.87
N ASN H 134 9.12 -18.81 -43.96
CA ASN H 134 8.37 -19.77 -43.18
C ASN H 134 8.57 -21.18 -43.71
N ASN H 135 8.72 -22.13 -42.80
CA ASN H 135 8.65 -23.54 -43.14
C ASN H 135 7.40 -24.05 -42.45
N LEU H 136 6.34 -24.28 -43.21
CA LEU H 136 5.04 -24.50 -42.61
C LEU H 136 4.85 -25.92 -42.12
N THR H 137 5.64 -26.85 -42.61
CA THR H 137 5.49 -28.26 -42.26
C THR H 137 6.44 -28.72 -41.18
N SER H 138 7.32 -27.87 -40.70
CA SER H 138 8.25 -28.26 -39.66
C SER H 138 7.58 -28.31 -38.30
N THR H 139 8.17 -29.09 -37.41
CA THR H 139 7.64 -29.26 -36.07
C THR H 139 8.66 -28.80 -35.03
N VAL H 140 8.12 -28.56 -33.85
CA VAL H 140 8.89 -28.33 -32.64
C VAL H 140 8.43 -29.34 -31.61
N GLN H 141 9.37 -29.95 -30.92
CA GLN H 141 9.07 -30.99 -29.93
C GLN H 141 9.10 -30.39 -28.53
N VAL H 142 8.18 -30.82 -27.68
CA VAL H 142 8.12 -30.33 -26.31
C VAL H 142 7.65 -31.46 -25.42
N PHE H 143 8.26 -31.57 -24.24
CA PHE H 143 7.73 -32.43 -23.20
C PHE H 143 8.11 -31.85 -21.85
N THR H 144 7.33 -32.21 -20.85
CA THR H 144 7.66 -31.91 -19.47
C THR H 144 8.16 -33.18 -18.82
N ASP H 145 9.11 -33.03 -17.91
CA ASP H 145 9.68 -34.15 -17.17
C ASP H 145 8.91 -34.30 -15.87
N SER H 146 7.69 -34.81 -15.99
CA SER H 146 6.80 -35.02 -14.86
C SER H 146 7.28 -36.02 -13.82
N ASP H 147 7.97 -37.07 -14.26
CA ASP H 147 8.47 -38.08 -13.36
C ASP H 147 9.84 -37.79 -12.74
N TYR H 148 10.35 -36.58 -12.97
CA TYR H 148 11.62 -36.12 -12.41
C TYR H 148 12.72 -37.12 -12.71
N GLN H 149 12.75 -37.60 -13.95
CA GLN H 149 13.72 -38.57 -14.40
C GLN H 149 14.96 -37.95 -15.00
N LEU H 150 14.93 -36.68 -15.37
CA LEU H 150 16.11 -36.01 -15.86
C LEU H 150 16.84 -35.29 -14.74
N PRO H 151 18.13 -35.03 -14.90
CA PRO H 151 18.82 -34.13 -13.98
C PRO H 151 18.17 -32.77 -13.98
N TYR H 152 17.99 -32.21 -12.79
CA TYR H 152 17.14 -31.04 -12.59
C TYR H 152 18.03 -29.82 -12.43
N VAL H 153 18.04 -28.95 -13.45
CA VAL H 153 18.94 -27.81 -13.47
C VAL H 153 18.27 -26.51 -13.07
N LEU H 154 16.99 -26.53 -12.73
CA LEU H 154 16.28 -25.27 -12.52
C LEU H 154 16.55 -24.63 -11.17
N GLY H 155 17.25 -25.29 -10.26
CA GLY H 155 17.45 -24.74 -8.94
C GLY H 155 18.84 -24.21 -8.72
N SER H 156 19.52 -23.83 -9.80
CA SER H 156 20.88 -23.34 -9.70
C SER H 156 21.10 -21.87 -10.02
N ALA H 157 20.04 -21.06 -9.92
CA ALA H 157 20.10 -19.62 -10.16
C ALA H 157 20.69 -19.23 -11.51
N HIS H 158 20.31 -19.94 -12.56
CA HIS H 158 20.78 -19.67 -13.91
C HIS H 158 20.07 -18.57 -14.67
N GLU H 159 20.73 -18.07 -15.70
CA GLU H 159 20.20 -17.08 -16.64
C GLU H 159 19.30 -17.79 -17.65
N GLY H 160 18.55 -17.04 -18.44
CA GLY H 160 17.69 -17.66 -19.43
C GLY H 160 16.23 -17.77 -19.04
N CYS H 161 15.87 -17.14 -17.93
CA CYS H 161 14.49 -17.09 -17.47
C CYS H 161 13.71 -16.04 -18.28
N LEU H 162 12.39 -16.06 -18.20
CA LEU H 162 11.60 -15.07 -18.92
C LEU H 162 11.99 -13.70 -18.38
N PRO H 163 12.20 -12.74 -19.29
CA PRO H 163 12.61 -11.39 -18.90
C PRO H 163 11.58 -10.71 -18.01
N PRO H 164 12.05 -9.89 -17.05
CA PRO H 164 11.08 -9.22 -16.19
C PRO H 164 10.15 -8.28 -16.93
N PHE H 165 10.57 -7.72 -18.02
CA PHE H 165 9.73 -6.74 -18.67
C PHE H 165 9.01 -7.37 -19.83
N PRO H 166 7.68 -7.26 -19.91
CA PRO H 166 6.92 -8.10 -20.84
C PRO H 166 7.20 -7.84 -22.30
N ALA H 167 7.78 -6.70 -22.67
CA ALA H 167 7.97 -6.41 -24.07
C ALA H 167 9.26 -6.98 -24.63
N ASP H 168 10.06 -7.65 -23.82
CA ASP H 168 11.33 -8.16 -24.29
C ASP H 168 11.19 -9.57 -24.85
N VAL H 169 11.89 -9.82 -25.95
CA VAL H 169 11.95 -11.12 -26.58
C VAL H 169 13.22 -11.81 -26.14
N PHE H 170 13.10 -13.05 -25.66
CA PHE H 170 14.22 -13.71 -25.05
C PHE H 170 14.56 -15.00 -25.79
N MET H 171 15.83 -15.35 -25.72
CA MET H 171 16.36 -16.58 -26.28
C MET H 171 16.24 -17.69 -25.26
N ILE H 172 15.93 -18.89 -25.73
CA ILE H 172 15.73 -20.03 -24.84
C ILE H 172 17.08 -20.68 -24.56
N PRO H 173 17.42 -20.94 -23.30
CA PRO H 173 18.74 -21.48 -22.98
C PRO H 173 18.86 -22.96 -23.30
N GLN H 174 20.09 -23.38 -23.54
CA GLN H 174 20.39 -24.75 -23.89
C GLN H 174 20.42 -25.63 -22.66
N TYR H 175 19.88 -26.83 -22.79
CA TYR H 175 19.87 -27.77 -21.68
C TYR H 175 21.13 -28.60 -21.66
N GLY H 176 21.62 -28.87 -20.46
CA GLY H 176 22.80 -29.69 -20.27
C GLY H 176 22.82 -30.14 -18.83
N TYR H 177 23.59 -31.17 -18.56
CA TYR H 177 23.65 -31.72 -17.22
C TYR H 177 25.02 -32.28 -16.96
N LEU H 178 25.32 -32.48 -15.69
CA LEU H 178 26.55 -33.08 -15.22
C LEU H 178 26.26 -34.40 -14.55
N THR H 179 27.19 -35.33 -14.70
CA THR H 179 27.09 -36.59 -13.99
C THR H 179 28.40 -36.79 -13.23
N LEU H 180 28.53 -37.91 -12.55
CA LEU H 180 29.71 -38.21 -11.75
C LEU H 180 31.01 -38.10 -12.52
N ASN H 181 32.01 -37.51 -11.90
CA ASN H 181 33.29 -37.36 -12.57
C ASN H 181 34.47 -37.51 -11.62
N ASP H 182 35.58 -38.01 -12.16
CA ASP H 182 36.81 -38.11 -11.42
C ASP H 182 37.70 -37.21 -12.24
N GLY H 183 38.06 -36.04 -11.72
CA GLY H 183 38.82 -35.09 -12.52
C GLY H 183 37.92 -34.76 -13.70
N SER H 184 38.45 -34.87 -14.90
CA SER H 184 37.63 -34.68 -16.09
C SER H 184 37.12 -35.98 -16.67
N GLN H 185 37.58 -37.11 -16.17
CA GLN H 185 37.10 -38.42 -16.61
C GLN H 185 35.80 -38.80 -15.93
N ALA H 186 35.08 -39.71 -16.57
CA ALA H 186 33.87 -40.30 -16.02
C ALA H 186 34.19 -41.60 -15.27
N VAL H 187 33.15 -42.17 -14.67
CA VAL H 187 33.24 -43.46 -14.00
C VAL H 187 32.08 -44.31 -14.46
N GLY H 188 32.17 -45.61 -14.18
CA GLY H 188 31.13 -46.52 -14.61
C GLY H 188 29.77 -46.19 -14.05
N ARG H 189 29.73 -45.47 -12.94
CA ARG H 189 28.47 -45.10 -12.32
C ARG H 189 27.85 -43.88 -13.00
N SER H 190 28.57 -43.20 -13.88
CA SER H 190 28.04 -42.02 -14.54
C SER H 190 26.91 -42.37 -15.50
N SER H 191 25.91 -41.50 -15.57
CA SER H 191 24.73 -41.72 -16.38
C SER H 191 24.72 -40.84 -17.62
N PHE H 192 24.19 -41.38 -18.69
CA PHE H 192 23.93 -40.64 -19.91
C PHE H 192 22.43 -40.66 -20.19
N TYR H 193 21.91 -39.54 -20.66
CA TYR H 193 20.48 -39.40 -20.92
C TYR H 193 20.27 -38.89 -22.33
N CYS H 194 19.52 -39.64 -23.12
CA CYS H 194 19.00 -39.15 -24.38
C CYS H 194 17.62 -38.59 -24.13
N LEU H 195 17.43 -37.32 -24.42
CA LEU H 195 16.11 -36.73 -24.23
C LEU H 195 15.15 -37.12 -25.33
N GLU H 196 15.65 -37.68 -26.43
CA GLU H 196 14.79 -38.22 -27.47
C GLU H 196 14.07 -39.47 -27.00
N TYR H 197 14.46 -40.03 -25.88
CA TYR H 197 13.94 -41.30 -25.42
C TYR H 197 12.77 -41.13 -24.46
N PHE H 198 12.32 -39.93 -24.30
CA PHE H 198 11.04 -39.56 -23.70
C PHE H 198 9.98 -39.39 -24.78
N PRO H 199 8.72 -39.68 -24.49
CA PRO H 199 7.65 -39.24 -25.38
C PRO H 199 7.45 -37.73 -25.32
N SER H 200 7.34 -37.12 -26.49
CA SER H 200 7.13 -35.68 -26.54
C SER H 200 6.09 -35.36 -27.60
N GLN H 201 5.43 -34.23 -27.40
CA GLN H 201 4.43 -33.75 -28.33
C GLN H 201 5.09 -32.94 -29.43
N MET H 202 4.65 -33.15 -30.66
CA MET H 202 5.20 -32.47 -31.82
C MET H 202 4.21 -31.44 -32.29
N LEU H 203 4.69 -30.25 -32.63
CA LEU H 203 3.83 -29.12 -32.92
C LEU H 203 4.22 -28.50 -34.24
N ARG H 204 3.29 -28.46 -35.19
CA ARG H 204 3.42 -27.55 -36.31
C ARG H 204 2.82 -26.21 -35.94
N THR H 205 2.74 -25.30 -36.90
CA THR H 205 2.45 -23.92 -36.58
C THR H 205 1.02 -23.72 -36.08
N GLY H 206 0.12 -24.66 -36.34
CA GLY H 206 -1.23 -24.53 -35.84
C GLY H 206 -1.45 -25.16 -34.49
N ASN H 207 -0.52 -25.98 -34.03
CA ASN H 207 -0.65 -26.70 -32.78
C ASN H 207 -0.24 -25.83 -31.59
N ASN H 208 -0.77 -26.18 -30.42
CA ASN H 208 -0.37 -25.54 -29.18
C ASN H 208 -0.18 -26.60 -28.11
N PHE H 209 0.41 -26.18 -27.00
CA PHE H 209 0.78 -27.07 -25.91
C PHE H 209 0.41 -26.43 -24.58
N GLN H 210 -0.06 -27.23 -23.64
CA GLN H 210 -0.28 -26.73 -22.29
C GLN H 210 -0.20 -27.88 -21.30
N PHE H 211 0.08 -27.53 -20.04
CA PHE H 211 -0.10 -28.45 -18.94
C PHE H 211 -0.31 -27.62 -17.68
N SER H 212 -0.85 -28.26 -16.66
CA SER H 212 -1.06 -27.61 -15.39
C SER H 212 -0.36 -28.40 -14.29
N TYR H 213 0.01 -27.70 -13.24
CA TYR H 213 0.83 -28.25 -12.17
C TYR H 213 0.29 -27.79 -10.84
N GLU H 214 0.43 -28.65 -9.83
CA GLU H 214 -0.05 -28.37 -8.49
C GLU H 214 1.13 -28.36 -7.53
N PHE H 215 1.40 -27.20 -6.94
CA PHE H 215 2.45 -27.13 -5.93
C PHE H 215 2.12 -27.99 -4.73
N GLU H 216 3.11 -28.71 -4.24
CA GLU H 216 2.92 -29.42 -2.99
C GLU H 216 2.98 -28.45 -1.83
N ASN H 217 2.41 -28.85 -0.71
CA ASN H 217 2.25 -27.94 0.41
C ASN H 217 3.60 -27.49 0.93
N VAL H 218 3.81 -26.19 0.96
CA VAL H 218 5.02 -25.60 1.53
C VAL H 218 4.58 -24.59 2.58
N PRO H 219 5.46 -24.25 3.52
CA PRO H 219 5.13 -23.18 4.46
C PRO H 219 5.10 -21.83 3.76
N PHE H 220 4.32 -20.93 4.30
CA PHE H 220 4.36 -19.56 3.83
C PHE H 220 5.75 -18.99 4.02
N HIS H 221 6.29 -18.36 2.99
CA HIS H 221 7.45 -17.52 3.18
C HIS H 221 7.11 -16.47 4.21
N SER H 222 8.02 -16.20 5.12
CA SER H 222 7.76 -15.22 6.15
C SER H 222 8.18 -13.83 5.74
N SER H 223 7.30 -13.11 5.06
CA SER H 223 7.62 -11.75 4.61
C SER H 223 7.33 -10.70 5.66
N TYR H 224 8.08 -10.75 6.76
CA TYR H 224 7.92 -9.80 7.84
C TYR H 224 9.21 -9.77 8.63
N ALA H 225 9.39 -8.73 9.44
CA ALA H 225 10.56 -8.62 10.27
C ALA H 225 10.10 -8.65 11.72
N HIS H 226 10.93 -9.14 12.62
CA HIS H 226 10.55 -9.19 14.03
C HIS H 226 10.77 -7.86 14.73
N SER H 227 9.76 -7.43 15.48
CA SER H 227 9.85 -6.21 16.27
C SER H 227 10.36 -6.47 17.68
N GLN H 228 10.75 -7.70 17.97
CA GLN H 228 11.45 -8.05 19.20
C GLN H 228 12.68 -8.87 18.85
N SER H 229 13.62 -8.90 19.78
CA SER H 229 14.81 -9.72 19.62
C SER H 229 14.75 -10.88 20.60
N LEU H 230 15.41 -11.96 20.23
CA LEU H 230 15.35 -13.20 20.99
C LEU H 230 15.81 -13.02 22.42
N ASP H 231 16.71 -12.07 22.67
CA ASP H 231 17.27 -11.86 23.98
C ASP H 231 16.49 -10.85 24.82
N ARG H 232 15.51 -10.18 24.23
CA ARG H 232 14.70 -9.17 24.90
C ARG H 232 13.28 -9.60 25.27
N LEU H 233 12.98 -10.88 25.30
CA LEU H 233 11.61 -11.32 25.55
C LEU H 233 11.03 -11.17 26.95
N MET H 234 11.84 -10.76 27.92
CA MET H 234 11.38 -10.60 29.29
C MET H 234 10.53 -9.36 29.55
N ASN H 235 9.84 -9.36 30.69
CA ASN H 235 9.07 -8.21 31.10
C ASN H 235 10.11 -7.34 31.77
N PRO H 236 10.30 -6.13 31.26
CA PRO H 236 11.33 -5.20 31.77
C PRO H 236 11.04 -4.61 33.14
N LEU H 237 9.91 -4.94 33.75
CA LEU H 237 9.60 -4.37 35.04
C LEU H 237 9.79 -5.33 36.20
N ILE H 238 9.99 -6.61 35.95
CA ILE H 238 9.89 -7.63 36.98
C ILE H 238 11.21 -8.39 37.05
N ASP H 239 11.52 -8.87 38.25
CA ASP H 239 12.65 -9.76 38.45
C ASP H 239 12.28 -11.19 38.09
N GLN H 240 13.30 -11.97 37.76
CA GLN H 240 13.15 -13.42 37.74
C GLN H 240 13.26 -13.99 39.15
N TYR H 241 12.67 -15.16 39.34
CA TYR H 241 12.90 -15.91 40.56
C TYR H 241 14.11 -16.82 40.47
N LEU H 242 14.81 -16.80 39.34
CA LEU H 242 16.07 -17.52 39.19
C LEU H 242 17.25 -16.70 39.70
N TYR H 243 18.30 -17.40 40.09
CA TYR H 243 19.55 -16.80 40.55
C TYR H 243 20.70 -17.16 39.62
N TYR H 244 21.70 -16.30 39.60
CA TYR H 244 22.93 -16.54 38.85
C TYR H 244 24.09 -16.25 39.78
N LEU H 245 25.28 -16.67 39.38
CA LEU H 245 26.47 -16.56 40.20
C LEU H 245 27.11 -15.21 39.90
N SER H 246 27.02 -14.29 40.86
CA SER H 246 27.50 -12.93 40.66
C SER H 246 28.98 -12.76 41.00
N LYS H 247 29.47 -13.35 42.09
CA LYS H 247 30.84 -13.14 42.53
C LYS H 247 31.51 -14.45 42.87
N THR H 248 32.73 -14.65 42.39
CA THR H 248 33.55 -15.77 42.84
C THR H 248 34.64 -15.38 43.83
N ILE H 249 34.83 -14.10 44.14
CA ILE H 249 35.82 -13.69 45.13
C ILE H 249 35.30 -12.50 45.92
N ASN H 250 35.74 -12.41 47.18
CA ASN H 250 35.36 -11.28 48.02
C ASN H 250 36.08 -10.01 47.62
N GLY H 251 37.30 -10.13 47.10
CA GLY H 251 38.04 -8.97 46.70
C GLY H 251 39.48 -9.34 46.40
N SER H 252 40.34 -8.34 46.42
CA SER H 252 41.75 -8.58 46.17
C SER H 252 42.39 -9.23 47.40
N GLY H 253 43.28 -10.18 47.16
CA GLY H 253 44.00 -10.81 48.23
C GLY H 253 44.25 -12.26 47.89
N GLN H 254 44.61 -13.02 48.92
CA GLN H 254 44.79 -14.45 48.82
C GLN H 254 43.61 -15.15 49.47
N ASN H 255 43.20 -16.27 48.89
CA ASN H 255 42.20 -17.13 49.51
C ASN H 255 40.86 -16.40 49.67
N GLN H 256 40.49 -15.63 48.67
CA GLN H 256 39.28 -14.83 48.72
C GLN H 256 38.08 -15.52 48.10
N GLN H 257 38.21 -16.80 47.74
CA GLN H 257 37.14 -17.50 47.05
C GLN H 257 35.83 -17.42 47.82
N THR H 258 34.74 -17.22 47.09
CA THR H 258 33.41 -17.20 47.66
C THR H 258 32.43 -17.53 46.55
N LEU H 259 31.20 -17.83 46.94
CA LEU H 259 30.10 -17.97 46.02
C LEU H 259 29.00 -16.99 46.41
N LYS H 260 28.73 -16.02 45.56
CA LYS H 260 27.64 -15.08 45.75
C LYS H 260 26.67 -15.20 44.59
N PHE H 261 25.39 -15.05 44.89
CA PHE H 261 24.33 -15.22 43.91
C PHE H 261 23.41 -14.01 43.95
N SER H 262 22.93 -13.60 42.79
CA SER H 262 22.03 -12.48 42.68
C SER H 262 20.81 -12.87 41.87
N VAL H 263 19.77 -12.06 42.00
CA VAL H 263 18.58 -12.20 41.17
C VAL H 263 18.82 -11.55 39.82
N ALA H 264 18.41 -12.23 38.76
CA ALA H 264 18.40 -11.63 37.44
C ALA H 264 17.17 -10.77 37.27
N GLY H 265 17.36 -9.55 36.81
CA GLY H 265 16.30 -8.58 36.78
C GLY H 265 16.53 -7.54 35.71
N PRO H 266 15.71 -6.49 35.73
CA PRO H 266 15.81 -5.44 34.72
C PRO H 266 17.19 -4.83 34.59
N SER H 267 17.91 -4.70 35.69
CA SER H 267 19.25 -4.10 35.68
C SER H 267 20.25 -4.89 34.83
N ASN H 268 20.18 -6.22 34.92
CA ASN H 268 21.06 -7.05 34.11
C ASN H 268 20.26 -8.06 33.31
N MET H 269 19.99 -7.73 32.06
CA MET H 269 19.20 -8.61 31.21
C MET H 269 20.01 -9.66 30.49
N ALA H 270 21.34 -9.54 30.56
CA ALA H 270 22.20 -10.49 29.87
C ALA H 270 22.36 -11.82 30.59
N VAL H 271 22.20 -11.82 31.91
CA VAL H 271 22.37 -13.02 32.70
C VAL H 271 21.07 -13.74 32.96
N GLN H 272 19.96 -13.30 32.41
CA GLN H 272 18.70 -13.94 32.74
C GLN H 272 18.59 -15.28 32.06
N GLY H 273 17.84 -16.19 32.69
CA GLY H 273 17.55 -17.46 32.05
C GLY H 273 16.58 -17.28 30.91
N ARG H 274 16.87 -17.95 29.80
CA ARG H 274 16.05 -17.85 28.62
C ARG H 274 15.66 -19.23 28.13
N ASN H 275 14.51 -19.33 27.49
CA ASN H 275 14.03 -20.60 26.98
C ASN H 275 14.53 -20.94 25.60
N TYR H 276 14.97 -19.96 24.82
CA TYR H 276 15.32 -20.21 23.43
C TYR H 276 16.57 -19.43 23.08
N ILE H 277 17.35 -19.98 22.16
CA ILE H 277 18.67 -19.45 21.81
C ILE H 277 18.70 -19.22 20.31
N PRO H 278 19.61 -18.38 19.83
CA PRO H 278 19.67 -18.12 18.39
C PRO H 278 20.20 -19.30 17.60
N GLY H 279 19.92 -19.26 16.31
CA GLY H 279 20.13 -20.38 15.43
C GLY H 279 21.58 -20.60 15.06
N PRO H 280 21.81 -21.52 14.13
CA PRO H 280 23.17 -21.98 13.85
C PRO H 280 23.96 -20.99 13.01
N SER H 281 25.28 -21.12 13.09
CA SER H 281 26.19 -20.19 12.44
C SER H 281 27.34 -20.95 11.80
N TYR H 282 27.83 -20.42 10.69
CA TYR H 282 29.08 -20.87 10.07
C TYR H 282 29.80 -19.59 9.66
N ARG H 283 30.92 -19.26 10.29
CA ARG H 283 31.36 -17.87 10.20
C ARG H 283 31.88 -17.52 8.81
N GLN H 284 31.53 -16.33 8.37
CA GLN H 284 31.97 -15.72 7.12
C GLN H 284 33.03 -14.66 7.44
N GLN H 285 33.94 -14.44 6.50
CA GLN H 285 34.87 -13.33 6.61
C GLN H 285 34.17 -12.02 6.26
N ARG H 286 34.57 -10.95 6.92
CA ARG H 286 33.89 -9.67 6.82
C ARG H 286 34.64 -8.76 5.88
N VAL H 287 33.92 -8.20 4.91
CA VAL H 287 34.50 -7.32 3.90
C VAL H 287 33.81 -5.96 4.00
N SER H 288 34.57 -4.90 3.83
CA SER H 288 34.05 -3.55 3.87
C SER H 288 33.92 -2.98 2.47
N THR H 289 32.86 -2.19 2.25
CA THR H 289 32.73 -1.46 1.01
C THR H 289 33.62 -0.23 0.97
N THR H 290 34.19 0.17 2.10
CA THR H 290 35.26 1.15 2.13
C THR H 290 36.56 0.37 2.02
N VAL H 291 37.26 0.52 0.90
CA VAL H 291 38.32 -0.42 0.58
C VAL H 291 39.55 -0.17 1.41
N THR H 292 39.76 1.06 1.89
CA THR H 292 40.91 1.34 2.72
C THR H 292 40.85 0.60 4.04
N GLN H 293 39.66 0.16 4.44
CA GLN H 293 39.51 -0.59 5.68
C GLN H 293 39.83 -2.07 5.51
N ASN H 294 39.88 -2.54 4.27
CA ASN H 294 40.19 -3.94 4.00
C ASN H 294 41.70 -4.16 3.97
N ASN H 295 42.12 -5.40 4.18
CA ASN H 295 43.53 -5.74 4.18
C ASN H 295 44.14 -5.64 2.79
N ASN H 296 45.41 -5.25 2.72
CA ASN H 296 46.09 -5.14 1.44
C ASN H 296 46.69 -6.46 0.98
N SER H 297 45.82 -7.41 0.65
CA SER H 297 46.23 -8.73 0.18
C SER H 297 45.07 -9.36 -0.55
N GLU H 298 45.35 -10.42 -1.30
CA GLU H 298 44.28 -11.11 -1.99
C GLU H 298 43.81 -12.18 -1.03
N PHE H 299 42.56 -12.10 -0.61
CA PHE H 299 42.04 -13.06 0.35
C PHE H 299 40.66 -13.53 -0.03
N ALA H 300 40.21 -13.13 -1.21
CA ALA H 300 38.88 -13.48 -1.68
C ALA H 300 38.67 -14.99 -1.67
N TRP H 301 39.41 -15.72 -2.48
CA TRP H 301 39.35 -17.16 -2.38
C TRP H 301 40.06 -17.70 -1.13
N PRO H 302 41.32 -17.30 -0.85
CA PRO H 302 42.02 -17.92 0.28
C PRO H 302 41.34 -17.74 1.63
N GLY H 303 40.64 -16.63 1.83
CA GLY H 303 40.05 -16.37 3.13
C GLY H 303 38.57 -16.69 3.20
N ALA H 304 38.10 -17.52 2.29
CA ALA H 304 36.68 -17.79 2.15
C ALA H 304 36.28 -19.05 2.90
N SER H 305 35.06 -19.01 3.45
CA SER H 305 34.48 -20.19 4.07
C SER H 305 34.07 -21.18 3.00
N SER H 306 34.37 -22.45 3.22
CA SER H 306 34.14 -23.44 2.19
C SER H 306 33.73 -24.76 2.82
N TRP H 307 33.22 -25.65 2.00
CA TRP H 307 33.01 -27.04 2.37
C TRP H 307 33.60 -27.94 1.30
N ALA H 308 34.03 -29.11 1.73
CA ALA H 308 34.71 -30.08 0.87
C ALA H 308 33.81 -31.26 0.62
N LEU H 309 33.79 -31.74 -0.61
CA LEU H 309 33.01 -32.92 -0.96
C LEU H 309 33.87 -33.77 -1.90
N ASN H 310 34.21 -34.97 -1.47
CA ASN H 310 34.99 -35.91 -2.27
C ASN H 310 36.28 -35.27 -2.78
N GLY H 311 36.93 -34.48 -1.93
CA GLY H 311 38.19 -33.88 -2.26
C GLY H 311 38.09 -32.50 -2.85
N ARG H 312 36.95 -32.11 -3.38
CA ARG H 312 36.77 -30.81 -4.01
C ARG H 312 36.20 -29.83 -3.01
N ASN H 313 36.69 -28.59 -3.07
CA ASN H 313 36.25 -27.53 -2.16
C ASN H 313 35.24 -26.65 -2.87
N SER H 314 34.09 -26.47 -2.25
CA SER H 314 33.09 -25.53 -2.73
C SER H 314 33.00 -24.37 -1.76
N LEU H 315 32.96 -23.17 -2.32
CA LEU H 315 32.68 -21.98 -1.53
C LEU H 315 31.36 -22.15 -0.79
N MET H 316 31.28 -21.62 0.42
CA MET H 316 30.01 -21.67 1.14
C MET H 316 29.24 -20.44 0.71
N ASN H 317 28.29 -20.65 -0.19
CA ASN H 317 27.59 -19.55 -0.81
C ASN H 317 26.15 -19.92 -1.08
N PRO H 318 25.21 -19.08 -0.66
CA PRO H 318 25.38 -18.03 0.35
C PRO H 318 25.55 -18.62 1.74
N GLY H 319 25.16 -19.87 1.94
CA GLY H 319 25.36 -20.55 3.19
C GLY H 319 24.16 -20.45 4.10
N PRO H 320 24.36 -20.73 5.38
CA PRO H 320 23.28 -20.60 6.35
C PRO H 320 22.80 -19.16 6.44
N ALA H 321 21.54 -18.99 6.82
CA ALA H 321 20.96 -17.66 6.88
C ALA H 321 21.41 -17.00 8.16
N MET H 322 22.15 -15.91 8.02
CA MET H 322 22.69 -15.18 9.15
C MET H 322 22.57 -13.70 8.87
N ALA H 323 22.49 -12.92 9.93
CA ALA H 323 22.42 -11.48 9.77
C ALA H 323 23.67 -10.97 9.08
N SER H 324 23.48 -10.11 8.09
CA SER H 324 24.60 -9.67 7.26
C SER H 324 25.61 -8.87 8.08
N HIS H 325 25.16 -8.10 9.04
CA HIS H 325 26.05 -7.20 9.76
C HIS H 325 25.41 -6.82 11.08
N LYS H 326 26.23 -6.32 11.99
CA LYS H 326 25.73 -5.78 13.24
C LYS H 326 25.00 -4.46 12.99
N GLU H 327 24.15 -4.11 13.95
CA GLU H 327 23.44 -2.84 13.89
C GLU H 327 24.44 -1.69 13.87
N GLY H 328 24.16 -0.71 13.01
CA GLY H 328 25.02 0.44 12.88
C GLY H 328 26.16 0.28 11.91
N GLU H 329 26.50 -0.94 11.53
CA GLU H 329 27.55 -1.18 10.56
C GLU H 329 26.92 -1.78 9.32
N ASP H 330 26.63 -0.96 8.32
CA ASP H 330 26.11 -1.49 7.07
C ASP H 330 27.16 -1.55 5.98
N ARG H 331 28.36 -1.04 6.25
CA ARG H 331 29.40 -1.03 5.24
C ARG H 331 30.07 -2.39 5.11
N PHE H 332 29.81 -3.29 6.03
CA PHE H 332 30.38 -4.62 6.00
C PHE H 332 29.38 -5.61 5.43
N PHE H 333 29.89 -6.62 4.73
CA PHE H 333 29.07 -7.69 4.21
C PHE H 333 29.87 -8.98 4.31
N PRO H 334 29.19 -10.12 4.40
CA PRO H 334 29.85 -11.43 4.47
C PRO H 334 30.61 -11.67 3.17
N LEU H 335 31.76 -12.33 3.21
CA LEU H 335 32.55 -12.50 2.00
C LEU H 335 31.79 -13.21 0.89
N SER H 336 31.05 -14.25 1.22
CA SER H 336 30.27 -14.94 0.21
C SER H 336 28.97 -15.35 0.84
N GLY H 337 28.55 -14.59 1.84
CA GLY H 337 27.33 -14.86 2.56
C GLY H 337 26.08 -14.14 2.08
N SER H 338 26.16 -13.32 1.05
CA SER H 338 25.00 -12.61 0.55
C SER H 338 24.78 -12.90 -0.93
N LEU H 339 23.55 -12.67 -1.37
CA LEU H 339 23.26 -12.71 -2.80
C LEU H 339 23.62 -11.38 -3.42
N ILE H 340 24.31 -11.41 -4.55
CA ILE H 340 24.79 -10.22 -5.21
C ILE H 340 24.25 -10.23 -6.63
N PHE H 341 23.47 -9.22 -6.96
CA PHE H 341 22.88 -9.06 -8.28
C PHE H 341 23.64 -7.99 -9.05
N GLY H 342 23.69 -8.15 -10.36
CA GLY H 342 24.24 -7.13 -11.22
C GLY H 342 23.21 -6.11 -11.64
N LYS H 343 23.66 -4.87 -11.79
CA LYS H 343 22.84 -3.84 -12.38
C LYS H 343 22.75 -4.04 -13.89
N GLN H 344 21.77 -3.40 -14.49
CA GLN H 344 21.56 -3.56 -15.93
C GLN H 344 22.80 -3.10 -16.71
N GLY H 345 23.23 -3.95 -17.63
CA GLY H 345 24.39 -3.65 -18.45
C GLY H 345 25.72 -3.96 -17.81
N THR H 346 25.73 -4.61 -16.65
CA THR H 346 26.97 -4.92 -15.98
C THR H 346 27.68 -6.06 -16.69
N GLY H 347 28.98 -5.89 -16.87
CA GLY H 347 29.77 -6.90 -17.54
C GLY H 347 29.85 -8.19 -16.74
N ARG H 348 30.53 -9.16 -17.33
CA ARG H 348 30.62 -10.49 -16.76
C ARG H 348 31.73 -10.64 -15.71
N ASP H 349 32.87 -9.95 -15.88
CA ASP H 349 34.07 -10.27 -15.12
C ASP H 349 34.71 -9.03 -14.53
N ASN H 350 35.02 -9.10 -13.23
CA ASN H 350 35.82 -8.09 -12.53
C ASN H 350 35.21 -6.70 -12.62
N VAL H 351 33.92 -6.62 -12.37
CA VAL H 351 33.23 -5.35 -12.33
C VAL H 351 33.42 -4.69 -10.97
N ASP H 352 33.28 -3.37 -10.91
CA ASP H 352 33.44 -2.65 -9.67
C ASP H 352 32.22 -2.83 -8.76
N ALA H 353 32.31 -2.29 -7.56
CA ALA H 353 31.27 -2.50 -6.57
C ALA H 353 30.01 -1.71 -6.87
N ASP H 354 30.12 -0.59 -7.58
CA ASP H 354 28.95 0.16 -7.96
C ASP H 354 28.20 -0.49 -9.12
N LYS H 355 28.76 -1.51 -9.74
CA LYS H 355 28.09 -2.23 -10.80
C LYS H 355 27.20 -3.35 -10.30
N VAL H 356 27.26 -3.68 -9.02
CA VAL H 356 26.51 -4.81 -8.48
C VAL H 356 25.66 -4.31 -7.32
N MET H 357 24.69 -5.13 -6.95
CA MET H 357 23.77 -4.84 -5.87
C MET H 357 23.90 -5.94 -4.83
N ILE H 358 24.42 -5.58 -3.66
CA ILE H 358 24.63 -6.54 -2.57
C ILE H 358 23.42 -6.48 -1.65
N THR H 359 22.69 -7.58 -1.54
CA THR H 359 21.53 -7.61 -0.67
C THR H 359 21.99 -7.88 0.75
N ASN H 360 21.15 -7.60 1.72
CA ASN H 360 21.51 -7.88 3.10
C ASN H 360 20.39 -8.57 3.84
N GLU H 361 20.76 -9.29 4.89
CA GLU H 361 19.84 -10.04 5.71
C GLU H 361 19.75 -9.39 7.07
N GLU H 362 19.75 -8.06 7.12
CA GLU H 362 19.71 -7.34 8.39
C GLU H 362 18.44 -7.53 9.22
N GLU H 363 17.34 -7.87 8.55
CA GLU H 363 16.06 -8.09 9.23
C GLU H 363 16.06 -9.24 10.21
N ILE H 364 16.85 -10.27 9.92
CA ILE H 364 16.88 -11.47 10.75
C ILE H 364 17.83 -11.45 11.93
N LYS H 365 18.36 -10.27 12.27
CA LYS H 365 19.24 -10.12 13.43
C LYS H 365 18.56 -10.49 14.75
N THR H 366 17.27 -10.23 14.87
CA THR H 366 16.47 -10.60 16.03
C THR H 366 16.61 -12.07 16.44
N THR H 367 16.60 -13.02 15.50
CA THR H 367 16.78 -14.42 15.83
C THR H 367 18.07 -15.04 15.32
N ASN H 368 18.83 -14.37 14.47
CA ASN H 368 19.92 -15.12 13.89
C ASN H 368 21.25 -14.49 14.25
N PRO H 369 22.29 -15.29 14.45
CA PRO H 369 23.61 -14.72 14.71
C PRO H 369 24.12 -13.96 13.50
N VAL H 370 24.98 -12.98 13.77
CA VAL H 370 25.60 -12.20 12.70
C VAL H 370 26.57 -13.10 11.94
N ALA H 371 26.61 -12.94 10.63
CA ALA H 371 27.39 -13.83 9.78
C ALA H 371 28.88 -13.73 10.05
N THR H 372 29.37 -12.56 10.41
CA THR H 372 30.79 -12.30 10.56
C THR H 372 31.28 -12.40 11.99
N GLU H 373 30.45 -12.84 12.91
CA GLU H 373 30.78 -12.90 14.32
C GLU H 373 30.84 -14.35 14.77
N SER H 374 31.53 -14.58 15.88
CA SER H 374 31.42 -15.89 16.51
C SER H 374 30.02 -16.09 17.08
N TYR H 375 29.64 -17.36 17.22
CA TYR H 375 28.36 -17.65 17.85
C TYR H 375 28.38 -17.27 19.32
N GLY H 376 29.48 -17.58 20.01
CA GLY H 376 29.58 -17.31 21.42
C GLY H 376 30.85 -17.91 21.97
N GLN H 377 30.88 -18.11 23.27
CA GLN H 377 32.02 -18.66 23.97
C GLN H 377 31.62 -19.94 24.70
N VAL H 378 32.58 -20.87 24.80
CA VAL H 378 32.42 -22.07 25.60
C VAL H 378 33.61 -22.18 26.54
N ALA H 379 33.42 -22.96 27.60
CA ALA H 379 34.50 -23.27 28.51
C ALA H 379 35.41 -24.33 27.89
N THR H 380 36.71 -24.09 27.91
CA THR H 380 37.66 -25.04 27.36
C THR H 380 38.39 -25.88 28.40
N ASN H 381 38.15 -25.65 29.68
CA ASN H 381 38.84 -26.40 30.72
C ASN H 381 38.07 -26.42 32.03
N HIS H 382 38.69 -26.94 33.09
CA HIS H 382 38.10 -26.93 34.41
C HIS H 382 38.93 -25.96 35.21
N GLN H 383 38.32 -24.91 35.74
CA GLN H 383 39.05 -23.96 36.56
C GLN H 383 39.35 -24.62 37.89
N SER H 384 40.49 -24.29 38.48
CA SER H 384 40.89 -24.86 39.75
C SER H 384 41.85 -23.91 40.44
N ALA H 385 42.13 -24.19 41.71
CA ALA H 385 43.06 -23.39 42.50
C ALA H 385 44.36 -23.13 41.77
N GLN H 386 44.71 -24.00 40.83
CA GLN H 386 45.92 -23.83 40.04
C GLN H 386 45.68 -23.40 38.61
N ALA H 387 44.42 -23.29 38.17
CA ALA H 387 44.12 -23.04 36.77
C ALA H 387 43.00 -22.03 36.64
N GLN H 388 43.23 -20.98 35.86
CA GLN H 388 42.19 -20.00 35.60
C GLN H 388 41.20 -20.52 34.57
N ALA H 389 39.98 -19.99 34.65
CA ALA H 389 38.96 -20.36 33.69
C ALA H 389 39.35 -19.88 32.30
N GLN H 390 39.20 -20.76 31.32
CA GLN H 390 39.56 -20.47 29.95
C GLN H 390 38.34 -20.65 29.07
N THR H 391 38.21 -19.79 28.07
CA THR H 391 37.11 -19.85 27.12
C THR H 391 37.69 -19.90 25.73
N GLY H 392 36.83 -20.22 24.77
CA GLY H 392 37.22 -20.22 23.38
C GLY H 392 36.04 -19.79 22.54
N TRP H 393 36.35 -19.33 21.34
CA TRP H 393 35.32 -18.79 20.46
C TRP H 393 34.72 -19.91 19.63
N VAL H 394 33.41 -19.89 19.50
CA VAL H 394 32.70 -20.88 18.70
C VAL H 394 32.55 -20.29 17.31
N GLN H 395 33.30 -20.82 16.36
CA GLN H 395 33.30 -20.25 15.02
C GLN H 395 32.14 -20.77 14.19
N ASN H 396 31.75 -22.01 14.43
CA ASN H 396 30.59 -22.60 13.78
C ASN H 396 29.83 -23.42 14.81
N GLN H 397 28.51 -23.37 14.72
CA GLN H 397 27.64 -24.06 15.65
C GLN H 397 26.50 -24.70 14.88
N GLY H 398 26.36 -26.00 15.03
CA GLY H 398 25.21 -26.69 14.46
C GLY H 398 24.00 -26.59 15.35
N ILE H 399 22.92 -27.21 14.87
CA ILE H 399 21.63 -27.15 15.54
C ILE H 399 21.73 -27.64 16.97
N LEU H 400 21.12 -26.88 17.88
CA LEU H 400 20.92 -27.25 19.27
C LEU H 400 19.43 -27.25 19.57
N PRO H 401 18.98 -28.11 20.48
CA PRO H 401 17.60 -28.03 20.93
C PRO H 401 17.36 -26.69 21.59
N GLY H 402 16.30 -26.01 21.15
CA GLY H 402 15.99 -24.69 21.63
C GLY H 402 16.40 -23.56 20.72
N MET H 403 16.93 -23.85 19.54
CA MET H 403 17.25 -22.82 18.57
C MET H 403 16.03 -22.43 17.77
N VAL H 404 15.95 -21.15 17.42
CA VAL H 404 14.96 -20.64 16.49
C VAL H 404 15.69 -19.76 15.50
N TRP H 405 15.21 -19.72 14.26
CA TRP H 405 15.89 -18.94 13.24
C TRP H 405 14.90 -18.56 12.16
N GLN H 406 15.29 -17.60 11.35
CA GLN H 406 14.61 -17.19 10.14
C GLN H 406 15.35 -17.70 8.92
N ASP H 407 14.60 -17.96 7.87
CA ASP H 407 15.19 -18.32 6.59
C ASP H 407 15.67 -17.06 5.87
N ARG H 408 16.32 -17.25 4.74
CA ARG H 408 16.74 -16.10 3.95
C ARG H 408 15.55 -15.49 3.24
N ASP H 409 15.63 -14.20 3.01
CA ASP H 409 14.55 -13.48 2.36
C ASP H 409 14.53 -13.79 0.87
N VAL H 410 13.40 -13.52 0.25
CA VAL H 410 13.27 -13.66 -1.19
C VAL H 410 13.21 -12.27 -1.80
N TYR H 411 13.65 -12.17 -3.06
CA TYR H 411 13.77 -10.90 -3.74
C TYR H 411 13.01 -10.94 -5.06
N LEU H 412 12.70 -9.76 -5.57
CA LEU H 412 12.03 -9.67 -6.86
C LEU H 412 12.88 -10.29 -7.97
N GLN H 413 14.20 -10.13 -7.88
CA GLN H 413 15.12 -10.72 -8.84
C GLN H 413 15.49 -12.15 -8.52
N GLY H 414 15.14 -12.65 -7.35
CA GLY H 414 15.65 -13.90 -6.86
C GLY H 414 14.84 -15.11 -7.26
N PRO H 415 15.34 -16.30 -6.91
CA PRO H 415 14.66 -17.53 -7.28
C PRO H 415 13.42 -17.79 -6.44
N ILE H 416 12.54 -18.63 -6.98
CA ILE H 416 11.29 -18.95 -6.29
C ILE H 416 11.42 -20.29 -5.58
N TRP H 417 11.68 -21.35 -6.32
CA TRP H 417 11.71 -22.68 -5.73
C TRP H 417 13.05 -23.37 -6.00
N ALA H 418 13.28 -24.44 -5.27
CA ALA H 418 14.37 -25.35 -5.54
C ALA H 418 13.85 -26.77 -5.38
N LYS H 419 14.54 -27.71 -5.99
CA LYS H 419 14.24 -29.12 -5.82
C LYS H 419 15.04 -29.65 -4.65
N ILE H 420 14.36 -30.25 -3.69
CA ILE H 420 15.07 -30.89 -2.59
C ILE H 420 15.77 -32.14 -3.11
N PRO H 421 17.07 -32.31 -2.89
CA PRO H 421 17.74 -33.52 -3.35
C PRO H 421 17.11 -34.76 -2.75
N HIS H 422 17.14 -35.84 -3.50
CA HIS H 422 16.48 -37.07 -3.09
C HIS H 422 17.47 -37.88 -2.26
N THR H 423 17.26 -37.93 -0.96
CA THR H 423 18.26 -38.45 -0.04
C THR H 423 17.58 -39.11 1.13
N ASP H 424 18.37 -39.89 1.86
CA ASP H 424 17.86 -40.53 3.07
C ASP H 424 17.39 -39.50 4.09
N GLY H 425 18.13 -38.40 4.23
CA GLY H 425 17.77 -37.41 5.21
C GLY H 425 18.16 -36.02 4.76
N ASN H 426 17.47 -35.05 5.36
CA ASN H 426 17.74 -33.65 5.17
C ASN H 426 17.25 -32.95 6.43
N PHE H 427 17.66 -31.71 6.61
CA PHE H 427 17.13 -30.92 7.72
C PHE H 427 16.76 -29.54 7.23
N HIS H 428 15.55 -29.11 7.59
CA HIS H 428 14.98 -27.82 7.24
C HIS H 428 15.26 -27.56 5.76
N PRO H 429 14.66 -28.33 4.88
CA PRO H 429 15.05 -28.35 3.47
C PRO H 429 14.93 -27.04 2.71
N SER H 430 14.42 -26.00 3.36
CA SER H 430 14.34 -24.68 2.74
C SER H 430 15.65 -24.33 2.04
N PRO H 431 15.61 -23.93 0.77
CA PRO H 431 16.85 -23.76 0.02
C PRO H 431 17.61 -22.52 0.44
N LEU H 432 18.93 -22.62 0.38
CA LEU H 432 19.78 -21.61 0.99
C LEU H 432 19.88 -20.33 0.19
N MET H 433 19.58 -20.35 -1.10
CA MET H 433 19.54 -19.09 -1.82
C MET H 433 18.19 -18.40 -1.69
N GLY H 434 17.26 -18.98 -0.96
CA GLY H 434 15.95 -18.41 -0.74
C GLY H 434 14.88 -19.12 -1.54
N GLY H 435 13.65 -19.00 -1.06
CA GLY H 435 12.51 -19.60 -1.71
C GLY H 435 12.02 -20.88 -1.08
N PHE H 436 11.25 -21.63 -1.86
CA PHE H 436 10.48 -22.76 -1.39
C PHE H 436 11.14 -24.06 -1.87
N GLY H 437 11.52 -24.91 -0.93
CA GLY H 437 12.03 -26.22 -1.29
C GLY H 437 10.90 -27.21 -1.53
N MET H 438 11.06 -28.06 -2.53
CA MET H 438 10.00 -28.97 -2.93
C MET H 438 10.60 -30.28 -3.38
N LYS H 439 10.00 -31.40 -2.95
CA LYS H 439 10.43 -32.69 -3.46
C LYS H 439 9.96 -32.88 -4.89
N HIS H 440 8.81 -32.32 -5.25
CA HIS H 440 8.31 -32.33 -6.61
C HIS H 440 8.06 -30.89 -7.02
N PRO H 441 9.11 -30.18 -7.43
CA PRO H 441 8.94 -28.81 -7.85
C PRO H 441 8.24 -28.73 -9.18
N PRO H 442 8.00 -27.55 -9.72
CA PRO H 442 7.51 -27.44 -11.08
C PRO H 442 8.45 -28.15 -12.03
N PRO H 443 7.91 -28.95 -12.93
CA PRO H 443 8.75 -29.79 -13.77
C PRO H 443 9.47 -28.99 -14.84
N GLN H 444 10.53 -29.60 -15.36
CA GLN H 444 11.27 -29.03 -16.46
C GLN H 444 10.50 -29.17 -17.75
N ILE H 445 10.60 -28.16 -18.60
CA ILE H 445 9.89 -28.10 -19.87
C ILE H 445 10.95 -28.03 -20.95
N LEU H 446 11.07 -29.10 -21.73
CA LEU H 446 12.14 -29.22 -22.70
C LEU H 446 11.59 -28.98 -24.10
N ILE H 447 12.37 -28.29 -24.93
CA ILE H 447 11.91 -27.94 -26.27
C ILE H 447 13.08 -27.96 -27.23
N LYS H 448 12.84 -28.48 -28.43
CA LYS H 448 13.84 -28.41 -29.49
C LYS H 448 13.13 -28.36 -30.83
N ASN H 449 13.85 -27.87 -31.82
CA ASN H 449 13.40 -27.95 -33.20
C ASN H 449 13.69 -29.34 -33.73
N THR H 450 12.70 -29.94 -34.35
CA THR H 450 12.91 -31.22 -35.01
C THR H 450 13.86 -31.02 -36.18
N PRO H 451 14.91 -31.82 -36.31
CA PRO H 451 15.83 -31.65 -37.44
C PRO H 451 15.15 -31.99 -38.75
N VAL H 452 15.40 -31.16 -39.76
CA VAL H 452 14.93 -31.40 -41.11
C VAL H 452 16.15 -31.61 -41.99
N PRO H 453 16.41 -32.82 -42.46
CA PRO H 453 17.61 -33.05 -43.25
C PRO H 453 17.53 -32.38 -44.61
N ALA H 454 18.70 -32.02 -45.14
CA ALA H 454 18.80 -31.54 -46.50
C ALA H 454 18.71 -32.74 -47.44
N ASP H 455 18.89 -32.51 -48.73
CA ASP H 455 18.69 -33.58 -49.68
C ASP H 455 19.75 -34.66 -49.51
N PRO H 456 19.36 -35.90 -49.29
CA PRO H 456 20.33 -36.98 -49.16
C PRO H 456 20.92 -37.35 -50.51
N PRO H 457 22.01 -38.11 -50.54
CA PRO H 457 22.52 -38.59 -51.81
C PRO H 457 21.53 -39.55 -52.47
N THR H 458 21.74 -39.81 -53.74
CA THR H 458 20.82 -40.67 -54.47
C THR H 458 21.22 -42.13 -54.41
N ALA H 459 22.39 -42.45 -53.88
CA ALA H 459 22.77 -43.81 -53.56
C ALA H 459 22.83 -43.97 -52.05
N PHE H 460 22.44 -45.14 -51.57
CA PHE H 460 22.29 -45.34 -50.14
C PHE H 460 23.62 -45.26 -49.41
N ASN H 461 23.58 -44.65 -48.24
CA ASN H 461 24.72 -44.54 -47.35
C ASN H 461 24.23 -44.78 -45.93
N LYS H 462 24.97 -45.56 -45.16
CA LYS H 462 24.50 -45.95 -43.84
C LYS H 462 24.87 -44.94 -42.76
N ASP H 463 25.73 -43.98 -43.07
CA ASP H 463 26.11 -43.00 -42.07
C ASP H 463 24.92 -42.13 -41.72
N LYS H 464 24.89 -41.65 -40.47
CA LYS H 464 23.83 -40.73 -40.10
C LYS H 464 23.99 -39.44 -40.87
N LEU H 465 22.89 -38.75 -41.07
CA LEU H 465 22.88 -37.56 -41.91
C LEU H 465 23.39 -36.37 -41.12
N ASN H 466 24.47 -35.77 -41.60
CA ASN H 466 25.05 -34.59 -40.96
C ASN H 466 24.66 -33.28 -41.63
N SER H 467 23.82 -33.30 -42.66
CA SER H 467 23.48 -32.12 -43.42
C SER H 467 22.02 -31.77 -43.20
N PHE H 468 21.75 -30.56 -42.73
CA PHE H 468 20.41 -30.16 -42.35
C PHE H 468 20.09 -28.79 -42.90
N ILE H 469 18.82 -28.45 -42.82
CA ILE H 469 18.35 -27.12 -43.16
C ILE H 469 18.46 -26.22 -41.94
N THR H 470 19.12 -25.08 -42.09
CA THR H 470 19.27 -24.15 -40.98
C THR H 470 17.91 -23.58 -40.61
N GLN H 471 17.56 -23.66 -39.34
CA GLN H 471 16.17 -23.47 -38.96
C GLN H 471 16.09 -23.02 -37.52
N TYR H 472 15.07 -22.21 -37.22
CA TYR H 472 14.84 -21.79 -35.85
C TYR H 472 13.35 -21.56 -35.69
N SER H 473 12.91 -21.46 -34.44
CA SER H 473 11.50 -21.26 -34.17
C SER H 473 11.31 -20.12 -33.18
N THR H 474 10.09 -19.62 -33.15
CA THR H 474 9.71 -18.53 -32.27
C THR H 474 8.24 -18.71 -31.93
N GLY H 475 7.80 -18.09 -30.85
CA GLY H 475 6.44 -18.27 -30.42
C GLY H 475 6.18 -17.54 -29.13
N GLN H 476 5.08 -17.90 -28.48
CA GLN H 476 4.62 -17.24 -27.28
C GLN H 476 4.57 -18.23 -26.12
N VAL H 477 4.95 -17.78 -24.94
CA VAL H 477 4.79 -18.55 -23.71
C VAL H 477 3.96 -17.73 -22.75
N SER H 478 2.96 -18.37 -22.16
CA SER H 478 2.26 -17.79 -21.02
C SER H 478 2.37 -18.75 -19.85
N VAL H 479 2.59 -18.19 -18.67
CA VAL H 479 2.63 -18.94 -17.43
C VAL H 479 1.77 -18.24 -16.41
N GLU H 480 0.99 -19.01 -15.67
CA GLU H 480 0.02 -18.50 -14.72
C GLU H 480 0.25 -19.20 -13.39
N ILE H 481 0.42 -18.43 -12.32
CA ILE H 481 0.60 -18.98 -10.98
C ILE H 481 -0.44 -18.38 -10.06
N GLU H 482 -1.09 -19.23 -9.28
CA GLU H 482 -1.95 -18.79 -8.19
C GLU H 482 -1.14 -18.78 -6.89
N TRP H 483 -1.22 -17.69 -6.15
CA TRP H 483 -0.46 -17.49 -4.94
C TRP H 483 -1.43 -17.31 -3.79
N GLU H 484 -1.18 -17.98 -2.67
CA GLU H 484 -1.98 -17.83 -1.47
C GLU H 484 -1.33 -16.80 -0.55
N LEU H 485 -2.15 -15.97 0.07
CA LEU H 485 -1.67 -14.86 0.89
C LEU H 485 -1.99 -15.09 2.35
N GLN H 486 -1.17 -14.52 3.21
CA GLN H 486 -1.38 -14.53 4.65
C GLN H 486 -1.40 -13.08 5.12
N LYS H 487 -2.57 -12.61 5.54
CA LYS H 487 -2.76 -11.20 5.78
C LYS H 487 -2.27 -10.79 7.18
N GLU H 488 -1.78 -9.55 7.26
CA GLU H 488 -1.31 -8.96 8.50
C GLU H 488 -2.44 -8.63 9.47
N ASN H 489 -2.36 -9.18 10.68
CA ASN H 489 -3.38 -9.04 11.72
C ASN H 489 -3.01 -8.04 12.83
N SER H 490 -1.90 -7.33 12.70
CA SER H 490 -1.22 -6.73 13.85
C SER H 490 -2.05 -5.70 14.59
N LYS H 491 -1.78 -5.58 15.90
CA LYS H 491 -2.32 -4.56 16.79
C LYS H 491 -1.36 -3.40 17.03
N ARG H 492 -0.24 -3.36 16.35
CA ARG H 492 0.69 -2.25 16.46
C ARG H 492 0.02 -0.90 16.27
N TRP H 493 0.31 0.04 17.17
CA TRP H 493 -0.32 1.36 17.14
C TRP H 493 0.35 2.28 16.13
N ASN H 494 1.66 2.39 16.18
CA ASN H 494 2.39 3.29 15.30
C ASN H 494 2.48 2.71 13.90
N PRO H 495 2.72 3.54 12.90
CA PRO H 495 2.76 3.04 11.53
C PRO H 495 4.01 2.24 11.22
N GLU H 496 3.85 1.33 10.26
CA GLU H 496 4.87 0.42 9.76
C GLU H 496 5.86 1.11 8.84
N ILE H 497 6.99 0.45 8.64
CA ILE H 497 7.85 0.73 7.50
C ILE H 497 7.25 0.08 6.26
N GLN H 498 7.25 0.81 5.16
CA GLN H 498 6.70 0.34 3.90
C GLN H 498 7.77 0.48 2.83
N TYR H 499 7.67 -0.31 1.78
CA TYR H 499 8.50 -0.05 0.62
C TYR H 499 7.85 1.03 -0.22
N THR H 500 8.61 2.06 -0.57
CA THR H 500 8.04 3.14 -1.35
C THR H 500 8.98 3.75 -2.36
N SER H 501 8.40 4.44 -3.34
CA SER H 501 9.15 5.19 -4.32
C SER H 501 9.53 6.51 -3.68
N ASN H 502 10.55 7.17 -4.22
CA ASN H 502 10.97 8.46 -3.68
C ASN H 502 10.48 9.55 -4.60
N TYR H 503 9.89 10.58 -4.03
CA TYR H 503 9.34 11.69 -4.79
C TYR H 503 10.34 12.58 -5.54
N TYR H 504 11.60 12.61 -5.11
CA TYR H 504 12.58 13.51 -5.72
C TYR H 504 12.71 13.31 -7.22
N LYS H 505 12.84 14.42 -7.93
CA LYS H 505 12.95 14.41 -9.38
C LYS H 505 14.21 13.72 -9.86
N SER H 506 14.07 12.97 -10.95
CA SER H 506 15.17 12.22 -11.52
C SER H 506 15.05 12.22 -13.03
N ASN H 507 16.14 11.87 -13.71
CA ASN H 507 16.13 11.81 -15.16
C ASN H 507 15.37 10.60 -15.67
N ASN H 508 15.16 9.61 -14.81
CA ASN H 508 14.45 8.41 -15.19
C ASN H 508 13.48 8.03 -14.10
N VAL H 509 12.40 7.39 -14.49
CA VAL H 509 11.52 6.74 -13.55
C VAL H 509 12.11 5.38 -13.20
N GLU H 510 12.17 5.05 -11.93
CA GLU H 510 12.69 3.76 -11.52
C GLU H 510 11.74 2.64 -11.94
N PHE H 511 12.32 1.53 -12.37
CA PHE H 511 11.56 0.40 -12.91
C PHE H 511 10.79 0.81 -14.16
N ALA H 512 11.47 1.49 -15.07
CA ALA H 512 10.91 1.86 -16.35
C ALA H 512 12.00 1.74 -17.39
N VAL H 513 11.67 2.05 -18.63
CA VAL H 513 12.66 2.13 -19.69
C VAL H 513 13.34 3.50 -19.67
N ASN H 514 14.54 3.55 -20.23
CA ASN H 514 15.23 4.82 -20.46
C ASN H 514 14.92 5.31 -21.88
N THR H 515 15.69 6.30 -22.33
CA THR H 515 15.44 6.86 -23.65
C THR H 515 15.81 5.91 -24.78
N GLU H 516 16.64 4.90 -24.51
CA GLU H 516 16.96 3.92 -25.53
C GLU H 516 16.08 2.68 -25.47
N GLY H 517 15.14 2.64 -24.54
CA GLY H 517 14.24 1.52 -24.45
C GLY H 517 14.72 0.37 -23.60
N VAL H 518 15.67 0.60 -22.71
CA VAL H 518 16.23 -0.45 -21.89
C VAL H 518 15.55 -0.42 -20.53
N TYR H 519 14.96 -1.55 -20.15
CA TYR H 519 14.34 -1.71 -18.85
C TYR H 519 15.38 -2.12 -17.84
N SER H 520 15.37 -1.48 -16.68
CA SER H 520 16.31 -1.81 -15.63
C SER H 520 15.57 -1.90 -14.30
N GLU H 521 16.19 -2.61 -13.37
CA GLU H 521 15.73 -2.70 -11.99
C GLU H 521 16.76 -2.01 -11.11
N PRO H 522 16.44 -0.80 -10.63
CA PRO H 522 17.32 0.06 -9.83
C PRO H 522 17.98 -0.62 -8.63
N ARG H 523 17.21 -1.31 -7.82
CA ARG H 523 17.75 -1.96 -6.64
C ARG H 523 17.01 -3.25 -6.36
N PRO H 524 17.64 -4.15 -5.59
CA PRO H 524 16.99 -5.40 -5.22
C PRO H 524 15.91 -5.10 -4.19
N ILE H 525 14.77 -5.77 -4.27
CA ILE H 525 13.71 -5.49 -3.30
C ILE H 525 13.37 -6.74 -2.52
N GLY H 526 13.55 -6.68 -1.20
CA GLY H 526 13.23 -7.80 -0.35
C GLY H 526 11.77 -7.81 0.03
N THR H 527 11.43 -8.81 0.85
CA THR H 527 10.03 -9.04 1.17
C THR H 527 9.63 -8.56 2.56
N ARG H 528 10.56 -8.07 3.39
CA ARG H 528 10.33 -7.95 4.82
C ARG H 528 10.24 -6.50 5.26
N TYR H 529 9.01 -6.06 5.52
CA TYR H 529 8.70 -4.68 5.89
C TYR H 529 7.78 -4.64 7.09
N LEU H 530 6.70 -5.40 7.04
CA LEU H 530 5.76 -5.50 8.13
C LEU H 530 6.41 -6.23 9.29
N THR H 531 5.96 -5.96 10.50
CA THR H 531 6.56 -6.59 11.67
C THR H 531 5.61 -7.48 12.44
N ARG H 532 6.21 -8.42 13.16
CA ARG H 532 5.49 -9.37 13.97
C ARG H 532 6.20 -9.45 15.30
N ASN H 533 5.48 -9.83 16.36
CA ASN H 533 6.11 -9.97 17.65
C ASN H 533 6.85 -11.29 17.62
N LEU H 534 7.97 -11.36 18.31
CA LEU H 534 8.75 -12.58 18.36
C LEU H 534 8.14 -13.55 19.37
#